data_9G2B
#
_entry.id   9G2B
#
_cell.length_a   1.00
_cell.length_b   1.00
_cell.length_c   1.00
_cell.angle_alpha   90.00
_cell.angle_beta   90.00
_cell.angle_gamma   90.00
#
_symmetry.space_group_name_H-M   'P 1'
#
loop_
_entity.id
_entity.type
_entity.pdbx_description
1 polymer 'DNA-directed RNA polymerase I subunit RPA190'
2 polymer 'DNA-directed RNA polymerase I subunit RPA135'
3 polymer 'DNA-directed RNA polymerases I and III subunit RPAC1'
4 polymer 'DNA-directed RNA polymerase I subunit RPA14'
5 polymer 'DNA-directed RNA polymerases I, II, and III subunit RPABC1'
6 polymer 'DNA-directed RNA polymerases I, II, and III subunit RPABC2'
7 polymer 'DNA-directed RNA polymerase I subunit RPA43'
8 polymer 'DNA-directed RNA polymerases I, II, and III subunit RPABC3'
9 polymer 'DNA-directed RNA polymerase I subunit RPA12'
10 polymer 'DNA-directed RNA polymerases I, II, and III subunit RPABC5'
11 polymer 'DNA-directed RNA polymerases I and III subunit RPAC2'
12 polymer 'DNA-directed RNA polymerases I, II, and III subunit RPABC4'
13 polymer RNA
14 polymer 'Non-template DNA'
15 polymer 'Template DNA'
16 non-polymer 'ZINC ION'
17 non-polymer 'MAGNESIUM ION'
#
loop_
_entity_poly.entity_id
_entity_poly.type
_entity_poly.pdbx_seq_one_letter_code
_entity_poly.pdbx_strand_id
1 'polypeptide(L)'
;MDISKPVGSEITSVDFGILTAKEIRNLSAKQITNPTVLDNLGHPVSGGLYDLALGAFLRNLCSTCGLDEKFCPGHQGHIE
LPVPCYNPLFFNQLYIYLRASCLFCHHFRLKSVEVHRYACKLRLLQYGLIDESYKLDEITLGSLNSSMYTDDEAIEDNED
EMDGEGSKQSKDISSTLLNELKSKRSEYVDMAIAKALSDGRTTERGSFTATVNDERKKLVHEFHKKLLSRGKCDNCGMFS
PKFRKDGFTKIFETALNEKQITNNRVKGFIRQDMIKKQKQAKKLDGSNEASANDEESFDVGRNPTTRPKTGSTYILSTEV
KNILDTVFRKEQCVLQYVFHSRPNLSRKLVKADSFFMDVLVVPPTRFRLPSKLGEEVHENSQNQLLSKVLTTSLLIRDLN
DDLSKLQKDKVSLEDRRVIFSRLMNAFVTIQNDVNAFIDSTKAQGRTSGKVPIPGVKQALEKKEGLFRKHMMGKRVNYAA
RSVISPDPNIETNEIGVPPVFAVKLTYPEPVTAYNIAELRQAVINGPDKWPGATQIQNEDGSLVSLIGMSVEQRKALANQ
LLTPSSNVSTHTLNKKVYRHIKNRDVVLMNRQPTLHKASMMGHKVRVLPNEKTLRLHYANTGAYNADFDGDEMNMHFPQN
ENARAEALNLANTDSQYLTPTSGSPVRGLIQDHISAGVWLTSKDSFFTREQYQQYIYGCIRPEDGHTTRSKIVTLPPTIF
KPYPLWTGKQIITTVLLNVTPPDMPGINLISKNKIKNEYWGKGSLENEVLFKDGALLCGILDKSQYGASKYGIVHSLHEV
YGPEVAAKVLSVLGRLFTNYITATAFTCGMDDLRLTAEGNKWRTDILKTSVDTGREAAAEVTNLDKDTPADDPELLKRLQ
EILRDNNKSGILDAVTSSKVNAITSQVVSKCVPDGTMKKFPCNSMQAMALSGAKGSNVNVSQIMCLLGQQALEGRRVPVM
VSGKTLPSFKPYETDAMAGGYVKGRFYSGIKPQEYYFHCMAGREGLIDTAVKTSRSGYLQRCLTKQLEGVHVSYDNSIRD
ADGTLVQFMYGGDAIDITKESHMTQFEFCLDNYYALLKKYNPSALIEHLDVESALKYSKKTLKYRKKHSKEPHYKQSVKY
DPVLAKYNPAKYLGSVSENFQDKLESFLDKNSKLFKSSDGVNEKKFRALMQLKYMRSLINPGEAVGIIASQSVGEPSTQM
TLNTFHFAGHGAANVTLGIPRLREIVMTASAAIKTPQMTLPIWNDVSDEQADTFCKSISKVLLSEVIDKVIVTETTGTSN
TAGGNAARSYVIHMRFFDNNEYSEEYDVSKEELQNVISNQFIHLLEAAIVKEIKKQKRTTGPDIGVAVPRLQTDVANSSS
NSKRLEEDNDEEQSHKKTKQAVSYDEPDEDEIETMREAEKSSDEEGIDSDKESDSDSEDEDVDMNEQINKSIVEANNNMN
KVQRDRQSAIISHHRFITKYNFDDESGKWCEFKLELAADTEKLLMVNIVEEICRKSIIRQIPHIDRCVHPEPENGKRVLV
TEGVNFQAMWDQEAFIDVDGITSNDVAAVLKTYGVEAARNTIVNEINNVFSRYAISVSFRHLDLIADMMTRQGTYLAFNR
QGMETSTSSFMKMSYETTCQFLTKAVLDNEREQLDSPSARIVVGKLNNVGTGSFDVLAKVPNAA
;
A
2 'polypeptide(L)'
;MSKVIKPPGQARTADFRTLERESRFINPPKDKSAFPLLQEAVQPHIGSFNALTEGPDGGLLNLGVKDIGEKVIFDGKPLN
SEDEISNSGYLGNKLSVSVEQVSIAKPMSNDGVSSAVERKVYPSESRQRLTSYRGKLLLKLKWSVNNGEENLFEVRDCGG
LPVMLQSNRCHLNKMSPYELVQHKEESDEIGGYFIVNGIEKLIRMLIVQRRNHPMAIIRPSFANRGASYSHYGIQIRSVR
PDQTSQTNVLHYLNDGQVTFRFSWRKNEYLVPVVMILKALCHTSDREIFDGIIGNDVKDSFLTDRLELLLRGFKKRYPHL
QNRTQVLQYLGDKFRVVFQASPDQSDLEVGQEVLDRIVLVHLGKDGSQDKFRMLLFMIRKLYSLVAGECSPDNPDATQHQ
EVLLGGFLYGMILKEKIDEYLQNIIAQVRMDINRGMAINFKDKRYMSRVLMRVNENIGSKMQYFLSTGNLVSQSGLDLQQ
VSGYTVVAEKINFYRFISHFRMVHRGSFFAQLKTTTVRKLLPESWGFLCPVHTPDGSPCGLLNHFAHKCRISTQQSDVSR
IPSILYSLGVAPASHTFAAGPSLCCVQIDGKIIGWVSHEQGKIIADTLRYWKVEGKTPGLPIDLEIGYVPPSTRGQYPGL
YLFGGHSRMLRPVRYLPLDKEDIVGPFEQVYMNIAVTPQEIQNNVHTHVEFTPTNILSILANLTPFSDFNQSPRNMYQCQ
MGKQTMGTPGVALCHRSDNKLYRLQTGQTPIVKANLYDDYGMDNFPNGFNAVVAVISYTGYDMDDAMIINKSADERGFGY
GTMYKTEKVDLALNRNRGDPITQHFGFGNDEWPKEWLEKLDEDGLPYIGTYVEEGDPICAYFDDTLNKTKIKTYHSSEPA
YIEEVNLIGDESNKFQELQTVSIKYRIRRTPQIGDKFSSRHGQKGVCSRKWPTIDMPFSETGIQPDIIINPHAFPSRMTI
GMFVESLAGKAGALHGIAQDSTPWIFNEDDTPADYFGEQLAKAGYNYHGNEPMYSGATGEELRADIYVGVVYYQRLRHMV
NDKFQVRSTGPVNSLTMQPVKGRKRHGGIRVGEMERDALIGHGTSFLLQDRLLNSSDYTQASVCRECGSILTTQQSVPRI
GSISTVCCRRCSMRFEDAKKLLTKSEDGEKIFIDDSQIWEDGQGNKFVGGNETTTVAIPFVLKYLDSELSAMGIRLRYNV
EPK
;
B
3 'polypeptide(L)'
;MSNIVGIEYNRVTNTTSTDFPGFSKDAENEWNVEKFKKDFEVNISSLDAREANFDLINIDTSIANAFRRIMISEVPSVAA
EYVYFFNNTSVIQDEVLAHRIGLVPLKVDPDMLTWVDSNLPDDEKFTDENTIVLSLNVKCTRNPDAPKGSTDPKELYNNA
HVYARDLKFEPQGRQSTTFADCPVVPADPDILLAKLRPGQEISLKAHCILGIGGDHAKFSPVSTASYRLLPQINILQPIK
GESARRFQKCFPPGVIGIDEGSDEAYVKDARKDTVSREVLRYEEFADKVKLGRVRNHFIFNVESAGAMTPEEIFFKSVRI
LKNKAEYLKNCPITQ
;
C
4 'polypeptide(L)'
;MMKGSRRTGNNTATTLNTPVVIHATQLPQHVSTDEVLQFLESFIDEKENIIDSTTMNTISGNAADADAAAVANTSLNIDT
NLSSSISQLKRIQRDFKGLPPAQDFSAAPIQVSTTEKKETSIGVSATGGKKTTFADE
;
D
5 'polypeptide(L)'
;MDQENERNISRLWRAFRTVKEMVKDRGYFITQEEVELPLEDFKAKYCDSMGRPQRKMMSFQANPTEESISKFPDMGSLWV
EFCDEPSVGVKTMKTFVIHIQEKNFQTGIFVYQNNITPSAMKLVPSIPPATIETFNEAALVVNITHHELVPKHIRLSSDE
KRELLKRYRLKESQLPRIQRADPVALYLGLKRGEVVKIIRKSETSGRYASYRICM
;
E
6 'polypeptide(L)'
;MSDYEEAFNDGNENFEDFDVEHFSDEETYEEKPQFKDGETTDANGKTIVTGGNGPEDFQQHEQIRRKTLKEKAIPKDQRA
TTPYMTKYERARILGTRALQISMNAPVFVDLEGETDPLRIAMKELAEKKIPLVIRRYLPDGSFEDWSVEELIVDL
;
F
7 'polypeptide(L)'
;MSQVKRANENRETARFIKKHKKQVTNPIDEKNGTSNCIVRVPIALYVSLAPMYLENPLQGVMKQHLNPLVMKYNNKVGGV
VLGYEGLKILDADPLSKEDTSEKLIKITPDTPFGFTWCHVNLYVWQPQVGDVLEGYIFIQSASHIGLLIHDAFNASIKKN
NIPVDWTFVHNDVEEDADVINTDENNGNNNNEDNKDSNGGSNSLGKFSFGNRSLGHWVDSNGEPIDGKLRFTVRNVHTTG
RVVSVDGTLISDADEEGNGYNSSRSQAESLPIVSNKKIVFDDEVSIENKESHKELDLPEVKEDNGSEIVYEENTSESNDG
ESSDSD
;
G
8 'polypeptide(L)'
;MSNTLFDDIFQVSEVDPGRYNKVCRIEAASTTQDQCKLTLDINVELFPVAAQDSLTVTIASSLNLEDTPANDSSATRSWR
PPQAGDRSLADDYDYVMYGTAYKFEEVSKDLIAVYYSFGGLLMRLEGNYRNLNNLKQENAYLLIRR
;
H
9 'polypeptide(L)'
;MSVVGSLIFCLDCGDLLENPNAVLGSNVECSQCKAIYPKSQFSNLKVVTTTADDAFPSSLRAKKSVVKTSLKKNELKDGA
TIKEKCPQCGNEEMNYHTLQLRSADEGATVFYTCTSCGYKFRTNN
;
I
10 'polypeptide(L)' MIVPVRCFSCGKVVGDKWESYLNLLQEDELDEGTALSRLGLKRYCCRRMILTHVDLIEKFLRYNPLEKRD J
11 'polypeptide(L)'
;MTEDIEQKKTATEVTPQEPKHIQEEEEQDVDMTGDEEQEEEPDREKIKLLTQATSEDGTSASFQIVEEDHTLGNALRYVI
MKNPDVEFCGYSIPHPSENLLNIRIQTYGETTAVDALQKGLKDLMDLCDVVESKFTEKIKSM
;
K
12 'polypeptide(L)' MSREGFQIPTNLDAAAAGTSQARTATLKYICAECSSKLSLSRTDAVRCKDCGHRILLKARTKRLVQFEAR L
13 'polyribonucleotide' AUAAAUCGAGAG R
14 'polydeoxyribonucleotide'
;(DG)(DA)(DT)(DT)(DT)(DC)(DA)(DT)(DA)(DC)(DG)(DC)(DC)(DA)(DT)(DT)(DC)(DC)(DT)(DT)
(DC)(DT)(DC)(DT)(DC)(DT)(DG)(DC)(DT)(DT)(DA)(DT)(DC)(DG)(DG)(DT)(DA)(DG)
;
S
15 'polydeoxyribonucleotide'
;(DC)(DT)(DA)(DC)(DC)(DG)(DA)(DT)(DA)(DA)(DG)(DC)(DA)(DG)(DA)(DT)(3DR)(DC)(DT)
(DC)(DT)(DC)(DG)(DA)(DT)(DT)(DG)(DC)(DG)(DT)(DA)(DT)(DG)(DA)(DA)(DA)(DT)(DC)
;
T
#
# COMPACT_ATOMS: atom_id res chain seq x y z
N MET A 1 23.10 -16.66 -16.32
CA MET A 1 24.42 -17.11 -15.88
C MET A 1 24.56 -18.61 -16.11
N ASP A 2 25.75 -19.03 -16.57
CA ASP A 2 26.04 -20.43 -16.82
C ASP A 2 27.28 -20.81 -16.01
N ILE A 3 27.11 -21.71 -15.05
CA ILE A 3 28.22 -22.09 -14.17
C ILE A 3 29.33 -22.80 -14.90
N SER A 4 29.10 -23.27 -16.12
CA SER A 4 30.12 -23.92 -16.93
C SER A 4 30.88 -22.94 -17.80
N LYS A 5 30.65 -21.64 -17.64
CA LYS A 5 31.33 -20.60 -18.39
C LYS A 5 31.95 -19.62 -17.41
N PRO A 6 33.08 -19.99 -16.79
CA PRO A 6 33.73 -19.08 -15.86
C PRO A 6 34.29 -17.85 -16.56
N VAL A 7 34.35 -16.75 -15.82
CA VAL A 7 34.94 -15.50 -16.29
C VAL A 7 36.19 -15.24 -15.48
N GLY A 8 37.29 -15.00 -16.17
CA GLY A 8 38.58 -14.90 -15.51
C GLY A 8 38.91 -13.51 -14.99
N SER A 9 38.28 -12.50 -15.55
CA SER A 9 38.53 -11.12 -15.17
C SER A 9 37.44 -10.63 -14.22
N GLU A 10 37.67 -9.46 -13.65
CA GLU A 10 36.71 -8.87 -12.71
C GLU A 10 36.96 -7.36 -12.64
N ILE A 11 35.87 -6.61 -12.61
CA ILE A 11 35.96 -5.16 -12.46
C ILE A 11 36.14 -4.84 -10.99
N THR A 12 37.23 -4.15 -10.65
CA THR A 12 37.50 -3.84 -9.26
C THR A 12 37.02 -2.45 -8.86
N SER A 13 37.17 -1.46 -9.74
CA SER A 13 36.71 -0.12 -9.45
C SER A 13 36.45 0.61 -10.74
N VAL A 14 35.68 1.69 -10.65
CA VAL A 14 35.43 2.57 -11.79
C VAL A 14 35.75 3.98 -11.35
N ASP A 15 36.11 4.82 -12.33
CA ASP A 15 36.38 6.22 -12.07
C ASP A 15 35.77 7.07 -13.17
N PHE A 16 35.37 8.28 -12.81
CA PHE A 16 34.65 9.18 -13.69
C PHE A 16 35.61 10.20 -14.29
N GLY A 17 35.27 10.64 -15.51
CA GLY A 17 36.11 11.61 -16.19
C GLY A 17 35.41 12.16 -17.40
N ILE A 18 35.96 13.24 -17.93
CA ILE A 18 35.42 13.87 -19.12
C ILE A 18 35.94 13.14 -20.35
N LEU A 19 35.04 12.90 -21.30
CA LEU A 19 35.40 12.27 -22.58
C LEU A 19 35.92 13.36 -23.51
N THR A 20 37.23 13.43 -23.66
CA THR A 20 37.84 14.51 -24.43
C THR A 20 37.49 14.40 -25.90
N ALA A 21 37.49 15.54 -26.58
CA ALA A 21 37.10 15.57 -27.98
C ALA A 21 38.09 14.82 -28.86
N LYS A 22 39.35 14.72 -28.45
CA LYS A 22 40.34 14.04 -29.27
C LYS A 22 40.08 12.54 -29.32
N GLU A 23 39.67 11.93 -28.21
CA GLU A 23 39.53 10.48 -28.17
C GLU A 23 38.29 10.01 -28.93
N ILE A 24 37.17 10.73 -28.80
CA ILE A 24 35.96 10.33 -29.50
C ILE A 24 36.17 10.37 -31.01
N ARG A 25 36.94 11.35 -31.48
CA ARG A 25 37.26 11.40 -32.90
C ARG A 25 38.07 10.18 -33.35
N ASN A 26 38.76 9.53 -32.42
CA ASN A 26 39.56 8.36 -32.76
C ASN A 26 38.78 7.05 -32.61
N LEU A 27 37.99 6.92 -31.54
CA LEU A 27 37.21 5.70 -31.34
C LEU A 27 36.06 5.58 -32.34
N SER A 28 35.56 6.71 -32.85
CA SER A 28 34.38 6.69 -33.70
C SER A 28 34.63 5.92 -34.99
N ALA A 29 33.61 5.21 -35.46
CA ALA A 29 33.67 4.50 -36.72
C ALA A 29 33.18 5.34 -37.89
N LYS A 30 32.36 6.35 -37.62
CA LYS A 30 31.80 7.20 -38.67
C LYS A 30 31.12 8.38 -38.01
N GLN A 31 31.13 9.52 -38.71
CA GLN A 31 30.41 10.69 -38.25
C GLN A 31 29.19 10.92 -39.13
N ILE A 32 28.17 11.55 -38.56
CA ILE A 32 26.89 11.75 -39.23
C ILE A 32 26.80 13.20 -39.69
N THR A 33 26.34 13.39 -40.93
CA THR A 33 26.31 14.71 -41.52
C THR A 33 24.95 15.06 -42.10
N ASN A 34 24.20 14.06 -42.56
CA ASN A 34 22.90 14.31 -43.17
C ASN A 34 21.79 14.03 -42.17
N PRO A 35 20.99 15.03 -41.79
CA PRO A 35 19.91 14.77 -40.84
C PRO A 35 18.69 14.12 -41.47
N THR A 36 18.93 13.11 -42.30
CA THR A 36 17.88 12.22 -42.80
C THR A 36 18.27 10.80 -42.45
N VAL A 37 17.38 10.09 -41.77
CA VAL A 37 17.77 8.84 -41.15
C VAL A 37 17.85 7.71 -42.17
N LEU A 38 16.81 7.55 -42.99
CA LEU A 38 16.79 6.52 -44.02
C LEU A 38 16.09 7.07 -45.25
N ASP A 39 16.66 6.75 -46.42
CA ASP A 39 16.15 7.28 -47.68
C ASP A 39 14.94 6.48 -48.13
N ASN A 40 14.53 6.68 -49.38
CA ASN A 40 13.43 5.92 -49.95
C ASN A 40 13.79 4.42 -50.00
N LEU A 41 12.75 3.60 -50.12
CA LEU A 41 12.81 2.14 -50.05
C LEU A 41 13.16 1.64 -48.66
N GLY A 42 13.17 2.51 -47.66
CA GLY A 42 13.43 2.12 -46.28
C GLY A 42 14.88 1.82 -45.96
N HIS A 43 15.78 1.90 -46.93
CA HIS A 43 17.18 1.61 -46.65
C HIS A 43 17.79 2.75 -45.84
N PRO A 44 18.65 2.43 -44.86
CA PRO A 44 19.33 3.48 -44.11
C PRO A 44 20.41 4.15 -44.97
N VAL A 45 20.35 5.47 -45.06
CA VAL A 45 21.26 6.22 -45.92
C VAL A 45 22.62 6.34 -45.24
N SER A 46 23.68 6.06 -45.99
CA SER A 46 25.03 6.15 -45.44
C SER A 46 25.33 7.58 -45.02
N GLY A 47 26.05 7.72 -43.91
CA GLY A 47 26.34 9.01 -43.34
C GLY A 47 25.25 9.58 -42.45
N GLY A 48 24.08 8.93 -42.37
CA GLY A 48 23.00 9.39 -41.54
C GLY A 48 23.05 8.76 -40.16
N LEU A 49 21.95 8.96 -39.42
CA LEU A 49 21.87 8.41 -38.07
C LEU A 49 21.94 6.89 -38.08
N TYR A 50 21.19 6.25 -38.97
CA TYR A 50 21.28 4.80 -39.14
C TYR A 50 22.30 4.53 -40.23
N ASP A 51 23.54 4.32 -39.81
CA ASP A 51 24.62 3.97 -40.73
C ASP A 51 25.12 2.58 -40.39
N LEU A 52 25.46 1.81 -41.42
CA LEU A 52 25.93 0.45 -41.21
C LEU A 52 27.25 0.40 -40.46
N ALA A 53 27.95 1.53 -40.32
CA ALA A 53 29.13 1.59 -39.47
C ALA A 53 28.78 1.80 -38.00
N LEU A 54 27.53 2.15 -37.69
CA LEU A 54 27.08 2.29 -36.31
C LEU A 54 26.41 1.03 -35.77
N GLY A 55 26.36 -0.04 -36.57
CA GLY A 55 25.74 -1.27 -36.11
C GLY A 55 24.77 -1.87 -37.10
N ALA A 56 24.58 -3.18 -37.01
CA ALA A 56 23.62 -3.86 -37.87
C ALA A 56 22.20 -3.35 -37.59
N PHE A 57 21.45 -3.09 -38.65
CA PHE A 57 20.14 -2.48 -38.53
C PHE A 57 19.19 -3.12 -39.53
N LEU A 58 18.20 -3.86 -39.03
CA LEU A 58 17.12 -4.43 -39.83
C LEU A 58 17.66 -5.29 -40.96
N ARG A 59 18.29 -6.39 -40.55
CA ARG A 59 18.76 -7.43 -41.48
C ARG A 59 19.82 -6.91 -42.43
N ASN A 60 20.60 -5.92 -42.00
CA ASN A 60 21.73 -5.41 -42.75
C ASN A 60 23.00 -5.61 -41.93
N LEU A 61 23.99 -6.26 -42.53
CA LEU A 61 25.23 -6.54 -41.80
C LEU A 61 25.96 -5.25 -41.49
N CYS A 62 26.46 -5.15 -40.25
CA CYS A 62 27.19 -3.96 -39.82
C CYS A 62 28.45 -3.78 -40.66
N SER A 63 28.68 -2.55 -41.12
CA SER A 63 29.84 -2.27 -41.94
C SER A 63 31.14 -2.27 -41.14
N THR A 64 31.06 -2.17 -39.81
CA THR A 64 32.26 -2.14 -39.00
C THR A 64 32.78 -3.54 -38.72
N CYS A 65 32.02 -4.34 -37.98
CA CYS A 65 32.45 -5.67 -37.58
C CYS A 65 31.97 -6.77 -38.51
N GLY A 66 31.09 -6.47 -39.46
CA GLY A 66 30.62 -7.48 -40.39
C GLY A 66 29.71 -8.51 -39.80
N LEU A 67 29.03 -8.21 -38.71
CA LEU A 67 28.15 -9.16 -38.04
C LEU A 67 26.70 -8.72 -38.15
N ASP A 68 25.80 -9.69 -37.98
CA ASP A 68 24.37 -9.45 -38.11
C ASP A 68 23.84 -8.77 -36.86
N GLU A 69 22.52 -8.59 -36.79
CA GLU A 69 21.92 -7.81 -35.72
C GLU A 69 22.08 -8.47 -34.35
N LYS A 70 22.14 -9.80 -34.31
CA LYS A 70 22.23 -10.48 -33.02
C LYS A 70 23.63 -10.35 -32.41
N PHE A 71 24.67 -10.44 -33.22
CA PHE A 71 26.04 -10.50 -32.73
C PHE A 71 26.79 -9.18 -32.91
N CYS A 72 26.11 -8.11 -33.34
CA CYS A 72 26.77 -6.82 -33.46
C CYS A 72 26.63 -6.07 -32.15
N PRO A 73 27.71 -5.80 -31.43
CA PRO A 73 27.59 -5.03 -30.18
C PRO A 73 27.18 -3.59 -30.40
N GLY A 74 27.35 -3.05 -31.59
CA GLY A 74 27.10 -1.64 -31.83
C GLY A 74 28.36 -0.82 -31.68
N HIS A 75 28.39 0.30 -32.40
CA HIS A 75 29.55 1.18 -32.41
C HIS A 75 29.07 2.62 -32.36
N GLN A 76 29.89 3.48 -31.76
CA GLN A 76 29.52 4.87 -31.52
C GLN A 76 30.09 5.78 -32.61
N GLY A 77 29.28 6.73 -33.05
CA GLY A 77 29.72 7.78 -33.93
C GLY A 77 29.77 9.12 -33.21
N HIS A 78 29.92 10.18 -34.01
CA HIS A 78 30.03 11.50 -33.42
C HIS A 78 29.49 12.55 -34.39
N ILE A 79 29.20 13.73 -33.83
CA ILE A 79 28.74 14.88 -34.58
C ILE A 79 29.77 15.99 -34.44
N GLU A 80 30.26 16.50 -35.57
CA GLU A 80 31.22 17.61 -35.56
C GLU A 80 30.44 18.90 -35.42
N LEU A 81 30.24 19.34 -34.19
CA LEU A 81 29.56 20.61 -33.96
C LEU A 81 30.42 21.74 -34.48
N PRO A 82 29.87 22.68 -35.26
CA PRO A 82 30.71 23.73 -35.85
C PRO A 82 31.37 24.64 -34.83
N VAL A 83 30.74 24.87 -33.69
CA VAL A 83 31.30 25.74 -32.65
C VAL A 83 31.33 24.99 -31.33
N PRO A 84 32.24 25.33 -30.41
CA PRO A 84 32.17 24.74 -29.08
C PRO A 84 30.94 25.23 -28.34
N CYS A 85 30.18 24.30 -27.78
CA CYS A 85 28.96 24.62 -27.07
C CYS A 85 29.09 24.22 -25.60
N TYR A 86 28.43 24.97 -24.73
CA TYR A 86 28.51 24.72 -23.30
C TYR A 86 27.90 23.37 -22.97
N ASN A 87 28.56 22.64 -22.08
CA ASN A 87 28.00 21.40 -21.56
C ASN A 87 26.98 21.74 -20.48
N PRO A 88 25.70 21.39 -20.66
CA PRO A 88 24.69 21.77 -19.67
C PRO A 88 24.94 21.19 -18.29
N LEU A 89 25.59 20.04 -18.19
CA LEU A 89 25.92 19.48 -16.89
C LEU A 89 26.91 20.37 -16.14
N PHE A 90 27.92 20.89 -16.84
CA PHE A 90 29.01 21.63 -16.23
C PHE A 90 28.81 23.14 -16.33
N PHE A 91 27.64 23.59 -16.77
CA PHE A 91 27.44 25.01 -17.01
C PHE A 91 27.53 25.83 -15.73
N ASN A 92 26.99 25.32 -14.62
CA ASN A 92 26.99 26.09 -13.39
C ASN A 92 28.41 26.33 -12.87
N GLN A 93 29.24 25.28 -12.86
CA GLN A 93 30.60 25.45 -12.40
C GLN A 93 31.42 26.29 -13.38
N LEU A 94 31.12 26.17 -14.67
CA LEU A 94 31.77 27.02 -15.65
C LEU A 94 31.41 28.49 -15.44
N TYR A 95 30.16 28.77 -15.08
CA TYR A 95 29.75 30.13 -14.78
C TYR A 95 30.36 30.63 -13.49
N ILE A 96 30.59 29.73 -12.52
CA ILE A 96 31.31 30.11 -11.32
C ILE A 96 32.76 30.49 -11.66
N TYR A 97 33.41 29.68 -12.49
CA TYR A 97 34.80 29.95 -12.84
C TYR A 97 34.96 31.16 -13.74
N LEU A 98 33.99 31.41 -14.62
CA LEU A 98 34.08 32.57 -15.51
C LEU A 98 34.09 33.86 -14.72
N ARG A 99 33.16 34.00 -13.78
CA ARG A 99 33.25 35.07 -12.81
C ARG A 99 34.46 34.85 -11.91
N ALA A 100 34.87 35.92 -11.23
CA ALA A 100 36.07 35.90 -10.40
C ALA A 100 37.32 35.53 -11.21
N SER A 101 37.41 36.07 -12.41
CA SER A 101 38.60 35.94 -13.24
C SER A 101 39.03 37.33 -13.70
N CYS A 102 40.34 37.51 -13.86
CA CYS A 102 40.91 38.76 -14.33
C CYS A 102 41.31 38.58 -15.79
N LEU A 103 40.58 39.22 -16.69
CA LEU A 103 40.84 39.06 -18.12
C LEU A 103 42.23 39.56 -18.50
N PHE A 104 42.76 40.52 -17.74
CA PHE A 104 44.03 41.14 -18.11
C PHE A 104 45.21 40.23 -17.78
N CYS A 105 45.39 39.89 -16.51
CA CYS A 105 46.51 39.06 -16.08
C CYS A 105 46.23 37.57 -16.19
N HIS A 106 44.99 37.19 -16.50
CA HIS A 106 44.60 35.78 -16.64
C HIS A 106 44.78 35.01 -15.33
N HIS A 107 44.38 35.62 -14.22
CA HIS A 107 44.34 34.96 -12.93
C HIS A 107 42.99 35.24 -12.28
N PHE A 108 42.76 34.62 -11.14
CA PHE A 108 41.57 34.93 -10.37
C PHE A 108 41.70 36.30 -9.74
N ARG A 109 40.56 36.93 -9.46
CA ARG A 109 40.57 38.22 -8.79
C ARG A 109 41.08 38.12 -7.35
N LEU A 110 41.16 36.92 -6.80
CA LEU A 110 41.77 36.71 -5.49
C LEU A 110 43.28 36.74 -5.61
N LYS A 111 43.94 37.16 -4.53
CA LYS A 111 45.40 37.24 -4.53
C LYS A 111 46.02 35.86 -4.67
N SER A 112 47.22 35.83 -5.26
CA SER A 112 47.88 34.56 -5.53
C SER A 112 48.27 33.82 -4.25
N VAL A 113 48.56 34.55 -3.16
CA VAL A 113 49.01 33.90 -1.94
C VAL A 113 47.88 33.09 -1.31
N GLU A 114 46.69 33.66 -1.24
CA GLU A 114 45.55 32.94 -0.67
C GLU A 114 45.17 31.75 -1.55
N VAL A 115 45.24 31.92 -2.87
CA VAL A 115 44.96 30.83 -3.78
C VAL A 115 45.97 29.70 -3.61
N HIS A 116 47.24 30.05 -3.44
CA HIS A 116 48.26 29.03 -3.19
C HIS A 116 48.04 28.34 -1.85
N ARG A 117 47.60 29.09 -0.84
CA ARG A 117 47.28 28.49 0.46
C ARG A 117 46.16 27.46 0.32
N TYR A 118 45.11 27.82 -0.42
CA TYR A 118 44.01 26.87 -0.62
C TYR A 118 44.47 25.66 -1.44
N ALA A 119 45.35 25.87 -2.41
CA ALA A 119 45.89 24.75 -3.17
C ALA A 119 46.67 23.80 -2.27
N CYS A 120 47.49 24.35 -1.37
CA CYS A 120 48.24 23.52 -0.44
C CYS A 120 47.31 22.77 0.50
N LYS A 121 46.26 23.43 0.99
CA LYS A 121 45.30 22.75 1.87
C LYS A 121 44.60 21.62 1.14
N LEU A 122 44.19 21.85 -0.10
CA LEU A 122 43.54 20.80 -0.88
C LEU A 122 44.47 19.64 -1.14
N ARG A 123 45.74 19.93 -1.46
CA ARG A 123 46.69 18.84 -1.70
C ARG A 123 46.94 18.05 -0.42
N LEU A 124 46.97 18.72 0.74
CA LEU A 124 47.07 18.00 2.00
C LEU A 124 45.85 17.12 2.22
N LEU A 125 44.66 17.63 1.90
CA LEU A 125 43.44 16.83 2.02
C LEU A 125 43.40 15.67 1.03
N GLN A 126 44.19 15.72 -0.05
CA GLN A 126 44.22 14.61 -0.99
C GLN A 126 44.76 13.34 -0.35
N TYR A 127 45.64 13.47 0.64
CA TYR A 127 46.25 12.33 1.32
C TYR A 127 45.61 12.05 2.67
N GLY A 128 44.51 12.72 3.00
CA GLY A 128 43.85 12.51 4.27
C GLY A 128 44.48 13.20 5.45
N LEU A 129 45.49 14.05 5.22
CA LEU A 129 46.18 14.76 6.30
C LEU A 129 45.38 16.00 6.66
N ILE A 130 44.18 15.77 7.18
CA ILE A 130 43.33 16.86 7.64
C ILE A 130 43.97 17.59 8.81
N ASP A 131 44.75 16.88 9.62
CA ASP A 131 45.45 17.51 10.73
C ASP A 131 46.40 18.59 10.24
N GLU A 132 47.24 18.25 9.26
CA GLU A 132 48.24 19.20 8.77
C GLU A 132 47.63 20.37 8.02
N SER A 133 46.40 20.22 7.50
CA SER A 133 45.80 21.30 6.73
C SER A 133 45.61 22.55 7.57
N TYR A 134 45.14 22.39 8.81
CA TYR A 134 44.95 23.53 9.69
C TYR A 134 46.27 24.02 10.28
N LYS A 135 47.23 23.11 10.47
CA LYS A 135 48.56 23.54 10.89
C LYS A 135 49.28 24.33 9.83
N LEU A 136 48.89 24.18 8.57
CA LEU A 136 49.42 25.03 7.51
C LEU A 136 48.99 26.48 7.70
N ASP A 137 47.77 26.70 8.20
CA ASP A 137 47.28 28.04 8.44
C ASP A 137 48.12 28.78 9.49
N GLU A 138 48.88 28.06 10.30
CA GLU A 138 49.77 28.71 11.27
C GLU A 138 51.14 29.00 10.66
N ILE A 139 51.14 29.57 9.47
CA ILE A 139 52.35 30.10 8.85
C ILE A 139 52.00 31.44 8.23
N THR A 140 52.21 32.53 8.98
CA THR A 140 51.87 33.85 8.49
C THR A 140 52.92 34.92 8.81
N LEU A 141 53.99 34.57 9.53
CA LEU A 141 54.99 35.56 9.91
C LEU A 141 56.31 35.31 9.21
N SER A 174 55.31 42.74 1.56
CA SER A 174 55.38 43.59 0.38
C SER A 174 55.21 42.77 -0.90
N SER A 175 56.33 42.43 -1.53
CA SER A 175 56.32 41.64 -2.76
C SER A 175 57.33 40.51 -2.75
N THR A 176 58.26 40.48 -1.81
CA THR A 176 59.23 39.39 -1.71
C THR A 176 59.01 38.49 -0.50
N LEU A 177 58.30 38.98 0.52
CA LEU A 177 57.97 38.14 1.66
C LEU A 177 56.92 37.09 1.30
N LEU A 178 56.03 37.42 0.37
CA LEU A 178 55.00 36.46 -0.04
C LEU A 178 55.62 35.26 -0.75
N ASN A 179 56.65 35.49 -1.56
CA ASN A 179 57.32 34.37 -2.22
C ASN A 179 57.97 33.43 -1.19
N GLU A 180 58.61 34.01 -0.17
CA GLU A 180 59.20 33.18 0.88
C GLU A 180 58.13 32.44 1.66
N LEU A 181 56.98 33.09 1.92
CA LEU A 181 55.88 32.42 2.59
C LEU A 181 55.37 31.24 1.77
N LYS A 182 55.22 31.43 0.45
CA LYS A 182 54.78 30.35 -0.41
C LYS A 182 55.78 29.20 -0.42
N SER A 183 57.07 29.54 -0.48
CA SER A 183 58.10 28.49 -0.47
C SER A 183 58.06 27.69 0.83
N LYS A 184 57.90 28.38 1.96
CA LYS A 184 57.85 27.67 3.23
C LYS A 184 56.59 26.83 3.37
N ARG A 185 55.45 27.34 2.88
CA ARG A 185 54.22 26.54 2.89
C ARG A 185 54.38 25.28 2.05
N SER A 186 54.97 25.41 0.86
CA SER A 186 55.19 24.25 0.01
C SER A 186 56.14 23.26 0.68
N GLU A 187 57.19 23.77 1.33
CA GLU A 187 58.11 22.87 2.04
C GLU A 187 57.40 22.12 3.16
N TYR A 188 56.55 22.82 3.92
CA TYR A 188 55.82 22.17 4.99
C TYR A 188 54.88 21.10 4.46
N VAL A 189 54.17 21.40 3.37
CA VAL A 189 53.26 20.42 2.79
C VAL A 189 54.03 19.20 2.29
N ASP A 190 55.15 19.43 1.62
CA ASP A 190 55.95 18.31 1.13
C ASP A 190 56.48 17.47 2.28
N MET A 191 56.96 18.11 3.34
CA MET A 191 57.47 17.37 4.49
C MET A 191 56.38 16.54 5.14
N ALA A 192 55.19 17.12 5.31
CA ALA A 192 54.08 16.38 5.89
C ALA A 192 53.71 15.18 5.04
N ILE A 193 53.62 15.37 3.71
CA ILE A 193 53.24 14.28 2.83
C ILE A 193 54.28 13.17 2.88
N ALA A 194 55.57 13.55 2.81
CA ALA A 194 56.63 12.54 2.81
C ALA A 194 56.67 11.78 4.13
N LYS A 195 56.52 12.48 5.25
CA LYS A 195 56.53 11.81 6.55
C LYS A 195 55.34 10.87 6.68
N ALA A 196 54.14 11.33 6.30
CA ALA A 196 52.95 10.50 6.43
C ALA A 196 53.05 9.26 5.54
N LEU A 197 53.57 9.42 4.32
CA LEU A 197 53.77 8.26 3.47
C LEU A 197 54.78 7.29 4.07
N SER A 198 55.91 7.82 4.56
CA SER A 198 56.94 6.96 5.14
C SER A 198 56.51 6.38 6.48
N ASP A 199 55.67 7.09 7.24
CA ASP A 199 55.25 6.61 8.55
C ASP A 199 54.08 5.64 8.41
N GLY A 200 54.22 4.66 7.53
CA GLY A 200 53.29 3.55 7.42
C GLY A 200 51.82 3.87 7.29
N ARG A 201 51.48 5.16 7.11
CA ARG A 201 50.09 5.57 7.08
C ARG A 201 49.47 5.44 5.69
N THR A 202 50.01 6.17 4.72
CA THR A 202 49.38 6.33 3.41
C THR A 202 50.25 5.71 2.32
N THR A 203 49.61 5.33 1.23
CA THR A 203 50.28 4.86 0.03
C THR A 203 50.23 5.96 -1.03
N GLU A 204 50.71 5.64 -2.24
CA GLU A 204 50.78 6.63 -3.30
C GLU A 204 49.40 7.11 -3.75
N ARG A 205 48.34 6.36 -3.46
CA ARG A 205 47.00 6.67 -3.95
C ARG A 205 46.13 7.38 -2.94
N GLY A 206 46.71 7.83 -1.83
CA GLY A 206 45.99 8.68 -0.89
C GLY A 206 44.95 7.97 -0.06
N SER A 207 44.54 8.59 1.04
CA SER A 207 43.47 8.09 1.89
C SER A 207 42.24 8.97 1.69
N PHE A 208 41.14 8.37 1.28
CA PHE A 208 39.89 9.09 1.00
C PHE A 208 38.78 8.42 1.81
N THR A 209 38.41 9.06 2.91
CA THR A 209 37.30 8.64 3.76
C THR A 209 36.19 9.69 3.70
N ALA A 210 35.12 9.42 4.43
CA ALA A 210 33.99 10.35 4.45
C ALA A 210 34.39 11.68 5.07
N THR A 211 35.03 11.65 6.24
CA THR A 211 35.33 12.89 6.95
C THR A 211 36.29 13.77 6.14
N VAL A 212 37.30 13.17 5.51
CA VAL A 212 38.17 13.97 4.66
C VAL A 212 37.41 14.48 3.45
N ASN A 213 36.45 13.70 2.94
CA ASN A 213 35.60 14.18 1.85
C ASN A 213 34.74 15.36 2.30
N ASP A 214 34.20 15.29 3.52
CA ASP A 214 33.42 16.42 4.04
C ASP A 214 34.28 17.66 4.19
N GLU A 215 35.50 17.50 4.72
CA GLU A 215 36.39 18.65 4.87
C GLU A 215 36.77 19.23 3.51
N ARG A 216 37.03 18.37 2.52
CA ARG A 216 37.34 18.86 1.18
C ARG A 216 36.17 19.61 0.58
N LYS A 217 34.96 19.08 0.74
CA LYS A 217 33.78 19.78 0.21
C LYS A 217 33.60 21.13 0.88
N LYS A 218 33.77 21.19 2.20
CA LYS A 218 33.66 22.46 2.91
C LYS A 218 34.70 23.46 2.44
N LEU A 219 35.95 23.01 2.30
CA LEU A 219 37.02 23.89 1.87
C LEU A 219 36.78 24.40 0.45
N VAL A 220 36.30 23.52 -0.45
CA VAL A 220 36.07 23.94 -1.83
C VAL A 220 34.88 24.89 -1.90
N HIS A 221 33.85 24.67 -1.07
CA HIS A 221 32.75 25.62 -1.02
C HIS A 221 33.21 26.99 -0.54
N GLU A 222 34.06 27.02 0.50
CA GLU A 222 34.60 28.28 0.96
C GLU A 222 35.45 28.95 -0.11
N PHE A 223 36.25 28.14 -0.83
CA PHE A 223 37.07 28.65 -1.93
C PHE A 223 36.21 29.32 -2.99
N HIS A 224 35.18 28.62 -3.47
CA HIS A 224 34.31 29.17 -4.51
C HIS A 224 33.57 30.41 -4.01
N LYS A 225 33.09 30.39 -2.77
CA LYS A 225 32.40 31.56 -2.23
C LYS A 225 33.35 32.75 -2.13
N LYS A 226 34.58 32.51 -1.70
CA LYS A 226 35.56 33.59 -1.57
C LYS A 226 35.92 34.18 -2.92
N LEU A 227 36.03 33.33 -3.95
CA LEU A 227 36.31 33.86 -5.29
C LEU A 227 35.25 34.84 -5.74
N LEU A 228 33.98 34.54 -5.46
CA LEU A 228 32.88 35.41 -5.87
C LEU A 228 32.85 36.73 -5.11
N SER A 229 33.65 36.88 -4.05
CA SER A 229 33.68 38.10 -3.25
C SER A 229 35.00 38.82 -3.51
N ARG A 230 35.04 39.59 -4.58
CA ARG A 230 36.20 40.39 -4.93
C ARG A 230 35.74 41.66 -5.63
N GLY A 231 36.54 42.71 -5.49
CA GLY A 231 36.29 43.94 -6.23
C GLY A 231 37.12 44.03 -7.48
N LYS A 232 38.42 43.78 -7.36
CA LYS A 232 39.36 43.85 -8.47
C LYS A 232 40.49 42.86 -8.23
N CYS A 233 41.24 42.58 -9.29
CA CYS A 233 42.36 41.66 -9.21
C CYS A 233 43.42 42.17 -8.24
N ASP A 234 44.10 41.24 -7.57
CA ASP A 234 45.14 41.59 -6.61
C ASP A 234 46.55 41.43 -7.15
N ASN A 235 46.69 41.10 -8.43
CA ASN A 235 48.00 41.10 -9.08
C ASN A 235 48.15 42.20 -10.11
N CYS A 236 47.04 42.67 -10.69
CA CYS A 236 47.00 43.89 -11.48
C CYS A 236 45.62 44.49 -11.25
N GLY A 237 45.56 45.49 -10.37
CA GLY A 237 44.29 45.92 -9.81
C GLY A 237 43.39 46.66 -10.76
N MET A 238 42.89 45.95 -11.77
CA MET A 238 41.98 46.51 -12.76
C MET A 238 40.65 45.78 -12.67
N PHE A 239 39.56 46.56 -12.61
CA PHE A 239 38.23 45.97 -12.58
C PHE A 239 37.95 45.21 -13.88
N SER A 240 37.11 44.19 -13.77
CA SER A 240 36.72 43.38 -14.91
C SER A 240 35.21 43.44 -15.10
N PRO A 241 34.72 43.30 -16.33
CA PRO A 241 33.27 43.40 -16.56
C PRO A 241 32.52 42.30 -15.82
N LYS A 242 31.33 42.66 -15.32
CA LYS A 242 30.51 41.75 -14.53
C LYS A 242 29.59 40.96 -15.47
N PHE A 243 29.71 39.65 -15.44
CA PHE A 243 28.88 38.80 -16.29
C PHE A 243 27.48 38.66 -15.70
N ARG A 244 26.59 38.08 -16.51
CA ARG A 244 25.22 37.82 -16.09
C ARG A 244 24.65 36.72 -16.95
N LYS A 245 24.34 35.57 -16.36
CA LYS A 245 23.70 34.47 -17.06
C LYS A 245 22.19 34.68 -16.96
N ASP A 246 21.57 35.04 -18.09
CA ASP A 246 20.12 35.22 -18.10
C ASP A 246 19.41 33.89 -17.93
N GLY A 247 19.64 32.97 -18.86
CA GLY A 247 19.29 31.58 -18.71
C GLY A 247 20.38 30.73 -19.30
N PHE A 248 20.13 29.46 -19.54
CA PHE A 248 21.08 28.68 -20.31
C PHE A 248 21.12 29.19 -21.75
N THR A 249 22.10 28.69 -22.51
CA THR A 249 22.23 28.96 -23.93
C THR A 249 22.71 30.39 -24.21
N LYS A 250 22.82 31.23 -23.18
CA LYS A 250 23.25 32.61 -23.38
C LYS A 250 23.85 33.16 -22.09
N ILE A 251 24.98 33.85 -22.25
CA ILE A 251 25.63 34.59 -21.16
C ILE A 251 25.81 36.03 -21.62
N PHE A 252 25.34 36.98 -20.82
CA PHE A 252 25.43 38.41 -21.12
C PHE A 252 26.37 39.07 -20.13
N GLU A 253 27.38 39.77 -20.64
CA GLU A 253 28.36 40.46 -19.82
C GLU A 253 28.08 41.95 -19.85
N THR A 254 27.90 42.56 -18.68
CA THR A 254 27.73 43.99 -18.59
C THR A 254 29.04 44.70 -18.93
N ALA A 255 28.91 45.92 -19.44
CA ALA A 255 30.08 46.72 -19.78
C ALA A 255 30.67 47.36 -18.52
N LEU A 256 31.99 47.58 -18.55
CA LEU A 256 32.66 48.21 -17.43
C LEU A 256 32.17 49.64 -17.25
N ASN A 257 32.07 50.07 -15.99
CA ASN A 257 31.56 51.39 -15.70
C ASN A 257 32.62 52.46 -16.01
N GLU A 258 32.14 53.70 -16.09
CA GLU A 258 33.03 54.82 -16.40
C GLU A 258 34.12 54.97 -15.36
N LYS A 259 33.73 55.02 -14.08
CA LYS A 259 34.72 55.20 -13.01
C LYS A 259 35.67 54.02 -12.94
N GLN A 260 35.16 52.80 -13.12
CA GLN A 260 36.03 51.63 -13.13
C GLN A 260 36.91 51.60 -14.37
N ILE A 261 36.47 52.21 -15.46
CA ILE A 261 37.30 52.31 -16.66
C ILE A 261 38.54 53.16 -16.39
N THR A 262 38.38 54.19 -15.56
CA THR A 262 39.51 55.07 -15.24
C THR A 262 40.69 54.29 -14.67
N ASN A 263 40.42 53.37 -13.75
CA ASN A 263 41.49 52.63 -13.08
C ASN A 263 42.31 51.82 -14.07
N ASN A 264 41.66 51.27 -15.10
CA ASN A 264 42.38 50.54 -16.13
C ASN A 264 43.32 51.44 -16.92
N ARG A 265 43.11 52.76 -16.86
CA ARG A 265 44.05 53.70 -17.47
C ARG A 265 45.17 54.08 -16.48
N VAL A 266 44.79 54.37 -15.24
CA VAL A 266 45.78 54.80 -14.26
C VAL A 266 46.76 53.67 -13.92
N LYS A 267 46.35 52.42 -14.11
CA LYS A 267 47.22 51.29 -13.82
C LYS A 267 48.10 50.90 -15.00
N GLY A 268 47.94 51.55 -16.15
CA GLY A 268 48.76 51.26 -17.31
C GLY A 268 50.15 51.89 -17.25
N SER A 312 24.44 43.33 -20.65
CA SER A 312 24.12 44.01 -21.91
C SER A 312 24.74 43.29 -23.10
N THR A 313 26.06 43.32 -23.18
CA THR A 313 26.77 42.80 -24.33
C THR A 313 26.72 41.28 -24.35
N TYR A 314 26.42 40.71 -25.52
CA TYR A 314 26.52 39.28 -25.72
C TYR A 314 27.97 38.87 -25.90
N ILE A 315 28.30 37.66 -25.47
CA ILE A 315 29.64 37.10 -25.61
C ILE A 315 29.50 35.72 -26.24
N LEU A 316 30.32 35.45 -27.26
CA LEU A 316 30.27 34.17 -27.94
C LEU A 316 30.80 33.05 -27.06
N SER A 317 30.46 31.82 -27.44
CA SER A 317 30.99 30.66 -26.74
C SER A 317 32.49 30.54 -26.90
N THR A 318 33.02 30.91 -28.08
CA THR A 318 34.45 30.83 -28.32
C THR A 318 35.22 31.79 -27.42
N GLU A 319 34.67 32.97 -27.17
CA GLU A 319 35.35 33.91 -26.29
C GLU A 319 35.41 33.39 -24.85
N VAL A 320 34.31 32.78 -24.38
CA VAL A 320 34.31 32.18 -23.06
C VAL A 320 35.32 31.04 -22.99
N LYS A 321 35.37 30.22 -24.04
CA LYS A 321 36.33 29.12 -24.07
C LYS A 321 37.76 29.65 -24.01
N ASN A 322 38.05 30.71 -24.77
CA ASN A 322 39.40 31.25 -24.77
C ASN A 322 39.77 31.84 -23.42
N ILE A 323 38.85 32.60 -22.80
CA ILE A 323 39.10 33.18 -21.49
C ILE A 323 39.41 32.08 -20.48
N LEU A 324 38.56 31.06 -20.43
CA LEU A 324 38.75 30.01 -19.42
C LEU A 324 39.94 29.12 -19.74
N ASP A 325 40.26 28.93 -21.02
CA ASP A 325 41.47 28.19 -21.37
C ASP A 325 42.70 28.92 -20.89
N THR A 326 42.76 30.23 -21.10
CA THR A 326 43.90 31.00 -20.61
C THR A 326 43.98 30.94 -19.09
N VAL A 327 42.84 31.12 -18.41
CA VAL A 327 42.83 31.10 -16.95
C VAL A 327 43.31 29.74 -16.43
N PHE A 328 42.80 28.66 -17.01
CA PHE A 328 43.16 27.33 -16.54
C PHE A 328 44.61 27.00 -16.86
N ARG A 329 45.14 27.50 -17.97
CA ARG A 329 46.56 27.30 -18.25
C ARG A 329 47.41 28.04 -17.24
N LYS A 330 46.99 29.24 -16.83
CA LYS A 330 47.76 29.99 -15.84
C LYS A 330 47.72 29.31 -14.48
N GLU A 331 46.54 28.83 -14.06
CA GLU A 331 46.31 28.32 -12.71
C GLU A 331 46.23 26.80 -12.67
N GLN A 332 47.09 26.12 -13.44
CA GLN A 332 47.11 24.67 -13.43
C GLN A 332 47.46 24.13 -12.06
N CYS A 333 48.45 24.74 -11.39
CA CYS A 333 48.92 24.26 -10.09
C CYS A 333 47.82 24.29 -9.04
N VAL A 334 46.78 25.10 -9.23
CA VAL A 334 45.72 25.24 -8.25
C VAL A 334 44.50 24.39 -8.61
N LEU A 335 44.21 24.27 -9.91
CA LEU A 335 43.10 23.43 -10.33
C LEU A 335 43.46 21.95 -10.39
N GLN A 336 44.75 21.61 -10.25
CA GLN A 336 45.11 20.21 -10.09
C GLN A 336 44.56 19.62 -8.80
N TYR A 337 44.20 20.46 -7.83
CA TYR A 337 43.71 20.01 -6.54
C TYR A 337 42.25 20.36 -6.29
N VAL A 338 41.57 20.95 -7.27
CA VAL A 338 40.15 21.24 -7.14
C VAL A 338 39.38 20.21 -7.96
N PHE A 339 40.02 19.70 -9.01
CA PHE A 339 39.42 18.70 -9.88
C PHE A 339 39.99 17.31 -9.66
N HIS A 340 40.54 17.04 -8.48
CA HIS A 340 41.09 15.73 -8.16
C HIS A 340 41.01 15.52 -6.66
N SER A 341 40.25 14.52 -6.24
CA SER A 341 40.13 14.16 -4.83
C SER A 341 41.24 13.22 -4.37
N ARG A 342 42.02 12.68 -5.29
CA ARG A 342 43.11 11.76 -4.99
C ARG A 342 44.32 12.17 -5.80
N PRO A 343 45.53 11.74 -5.39
CA PRO A 343 46.73 12.10 -6.15
C PRO A 343 46.63 11.80 -7.63
N ASN A 344 46.79 12.84 -8.46
CA ASN A 344 46.66 12.72 -9.91
C ASN A 344 47.93 12.06 -10.44
N LEU A 345 47.94 10.74 -10.44
CA LEU A 345 49.11 9.99 -10.89
C LEU A 345 49.33 10.13 -12.39
N SER A 346 48.26 10.24 -13.17
CA SER A 346 48.39 10.38 -14.61
C SER A 346 49.03 11.70 -15.01
N ARG A 347 49.02 12.70 -14.13
CA ARG A 347 49.61 14.01 -14.37
C ARG A 347 48.96 14.73 -15.54
N LYS A 348 47.75 14.34 -15.91
CA LYS A 348 47.04 15.04 -16.98
C LYS A 348 46.68 16.45 -16.54
N LEU A 349 46.87 17.40 -17.45
CA LEU A 349 46.52 18.78 -17.16
C LEU A 349 45.00 18.95 -17.19
N VAL A 350 44.49 19.83 -16.32
CA VAL A 350 43.07 20.16 -16.31
C VAL A 350 42.84 21.26 -17.33
N LYS A 351 42.05 20.96 -18.36
CA LYS A 351 41.85 21.85 -19.49
C LYS A 351 40.43 22.38 -19.50
N ALA A 352 40.28 23.65 -19.89
CA ALA A 352 38.94 24.23 -19.99
C ALA A 352 38.13 23.63 -21.13
N ASP A 353 38.79 22.95 -22.08
CA ASP A 353 38.06 22.23 -23.11
C ASP A 353 37.17 21.15 -22.53
N SER A 354 37.48 20.66 -21.32
CA SER A 354 36.67 19.63 -20.70
C SER A 354 35.24 20.10 -20.44
N PHE A 355 35.04 21.42 -20.29
CA PHE A 355 33.71 21.96 -20.06
C PHE A 355 32.94 22.20 -21.35
N PHE A 356 33.60 22.09 -22.50
CA PHE A 356 32.98 22.35 -23.79
C PHE A 356 32.93 21.06 -24.60
N MET A 357 31.76 20.73 -25.13
CA MET A 357 31.59 19.54 -25.97
C MET A 357 31.64 19.98 -27.42
N ASP A 358 32.87 20.13 -27.93
CA ASP A 358 33.06 20.49 -29.32
C ASP A 358 32.50 19.43 -30.25
N VAL A 359 32.47 18.17 -29.80
CA VAL A 359 31.98 17.06 -30.60
C VAL A 359 31.02 16.24 -29.75
N LEU A 360 29.79 16.07 -30.24
CA LEU A 360 28.84 15.17 -29.62
C LEU A 360 29.17 13.73 -29.96
N VAL A 361 28.68 12.81 -29.14
CA VAL A 361 28.87 11.38 -29.35
C VAL A 361 27.49 10.77 -29.54
N VAL A 362 27.29 10.10 -30.66
CA VAL A 362 26.02 9.43 -30.90
C VAL A 362 26.13 8.00 -30.39
N PRO A 363 25.13 7.49 -29.69
CA PRO A 363 25.18 6.10 -29.21
C PRO A 363 25.04 5.13 -30.36
N PRO A 364 25.42 3.87 -30.17
CA PRO A 364 25.22 2.88 -31.24
C PRO A 364 23.75 2.75 -31.59
N THR A 365 23.50 2.43 -32.86
CA THR A 365 22.12 2.35 -33.34
C THR A 365 21.32 1.30 -32.59
N ARG A 366 21.99 0.33 -31.96
CA ARG A 366 21.30 -0.66 -31.13
C ARG A 366 20.47 0.00 -30.04
N PHE A 367 20.91 1.17 -29.56
CA PHE A 367 20.21 1.90 -28.51
C PHE A 367 19.31 2.99 -29.07
N ARG A 368 19.17 3.08 -30.39
CA ARG A 368 18.32 4.08 -31.03
C ARG A 368 17.36 3.44 -32.02
N LEU A 369 17.02 2.17 -31.81
CA LEU A 369 16.18 1.46 -32.74
C LEU A 369 14.78 2.06 -32.79
N PRO A 370 14.10 1.98 -33.94
CA PRO A 370 12.75 2.51 -34.05
C PRO A 370 11.72 1.51 -33.54
N SER A 371 10.68 2.05 -32.89
CA SER A 371 9.62 1.22 -32.34
C SER A 371 8.63 0.81 -33.42
N LYS A 372 8.07 -0.39 -33.27
CA LYS A 372 7.18 -0.96 -34.27
C LYS A 372 6.02 -1.67 -33.59
N LEU A 373 4.82 -1.49 -34.15
CA LEU A 373 3.60 -2.21 -33.75
C LEU A 373 2.84 -2.46 -35.06
N GLY A 374 3.06 -3.64 -35.65
CA GLY A 374 2.45 -3.95 -36.92
C GLY A 374 2.88 -3.00 -38.02
N GLU A 375 1.97 -2.13 -38.43
CA GLU A 375 2.29 -1.08 -39.41
C GLU A 375 2.86 0.17 -38.77
N GLU A 376 2.45 0.49 -37.54
CA GLU A 376 2.86 1.74 -36.88
C GLU A 376 4.34 1.67 -36.55
N VAL A 377 5.17 2.38 -37.32
CA VAL A 377 6.60 2.43 -37.09
C VAL A 377 6.98 3.87 -36.78
N HIS A 378 7.63 4.08 -35.65
CA HIS A 378 8.05 5.40 -35.21
C HIS A 378 9.55 5.40 -34.96
N GLU A 379 10.22 6.48 -35.33
CA GLU A 379 11.65 6.59 -35.10
C GLU A 379 11.93 7.01 -33.66
N ASN A 380 13.18 6.81 -33.24
CA ASN A 380 13.56 7.08 -31.86
C ASN A 380 13.65 8.58 -31.59
N SER A 381 13.30 8.96 -30.36
CA SER A 381 13.33 10.36 -29.97
C SER A 381 14.74 10.94 -29.98
N GLN A 382 15.72 10.15 -29.51
CA GLN A 382 17.11 10.59 -29.59
C GLN A 382 17.51 10.86 -31.03
N ASN A 383 16.98 10.07 -31.97
CA ASN A 383 17.22 10.35 -33.38
C ASN A 383 16.62 11.70 -33.78
N GLN A 384 15.45 12.04 -33.26
CA GLN A 384 14.87 13.34 -33.57
C GLN A 384 15.74 14.47 -33.06
N LEU A 385 16.24 14.35 -31.83
CA LEU A 385 17.10 15.39 -31.27
C LEU A 385 18.40 15.52 -32.08
N LEU A 386 19.02 14.38 -32.41
CA LEU A 386 20.26 14.43 -33.18
C LEU A 386 20.02 14.99 -34.58
N SER A 387 18.88 14.66 -35.19
CA SER A 387 18.55 15.22 -36.50
C SER A 387 18.36 16.73 -36.42
N LYS A 388 17.72 17.22 -35.36
CA LYS A 388 17.59 18.66 -35.19
C LYS A 388 18.96 19.31 -35.04
N VAL A 389 19.85 18.68 -34.26
CA VAL A 389 21.21 19.21 -34.09
C VAL A 389 21.93 19.25 -35.43
N LEU A 390 21.81 18.19 -36.22
CA LEU A 390 22.47 18.14 -37.53
C LEU A 390 21.92 19.20 -38.48
N THR A 391 20.60 19.41 -38.45
CA THR A 391 19.99 20.44 -39.29
C THR A 391 20.54 21.82 -38.93
N THR A 392 20.58 22.13 -37.64
CA THR A 392 21.13 23.42 -37.22
C THR A 392 22.61 23.53 -37.59
N SER A 393 23.34 22.42 -37.50
CA SER A 393 24.76 22.42 -37.87
C SER A 393 24.95 22.71 -39.35
N LEU A 394 24.13 22.09 -40.20
CA LEU A 394 24.23 22.38 -41.63
C LEU A 394 23.86 23.82 -41.92
N LEU A 395 22.86 24.35 -41.22
CA LEU A 395 22.48 25.75 -41.41
C LEU A 395 23.62 26.69 -41.08
N ILE A 396 24.24 26.50 -39.90
CA ILE A 396 25.32 27.39 -39.51
C ILE A 396 26.54 27.20 -40.41
N ARG A 397 26.79 25.97 -40.89
CA ARG A 397 27.89 25.78 -41.83
C ARG A 397 27.63 26.52 -43.13
N ASP A 398 26.39 26.50 -43.61
CA ASP A 398 26.04 27.27 -44.81
C ASP A 398 26.28 28.76 -44.59
N LEU A 399 25.88 29.27 -43.41
CA LEU A 399 26.12 30.68 -43.11
C LEU A 399 27.62 30.99 -43.08
N ASN A 400 28.41 30.08 -42.51
CA ASN A 400 29.85 30.27 -42.49
C ASN A 400 30.42 30.32 -43.90
N ASP A 401 29.95 29.44 -44.78
CA ASP A 401 30.40 29.48 -46.17
C ASP A 401 30.01 30.79 -46.85
N ASP A 402 28.79 31.26 -46.58
CA ASP A 402 28.33 32.51 -47.17
C ASP A 402 29.20 33.68 -46.73
N LEU A 403 29.57 33.71 -45.45
CA LEU A 403 30.51 34.73 -44.98
C LEU A 403 31.88 34.54 -45.62
N SER A 404 32.32 33.29 -45.80
CA SER A 404 33.67 33.02 -46.30
C SER A 404 33.83 33.48 -47.74
N LYS A 405 32.79 33.31 -48.56
CA LYS A 405 32.88 33.78 -49.95
C LYS A 405 33.08 35.28 -50.00
N LEU A 406 32.38 36.03 -49.15
CA LEU A 406 32.56 37.47 -49.09
C LEU A 406 33.87 37.86 -48.41
N GLN A 407 34.50 36.96 -47.67
CA GLN A 407 35.76 37.29 -47.00
C GLN A 407 36.85 37.61 -48.01
N LYS A 408 36.91 36.85 -49.11
CA LYS A 408 37.87 37.16 -50.16
C LYS A 408 37.51 38.45 -50.90
N ASP A 409 36.22 38.69 -51.12
CA ASP A 409 35.76 39.89 -51.85
C ASP A 409 34.52 40.43 -51.13
N LYS A 410 34.73 41.39 -50.23
CA LYS A 410 33.64 42.04 -49.54
C LYS A 410 32.91 42.99 -50.48
N VAL A 411 31.58 42.90 -50.51
CA VAL A 411 30.74 43.71 -51.40
C VAL A 411 29.89 44.70 -50.61
N SER A 412 29.08 44.21 -49.67
CA SER A 412 28.16 45.05 -48.92
C SER A 412 28.15 44.61 -47.46
N LEU A 413 28.48 45.54 -46.57
CA LEU A 413 28.46 45.25 -45.14
C LEU A 413 27.05 45.00 -44.61
N GLU A 414 26.02 45.52 -45.28
CA GLU A 414 24.65 45.26 -44.84
C GLU A 414 24.31 43.79 -44.99
N ASP A 415 24.72 43.18 -46.11
CA ASP A 415 24.58 41.73 -46.22
C ASP A 415 25.39 41.02 -45.15
N ARG A 416 26.58 41.56 -44.83
CA ARG A 416 27.34 41.05 -43.70
C ARG A 416 26.55 41.20 -42.40
N ARG A 417 25.88 42.34 -42.23
CA ARG A 417 25.08 42.57 -41.04
C ARG A 417 24.00 41.50 -40.88
N VAL A 418 23.21 41.27 -41.93
CA VAL A 418 22.10 40.34 -41.82
C VAL A 418 22.60 38.91 -41.69
N ILE A 419 23.65 38.55 -42.43
CA ILE A 419 24.19 37.19 -42.34
C ILE A 419 24.80 36.96 -40.96
N PHE A 420 25.38 37.99 -40.35
CA PHE A 420 25.97 37.82 -39.01
C PHE A 420 24.89 37.71 -37.95
N SER A 421 23.79 38.45 -38.12
CA SER A 421 22.65 38.27 -37.21
C SER A 421 22.10 36.86 -37.32
N ARG A 422 21.98 36.35 -38.55
CA ARG A 422 21.52 34.97 -38.73
C ARG A 422 22.50 33.98 -38.13
N LEU A 423 23.80 34.26 -38.23
CA LEU A 423 24.81 33.37 -37.65
C LEU A 423 24.73 33.35 -36.13
N MET A 424 24.51 34.51 -35.51
CA MET A 424 24.34 34.55 -34.06
C MET A 424 23.10 33.80 -33.63
N ASN A 425 22.00 33.96 -34.37
CA ASN A 425 20.80 33.20 -34.08
C ASN A 425 21.05 31.71 -34.22
N ALA A 426 21.85 31.33 -35.22
CA ALA A 426 22.21 29.92 -35.39
C ALA A 426 23.03 29.40 -34.22
N PHE A 427 23.98 30.21 -33.72
CA PHE A 427 24.74 29.82 -32.54
C PHE A 427 23.81 29.53 -31.38
N VAL A 428 22.90 30.46 -31.09
CA VAL A 428 21.99 30.28 -29.96
C VAL A 428 21.10 29.06 -30.18
N THR A 429 20.62 28.88 -31.42
CA THR A 429 19.73 27.76 -31.72
C THR A 429 20.43 26.43 -31.55
N ILE A 430 21.68 26.31 -32.00
CA ILE A 430 22.38 25.04 -31.87
C ILE A 430 22.73 24.76 -30.42
N GLN A 431 23.06 25.80 -29.65
CA GLN A 431 23.29 25.58 -28.22
C GLN A 431 22.02 25.10 -27.53
N ASN A 432 20.88 25.69 -27.88
CA ASN A 432 19.61 25.22 -27.33
C ASN A 432 19.29 23.80 -27.78
N ASP A 433 19.68 23.45 -29.01
CA ASP A 433 19.50 22.08 -29.48
C ASP A 433 20.30 21.09 -28.64
N VAL A 434 21.56 21.44 -28.34
CA VAL A 434 22.38 20.57 -27.49
C VAL A 434 21.75 20.45 -26.10
N ASN A 435 21.33 21.58 -25.53
CA ASN A 435 20.70 21.55 -24.21
C ASN A 435 19.47 20.65 -24.21
N ALA A 436 18.62 20.76 -25.23
CA ALA A 436 17.43 19.92 -25.31
C ALA A 436 17.80 18.45 -25.50
N PHE A 437 18.86 18.18 -26.25
CA PHE A 437 19.29 16.80 -26.45
C PHE A 437 19.80 16.18 -25.15
N ILE A 438 20.41 16.97 -24.28
CA ILE A 438 20.93 16.43 -23.03
C ILE A 438 19.92 16.58 -21.90
N ASP A 439 19.35 17.76 -21.70
CA ASP A 439 18.47 18.02 -20.57
C ASP A 439 17.21 18.73 -21.07
N SER A 440 16.07 18.06 -20.93
CA SER A 440 14.81 18.63 -21.42
C SER A 440 14.46 19.92 -20.70
N THR A 441 14.65 19.96 -19.38
CA THR A 441 14.26 21.12 -18.60
C THR A 441 15.11 22.35 -18.90
N LYS A 442 16.26 22.16 -19.57
CA LYS A 442 17.11 23.27 -19.96
C LYS A 442 16.80 23.77 -21.37
N ALA A 443 15.74 23.26 -21.99
CA ALA A 443 15.34 23.69 -23.31
C ALA A 443 14.33 24.83 -23.23
N GLN A 444 13.88 25.30 -24.39
CA GLN A 444 12.91 26.37 -24.45
C GLN A 444 12.19 26.29 -25.79
N GLY A 445 11.01 26.91 -25.85
CA GLY A 445 10.19 26.89 -27.03
C GLY A 445 9.63 25.52 -27.35
N VAL A 451 6.25 17.27 -21.57
CA VAL A 451 5.67 17.63 -22.87
C VAL A 451 6.71 17.58 -24.00
N PRO A 452 7.90 18.14 -23.81
CA PRO A 452 8.94 17.98 -24.83
C PRO A 452 9.59 16.60 -24.75
N ILE A 453 10.43 16.31 -25.73
CA ILE A 453 11.13 15.03 -25.78
C ILE A 453 12.11 14.95 -24.61
N PRO A 454 12.08 13.88 -23.81
CA PRO A 454 13.06 13.75 -22.73
C PRO A 454 14.48 13.62 -23.25
N GLY A 455 15.42 14.16 -22.48
CA GLY A 455 16.83 14.08 -22.81
C GLY A 455 17.50 12.90 -22.13
N VAL A 456 18.83 12.87 -22.24
CA VAL A 456 19.60 11.82 -21.58
C VAL A 456 19.44 11.91 -20.07
N LYS A 457 19.48 13.13 -19.52
CA LYS A 457 19.27 13.30 -18.09
C LYS A 457 17.89 12.80 -17.67
N GLN A 458 16.86 13.11 -18.47
CA GLN A 458 15.51 12.72 -18.10
C GLN A 458 15.31 11.21 -18.12
N ALA A 459 16.23 10.47 -18.72
CA ALA A 459 16.15 9.01 -18.76
C ALA A 459 16.76 8.35 -17.52
N LEU A 460 17.47 9.09 -16.68
CA LEU A 460 18.15 8.52 -15.53
C LEU A 460 17.68 9.08 -14.19
N GLU A 461 17.03 10.24 -14.17
CA GLU A 461 16.95 11.03 -12.94
C GLU A 461 16.03 10.39 -11.90
N LYS A 462 14.74 10.33 -12.18
CA LYS A 462 13.76 10.02 -11.17
C LYS A 462 13.33 8.55 -11.25
N LYS A 463 12.31 8.19 -10.49
CA LYS A 463 11.69 6.88 -10.65
C LYS A 463 11.15 6.77 -12.07
N GLU A 464 11.17 5.55 -12.60
CA GLU A 464 10.98 5.23 -14.01
C GLU A 464 12.18 5.65 -14.85
N GLY A 465 13.28 6.04 -14.21
CA GLY A 465 14.50 6.36 -14.90
C GLY A 465 15.27 5.11 -15.27
N LEU A 466 16.59 5.12 -15.10
CA LEU A 466 17.41 3.97 -15.40
C LEU A 466 18.09 3.37 -14.17
N PHE A 467 18.30 4.15 -13.12
CA PHE A 467 18.91 3.60 -11.91
C PHE A 467 17.88 2.89 -11.04
N ARG A 468 16.74 3.53 -10.80
CA ARG A 468 15.74 2.94 -9.93
C ARG A 468 14.83 1.94 -10.64
N LYS A 469 14.83 1.91 -11.98
CA LYS A 469 13.89 1.07 -12.70
C LYS A 469 14.54 -0.06 -13.47
N HIS A 470 15.84 -0.01 -13.71
CA HIS A 470 16.50 -1.07 -14.48
C HIS A 470 17.82 -1.53 -13.88
N MET A 471 18.26 -0.96 -12.76
CA MET A 471 19.46 -1.44 -12.08
C MET A 471 19.17 -1.92 -10.66
N MET A 472 18.55 -1.08 -9.82
CA MET A 472 18.22 -1.50 -8.48
C MET A 472 17.03 -2.45 -8.46
N GLY A 473 16.11 -2.30 -9.41
CA GLY A 473 15.00 -3.22 -9.53
C GLY A 473 14.81 -3.67 -10.96
N LYS A 474 14.95 -4.96 -11.21
CA LYS A 474 14.84 -5.51 -12.55
C LYS A 474 13.74 -6.56 -12.59
N ARG A 475 13.38 -6.94 -13.81
CA ARG A 475 12.47 -8.05 -14.04
C ARG A 475 13.27 -9.31 -14.29
N VAL A 476 12.76 -10.44 -13.80
CA VAL A 476 13.57 -11.65 -13.68
C VAL A 476 12.93 -12.80 -14.44
N ASN A 477 13.78 -13.75 -14.81
CA ASN A 477 13.37 -15.02 -15.41
C ASN A 477 13.14 -16.07 -14.33
N TYR A 478 12.49 -17.16 -14.73
CA TYR A 478 12.21 -18.29 -13.84
C TYR A 478 11.47 -17.84 -12.59
N ALA A 479 10.48 -16.98 -12.77
CA ALA A 479 9.63 -16.52 -11.68
C ALA A 479 8.20 -16.57 -12.13
N ALA A 480 7.32 -16.99 -11.22
CA ALA A 480 5.89 -17.05 -11.45
C ALA A 480 5.19 -16.17 -10.43
N ARG A 481 3.97 -15.77 -10.75
CA ARG A 481 3.16 -14.99 -9.83
C ARG A 481 1.75 -15.54 -9.84
N SER A 482 1.14 -15.70 -8.67
CA SER A 482 -0.19 -16.28 -8.64
C SER A 482 -0.89 -15.90 -7.35
N VAL A 483 -2.21 -16.05 -7.38
CA VAL A 483 -3.05 -15.85 -6.20
C VAL A 483 -2.93 -17.07 -5.31
N ILE A 484 -2.77 -16.85 -4.02
CA ILE A 484 -2.54 -17.92 -3.06
C ILE A 484 -3.86 -18.44 -2.53
N SER A 485 -3.84 -19.70 -2.09
CA SER A 485 -4.93 -20.32 -1.38
C SER A 485 -4.36 -21.07 -0.18
N PRO A 486 -5.13 -21.20 0.89
CA PRO A 486 -4.61 -21.90 2.08
C PRO A 486 -4.51 -23.40 1.85
N ASP A 487 -3.60 -24.02 2.57
CA ASP A 487 -3.48 -25.46 2.50
C ASP A 487 -2.89 -26.02 3.79
N PRO A 488 -3.68 -26.67 4.64
CA PRO A 488 -3.09 -27.57 5.64
C PRO A 488 -2.54 -28.79 4.94
N ASN A 489 -2.00 -29.76 5.68
CA ASN A 489 -1.28 -30.89 5.09
C ASN A 489 -0.06 -30.44 4.28
N ILE A 490 0.40 -29.22 4.53
CA ILE A 490 1.64 -28.69 3.98
C ILE A 490 2.55 -28.38 5.17
N GLU A 491 3.84 -28.70 5.03
CA GLU A 491 4.71 -28.86 6.18
C GLU A 491 5.17 -27.56 6.83
N THR A 492 4.51 -26.45 6.52
CA THR A 492 4.71 -25.16 7.19
C THR A 492 6.06 -24.57 6.81
N ASN A 493 6.86 -25.36 6.09
CA ASN A 493 8.07 -24.86 5.44
C ASN A 493 8.01 -25.08 3.94
N GLU A 494 6.87 -25.56 3.44
CA GLU A 494 6.70 -25.89 2.03
C GLU A 494 5.74 -24.92 1.35
N ILE A 495 5.85 -24.89 0.03
CA ILE A 495 4.94 -24.16 -0.83
C ILE A 495 4.34 -25.16 -1.81
N GLY A 496 3.02 -25.14 -1.94
CA GLY A 496 2.35 -26.03 -2.87
C GLY A 496 2.20 -25.37 -4.23
N VAL A 497 2.87 -25.93 -5.24
CA VAL A 497 2.90 -25.30 -6.55
C VAL A 497 1.95 -26.02 -7.51
N PRO A 498 1.33 -25.29 -8.44
CA PRO A 498 0.44 -25.91 -9.41
C PRO A 498 1.21 -26.76 -10.40
N PRO A 499 0.52 -27.68 -11.10
CA PRO A 499 1.19 -28.43 -12.17
C PRO A 499 1.69 -27.56 -13.31
N VAL A 500 1.01 -26.46 -13.62
CA VAL A 500 1.46 -25.59 -14.71
C VAL A 500 2.83 -24.99 -14.39
N PHE A 501 2.99 -24.49 -13.16
CA PHE A 501 4.29 -23.97 -12.75
C PHE A 501 5.33 -25.08 -12.72
N ALA A 502 4.94 -26.28 -12.30
CA ALA A 502 5.85 -27.41 -12.30
C ALA A 502 6.26 -27.83 -13.70
N VAL A 503 5.46 -27.50 -14.71
CA VAL A 503 5.81 -27.83 -16.09
C VAL A 503 6.66 -26.72 -16.72
N LYS A 504 6.41 -25.46 -16.35
CA LYS A 504 7.15 -24.38 -16.98
C LYS A 504 8.49 -24.12 -16.32
N LEU A 505 8.50 -23.98 -14.99
CA LEU A 505 9.73 -23.66 -14.27
C LEU A 505 10.70 -24.84 -14.32
N THR A 506 11.98 -24.55 -14.54
CA THR A 506 12.98 -25.58 -14.71
C THR A 506 14.27 -25.16 -14.04
N TYR A 507 15.12 -26.16 -13.76
CA TYR A 507 16.41 -25.98 -13.14
C TYR A 507 17.45 -26.73 -13.97
N PRO A 508 18.60 -26.12 -14.28
CA PRO A 508 19.66 -26.82 -15.02
C PRO A 508 20.49 -27.70 -14.11
N GLU A 509 20.30 -29.02 -14.23
CA GLU A 509 21.07 -29.98 -13.46
C GLU A 509 22.18 -30.55 -14.33
N PRO A 510 23.45 -30.30 -14.03
CA PRO A 510 24.52 -30.94 -14.81
C PRO A 510 24.51 -32.45 -14.60
N VAL A 511 24.63 -33.18 -15.70
CA VAL A 511 24.55 -34.64 -15.64
C VAL A 511 25.84 -35.19 -15.04
N THR A 512 25.70 -36.10 -14.08
CA THR A 512 26.85 -36.70 -13.43
C THR A 512 26.70 -38.21 -13.34
N ALA A 513 27.60 -38.88 -12.61
CA ALA A 513 27.53 -40.33 -12.48
C ALA A 513 26.41 -40.75 -11.54
N TYR A 514 26.12 -39.96 -10.52
CA TYR A 514 25.04 -40.26 -9.58
C TYR A 514 23.69 -39.74 -10.04
N ASN A 515 23.64 -39.00 -11.15
CA ASN A 515 22.43 -38.29 -11.55
C ASN A 515 21.68 -38.95 -12.69
N ILE A 516 22.34 -39.77 -13.51
CA ILE A 516 21.75 -40.28 -14.74
C ILE A 516 20.51 -41.12 -14.48
N ALA A 517 20.36 -41.64 -13.26
CA ALA A 517 19.15 -42.39 -12.95
C ALA A 517 17.89 -41.53 -13.08
N GLU A 518 17.95 -40.30 -12.56
CA GLU A 518 16.79 -39.41 -12.59
C GLU A 518 16.75 -38.55 -13.84
N LEU A 519 17.91 -38.09 -14.32
CA LEU A 519 17.91 -37.19 -15.47
C LEU A 519 17.50 -37.91 -16.75
N ARG A 520 17.86 -39.19 -16.89
CA ARG A 520 17.42 -39.96 -18.04
C ARG A 520 15.91 -40.08 -18.07
N GLN A 521 15.31 -40.39 -16.93
CA GLN A 521 13.85 -40.48 -16.86
C GLN A 521 13.21 -39.11 -17.09
N ALA A 522 13.85 -38.04 -16.61
CA ALA A 522 13.32 -36.70 -16.86
C ALA A 522 13.33 -36.37 -18.34
N VAL A 523 14.40 -36.74 -19.05
CA VAL A 523 14.47 -36.51 -20.48
C VAL A 523 13.41 -37.34 -21.21
N ILE A 524 13.21 -38.58 -20.77
CA ILE A 524 12.21 -39.43 -21.39
C ILE A 524 10.81 -38.87 -21.18
N ASN A 525 10.51 -38.39 -19.97
CA ASN A 525 9.18 -37.90 -19.65
C ASN A 525 8.78 -36.70 -20.51
N GLY A 526 9.75 -35.91 -20.96
CA GLY A 526 9.47 -34.80 -21.83
C GLY A 526 8.99 -33.57 -21.12
N PRO A 527 8.66 -32.52 -21.87
CA PRO A 527 8.31 -31.23 -21.26
C PRO A 527 6.90 -31.15 -20.71
N ASP A 528 6.06 -32.15 -20.94
CA ASP A 528 4.65 -32.08 -20.55
C ASP A 528 4.26 -33.28 -19.71
N LYS A 529 5.16 -33.74 -18.85
CA LYS A 529 4.85 -34.82 -17.91
C LYS A 529 5.77 -34.65 -16.71
N TRP A 530 5.24 -34.06 -15.65
CA TRP A 530 6.04 -33.85 -14.45
C TRP A 530 6.27 -35.17 -13.73
N PRO A 531 7.49 -35.44 -13.25
CA PRO A 531 8.72 -34.65 -13.44
C PRO A 531 9.30 -34.86 -14.83
N GLY A 532 9.81 -33.81 -15.47
CA GLY A 532 10.29 -33.94 -16.83
C GLY A 532 11.44 -33.00 -17.16
N ALA A 533 11.83 -32.98 -18.44
CA ALA A 533 12.93 -32.15 -18.91
C ALA A 533 12.46 -31.38 -20.13
N THR A 534 12.91 -30.12 -20.22
CA THR A 534 12.50 -29.26 -21.32
C THR A 534 13.63 -28.89 -22.28
N GLN A 535 14.89 -29.11 -21.89
CA GLN A 535 16.02 -28.73 -22.72
C GLN A 535 17.25 -29.50 -22.28
N ILE A 536 18.18 -29.66 -23.23
CA ILE A 536 19.47 -30.29 -22.98
C ILE A 536 20.56 -29.34 -23.48
N GLN A 537 21.52 -29.03 -22.61
CA GLN A 537 22.63 -28.17 -22.94
C GLN A 537 23.88 -29.05 -23.08
N ASN A 538 24.36 -29.18 -24.31
CA ASN A 538 25.57 -29.95 -24.56
C ASN A 538 26.78 -29.20 -24.03
N GLU A 539 27.95 -29.84 -24.13
CA GLU A 539 29.17 -29.22 -23.65
C GLU A 539 29.50 -27.95 -24.44
N ASP A 540 29.31 -27.98 -25.75
CA ASP A 540 29.65 -26.85 -26.59
C ASP A 540 28.69 -25.67 -26.43
N GLY A 541 27.57 -25.86 -25.72
CA GLY A 541 26.58 -24.82 -25.57
C GLY A 541 25.34 -24.99 -26.42
N SER A 542 25.25 -26.08 -27.19
CA SER A 542 24.05 -26.33 -27.97
C SER A 542 22.86 -26.54 -27.04
N LEU A 543 21.74 -25.93 -27.39
CA LEU A 543 20.52 -25.98 -26.58
C LEU A 543 19.47 -26.77 -27.36
N VAL A 544 19.48 -28.09 -27.18
CA VAL A 544 18.54 -28.96 -27.86
C VAL A 544 17.22 -28.95 -27.09
N SER A 545 16.17 -28.45 -27.72
CA SER A 545 14.86 -28.35 -27.10
C SER A 545 14.12 -29.67 -27.23
N LEU A 546 13.47 -30.09 -26.14
CA LEU A 546 12.72 -31.33 -26.10
C LEU A 546 11.24 -31.14 -26.38
N ILE A 547 10.83 -29.96 -26.82
CA ILE A 547 9.41 -29.68 -26.95
C ILE A 547 8.83 -30.36 -28.19
N GLY A 548 9.43 -30.14 -29.34
CA GLY A 548 8.93 -30.72 -30.57
C GLY A 548 9.55 -32.05 -30.93
N MET A 549 9.57 -33.00 -29.98
CA MET A 549 10.21 -34.28 -30.19
C MET A 549 9.29 -35.41 -29.73
N SER A 550 9.41 -36.54 -30.41
CA SER A 550 8.65 -37.74 -30.06
C SER A 550 9.37 -38.52 -28.97
N VAL A 551 8.66 -39.51 -28.42
CA VAL A 551 9.19 -40.29 -27.30
C VAL A 551 10.42 -41.07 -27.72
N GLU A 552 10.43 -41.61 -28.94
CA GLU A 552 11.57 -42.40 -29.40
C GLU A 552 12.82 -41.54 -29.50
N GLN A 553 12.69 -40.34 -30.07
CA GLN A 553 13.80 -39.40 -30.12
C GLN A 553 14.26 -39.04 -28.71
N ARG A 554 13.31 -38.90 -27.79
CA ARG A 554 13.69 -38.58 -26.41
C ARG A 554 14.46 -39.71 -25.76
N LYS A 555 14.11 -40.96 -26.06
CA LYS A 555 14.89 -42.08 -25.54
C LYS A 555 16.28 -42.12 -26.15
N ALA A 556 16.38 -41.82 -27.44
CA ALA A 556 17.70 -41.73 -28.08
C ALA A 556 18.56 -40.65 -27.44
N LEU A 557 17.96 -39.49 -27.13
CA LEU A 557 18.70 -38.40 -26.49
C LEU A 557 19.06 -38.75 -25.06
N ALA A 558 18.15 -39.40 -24.33
CA ALA A 558 18.41 -39.76 -22.94
C ALA A 558 19.53 -40.78 -22.84
N ASN A 559 19.59 -41.73 -23.77
CA ASN A 559 20.66 -42.71 -23.76
C ASN A 559 22.02 -42.09 -24.08
N GLN A 560 22.06 -40.85 -24.54
CA GLN A 560 23.31 -40.14 -24.82
C GLN A 560 23.52 -38.96 -23.88
N LEU A 561 23.07 -39.09 -22.63
CA LEU A 561 23.30 -38.03 -21.65
C LEU A 561 24.74 -38.07 -21.14
N LEU A 562 25.12 -39.17 -20.50
CA LEU A 562 26.47 -39.32 -19.94
C LEU A 562 27.40 -39.97 -20.94
N THR A 563 27.46 -39.41 -22.15
CA THR A 563 28.43 -39.83 -23.14
C THR A 563 29.63 -38.91 -23.08
N PRO A 564 30.84 -39.43 -22.86
CA PRO A 564 32.01 -38.54 -22.73
C PRO A 564 32.21 -37.70 -23.99
N SER A 565 32.64 -36.47 -23.77
CA SER A 565 32.77 -35.51 -24.87
C SER A 565 33.88 -35.95 -25.83
N SER A 566 33.66 -35.68 -27.12
CA SER A 566 34.66 -35.95 -28.14
C SER A 566 35.58 -34.76 -28.38
N ASN A 567 35.31 -33.62 -27.76
CA ASN A 567 36.08 -32.40 -27.98
C ASN A 567 37.01 -32.16 -26.78
N VAL A 568 38.27 -31.85 -27.08
CA VAL A 568 39.23 -31.56 -26.02
C VAL A 568 38.89 -30.25 -25.33
N SER A 569 38.37 -29.27 -26.07
CA SER A 569 38.11 -27.95 -25.49
C SER A 569 37.06 -28.01 -24.39
N THR A 570 36.16 -29.00 -24.44
CA THR A 570 35.09 -29.12 -23.46
C THR A 570 35.18 -30.41 -22.67
N HIS A 571 36.36 -31.05 -22.64
CA HIS A 571 36.50 -32.34 -21.97
C HIS A 571 36.33 -32.25 -20.45
N THR A 572 36.37 -31.04 -19.90
CA THR A 572 36.13 -30.83 -18.48
C THR A 572 34.67 -30.58 -18.15
N LEU A 573 33.80 -30.62 -19.16
CA LEU A 573 32.40 -30.21 -19.01
C LEU A 573 31.46 -31.40 -19.21
N ASN A 574 30.27 -31.26 -18.65
CA ASN A 574 29.20 -32.24 -18.81
C ASN A 574 27.93 -31.52 -19.25
N LYS A 575 27.01 -32.31 -19.82
CA LYS A 575 25.74 -31.75 -20.26
C LYS A 575 24.90 -31.30 -19.07
N LYS A 576 23.87 -30.52 -19.37
CA LYS A 576 22.91 -30.10 -18.36
C LYS A 576 21.50 -30.40 -18.84
N VAL A 577 20.67 -30.90 -17.95
CA VAL A 577 19.27 -31.18 -18.25
C VAL A 577 18.44 -30.12 -17.53
N TYR A 578 17.62 -29.38 -18.28
CA TYR A 578 16.76 -28.35 -17.70
C TYR A 578 15.51 -29.05 -17.17
N ARG A 579 15.68 -29.72 -16.04
CA ARG A 579 14.61 -30.55 -15.50
C ARG A 579 13.52 -29.71 -14.87
N HIS A 580 12.33 -30.30 -14.77
CA HIS A 580 11.22 -29.61 -14.12
C HIS A 580 11.50 -29.41 -12.64
N ILE A 581 10.78 -28.46 -12.04
CA ILE A 581 10.89 -28.26 -10.61
C ILE A 581 10.38 -29.52 -9.89
N LYS A 582 11.07 -29.93 -8.85
CA LYS A 582 10.77 -31.16 -8.14
C LYS A 582 10.38 -30.86 -6.70
N ASN A 583 10.23 -31.92 -5.91
CA ASN A 583 9.88 -31.79 -4.50
C ASN A 583 11.09 -31.49 -3.62
N ARG A 584 12.31 -31.59 -4.15
CA ARG A 584 13.51 -31.30 -3.39
C ARG A 584 14.09 -29.94 -3.72
N ASP A 585 13.37 -29.14 -4.50
CA ASP A 585 13.84 -27.82 -4.87
C ASP A 585 13.30 -26.78 -3.90
N VAL A 586 14.00 -25.64 -3.84
CA VAL A 586 13.61 -24.54 -2.96
C VAL A 586 13.14 -23.39 -3.82
N VAL A 587 12.34 -22.51 -3.22
CA VAL A 587 11.71 -21.44 -3.96
C VAL A 587 11.62 -20.21 -3.06
N LEU A 588 11.77 -19.02 -3.65
CA LEU A 588 11.77 -17.77 -2.91
C LEU A 588 10.38 -17.15 -3.05
N MET A 589 9.64 -17.09 -1.95
CA MET A 589 8.28 -16.57 -1.95
C MET A 589 8.28 -15.16 -1.38
N ASN A 590 7.66 -14.24 -2.11
CA ASN A 590 7.64 -12.83 -1.71
C ASN A 590 6.28 -12.23 -2.02
N ARG A 591 5.79 -11.39 -1.10
CA ARG A 591 4.52 -10.69 -1.29
C ARG A 591 4.73 -9.21 -1.06
N GLN A 592 4.35 -8.39 -2.05
CA GLN A 592 4.49 -6.95 -1.92
C GLN A 592 3.35 -6.35 -1.10
N PRO A 593 3.62 -5.27 -0.36
CA PRO A 593 4.91 -4.61 -0.17
C PRO A 593 5.83 -5.36 0.79
N THR A 594 7.14 -5.37 0.52
CA THR A 594 8.09 -6.12 1.34
C THR A 594 8.62 -5.19 2.44
N LEU A 595 7.78 -4.96 3.44
CA LEU A 595 8.12 -4.03 4.51
C LEU A 595 9.32 -4.51 5.32
N HIS A 596 9.37 -5.81 5.62
CA HIS A 596 10.47 -6.38 6.38
C HIS A 596 10.95 -7.66 5.71
N LYS A 597 12.13 -8.11 6.10
CA LYS A 597 12.79 -9.20 5.38
C LYS A 597 12.02 -10.52 5.51
N ALA A 598 11.25 -10.70 6.57
CA ALA A 598 10.47 -11.92 6.71
C ALA A 598 9.36 -12.04 5.68
N SER A 599 9.06 -10.96 4.96
CA SER A 599 8.09 -11.01 3.88
C SER A 599 8.65 -11.60 2.60
N MET A 600 9.86 -12.17 2.65
CA MET A 600 10.46 -12.83 1.49
C MET A 600 11.26 -14.01 2.03
N MET A 601 10.68 -15.20 1.96
CA MET A 601 11.25 -16.38 2.58
C MET A 601 11.60 -17.44 1.54
N GLY A 602 12.12 -18.56 2.02
CA GLY A 602 12.41 -19.70 1.18
C GLY A 602 11.64 -20.92 1.61
N HIS A 603 10.88 -21.51 0.70
CA HIS A 603 10.02 -22.64 0.98
C HIS A 603 10.47 -23.85 0.17
N LYS A 604 10.36 -25.02 0.76
CA LYS A 604 10.59 -26.26 0.03
C LYS A 604 9.39 -26.55 -0.86
N VAL A 605 9.67 -26.95 -2.09
CA VAL A 605 8.61 -27.08 -3.09
C VAL A 605 7.94 -28.43 -2.91
N ARG A 606 6.62 -28.42 -2.82
CA ARG A 606 5.80 -29.61 -3.05
C ARG A 606 4.82 -29.30 -4.15
N VAL A 607 4.78 -30.14 -5.17
CA VAL A 607 3.93 -29.90 -6.33
C VAL A 607 2.62 -30.66 -6.13
N LEU A 608 1.51 -29.98 -6.37
CA LEU A 608 0.17 -30.48 -6.20
C LEU A 608 -0.45 -30.77 -7.56
N PRO A 609 -1.46 -31.64 -7.63
CA PRO A 609 -1.95 -32.10 -8.93
C PRO A 609 -3.14 -31.35 -9.52
N ASN A 610 -3.77 -30.41 -8.82
CA ASN A 610 -5.11 -29.99 -9.19
C ASN A 610 -5.21 -28.59 -9.77
N GLU A 611 -4.81 -27.54 -9.06
CA GLU A 611 -5.28 -26.21 -9.40
C GLU A 611 -4.14 -25.20 -9.53
N LYS A 612 -4.48 -24.07 -10.14
CA LYS A 612 -3.51 -23.02 -10.49
C LYS A 612 -3.40 -21.95 -9.41
N THR A 613 -3.14 -22.36 -8.17
CA THR A 613 -2.88 -21.42 -7.10
C THR A 613 -1.68 -21.89 -6.31
N LEU A 614 -0.97 -20.95 -5.69
CA LEU A 614 0.14 -21.27 -4.80
C LEU A 614 -0.43 -21.54 -3.42
N ARG A 615 -0.35 -22.79 -2.97
CA ARG A 615 -0.96 -23.17 -1.70
C ARG A 615 0.05 -23.01 -0.57
N LEU A 616 -0.36 -22.29 0.47
CA LEU A 616 0.52 -21.83 1.53
C LEU A 616 -0.06 -22.20 2.88
N HIS A 617 0.82 -22.59 3.81
CA HIS A 617 0.38 -22.91 5.15
C HIS A 617 -0.05 -21.65 5.90
N TYR A 618 -0.90 -21.84 6.91
CA TYR A 618 -1.46 -20.70 7.63
C TYR A 618 -0.41 -19.97 8.45
N ALA A 619 0.61 -20.67 8.94
CA ALA A 619 1.60 -20.03 9.78
C ALA A 619 2.42 -19.00 9.01
N ASN A 620 2.54 -19.16 7.70
CA ASN A 620 3.28 -18.19 6.90
C ASN A 620 2.53 -16.88 6.74
N THR A 621 1.23 -16.87 7.00
CA THR A 621 0.45 -15.65 6.81
C THR A 621 0.82 -14.55 7.80
N GLY A 622 1.44 -14.90 8.92
CA GLY A 622 1.83 -13.89 9.88
C GLY A 622 2.90 -12.96 9.36
N ALA A 623 3.89 -13.50 8.65
CA ALA A 623 5.00 -12.68 8.18
C ALA A 623 4.66 -11.99 6.87
N TYR A 624 4.00 -12.70 5.95
CA TYR A 624 3.62 -12.09 4.68
C TYR A 624 2.46 -11.11 4.83
N ASN A 625 1.82 -11.06 6.01
CA ASN A 625 0.62 -10.25 6.21
C ASN A 625 -0.44 -10.60 5.18
N ALA A 626 -0.49 -11.89 4.83
CA ALA A 626 -1.28 -12.36 3.71
C ALA A 626 -2.58 -12.97 4.19
N ASP A 627 -3.68 -12.53 3.60
CA ASP A 627 -4.95 -13.20 3.69
C ASP A 627 -5.16 -13.98 2.40
N PHE A 628 -6.33 -14.60 2.27
CA PHE A 628 -6.70 -15.32 1.06
C PHE A 628 -7.87 -14.62 0.37
N ASP A 629 -7.84 -13.30 0.38
CA ASP A 629 -8.83 -12.45 -0.28
C ASP A 629 -8.39 -12.12 -1.71
N GLY A 630 -8.03 -13.13 -2.47
CA GLY A 630 -7.46 -12.89 -3.78
C GLY A 630 -6.06 -12.33 -3.77
N ASP A 631 -5.35 -12.39 -2.63
CA ASP A 631 -3.99 -11.90 -2.56
C ASP A 631 -3.08 -12.76 -3.43
N GLU A 632 -2.13 -12.12 -4.10
CA GLU A 632 -1.19 -12.79 -4.97
C GLU A 632 0.22 -12.54 -4.49
N MET A 633 1.12 -13.44 -4.88
CA MET A 633 2.52 -13.28 -4.53
C MET A 633 3.37 -14.04 -5.54
N ASN A 634 4.68 -13.87 -5.39
CA ASN A 634 5.66 -14.22 -6.41
C ASN A 634 6.55 -15.35 -5.91
N MET A 635 6.75 -16.34 -6.76
CA MET A 635 7.67 -17.44 -6.54
C MET A 635 8.85 -17.28 -7.48
N HIS A 636 10.06 -17.35 -6.93
CA HIS A 636 11.29 -17.21 -7.69
C HIS A 636 12.07 -18.52 -7.60
N PHE A 637 12.68 -18.93 -8.71
CA PHE A 637 13.38 -20.20 -8.75
C PHE A 637 14.87 -19.94 -8.91
N PRO A 638 15.66 -19.99 -7.83
CA PRO A 638 17.11 -19.87 -7.98
C PRO A 638 17.67 -20.97 -8.88
N GLN A 639 18.65 -20.60 -9.70
CA GLN A 639 19.14 -21.46 -10.77
C GLN A 639 20.58 -21.95 -10.53
N ASN A 640 21.08 -21.84 -9.31
CA ASN A 640 22.39 -22.38 -8.99
C ASN A 640 22.41 -22.84 -7.54
N GLU A 641 23.41 -23.66 -7.22
CA GLU A 641 23.50 -24.24 -5.88
C GLU A 641 23.82 -23.19 -4.84
N ASN A 642 24.54 -22.13 -5.21
CA ASN A 642 24.86 -21.08 -4.26
C ASN A 642 23.61 -20.39 -3.74
N ALA A 643 22.64 -20.12 -4.63
CA ALA A 643 21.38 -19.54 -4.19
C ALA A 643 20.44 -20.59 -3.62
N ARG A 644 20.65 -21.87 -3.93
CA ARG A 644 19.89 -22.92 -3.29
C ARG A 644 20.21 -23.01 -1.80
N ALA A 645 21.50 -23.02 -1.46
CA ALA A 645 21.91 -23.15 -0.07
C ALA A 645 21.49 -21.94 0.75
N GLU A 646 21.48 -20.75 0.15
CA GLU A 646 21.04 -19.56 0.87
C GLU A 646 19.57 -19.67 1.26
N ALA A 647 18.72 -20.04 0.30
CA ALA A 647 17.28 -20.13 0.59
C ALA A 647 16.98 -21.30 1.52
N LEU A 648 17.82 -22.33 1.52
CA LEU A 648 17.64 -23.47 2.41
C LEU A 648 18.24 -23.26 3.79
N ASN A 649 19.10 -22.26 3.97
CA ASN A 649 19.76 -22.08 5.25
C ASN A 649 19.63 -20.66 5.81
N LEU A 650 19.68 -19.65 4.95
CA LEU A 650 19.67 -18.25 5.40
C LEU A 650 18.31 -17.59 5.24
N ALA A 651 17.71 -17.68 4.06
CA ALA A 651 16.34 -17.23 3.86
C ALA A 651 15.32 -18.31 4.23
N ASN A 652 15.79 -19.41 4.80
CA ASN A 652 14.92 -20.51 5.18
C ASN A 652 13.80 -20.03 6.09
N THR A 653 12.59 -20.55 5.85
CA THR A 653 11.45 -20.14 6.65
C THR A 653 11.50 -20.69 8.06
N ASP A 654 12.31 -21.72 8.31
CA ASP A 654 12.52 -22.19 9.67
C ASP A 654 13.37 -21.24 10.48
N SER A 655 14.33 -20.58 9.83
CA SER A 655 15.20 -19.61 10.48
C SER A 655 14.49 -18.31 10.82
N GLN A 656 13.27 -18.11 10.32
CA GLN A 656 12.54 -16.85 10.45
C GLN A 656 11.47 -16.93 11.53
N TYR A 657 11.67 -17.71 12.58
CA TYR A 657 10.65 -17.83 13.61
C TYR A 657 10.51 -16.55 14.40
N LEU A 658 11.62 -15.91 14.75
CA LEU A 658 11.60 -14.68 15.53
C LEU A 658 11.94 -13.50 14.61
N THR A 659 11.10 -12.47 14.65
CA THR A 659 11.39 -11.28 13.86
C THR A 659 12.55 -10.51 14.48
N PRO A 660 13.42 -9.91 13.66
CA PRO A 660 14.55 -9.16 14.22
C PRO A 660 14.17 -7.80 14.78
N THR A 661 12.92 -7.37 14.63
CA THR A 661 12.52 -6.07 15.17
C THR A 661 12.65 -6.03 16.68
N SER A 662 12.09 -7.02 17.36
CA SER A 662 12.16 -7.06 18.82
C SER A 662 12.39 -8.46 19.38
N GLY A 663 12.59 -9.47 18.54
CA GLY A 663 12.77 -10.82 19.01
C GLY A 663 11.49 -11.59 19.28
N SER A 664 10.34 -11.02 18.99
CA SER A 664 9.08 -11.72 19.15
C SER A 664 8.86 -12.69 17.98
N PRO A 665 8.18 -13.80 18.21
CA PRO A 665 7.88 -14.72 17.10
C PRO A 665 6.80 -14.16 16.19
N VAL A 666 6.82 -14.62 14.93
CA VAL A 666 5.87 -14.18 13.92
C VAL A 666 5.26 -15.38 13.20
N ARG A 667 5.28 -16.55 13.82
CA ARG A 667 4.74 -17.76 13.22
C ARG A 667 3.87 -18.49 14.23
N GLY A 668 2.77 -19.05 13.75
CA GLY A 668 1.87 -19.81 14.60
C GLY A 668 0.50 -19.92 13.99
N LEU A 669 -0.27 -20.88 14.53
CA LEU A 669 -1.63 -21.11 14.06
C LEU A 669 -2.51 -19.91 14.42
N ILE A 670 -3.47 -19.59 13.56
CA ILE A 670 -4.09 -18.27 13.54
C ILE A 670 -5.54 -18.29 14.08
N GLN A 671 -6.46 -18.96 13.39
CA GLN A 671 -7.87 -18.72 13.68
C GLN A 671 -8.64 -19.96 14.13
N ASP A 672 -8.69 -21.02 13.33
CA ASP A 672 -9.48 -22.18 13.72
C ASP A 672 -8.75 -23.06 14.71
N HIS A 673 -7.43 -23.14 14.58
CA HIS A 673 -6.65 -24.02 15.43
C HIS A 673 -6.63 -23.54 16.88
N ILE A 674 -6.72 -22.23 17.11
CA ILE A 674 -6.69 -21.71 18.46
C ILE A 674 -7.95 -22.09 19.22
N SER A 675 -9.12 -21.91 18.60
CA SER A 675 -10.37 -22.35 19.22
C SER A 675 -10.42 -23.87 19.31
N ALA A 676 -9.88 -24.56 18.30
CA ALA A 676 -9.81 -26.02 18.35
C ALA A 676 -9.02 -26.49 19.56
N GLY A 677 -7.89 -25.84 19.85
CA GLY A 677 -7.09 -26.21 21.00
C GLY A 677 -7.70 -25.79 22.31
N VAL A 678 -8.48 -24.69 22.31
CA VAL A 678 -9.22 -24.30 23.51
C VAL A 678 -10.23 -25.38 23.86
N TRP A 679 -10.90 -25.94 22.84
CA TRP A 679 -11.83 -27.02 23.10
C TRP A 679 -11.12 -28.32 23.44
N LEU A 680 -10.03 -28.63 22.73
CA LEU A 680 -9.38 -29.92 22.89
C LEU A 680 -8.63 -30.05 24.21
N THR A 681 -8.04 -28.97 24.70
CA THR A 681 -7.30 -29.01 25.95
C THR A 681 -8.16 -28.68 27.16
N SER A 682 -9.48 -28.63 26.99
CA SER A 682 -10.38 -28.42 28.12
C SER A 682 -10.41 -29.66 29.00
N LYS A 683 -11.07 -29.52 30.16
CA LYS A 683 -11.24 -30.65 31.05
C LYS A 683 -12.29 -31.63 30.55
N ASP A 684 -13.26 -31.15 29.77
CA ASP A 684 -14.31 -32.02 29.24
C ASP A 684 -13.83 -32.96 28.16
N SER A 685 -12.60 -32.80 27.67
CA SER A 685 -12.14 -33.57 26.51
C SER A 685 -11.68 -34.94 26.98
N PHE A 686 -12.54 -35.94 26.81
CA PHE A 686 -12.20 -37.33 27.06
C PHE A 686 -12.34 -38.11 25.76
N PHE A 687 -11.35 -38.93 25.45
CA PHE A 687 -11.30 -39.64 24.19
C PHE A 687 -11.09 -41.12 24.48
N THR A 688 -11.86 -41.96 23.80
CA THR A 688 -11.66 -43.40 23.92
C THR A 688 -10.34 -43.79 23.25
N ARG A 689 -9.98 -45.06 23.39
CA ARG A 689 -8.69 -45.52 22.87
C ARG A 689 -8.63 -45.36 21.36
N GLU A 690 -9.70 -45.71 20.65
CA GLU A 690 -9.71 -45.57 19.20
C GLU A 690 -9.58 -44.11 18.79
N GLN A 691 -10.35 -43.22 19.43
CA GLN A 691 -10.29 -41.81 19.10
C GLN A 691 -8.91 -41.23 19.42
N TYR A 692 -8.35 -41.58 20.58
CA TYR A 692 -7.03 -41.10 20.96
C TYR A 692 -5.98 -41.53 19.95
N GLN A 693 -5.96 -42.81 19.59
CA GLN A 693 -4.93 -43.30 18.68
C GLN A 693 -5.12 -42.74 17.27
N GLN A 694 -6.38 -42.57 16.83
CA GLN A 694 -6.61 -41.98 15.51
C GLN A 694 -6.19 -40.53 15.47
N TYR A 695 -6.44 -39.78 16.55
CA TYR A 695 -5.99 -38.40 16.61
C TYR A 695 -4.47 -38.32 16.60
N ILE A 696 -3.81 -39.27 17.26
CA ILE A 696 -2.34 -39.23 17.29
C ILE A 696 -1.76 -39.57 15.93
N TYR A 697 -2.30 -40.60 15.26
CA TYR A 697 -1.74 -40.96 13.96
C TYR A 697 -2.13 -39.98 12.86
N GLY A 698 -3.17 -39.20 13.06
CA GLY A 698 -3.58 -38.24 12.05
C GLY A 698 -2.60 -37.11 11.81
N CYS A 699 -1.59 -36.97 12.67
CA CYS A 699 -0.64 -35.88 12.54
C CYS A 699 0.82 -36.27 12.72
N ILE A 700 1.13 -37.49 13.16
CA ILE A 700 2.51 -37.87 13.46
C ILE A 700 2.92 -39.08 12.63
N ARG A 701 2.44 -39.16 11.39
CA ARG A 701 2.72 -40.28 10.49
C ARG A 701 4.20 -40.66 10.48
N PRO A 702 4.57 -41.83 11.03
CA PRO A 702 5.98 -42.26 11.10
C PRO A 702 6.51 -42.88 9.82
N GLU A 703 6.19 -42.26 8.69
CA GLU A 703 6.82 -42.58 7.42
C GLU A 703 7.22 -41.35 6.63
N ASP A 704 6.80 -40.15 7.06
CA ASP A 704 7.26 -38.90 6.51
C ASP A 704 8.31 -38.25 7.39
N GLY A 705 8.88 -39.00 8.33
CA GLY A 705 9.82 -38.43 9.28
C GLY A 705 9.20 -37.57 10.36
N HIS A 706 7.89 -37.72 10.60
CA HIS A 706 7.22 -36.87 11.58
C HIS A 706 7.62 -37.22 13.01
N THR A 707 7.92 -38.49 13.29
CA THR A 707 8.30 -38.91 14.63
C THR A 707 9.72 -39.46 14.61
N THR A 708 10.26 -39.66 15.80
CA THR A 708 11.66 -40.03 15.98
C THR A 708 11.87 -41.51 16.28
N ARG A 709 10.98 -42.13 17.05
CA ARG A 709 11.22 -43.47 17.61
C ARG A 709 10.83 -44.60 16.67
N SER A 710 10.38 -44.30 15.45
CA SER A 710 9.98 -45.29 14.45
C SER A 710 8.75 -46.09 14.87
N LYS A 711 8.19 -45.79 16.04
CA LYS A 711 7.00 -46.47 16.53
C LYS A 711 6.26 -45.51 17.42
N ILE A 712 4.99 -45.26 17.14
CA ILE A 712 4.22 -44.26 17.86
C ILE A 712 4.00 -44.77 19.29
N VAL A 713 4.62 -44.11 20.25
CA VAL A 713 4.51 -44.49 21.66
C VAL A 713 3.34 -43.72 22.27
N THR A 714 2.48 -44.43 22.98
CA THR A 714 1.29 -43.85 23.58
C THR A 714 1.45 -43.76 25.09
N LEU A 715 0.39 -43.35 25.76
CA LEU A 715 0.38 -43.12 27.19
C LEU A 715 -0.73 -43.93 27.85
N PRO A 716 -0.55 -44.31 29.11
CA PRO A 716 -1.63 -44.94 29.86
C PRO A 716 -2.81 -43.99 29.99
N PRO A 717 -4.03 -44.51 29.93
CA PRO A 717 -5.20 -43.64 30.00
C PRO A 717 -5.28 -42.92 31.33
N THR A 718 -5.89 -41.73 31.30
CA THR A 718 -6.13 -41.01 32.55
C THR A 718 -7.02 -41.81 33.48
N ILE A 719 -8.08 -42.39 32.93
CA ILE A 719 -9.07 -43.13 33.70
C ILE A 719 -9.00 -44.59 33.32
N PHE A 720 -8.81 -45.46 34.31
CA PHE A 720 -8.70 -46.89 34.09
C PHE A 720 -10.06 -47.59 34.19
N LYS A 721 -10.90 -47.17 35.13
CA LYS A 721 -12.24 -47.69 35.31
C LYS A 721 -13.22 -46.54 35.43
N PRO A 722 -14.47 -46.72 34.97
CA PRO A 722 -15.08 -47.94 34.41
C PRO A 722 -14.53 -48.39 33.06
N TYR A 723 -14.20 -47.48 32.14
CA TYR A 723 -13.59 -47.87 30.88
C TYR A 723 -12.51 -46.86 30.52
N PRO A 724 -11.49 -47.30 29.76
CA PRO A 724 -10.32 -46.45 29.55
C PRO A 724 -10.64 -45.18 28.78
N LEU A 725 -10.29 -44.04 29.38
CA LEU A 725 -10.43 -42.74 28.76
C LEU A 725 -9.13 -41.98 28.84
N TRP A 726 -8.78 -41.29 27.75
CA TRP A 726 -7.65 -40.39 27.70
C TRP A 726 -8.14 -38.94 27.83
N THR A 727 -7.24 -37.99 27.71
CA THR A 727 -7.58 -36.58 27.83
C THR A 727 -6.87 -35.81 26.72
N GLY A 728 -7.42 -34.63 26.39
CA GLY A 728 -6.84 -33.82 25.35
C GLY A 728 -5.45 -33.33 25.71
N LYS A 729 -5.25 -32.97 26.98
CA LYS A 729 -3.91 -32.63 27.44
C LYS A 729 -2.96 -33.80 27.24
N GLN A 730 -3.44 -35.02 27.44
CA GLN A 730 -2.63 -36.19 27.14
C GLN A 730 -2.35 -36.32 25.66
N ILE A 731 -3.29 -35.90 24.81
CA ILE A 731 -3.04 -35.89 23.37
C ILE A 731 -1.90 -34.94 23.03
N ILE A 732 -1.92 -33.74 23.62
CA ILE A 732 -0.81 -32.80 23.44
C ILE A 732 0.48 -33.41 23.96
N THR A 733 0.42 -34.07 25.12
CA THR A 733 1.60 -34.66 25.73
C THR A 733 2.23 -35.71 24.82
N THR A 734 1.42 -36.59 24.25
CA THR A 734 1.97 -37.63 23.40
C THR A 734 2.41 -37.08 22.06
N VAL A 735 1.77 -36.01 21.57
CA VAL A 735 2.26 -35.35 20.37
C VAL A 735 3.66 -34.81 20.60
N LEU A 736 3.86 -34.11 21.72
CA LEU A 736 5.19 -33.60 22.04
C LEU A 736 6.17 -34.74 22.24
N LEU A 737 5.75 -35.80 22.92
CA LEU A 737 6.63 -36.93 23.18
C LEU A 737 7.09 -37.59 21.88
N ASN A 738 6.21 -37.66 20.89
CA ASN A 738 6.59 -38.25 19.61
C ASN A 738 7.44 -37.32 18.76
N VAL A 739 7.21 -36.01 18.83
CA VAL A 739 8.01 -35.11 17.99
C VAL A 739 9.35 -34.79 18.64
N THR A 740 9.40 -34.72 19.97
CA THR A 740 10.63 -34.37 20.66
C THR A 740 11.66 -35.49 20.51
N PRO A 741 12.93 -35.16 20.24
CA PRO A 741 13.92 -36.20 20.01
C PRO A 741 14.18 -37.01 21.30
N PRO A 742 14.52 -38.28 21.16
CA PRO A 742 14.90 -39.08 22.35
C PRO A 742 16.29 -38.71 22.83
N ASP A 743 16.73 -39.36 23.91
CA ASP A 743 18.01 -39.03 24.55
C ASP A 743 18.05 -37.55 24.97
N MET A 744 16.91 -37.05 25.46
CA MET A 744 16.80 -35.65 25.85
C MET A 744 15.60 -35.51 26.77
N PRO A 745 15.70 -34.73 27.84
CA PRO A 745 14.56 -34.56 28.74
C PRO A 745 13.42 -33.80 28.08
N GLY A 746 12.25 -33.88 28.72
CA GLY A 746 11.09 -33.16 28.25
C GLY A 746 11.13 -31.70 28.66
N ILE A 747 10.20 -30.93 28.09
CA ILE A 747 10.16 -29.49 28.33
C ILE A 747 9.56 -29.22 29.71
N ASN A 748 9.95 -28.11 30.30
CA ASN A 748 9.44 -27.68 31.61
C ASN A 748 9.10 -26.20 31.50
N LEU A 749 7.81 -25.89 31.46
CA LEU A 749 7.37 -24.51 31.25
C LEU A 749 6.22 -24.18 32.19
N ILE A 750 6.30 -23.03 32.84
CA ILE A 750 5.21 -22.48 33.62
C ILE A 750 4.82 -21.16 32.97
N SER A 751 3.64 -21.12 32.38
CA SER A 751 3.21 -19.96 31.60
C SER A 751 1.75 -19.67 31.91
N LYS A 752 1.17 -18.73 31.17
CA LYS A 752 -0.22 -18.37 31.32
C LYS A 752 -0.87 -18.26 29.94
N ASN A 753 -2.20 -18.35 29.93
CA ASN A 753 -2.97 -18.18 28.71
C ASN A 753 -3.90 -16.98 28.87
N LYS A 754 -4.75 -16.77 27.86
CA LYS A 754 -5.53 -15.55 27.74
C LYS A 754 -6.88 -15.61 28.43
N ILE A 755 -7.27 -16.76 28.97
CA ILE A 755 -8.60 -16.96 29.54
C ILE A 755 -8.46 -17.00 31.06
N LYS A 756 -9.17 -16.10 31.74
CA LYS A 756 -9.12 -16.02 33.19
C LYS A 756 -9.74 -17.27 33.81
N ASN A 757 -9.29 -17.57 35.04
CA ASN A 757 -9.83 -18.71 35.78
C ASN A 757 -11.31 -18.55 36.08
N GLU A 758 -11.85 -17.33 36.06
CA GLU A 758 -13.25 -17.12 36.36
C GLU A 758 -14.16 -17.62 35.25
N TYR A 759 -13.63 -17.84 34.05
CA TYR A 759 -14.40 -18.36 32.94
C TYR A 759 -14.51 -19.87 32.93
N TRP A 760 -13.98 -20.54 33.95
CA TRP A 760 -14.07 -21.99 34.07
C TRP A 760 -14.75 -22.43 35.35
N GLY A 761 -15.37 -21.51 36.08
CA GLY A 761 -16.00 -21.83 37.34
C GLY A 761 -15.10 -21.57 38.53
N LYS A 762 -15.63 -21.85 39.72
CA LYS A 762 -14.89 -21.61 40.94
C LYS A 762 -13.79 -22.65 41.13
N GLY A 763 -12.65 -22.19 41.64
CA GLY A 763 -11.55 -23.07 41.98
C GLY A 763 -10.76 -23.61 40.82
N SER A 764 -11.01 -23.14 39.60
CA SER A 764 -10.26 -23.61 38.45
C SER A 764 -8.88 -22.95 38.40
N LEU A 765 -7.90 -23.71 37.90
CA LEU A 765 -6.55 -23.21 37.68
C LEU A 765 -6.12 -23.43 36.23
N GLU A 766 -7.07 -23.35 35.30
CA GLU A 766 -6.77 -23.59 33.89
C GLU A 766 -6.15 -22.37 33.21
N ASN A 767 -6.04 -21.24 33.91
CA ASN A 767 -5.35 -20.09 33.34
C ASN A 767 -3.84 -20.26 33.34
N GLU A 768 -3.29 -21.11 34.21
CA GLU A 768 -1.85 -21.31 34.30
C GLU A 768 -1.47 -22.61 33.61
N VAL A 769 -0.69 -22.49 32.55
CA VAL A 769 -0.21 -23.64 31.78
C VAL A 769 1.03 -24.18 32.45
N LEU A 770 1.13 -25.51 32.53
CA LEU A 770 2.22 -26.18 33.22
C LEU A 770 2.62 -27.42 32.43
N PHE A 771 3.73 -27.32 31.69
CA PHE A 771 4.39 -28.49 31.13
C PHE A 771 5.45 -28.94 32.10
N LYS A 772 5.42 -30.22 32.47
CA LYS A 772 6.41 -30.82 33.36
C LYS A 772 6.94 -32.09 32.71
N ASP A 773 8.25 -32.15 32.50
CA ASP A 773 8.92 -33.31 31.91
C ASP A 773 8.31 -33.66 30.55
N GLY A 774 7.86 -32.64 29.82
CA GLY A 774 7.26 -32.86 28.52
C GLY A 774 5.84 -33.34 28.54
N ALA A 775 5.10 -33.10 29.62
CA ALA A 775 3.73 -33.54 29.74
C ALA A 775 2.86 -32.36 30.17
N LEU A 776 1.78 -32.13 29.43
CA LEU A 776 0.84 -31.07 29.77
C LEU A 776 0.00 -31.52 30.96
N LEU A 777 0.11 -30.79 32.07
CA LEU A 777 -0.57 -31.17 33.30
C LEU A 777 -1.61 -30.16 33.76
N CYS A 778 -1.64 -28.96 33.19
CA CYS A 778 -2.60 -27.95 33.60
C CYS A 778 -2.66 -26.88 32.52
N GLY A 779 -3.75 -26.11 32.56
CA GLY A 779 -3.92 -24.99 31.67
C GLY A 779 -4.47 -25.37 30.31
N ILE A 780 -4.81 -24.34 29.54
CA ILE A 780 -5.34 -24.48 28.19
C ILE A 780 -4.30 -23.97 27.20
N LEU A 781 -4.12 -24.68 26.10
CA LEU A 781 -3.31 -24.18 25.01
C LEU A 781 -4.11 -23.17 24.21
N ASP A 782 -3.48 -22.03 23.91
CA ASP A 782 -4.21 -20.84 23.50
C ASP A 782 -3.46 -20.18 22.35
N LYS A 783 -3.85 -18.94 22.04
CA LYS A 783 -3.05 -18.13 21.14
C LYS A 783 -1.70 -17.81 21.76
N SER A 784 -1.68 -17.52 23.06
CA SER A 784 -0.45 -17.18 23.76
C SER A 784 0.51 -18.36 23.89
N GLN A 785 0.06 -19.58 23.60
CA GLN A 785 0.93 -20.75 23.66
C GLN A 785 1.45 -21.15 22.30
N TYR A 786 0.57 -21.42 21.35
CA TYR A 786 0.94 -21.62 19.96
C TYR A 786 0.40 -20.45 19.15
N GLY A 787 1.28 -19.84 18.37
CA GLY A 787 1.00 -18.56 17.76
C GLY A 787 2.16 -17.60 17.96
N ALA A 788 2.06 -16.47 17.26
CA ALA A 788 3.09 -15.43 17.36
C ALA A 788 2.94 -14.77 18.72
N SER A 789 3.55 -15.39 19.73
CA SER A 789 3.50 -14.89 21.10
C SER A 789 4.73 -15.39 21.84
N LYS A 790 5.22 -14.56 22.75
CA LYS A 790 6.47 -14.87 23.44
C LYS A 790 6.22 -15.79 24.63
N TYR A 791 7.23 -16.62 24.92
CA TYR A 791 7.27 -17.45 26.12
C TYR A 791 6.08 -18.41 26.19
N GLY A 792 5.66 -18.91 25.04
CA GLY A 792 4.69 -19.98 24.97
C GLY A 792 5.36 -21.33 24.87
N ILE A 793 4.55 -22.35 24.59
CA ILE A 793 5.10 -23.69 24.42
C ILE A 793 5.96 -23.77 23.17
N VAL A 794 5.50 -23.16 22.08
CA VAL A 794 6.24 -23.25 20.82
C VAL A 794 7.54 -22.45 20.91
N HIS A 795 7.50 -21.27 21.54
CA HIS A 795 8.71 -20.49 21.74
C HIS A 795 9.72 -21.26 22.57
N SER A 796 9.26 -21.92 23.63
CA SER A 796 10.15 -22.69 24.49
C SER A 796 10.74 -23.89 23.73
N LEU A 797 9.92 -24.57 22.93
CA LEU A 797 10.42 -25.67 22.12
C LEU A 797 11.46 -25.19 21.11
N HIS A 798 11.24 -24.00 20.54
CA HIS A 798 12.22 -23.43 19.62
C HIS A 798 13.53 -23.12 20.34
N GLU A 799 13.45 -22.58 21.55
CA GLU A 799 14.66 -22.21 22.27
C GLU A 799 15.42 -23.44 22.77
N VAL A 800 14.72 -24.51 23.10
CA VAL A 800 15.36 -25.67 23.70
C VAL A 800 15.77 -26.71 22.66
N TYR A 801 14.88 -27.04 21.72
CA TYR A 801 15.12 -28.12 20.79
C TYR A 801 15.59 -27.65 19.41
N GLY A 802 15.65 -26.35 19.18
CA GLY A 802 16.08 -25.83 17.90
C GLY A 802 14.92 -25.39 17.03
N PRO A 803 15.22 -24.82 15.87
CA PRO A 803 14.16 -24.29 15.01
C PRO A 803 13.41 -25.35 14.22
N GLU A 804 14.13 -26.39 13.77
CA GLU A 804 13.50 -27.44 12.99
C GLU A 804 12.45 -28.18 13.80
N VAL A 805 12.74 -28.45 15.07
CA VAL A 805 11.77 -29.12 15.93
C VAL A 805 10.55 -28.22 16.13
N ALA A 806 10.77 -26.92 16.30
CA ALA A 806 9.63 -26.01 16.47
C ALA A 806 8.75 -25.98 15.22
N ALA A 807 9.37 -25.95 14.04
CA ALA A 807 8.59 -26.01 12.80
C ALA A 807 7.81 -27.31 12.69
N LYS A 808 8.45 -28.42 13.03
CA LYS A 808 7.76 -29.72 13.01
C LYS A 808 6.59 -29.73 13.97
N VAL A 809 6.76 -29.13 15.15
CA VAL A 809 5.68 -29.07 16.13
C VAL A 809 4.53 -28.21 15.60
N LEU A 810 4.85 -27.11 14.94
CA LEU A 810 3.81 -26.28 14.33
C LEU A 810 3.02 -27.08 13.31
N SER A 811 3.71 -27.81 12.44
CA SER A 811 3.02 -28.62 11.43
C SER A 811 2.15 -29.68 12.07
N VAL A 812 2.68 -30.39 13.07
CA VAL A 812 1.94 -31.46 13.73
C VAL A 812 0.71 -30.90 14.43
N LEU A 813 0.85 -29.78 15.13
CA LEU A 813 -0.29 -29.17 15.81
C LEU A 813 -1.33 -28.69 14.80
N GLY A 814 -0.89 -28.15 13.67
CA GLY A 814 -1.85 -27.75 12.65
C GLY A 814 -2.65 -28.93 12.14
N ARG A 815 -1.97 -30.03 11.82
CA ARG A 815 -2.68 -31.23 11.36
C ARG A 815 -3.61 -31.78 12.44
N LEU A 816 -3.15 -31.78 13.70
CA LEU A 816 -3.95 -32.31 14.79
C LEU A 816 -5.23 -31.51 14.98
N PHE A 817 -5.12 -30.18 15.00
CA PHE A 817 -6.29 -29.35 15.18
C PHE A 817 -7.19 -29.38 13.95
N THR A 818 -6.61 -29.56 12.77
CA THR A 818 -7.44 -29.71 11.57
C THR A 818 -8.27 -30.99 11.64
N ASN A 819 -7.65 -32.09 12.07
CA ASN A 819 -8.39 -33.34 12.19
C ASN A 819 -9.34 -33.35 13.37
N TYR A 820 -9.08 -32.55 14.39
CA TYR A 820 -10.03 -32.43 15.49
C TYR A 820 -11.23 -31.57 15.11
N ILE A 821 -11.02 -30.56 14.25
CA ILE A 821 -12.13 -29.72 13.85
C ILE A 821 -13.00 -30.41 12.81
N THR A 822 -12.43 -31.32 12.01
CA THR A 822 -13.21 -32.05 11.02
C THR A 822 -14.07 -33.15 11.65
N ALA A 823 -13.82 -33.51 12.91
CA ALA A 823 -14.64 -34.46 13.63
C ALA A 823 -15.44 -33.82 14.76
N THR A 824 -15.05 -32.63 15.20
CA THR A 824 -15.71 -31.89 16.27
C THR A 824 -15.79 -30.44 15.79
N ALA A 825 -16.88 -30.10 15.11
CA ALA A 825 -16.91 -28.85 14.38
C ALA A 825 -17.16 -27.67 15.30
N PHE A 826 -16.83 -26.48 14.79
CA PHE A 826 -16.95 -25.23 15.51
C PHE A 826 -17.85 -24.30 14.71
N THR A 827 -18.79 -23.63 15.38
CA THR A 827 -19.77 -22.78 14.71
C THR A 827 -20.09 -21.57 15.57
N CYS A 828 -20.52 -20.51 14.90
CA CYS A 828 -21.05 -19.32 15.56
C CYS A 828 -22.41 -19.00 14.97
N GLY A 829 -23.33 -18.54 15.80
CA GLY A 829 -24.68 -18.25 15.35
C GLY A 829 -25.36 -17.09 16.03
N MET A 830 -26.67 -16.95 15.81
CA MET A 830 -27.40 -15.84 16.42
C MET A 830 -27.65 -16.05 17.90
N ASP A 831 -27.64 -17.30 18.37
CA ASP A 831 -27.82 -17.55 19.79
C ASP A 831 -26.65 -17.02 20.61
N ASP A 832 -25.45 -17.03 20.05
CA ASP A 832 -24.27 -16.53 20.76
C ASP A 832 -24.32 -15.02 20.96
N LEU A 833 -25.09 -14.29 20.16
CA LEU A 833 -25.10 -12.84 20.20
C LEU A 833 -26.17 -12.27 21.13
N ARG A 834 -26.98 -13.11 21.75
CA ARG A 834 -28.11 -12.66 22.54
C ARG A 834 -27.71 -12.40 23.99
N LEU A 835 -28.56 -11.64 24.68
CA LEU A 835 -28.48 -11.44 26.11
C LEU A 835 -29.71 -12.05 26.76
N THR A 836 -29.60 -12.36 28.04
CA THR A 836 -30.74 -12.83 28.79
C THR A 836 -31.75 -11.70 29.00
N ALA A 837 -32.90 -12.04 29.56
CA ALA A 837 -33.88 -11.02 29.92
C ALA A 837 -33.30 -10.06 30.95
N GLU A 838 -32.59 -10.59 31.94
CA GLU A 838 -31.97 -9.74 32.96
C GLU A 838 -30.83 -8.91 32.37
N GLY A 839 -30.09 -9.46 31.41
CA GLY A 839 -29.05 -8.68 30.77
C GLY A 839 -29.59 -7.50 29.99
N ASN A 840 -30.65 -7.74 29.21
CA ASN A 840 -31.30 -6.64 28.50
C ASN A 840 -31.89 -5.64 29.47
N LYS A 841 -32.45 -6.12 30.60
CA LYS A 841 -32.99 -5.19 31.59
C LYS A 841 -31.89 -4.31 32.17
N TRP A 842 -30.74 -4.90 32.51
CA TRP A 842 -29.62 -4.13 33.02
C TRP A 842 -29.16 -3.10 31.99
N ARG A 843 -29.05 -3.51 30.73
CA ARG A 843 -28.58 -2.60 29.70
C ARG A 843 -29.54 -1.43 29.53
N THR A 844 -30.85 -1.71 29.49
CA THR A 844 -31.82 -0.63 29.36
C THR A 844 -31.78 0.29 30.56
N ASP A 845 -31.67 -0.26 31.77
CA ASP A 845 -31.63 0.57 32.97
C ASP A 845 -30.40 1.47 32.98
N ILE A 846 -29.25 0.95 32.59
CA ILE A 846 -28.04 1.78 32.57
C ILE A 846 -28.14 2.83 31.47
N LEU A 847 -28.58 2.45 30.28
CA LEU A 847 -28.66 3.39 29.17
C LEU A 847 -29.72 4.46 29.41
N LYS A 848 -30.73 4.19 30.22
CA LYS A 848 -31.71 5.22 30.56
C LYS A 848 -31.07 6.35 31.35
N THR A 849 -30.02 6.06 32.10
CA THR A 849 -29.32 7.08 32.87
C THR A 849 -28.52 8.04 32.00
N SER A 850 -28.38 7.75 30.71
CA SER A 850 -27.64 8.60 29.78
C SER A 850 -28.49 9.71 29.20
N VAL A 851 -29.76 9.81 29.58
CA VAL A 851 -30.65 10.83 29.04
C VAL A 851 -30.27 12.23 29.51
N ASP A 852 -29.36 12.35 30.48
CA ASP A 852 -28.95 13.65 30.99
C ASP A 852 -27.45 13.86 30.92
N THR A 853 -26.70 12.93 30.31
CA THR A 853 -25.25 13.05 30.23
C THR A 853 -24.83 14.26 29.41
N GLY A 854 -25.39 14.39 28.21
CA GLY A 854 -24.98 15.48 27.33
C GLY A 854 -25.29 16.84 27.91
N ARG A 855 -26.47 16.99 28.52
CA ARG A 855 -26.85 18.26 29.12
C ARG A 855 -25.94 18.62 30.28
N GLU A 856 -25.59 17.62 31.10
CA GLU A 856 -24.68 17.88 32.22
C GLU A 856 -23.30 18.26 31.74
N ALA A 857 -22.79 17.58 30.70
CA ALA A 857 -21.49 17.94 30.15
C ALA A 857 -21.50 19.36 29.59
N ALA A 858 -22.57 19.72 28.88
CA ALA A 858 -22.70 21.07 28.35
C ALA A 858 -22.75 22.09 29.48
N ALA A 859 -23.51 21.79 30.55
CA ALA A 859 -23.59 22.70 31.68
C ALA A 859 -22.23 22.87 32.34
N GLU A 860 -21.46 21.79 32.44
CA GLU A 860 -20.10 21.90 32.96
C GLU A 860 -19.25 22.80 32.09
N VAL A 861 -19.31 22.63 30.77
CA VAL A 861 -18.49 23.43 29.87
C VAL A 861 -18.98 24.87 29.84
N THR A 862 -20.30 25.07 29.84
CA THR A 862 -20.87 26.41 29.76
C THR A 862 -20.81 27.17 31.08
N ASN A 863 -20.33 26.53 32.15
CA ASN A 863 -20.21 27.09 33.49
C ASN A 863 -21.55 27.44 34.13
N LEU A 864 -22.66 26.96 33.57
CA LEU A 864 -23.92 27.02 34.28
C LEU A 864 -23.89 26.03 35.44
N ASP A 865 -24.69 26.31 36.47
CA ASP A 865 -24.54 25.61 37.74
C ASP A 865 -24.79 24.11 37.60
N LYS A 866 -26.04 23.73 37.39
CA LYS A 866 -26.47 22.35 37.12
C LYS A 866 -27.98 22.38 36.94
N ASP A 867 -28.53 21.26 36.49
CA ASP A 867 -29.96 21.08 36.29
C ASP A 867 -30.57 22.10 35.34
N THR A 868 -29.72 22.85 34.63
CA THR A 868 -30.22 23.91 33.75
C THR A 868 -30.95 23.28 32.57
N PRO A 869 -32.18 23.71 32.27
CA PRO A 869 -32.92 23.11 31.16
C PRO A 869 -32.17 23.28 29.84
N ALA A 870 -32.30 22.27 28.97
CA ALA A 870 -31.55 22.25 27.73
C ALA A 870 -31.85 23.48 26.87
N ASP A 871 -33.04 24.06 27.00
CA ASP A 871 -33.41 25.25 26.26
C ASP A 871 -33.27 26.52 27.08
N ASP A 872 -32.31 26.56 28.00
CA ASP A 872 -32.01 27.79 28.73
C ASP A 872 -31.37 28.78 27.76
N PRO A 873 -31.93 29.98 27.60
CA PRO A 873 -31.37 30.93 26.61
C PRO A 873 -29.89 31.22 26.81
N GLU A 874 -29.44 31.35 28.06
CA GLU A 874 -28.02 31.54 28.31
C GLU A 874 -27.21 30.32 27.88
N LEU A 875 -27.74 29.12 28.15
CA LEU A 875 -27.06 27.90 27.74
C LEU A 875 -26.97 27.82 26.22
N LEU A 876 -28.04 28.19 25.52
CA LEU A 876 -28.02 28.19 24.06
C LEU A 876 -27.03 29.21 23.52
N LYS A 877 -27.01 30.40 24.11
CA LYS A 877 -26.08 31.44 23.67
C LYS A 877 -24.63 30.98 23.84
N ARG A 878 -24.30 30.41 25.00
CA ARG A 878 -22.94 29.97 25.23
C ARG A 878 -22.59 28.74 24.40
N LEU A 879 -23.57 27.86 24.13
CA LEU A 879 -23.31 26.75 23.23
C LEU A 879 -22.99 27.24 21.82
N GLN A 880 -23.72 28.24 21.35
CA GLN A 880 -23.43 28.81 20.05
C GLN A 880 -22.04 29.43 20.03
N GLU A 881 -21.67 30.13 21.11
CA GLU A 881 -20.32 30.66 21.21
C GLU A 881 -19.28 29.55 21.17
N ILE A 882 -19.55 28.44 21.83
CA ILE A 882 -18.62 27.32 21.87
C ILE A 882 -18.45 26.71 20.48
N LEU A 883 -19.55 26.58 19.74
CA LEU A 883 -19.49 25.97 18.41
C LEU A 883 -18.62 26.77 17.46
N ARG A 884 -18.74 28.11 17.50
CA ARG A 884 -18.00 28.97 16.58
C ARG A 884 -16.50 28.91 16.79
N ASP A 885 -16.03 28.38 17.91
CA ASP A 885 -14.61 28.25 18.21
C ASP A 885 -14.17 26.81 18.03
N ASN A 886 -13.00 26.62 17.41
CA ASN A 886 -12.45 25.29 17.22
C ASN A 886 -11.77 24.74 18.45
N ASN A 887 -11.48 25.58 19.45
CA ASN A 887 -10.81 25.13 20.67
C ASN A 887 -11.79 24.88 21.82
N LYS A 888 -12.80 25.74 21.98
CA LYS A 888 -13.78 25.52 23.04
C LYS A 888 -14.66 24.31 22.72
N SER A 889 -15.11 24.20 21.47
CA SER A 889 -15.82 23.00 21.05
C SER A 889 -14.92 21.78 21.02
N GLY A 890 -13.60 21.98 21.06
CA GLY A 890 -12.69 20.87 21.21
C GLY A 890 -12.66 20.31 22.62
N ILE A 891 -12.93 21.15 23.62
CA ILE A 891 -13.06 20.65 24.98
C ILE A 891 -14.48 20.19 25.26
N LEU A 892 -15.48 20.76 24.59
CA LEU A 892 -16.84 20.26 24.74
C LEU A 892 -16.96 18.83 24.24
N ASP A 893 -16.33 18.54 23.10
CA ASP A 893 -16.37 17.21 22.52
C ASP A 893 -15.45 16.22 23.24
N ALA A 894 -14.60 16.69 24.14
CA ALA A 894 -13.76 15.82 24.95
C ALA A 894 -14.36 15.52 26.31
N VAL A 895 -15.04 16.49 26.91
CA VAL A 895 -15.69 16.25 28.20
C VAL A 895 -16.87 15.31 28.05
N THR A 896 -17.70 15.54 27.03
CA THR A 896 -18.88 14.69 26.82
C THR A 896 -18.46 13.29 26.41
N SER A 897 -17.40 13.18 25.60
CA SER A 897 -16.91 11.88 25.18
C SER A 897 -16.49 11.04 26.38
N SER A 898 -15.85 11.66 27.36
CA SER A 898 -15.43 10.93 28.56
C SER A 898 -16.63 10.37 29.31
N LYS A 899 -17.66 11.18 29.50
CA LYS A 899 -18.84 10.71 30.23
C LYS A 899 -19.57 9.61 29.48
N VAL A 900 -19.73 9.76 28.17
CA VAL A 900 -20.45 8.72 27.44
C VAL A 900 -19.61 7.44 27.36
N ASN A 901 -18.28 7.57 27.32
CA ASN A 901 -17.44 6.38 27.38
C ASN A 901 -17.49 5.72 28.74
N ALA A 902 -17.64 6.49 29.81
CA ALA A 902 -17.84 5.91 31.13
C ALA A 902 -19.15 5.13 31.18
N ILE A 903 -20.21 5.70 30.61
CA ILE A 903 -21.48 4.98 30.54
C ILE A 903 -21.34 3.69 29.73
N THR A 904 -20.63 3.76 28.61
CA THR A 904 -20.38 2.58 27.80
C THR A 904 -19.62 1.52 28.59
N SER A 905 -18.62 1.94 29.36
CA SER A 905 -17.84 1.00 30.16
C SER A 905 -18.71 0.36 31.25
N GLN A 906 -19.61 1.12 31.85
CA GLN A 906 -20.55 0.55 32.81
C GLN A 906 -21.41 -0.51 32.15
N VAL A 907 -21.94 -0.20 30.97
CA VAL A 907 -22.82 -1.14 30.27
C VAL A 907 -22.07 -2.42 29.96
N VAL A 908 -20.83 -2.30 29.45
CA VAL A 908 -20.05 -3.48 29.08
C VAL A 908 -19.69 -4.29 30.31
N SER A 909 -19.33 -3.63 31.41
CA SER A 909 -19.00 -4.35 32.63
C SER A 909 -20.20 -5.12 33.17
N LYS A 910 -21.39 -4.52 33.07
CA LYS A 910 -22.59 -5.17 33.62
C LYS A 910 -23.10 -6.30 32.73
N CYS A 911 -23.04 -6.13 31.41
CA CYS A 911 -23.80 -6.99 30.50
C CYS A 911 -22.97 -8.07 29.82
N VAL A 912 -21.72 -8.26 30.19
CA VAL A 912 -20.94 -9.38 29.64
C VAL A 912 -19.81 -9.71 30.61
N PRO A 913 -19.60 -10.99 30.95
CA PRO A 913 -20.30 -12.19 30.46
C PRO A 913 -21.55 -12.54 31.25
N ASP A 914 -21.96 -11.69 32.19
CA ASP A 914 -23.08 -12.03 33.06
C ASP A 914 -24.40 -12.06 32.30
N GLY A 915 -24.66 -11.04 31.49
CA GLY A 915 -25.94 -10.95 30.81
C GLY A 915 -26.09 -11.80 29.57
N THR A 916 -25.04 -12.50 29.15
CA THR A 916 -25.11 -13.30 27.93
C THR A 916 -26.04 -14.49 28.13
N MET A 917 -26.77 -14.83 27.07
CA MET A 917 -27.65 -16.00 27.14
C MET A 917 -26.84 -17.29 27.12
N LYS A 918 -25.84 -17.37 26.26
CA LYS A 918 -24.92 -18.50 26.21
C LYS A 918 -23.58 -18.08 26.77
N LYS A 919 -22.97 -18.96 27.55
CA LYS A 919 -21.73 -18.66 28.26
C LYS A 919 -20.55 -19.39 27.63
N PHE A 920 -19.37 -18.82 27.82
CA PHE A 920 -18.14 -19.50 27.45
C PHE A 920 -18.03 -20.79 28.26
N PRO A 921 -17.56 -21.90 27.66
CA PRO A 921 -17.05 -22.05 26.29
C PRO A 921 -18.12 -22.33 25.24
N CYS A 922 -19.38 -22.49 25.63
CA CYS A 922 -20.41 -22.77 24.63
C CYS A 922 -20.61 -21.60 23.68
N ASN A 923 -20.55 -20.38 24.19
CA ASN A 923 -20.69 -19.19 23.36
C ASN A 923 -19.44 -19.04 22.50
N SER A 924 -19.55 -19.37 21.21
CA SER A 924 -18.37 -19.39 20.35
C SER A 924 -17.86 -18.00 20.04
N MET A 925 -18.73 -16.99 20.04
CA MET A 925 -18.28 -15.62 19.87
C MET A 925 -17.29 -15.25 20.97
N GLN A 926 -17.68 -15.46 22.23
CA GLN A 926 -16.76 -15.22 23.33
C GLN A 926 -15.61 -16.22 23.33
N ALA A 927 -15.86 -17.45 22.87
CA ALA A 927 -14.79 -18.44 22.84
C ALA A 927 -13.64 -18.00 21.95
N MET A 928 -13.96 -17.46 20.77
CA MET A 928 -12.92 -17.00 19.85
C MET A 928 -12.50 -15.56 20.10
N ALA A 929 -13.23 -14.80 20.92
CA ALA A 929 -12.78 -13.46 21.28
C ALA A 929 -11.84 -13.47 22.47
N LEU A 930 -12.08 -14.34 23.46
CA LEU A 930 -11.20 -14.44 24.60
C LEU A 930 -9.90 -15.16 24.25
N SER A 931 -9.98 -16.22 23.47
CA SER A 931 -8.80 -17.03 23.16
C SER A 931 -7.85 -16.33 22.20
N GLY A 932 -8.27 -15.23 21.57
CA GLY A 932 -7.42 -14.55 20.62
C GLY A 932 -7.46 -15.12 19.22
N ALA A 933 -8.33 -16.09 18.95
CA ALA A 933 -8.43 -16.64 17.60
C ALA A 933 -8.83 -15.58 16.59
N LYS A 934 -9.82 -14.76 16.94
CA LYS A 934 -10.24 -13.67 16.08
C LYS A 934 -11.17 -12.76 16.87
N GLY A 935 -10.96 -11.45 16.72
CA GLY A 935 -11.81 -10.48 17.38
C GLY A 935 -11.20 -9.99 18.68
N SER A 936 -11.98 -9.13 19.35
CA SER A 936 -11.56 -8.52 20.60
C SER A 936 -12.79 -8.37 21.50
N ASN A 937 -12.57 -7.80 22.68
CA ASN A 937 -13.69 -7.56 23.58
C ASN A 937 -14.56 -6.40 23.12
N VAL A 938 -13.95 -5.39 22.48
CA VAL A 938 -14.75 -4.27 21.99
C VAL A 938 -15.68 -4.71 20.87
N ASN A 939 -15.25 -5.67 20.05
CA ASN A 939 -16.12 -6.17 18.98
C ASN A 939 -17.37 -6.83 19.56
N VAL A 940 -17.20 -7.72 20.53
CA VAL A 940 -18.37 -8.37 21.11
C VAL A 940 -19.20 -7.38 21.91
N SER A 941 -18.56 -6.34 22.48
CA SER A 941 -19.32 -5.30 23.15
C SER A 941 -20.21 -4.55 22.18
N GLN A 942 -19.67 -4.19 21.01
CA GLN A 942 -20.47 -3.51 19.99
C GLN A 942 -21.57 -4.42 19.46
N ILE A 943 -21.27 -5.71 19.29
CA ILE A 943 -22.26 -6.65 18.80
C ILE A 943 -23.40 -6.83 19.80
N MET A 944 -23.07 -6.88 21.09
CA MET A 944 -24.03 -7.33 22.10
C MET A 944 -24.50 -6.26 23.07
N CYS A 945 -23.75 -5.17 23.27
CA CYS A 945 -24.13 -4.16 24.25
C CYS A 945 -24.48 -2.82 23.60
N LEU A 946 -23.55 -2.21 22.88
CA LEU A 946 -23.79 -0.95 22.19
C LEU A 946 -22.55 -0.60 21.37
N LEU A 947 -22.75 0.25 20.36
CA LEU A 947 -21.62 0.72 19.56
C LEU A 947 -20.80 1.76 20.29
N GLY A 948 -21.43 2.60 21.08
CA GLY A 948 -20.74 3.64 21.81
C GLY A 948 -20.49 4.88 20.99
N GLN A 949 -19.74 5.80 21.59
CA GLN A 949 -19.47 7.09 20.96
C GLN A 949 -18.66 6.92 19.67
N GLN A 950 -19.08 7.62 18.63
CA GLN A 950 -18.37 7.63 17.35
C GLN A 950 -17.44 8.83 17.32
N ALA A 951 -16.15 8.57 17.14
CA ALA A 951 -15.11 9.59 17.21
C ALA A 951 -14.63 9.93 15.80
N LEU A 952 -14.73 11.21 15.43
CA LEU A 952 -14.26 11.70 14.14
C LEU A 952 -12.98 12.49 14.38
N GLU A 953 -11.84 11.84 14.10
CA GLU A 953 -10.52 12.46 14.28
C GLU A 953 -10.32 12.94 15.71
N GLY A 954 -10.78 12.15 16.68
CA GLY A 954 -10.67 12.49 18.08
C GLY A 954 -11.80 13.34 18.63
N ARG A 955 -12.61 13.93 17.76
CA ARG A 955 -13.74 14.76 18.16
C ARG A 955 -15.04 13.98 17.96
N ARG A 956 -16.15 14.65 18.22
CA ARG A 956 -17.46 14.08 17.96
C ARG A 956 -17.90 14.43 16.54
N VAL A 957 -19.17 14.20 16.25
CA VAL A 957 -19.71 14.42 14.91
C VAL A 957 -19.62 15.89 14.55
N PRO A 958 -19.27 16.25 13.32
CA PRO A 958 -19.21 17.67 12.94
C PRO A 958 -20.57 18.33 13.03
N VAL A 959 -20.55 19.66 13.15
CA VAL A 959 -21.74 20.46 13.34
C VAL A 959 -21.88 21.42 12.17
N MET A 960 -23.11 21.64 11.73
CA MET A 960 -23.38 22.60 10.65
C MET A 960 -23.25 24.02 11.19
N VAL A 961 -23.36 24.99 10.27
CA VAL A 961 -23.33 26.39 10.66
C VAL A 961 -24.50 26.72 11.58
N SER A 962 -25.67 26.14 11.30
CA SER A 962 -26.85 26.40 12.12
C SER A 962 -26.75 25.83 13.52
N GLY A 963 -25.75 25.00 13.80
CA GLY A 963 -25.64 24.35 15.08
C GLY A 963 -26.29 22.99 15.16
N LYS A 964 -26.75 22.44 14.04
CA LYS A 964 -27.37 21.13 14.00
C LYS A 964 -26.33 20.10 13.60
N THR A 965 -26.26 19.01 14.35
CA THR A 965 -25.40 17.89 13.97
C THR A 965 -26.00 17.08 12.83
N LEU A 966 -27.29 17.23 12.60
CA LEU A 966 -28.02 16.49 11.57
C LEU A 966 -29.34 17.21 11.33
N PRO A 967 -29.97 17.00 10.17
CA PRO A 967 -31.27 17.67 9.94
C PRO A 967 -32.34 17.31 10.95
N SER A 968 -32.28 16.12 11.54
CA SER A 968 -33.30 15.63 12.45
C SER A 968 -33.07 16.07 13.90
N PHE A 969 -32.02 16.84 14.19
CA PHE A 969 -31.70 17.29 15.54
C PHE A 969 -31.84 18.80 15.60
N LYS A 970 -32.54 19.29 16.63
CA LYS A 970 -32.71 20.71 16.81
C LYS A 970 -31.36 21.37 17.08
N PRO A 971 -31.22 22.65 16.75
CA PRO A 971 -29.92 23.32 16.91
C PRO A 971 -29.43 23.28 18.35
N TYR A 972 -28.14 23.00 18.51
CA TYR A 972 -27.47 22.95 19.81
C TYR A 972 -28.22 22.03 20.78
N GLU A 973 -28.59 20.85 20.31
CA GLU A 973 -29.29 19.89 21.15
C GLU A 973 -28.30 19.21 22.09
N THR A 974 -28.57 19.29 23.39
CA THR A 974 -27.70 18.70 24.40
C THR A 974 -28.07 17.23 24.61
N ASP A 975 -27.72 16.42 23.61
CA ASP A 975 -27.99 14.99 23.63
C ASP A 975 -26.74 14.23 23.26
N ALA A 976 -26.52 13.10 23.93
CA ALA A 976 -25.40 12.23 23.55
C ALA A 976 -25.61 11.65 22.15
N MET A 977 -26.85 11.26 21.84
CA MET A 977 -27.15 10.72 20.52
C MET A 977 -26.93 11.78 19.44
N ALA A 978 -27.27 13.03 19.72
CA ALA A 978 -27.05 14.10 18.75
C ALA A 978 -25.57 14.26 18.43
N GLY A 979 -24.71 14.13 19.44
CA GLY A 979 -23.29 14.25 19.23
C GLY A 979 -22.61 13.05 18.63
N GLY A 980 -23.30 11.91 18.55
CA GLY A 980 -22.73 10.74 17.91
C GLY A 980 -22.58 9.53 18.82
N TYR A 981 -23.41 9.45 19.85
CA TYR A 981 -23.36 8.33 20.79
C TYR A 981 -24.40 7.30 20.36
N VAL A 982 -23.93 6.18 19.83
CA VAL A 982 -24.81 5.12 19.34
C VAL A 982 -25.10 4.18 20.50
N LYS A 983 -26.35 4.15 20.96
CA LYS A 983 -26.78 3.21 21.97
C LYS A 983 -27.19 1.87 21.38
N GLY A 984 -27.38 1.80 20.07
CA GLY A 984 -27.75 0.56 19.43
C GLY A 984 -26.58 -0.38 19.28
N ARG A 985 -26.91 -1.60 18.90
CA ARG A 985 -25.93 -2.66 18.72
C ARG A 985 -26.18 -3.36 17.40
N PHE A 986 -25.14 -4.04 16.90
CA PHE A 986 -25.26 -4.73 15.63
C PHE A 986 -26.21 -5.92 15.70
N TYR A 987 -26.56 -6.38 16.90
CA TYR A 987 -27.54 -7.45 17.03
C TYR A 987 -28.94 -6.95 16.74
N SER A 988 -29.31 -5.79 17.27
CA SER A 988 -30.64 -5.24 17.09
C SER A 988 -30.69 -4.09 16.09
N GLY A 989 -29.59 -3.78 15.41
CA GLY A 989 -29.57 -2.71 14.44
C GLY A 989 -29.43 -1.35 15.09
N ILE A 990 -29.20 -0.35 14.23
CA ILE A 990 -28.99 1.02 14.69
C ILE A 990 -29.92 1.96 13.91
N LYS A 991 -30.26 3.07 14.56
CA LYS A 991 -31.19 4.03 13.98
C LYS A 991 -30.53 4.80 12.85
N PRO A 992 -31.35 5.43 11.97
CA PRO A 992 -30.76 6.13 10.82
C PRO A 992 -29.73 7.20 11.19
N GLN A 993 -29.96 7.98 12.25
CA GLN A 993 -28.96 8.94 12.69
C GLN A 993 -27.68 8.23 13.14
N GLU A 994 -27.83 7.17 13.94
CA GLU A 994 -26.69 6.37 14.36
C GLU A 994 -26.02 5.72 13.16
N TYR A 995 -26.82 5.30 12.18
CA TYR A 995 -26.27 4.75 10.94
C TYR A 995 -25.41 5.78 10.23
N TYR A 996 -25.89 7.02 10.15
CA TYR A 996 -25.14 8.09 9.49
C TYR A 996 -23.83 8.37 10.20
N PHE A 997 -23.88 8.46 11.54
CA PHE A 997 -22.66 8.72 12.30
C PHE A 997 -21.66 7.57 12.16
N HIS A 998 -22.15 6.33 12.19
CA HIS A 998 -21.27 5.18 12.01
C HIS A 998 -20.68 5.17 10.61
N CYS A 999 -21.43 5.61 9.61
CA CYS A 999 -20.88 5.75 8.27
C CYS A 999 -19.78 6.79 8.22
N MET A 1000 -19.97 7.91 8.92
CA MET A 1000 -18.90 8.91 9.03
C MET A 1000 -17.64 8.28 9.61
N ALA A 1001 -17.78 7.56 10.71
CA ALA A 1001 -16.62 6.95 11.37
C ALA A 1001 -15.94 5.94 10.45
N GLY A 1002 -16.72 5.10 9.76
CA GLY A 1002 -16.13 4.12 8.88
C GLY A 1002 -15.42 4.74 7.70
N ARG A 1003 -16.00 5.80 7.13
CA ARG A 1003 -15.33 6.51 6.04
C ARG A 1003 -14.02 7.13 6.51
N GLU A 1004 -14.02 7.74 7.70
CA GLU A 1004 -12.78 8.29 8.24
C GLU A 1004 -11.74 7.20 8.44
N GLY A 1005 -12.17 6.03 8.92
CA GLY A 1005 -11.24 4.93 9.07
C GLY A 1005 -10.64 4.49 7.76
N LEU A 1006 -11.46 4.39 6.71
CA LEU A 1006 -10.94 4.00 5.39
C LEU A 1006 -9.99 5.05 4.85
N ILE A 1007 -10.30 6.33 5.05
CA ILE A 1007 -9.42 7.40 4.58
C ILE A 1007 -8.08 7.32 5.29
N ASP A 1008 -8.10 7.12 6.62
CA ASP A 1008 -6.85 6.98 7.35
C ASP A 1008 -6.06 5.76 6.87
N THR A 1009 -6.75 4.64 6.64
CA THR A 1009 -6.07 3.44 6.16
C THR A 1009 -5.38 3.70 4.83
N ALA A 1010 -6.07 4.38 3.90
CA ALA A 1010 -5.46 4.68 2.61
C ALA A 1010 -4.28 5.64 2.77
N VAL A 1011 -4.41 6.65 3.62
CA VAL A 1011 -3.36 7.67 3.74
C VAL A 1011 -2.18 7.20 4.58
N LYS A 1012 -2.36 6.17 5.42
CA LYS A 1012 -1.25 5.72 6.27
C LYS A 1012 -0.20 4.96 5.46
N THR A 1013 -0.65 4.13 4.51
CA THR A 1013 0.29 3.36 3.70
C THR A 1013 1.20 4.26 2.87
N SER A 1014 0.63 5.32 2.28
CA SER A 1014 1.42 6.24 1.48
C SER A 1014 2.36 7.09 2.32
N ARG A 1015 2.13 7.19 3.63
CA ARG A 1015 2.89 8.08 4.49
C ARG A 1015 4.11 7.42 5.12
N SER A 1016 4.36 6.13 4.85
CA SER A 1016 5.43 5.41 5.53
C SER A 1016 6.51 4.87 4.61
N GLY A 1017 6.27 4.78 3.30
CA GLY A 1017 7.27 4.17 2.43
C GLY A 1017 8.53 5.00 2.31
N TYR A 1018 8.40 6.32 2.29
CA TYR A 1018 9.57 7.18 2.08
C TYR A 1018 10.53 7.11 3.26
N LEU A 1019 10.00 6.99 4.48
CA LEU A 1019 10.87 6.85 5.65
C LEU A 1019 11.74 5.60 5.54
N GLN A 1020 11.14 4.47 5.20
CA GLN A 1020 11.91 3.24 5.06
C GLN A 1020 12.87 3.32 3.90
N ARG A 1021 12.47 3.95 2.79
CA ARG A 1021 13.39 4.12 1.66
C ARG A 1021 14.62 4.92 2.06
N CYS A 1022 14.40 6.06 2.73
CA CYS A 1022 15.50 6.91 3.15
C CYS A 1022 16.42 6.19 4.12
N LEU A 1023 15.83 5.47 5.10
CA LEU A 1023 16.65 4.72 6.05
C LEU A 1023 17.44 3.61 5.37
N THR A 1024 16.81 2.87 4.45
CA THR A 1024 17.46 1.74 3.81
C THR A 1024 18.57 2.19 2.87
N LYS A 1025 18.43 3.35 2.22
CA LYS A 1025 19.44 3.75 1.25
C LYS A 1025 20.79 4.01 1.90
N GLN A 1026 20.78 4.63 3.09
CA GLN A 1026 22.02 4.97 3.77
C GLN A 1026 22.55 3.83 4.62
N LEU A 1027 21.66 3.11 5.30
CA LEU A 1027 22.04 2.06 6.23
C LEU A 1027 22.27 0.71 5.56
N GLU A 1028 22.11 0.62 4.23
CA GLU A 1028 22.25 -0.66 3.56
C GLU A 1028 23.66 -1.23 3.64
N GLY A 1029 24.67 -0.38 3.77
CA GLY A 1029 26.04 -0.85 3.82
C GLY A 1029 26.52 -1.22 5.21
N VAL A 1030 25.85 -0.67 6.23
CA VAL A 1030 26.25 -0.94 7.61
C VAL A 1030 26.08 -2.41 7.92
N HIS A 1031 27.13 -3.05 8.42
CA HIS A 1031 27.09 -4.47 8.73
C HIS A 1031 28.14 -4.78 9.79
N VAL A 1032 28.00 -5.94 10.42
CA VAL A 1032 28.94 -6.39 11.44
C VAL A 1032 30.19 -6.94 10.76
N SER A 1033 31.35 -6.50 11.22
CA SER A 1033 32.63 -6.98 10.70
C SER A 1033 33.18 -8.08 11.60
N TYR A 1034 34.23 -8.73 11.10
CA TYR A 1034 34.86 -9.82 11.86
C TYR A 1034 35.62 -9.32 13.07
N ASP A 1035 35.80 -8.01 13.21
CA ASP A 1035 36.27 -7.43 14.47
C ASP A 1035 35.15 -7.35 15.50
N ASN A 1036 33.96 -7.88 15.18
CA ASN A 1036 32.75 -7.79 15.99
C ASN A 1036 32.25 -6.35 16.13
N SER A 1037 32.92 -5.40 15.49
CA SER A 1037 32.44 -4.04 15.38
C SER A 1037 31.65 -3.88 14.08
N ILE A 1038 30.71 -2.94 14.08
CA ILE A 1038 29.87 -2.69 12.91
C ILE A 1038 30.30 -1.37 12.28
N ARG A 1039 30.43 -1.37 10.96
CA ARG A 1039 30.92 -0.21 10.25
C ARG A 1039 30.38 -0.22 8.83
N ASP A 1040 30.41 0.96 8.20
CA ASP A 1040 29.73 1.19 6.94
C ASP A 1040 30.43 0.44 5.80
N ALA A 1041 29.90 0.61 4.60
CA ALA A 1041 30.38 -0.13 3.44
C ALA A 1041 31.83 0.21 3.11
N ASP A 1042 32.18 1.49 3.18
CA ASP A 1042 33.52 1.93 2.83
C ASP A 1042 34.52 1.80 3.98
N GLY A 1043 34.08 1.30 5.13
CA GLY A 1043 34.97 1.04 6.25
C GLY A 1043 34.83 1.99 7.41
N THR A 1044 34.07 3.08 7.26
CA THR A 1044 33.94 4.06 8.33
C THR A 1044 33.23 3.44 9.53
N LEU A 1045 33.85 3.57 10.70
CA LEU A 1045 33.32 2.96 11.90
C LEU A 1045 32.08 3.71 12.39
N VAL A 1046 31.04 2.95 12.73
CA VAL A 1046 29.82 3.51 13.31
C VAL A 1046 29.65 3.09 14.77
N GLN A 1047 29.86 1.81 15.05
CA GLN A 1047 29.82 1.30 16.42
C GLN A 1047 30.98 0.34 16.61
N PHE A 1048 31.42 0.22 17.86
CA PHE A 1048 32.48 -0.70 18.21
C PHE A 1048 31.97 -2.09 18.54
N MET A 1049 30.67 -2.23 18.77
CA MET A 1049 30.04 -3.49 19.12
C MET A 1049 28.54 -3.30 19.03
N TYR A 1050 27.84 -4.28 18.47
CA TYR A 1050 26.42 -4.12 18.19
C TYR A 1050 25.66 -3.96 19.50
N GLY A 1051 25.13 -2.76 19.73
CA GLY A 1051 24.37 -2.47 20.93
C GLY A 1051 25.20 -2.37 22.19
N GLY A 1052 26.52 -2.51 22.09
CA GLY A 1052 27.37 -2.56 23.26
C GLY A 1052 27.54 -3.93 23.87
N ASP A 1053 26.85 -4.94 23.34
CA ASP A 1053 26.95 -6.30 23.85
C ASP A 1053 27.07 -7.36 22.77
N ALA A 1054 26.97 -6.98 21.49
CA ALA A 1054 27.13 -7.90 20.36
C ALA A 1054 26.11 -9.03 20.38
N ILE A 1055 24.94 -8.79 20.95
CA ILE A 1055 23.91 -9.82 21.11
C ILE A 1055 22.91 -9.69 19.97
N ASP A 1056 22.60 -10.82 19.32
CA ASP A 1056 21.55 -10.84 18.32
C ASP A 1056 20.20 -10.60 18.98
N ILE A 1057 19.36 -9.79 18.31
CA ILE A 1057 18.04 -9.51 18.85
C ILE A 1057 17.16 -10.76 18.79
N THR A 1058 17.39 -11.63 17.82
CA THR A 1058 16.58 -12.82 17.63
C THR A 1058 17.10 -14.02 18.41
N LYS A 1059 18.10 -13.82 19.27
CA LYS A 1059 18.64 -14.92 20.08
C LYS A 1059 18.74 -14.56 21.56
N GLU A 1060 18.18 -13.42 21.98
CA GLU A 1060 18.28 -12.97 23.36
C GLU A 1060 16.94 -13.03 24.08
N SER A 1061 15.97 -13.77 23.54
CA SER A 1061 14.67 -13.86 24.17
C SER A 1061 14.75 -14.57 25.52
N HIS A 1062 15.50 -15.67 25.58
CA HIS A 1062 15.61 -16.47 26.80
C HIS A 1062 16.97 -16.34 27.47
N MET A 1063 17.74 -15.32 27.13
CA MET A 1063 19.01 -15.11 27.83
C MET A 1063 18.78 -14.80 29.30
N THR A 1064 17.80 -13.95 29.61
CA THR A 1064 17.51 -13.56 30.97
C THR A 1064 16.35 -14.33 31.58
N GLN A 1065 15.79 -15.30 30.86
CA GLN A 1065 14.79 -16.20 31.42
C GLN A 1065 15.53 -17.29 32.20
N PHE A 1066 16.04 -16.87 33.37
CA PHE A 1066 16.98 -17.71 34.10
C PHE A 1066 16.28 -18.90 34.73
N GLU A 1067 15.06 -18.72 35.25
CA GLU A 1067 14.36 -19.85 35.84
C GLU A 1067 13.96 -20.87 34.77
N PHE A 1068 13.57 -20.41 33.59
CA PHE A 1068 13.28 -21.32 32.49
C PHE A 1068 14.51 -22.12 32.10
N CYS A 1069 15.68 -21.46 32.04
CA CYS A 1069 16.90 -22.15 31.65
C CYS A 1069 17.37 -23.11 32.75
N LEU A 1070 17.12 -22.76 34.01
CA LEU A 1070 17.43 -23.68 35.10
C LEU A 1070 16.56 -24.93 35.04
N ASP A 1071 15.25 -24.73 34.88
CA ASP A 1071 14.34 -25.87 34.85
C ASP A 1071 14.58 -26.79 33.66
N ASN A 1072 15.20 -26.28 32.60
CA ASN A 1072 15.55 -27.08 31.44
C ASN A 1072 17.07 -27.18 31.29
N TYR A 1073 17.78 -27.32 32.41
CA TYR A 1073 19.24 -27.27 32.38
C TYR A 1073 19.81 -28.37 31.50
N TYR A 1074 19.36 -29.61 31.69
CA TYR A 1074 19.96 -30.72 30.97
C TYR A 1074 19.62 -30.67 29.48
N ALA A 1075 18.42 -30.21 29.14
CA ALA A 1075 18.04 -30.09 27.74
C ALA A 1075 18.93 -29.08 27.02
N LEU A 1076 19.21 -27.93 27.67
CA LEU A 1076 20.10 -26.94 27.08
C LEU A 1076 21.55 -27.43 27.08
N LEU A 1077 21.93 -28.21 28.09
CA LEU A 1077 23.29 -28.75 28.15
C LEU A 1077 23.52 -29.76 27.03
N LYS A 1078 22.47 -30.44 26.60
CA LYS A 1078 22.60 -31.38 25.49
C LYS A 1078 22.97 -30.68 24.19
N LYS A 1079 22.46 -29.46 23.99
CA LYS A 1079 22.74 -28.75 22.75
C LYS A 1079 23.99 -27.87 22.83
N TYR A 1080 24.14 -27.08 23.91
CA TYR A 1080 25.31 -26.22 24.04
C TYR A 1080 26.58 -27.05 24.21
N ASN A 1081 26.54 -28.04 25.10
CA ASN A 1081 27.56 -29.10 25.18
C ASN A 1081 28.96 -28.55 25.36
N PRO A 1082 29.30 -28.05 26.55
CA PRO A 1082 30.67 -27.52 26.76
C PRO A 1082 31.76 -28.56 26.60
N SER A 1083 31.45 -29.85 26.70
CA SER A 1083 32.50 -30.87 26.67
C SER A 1083 33.19 -30.93 25.31
N ALA A 1084 32.54 -30.46 24.26
CA ALA A 1084 33.13 -30.45 22.93
C ALA A 1084 33.70 -29.09 22.54
N LEU A 1085 33.56 -28.08 23.39
CA LEU A 1085 33.94 -26.71 23.07
C LEU A 1085 35.00 -26.19 24.05
N ILE A 1086 36.00 -27.02 24.34
CA ILE A 1086 37.08 -26.62 25.22
C ILE A 1086 38.42 -26.53 24.49
N GLU A 1087 38.63 -27.34 23.45
CA GLU A 1087 39.90 -27.33 22.72
C GLU A 1087 40.11 -26.06 21.91
N HIS A 1088 39.06 -25.26 21.70
CA HIS A 1088 39.13 -24.09 20.83
C HIS A 1088 38.64 -22.85 21.55
N LEU A 1089 39.10 -22.65 22.79
CA LEU A 1089 38.63 -21.51 23.56
C LEU A 1089 39.61 -21.19 24.68
N ASP A 1090 39.49 -19.97 25.19
CA ASP A 1090 40.16 -19.53 26.41
C ASP A 1090 39.10 -19.28 27.47
N VAL A 1091 39.23 -19.94 28.61
CA VAL A 1091 38.14 -20.06 29.57
C VAL A 1091 38.32 -19.18 30.80
N GLU A 1092 39.55 -18.91 31.23
CA GLU A 1092 39.77 -18.35 32.56
C GLU A 1092 40.11 -16.86 32.56
N SER A 1093 40.76 -16.36 31.52
CA SER A 1093 41.21 -14.97 31.52
C SER A 1093 40.02 -14.00 31.54
N ALA A 1094 39.02 -14.25 30.70
CA ALA A 1094 37.85 -13.39 30.66
C ALA A 1094 37.08 -13.44 31.97
N LEU A 1095 36.97 -14.62 32.57
CA LEU A 1095 36.30 -14.75 33.86
C LEU A 1095 37.04 -13.97 34.94
N LYS A 1096 38.38 -14.06 34.97
CA LYS A 1096 39.13 -13.30 35.97
C LYS A 1096 38.96 -11.80 35.78
N TYR A 1097 39.04 -11.33 34.54
CA TYR A 1097 38.86 -9.91 34.28
C TYR A 1097 37.46 -9.47 34.68
N SER A 1098 36.46 -10.31 34.40
CA SER A 1098 35.09 -9.99 34.78
C SER A 1098 34.94 -9.91 36.30
N LYS A 1099 35.60 -10.83 37.02
CA LYS A 1099 35.57 -10.78 38.48
C LYS A 1099 36.19 -9.48 38.99
N LYS A 1100 37.34 -9.10 38.44
CA LYS A 1100 37.99 -7.86 38.85
C LYS A 1100 37.09 -6.65 38.59
N THR A 1101 36.52 -6.57 37.39
CA THR A 1101 35.67 -5.43 37.03
C THR A 1101 34.43 -5.39 37.89
N LEU A 1102 33.83 -6.56 38.17
CA LEU A 1102 32.64 -6.60 39.01
C LEU A 1102 32.96 -6.14 40.43
N LYS A 1103 34.09 -6.58 40.98
CA LYS A 1103 34.47 -6.14 42.31
C LYS A 1103 34.68 -4.64 42.36
N TYR A 1104 35.38 -4.09 41.36
CA TYR A 1104 35.62 -2.64 41.35
C TYR A 1104 34.33 -1.87 41.18
N ARG A 1105 33.45 -2.34 40.29
CA ARG A 1105 32.18 -1.66 40.07
C ARG A 1105 31.33 -1.68 41.34
N LYS A 1106 31.33 -2.79 42.07
CA LYS A 1106 30.59 -2.84 43.32
C LYS A 1106 31.21 -1.91 44.37
N LYS A 1107 32.54 -1.83 44.40
CA LYS A 1107 33.21 -0.93 45.34
C LYS A 1107 32.82 0.52 45.05
N HIS A 1108 32.83 0.90 43.78
CA HIS A 1108 32.38 2.22 43.34
C HIS A 1108 30.90 2.13 42.97
N SER A 1109 30.42 3.11 42.19
CA SER A 1109 29.05 3.18 41.67
C SER A 1109 28.04 3.62 42.70
N LYS A 1110 28.48 4.36 43.72
CA LYS A 1110 27.59 5.10 44.60
C LYS A 1110 27.67 6.60 44.37
N GLU A 1111 28.69 7.08 43.66
CA GLU A 1111 28.94 8.47 43.33
C GLU A 1111 28.43 8.77 41.93
N PRO A 1112 28.32 10.05 41.56
CA PRO A 1112 27.83 10.39 40.22
C PRO A 1112 28.72 9.82 39.12
N HIS A 1113 28.15 9.76 37.91
CA HIS A 1113 28.81 9.07 36.81
C HIS A 1113 30.06 9.79 36.35
N TYR A 1114 30.09 11.12 36.44
CA TYR A 1114 31.27 11.85 35.99
C TYR A 1114 32.45 11.65 36.94
N LYS A 1115 32.18 11.42 38.23
CA LYS A 1115 33.26 11.26 39.19
C LYS A 1115 33.95 9.91 39.07
N GLN A 1116 33.26 8.90 38.54
CA GLN A 1116 33.79 7.54 38.48
C GLN A 1116 34.94 7.49 37.48
N SER A 1117 36.17 7.46 37.98
CA SER A 1117 37.32 7.20 37.12
C SER A 1117 37.27 5.76 36.64
N VAL A 1118 37.47 5.57 35.33
CA VAL A 1118 37.31 4.25 34.70
C VAL A 1118 38.69 3.60 34.71
N LYS A 1119 39.00 2.91 35.81
CA LYS A 1119 40.24 2.15 35.89
C LYS A 1119 40.16 0.87 35.06
N TYR A 1120 39.02 0.18 35.11
CA TYR A 1120 38.83 -1.08 34.41
C TYR A 1120 37.70 -0.92 33.40
N ASP A 1121 38.00 -1.22 32.15
CA ASP A 1121 37.00 -1.21 31.10
C ASP A 1121 36.14 -2.47 31.18
N PRO A 1122 34.91 -2.41 30.64
CA PRO A 1122 34.11 -3.64 30.55
C PRO A 1122 34.82 -4.68 29.69
N VAL A 1123 34.55 -5.96 30.01
CA VAL A 1123 35.32 -7.06 29.43
C VAL A 1123 35.11 -7.14 27.93
N LEU A 1124 33.96 -6.67 27.42
CA LEU A 1124 33.70 -6.72 25.99
C LEU A 1124 34.70 -5.85 25.22
N ALA A 1125 35.21 -4.79 25.84
CA ALA A 1125 36.16 -3.92 25.15
C ALA A 1125 37.47 -4.63 24.88
N LYS A 1126 37.96 -5.44 25.82
CA LYS A 1126 39.26 -6.07 25.68
C LYS A 1126 39.18 -7.47 25.07
N TYR A 1127 38.36 -8.34 25.63
CA TYR A 1127 38.26 -9.73 25.19
C TYR A 1127 37.11 -9.89 24.21
N ASN A 1128 37.37 -10.61 23.12
CA ASN A 1128 36.35 -10.89 22.13
C ASN A 1128 35.31 -11.83 22.74
N PRO A 1129 34.04 -11.41 22.82
CA PRO A 1129 33.03 -12.28 23.46
C PRO A 1129 32.80 -13.58 22.73
N ALA A 1130 33.13 -13.66 21.45
CA ALA A 1130 32.96 -14.89 20.68
C ALA A 1130 34.12 -15.86 20.82
N LYS A 1131 35.17 -15.47 21.57
CA LYS A 1131 36.35 -16.30 21.71
C LYS A 1131 36.77 -16.51 23.16
N TYR A 1132 36.26 -15.73 24.10
CA TYR A 1132 36.65 -15.83 25.51
C TYR A 1132 35.39 -16.04 26.34
N LEU A 1133 35.24 -17.24 26.90
CA LEU A 1133 34.09 -17.54 27.74
C LEU A 1133 34.10 -16.66 28.99
N GLY A 1134 32.94 -16.08 29.31
CA GLY A 1134 32.79 -15.20 30.44
C GLY A 1134 32.80 -13.73 30.10
N SER A 1135 33.28 -13.37 28.91
CA SER A 1135 33.28 -11.97 28.46
C SER A 1135 31.87 -11.61 28.04
N VAL A 1136 31.10 -11.05 28.98
CA VAL A 1136 29.70 -10.72 28.75
C VAL A 1136 29.46 -9.29 29.19
N SER A 1137 28.29 -8.76 28.81
CA SER A 1137 27.94 -7.40 29.15
C SER A 1137 27.67 -7.27 30.65
N GLU A 1138 27.77 -6.03 31.14
CA GLU A 1138 27.62 -5.80 32.58
C GLU A 1138 26.19 -6.01 33.04
N ASN A 1139 25.21 -5.62 32.22
CA ASN A 1139 23.81 -5.83 32.61
C ASN A 1139 23.51 -7.31 32.78
N PHE A 1140 23.92 -8.12 31.80
CA PHE A 1140 23.67 -9.56 31.89
C PHE A 1140 24.35 -10.17 33.11
N GLN A 1141 25.60 -9.78 33.36
CA GLN A 1141 26.32 -10.33 34.50
C GLN A 1141 25.67 -9.92 35.81
N ASP A 1142 25.25 -8.66 35.94
CA ASP A 1142 24.61 -8.21 37.17
C ASP A 1142 23.29 -8.93 37.40
N LYS A 1143 22.50 -9.10 36.33
CA LYS A 1143 21.25 -9.83 36.47
C LYS A 1143 21.48 -11.29 36.83
N LEU A 1144 22.51 -11.92 36.23
CA LEU A 1144 22.84 -13.29 36.56
C LEU A 1144 23.25 -13.42 38.03
N GLU A 1145 24.07 -12.50 38.52
CA GLU A 1145 24.49 -12.55 39.91
C GLU A 1145 23.30 -12.34 40.84
N SER A 1146 22.41 -11.40 40.50
CA SER A 1146 21.22 -11.19 41.32
C SER A 1146 20.35 -12.44 41.36
N PHE A 1147 20.17 -13.11 40.21
CA PHE A 1147 19.38 -14.33 40.19
C PHE A 1147 20.03 -15.41 41.03
N LEU A 1148 21.33 -15.67 40.81
CA LEU A 1148 22.03 -16.68 41.58
C LEU A 1148 22.08 -16.37 43.07
N ASP A 1149 21.89 -15.10 43.44
CA ASP A 1149 21.85 -14.74 44.86
C ASP A 1149 20.47 -14.94 45.46
N LYS A 1150 19.42 -14.50 44.77
CA LYS A 1150 18.09 -14.46 45.37
C LYS A 1150 17.59 -15.85 45.77
N ASN A 1151 17.74 -16.83 44.87
CA ASN A 1151 17.22 -18.17 45.12
C ASN A 1151 18.31 -19.20 44.91
N SER A 1152 18.46 -20.10 45.88
CA SER A 1152 19.44 -21.18 45.83
C SER A 1152 18.69 -22.48 45.53
N LYS A 1153 18.99 -23.06 44.37
CA LYS A 1153 18.36 -24.32 43.95
C LYS A 1153 19.37 -25.21 43.25
N GLY A 1160 20.12 -31.80 40.28
CA GLY A 1160 21.50 -31.74 40.73
C GLY A 1160 22.31 -30.70 39.99
N VAL A 1161 21.84 -29.45 40.03
CA VAL A 1161 22.47 -28.34 39.34
C VAL A 1161 22.89 -27.32 40.38
N ASN A 1162 24.18 -26.99 40.40
CA ASN A 1162 24.72 -25.98 41.29
C ASN A 1162 24.99 -24.70 40.51
N GLU A 1163 25.23 -23.61 41.25
CA GLU A 1163 25.37 -22.30 40.62
C GLU A 1163 26.56 -22.23 39.68
N LYS A 1164 27.60 -23.01 39.94
CA LYS A 1164 28.79 -22.97 39.09
C LYS A 1164 28.49 -23.51 37.70
N LYS A 1165 27.87 -24.70 37.63
CA LYS A 1165 27.54 -25.27 36.34
C LYS A 1165 26.51 -24.42 35.61
N PHE A 1166 25.56 -23.84 36.35
CA PHE A 1166 24.56 -23.00 35.72
C PHE A 1166 25.16 -21.73 35.15
N ARG A 1167 26.10 -21.11 35.88
CA ARG A 1167 26.74 -19.92 35.35
C ARG A 1167 27.61 -20.25 34.14
N ALA A 1168 28.26 -21.41 34.14
CA ALA A 1168 29.01 -21.83 32.96
C ALA A 1168 28.09 -22.02 31.77
N LEU A 1169 26.95 -22.67 32.00
CA LEU A 1169 25.98 -22.89 30.91
C LEU A 1169 25.46 -21.56 30.37
N MET A 1170 25.13 -20.63 31.27
CA MET A 1170 24.63 -19.33 30.83
C MET A 1170 25.68 -18.55 30.07
N GLN A 1171 26.94 -18.61 30.50
CA GLN A 1171 28.00 -17.91 29.78
C GLN A 1171 28.22 -18.52 28.39
N LEU A 1172 28.13 -19.86 28.28
CA LEU A 1172 28.23 -20.47 26.96
C LEU A 1172 27.04 -20.07 26.08
N LYS A 1173 25.85 -19.98 26.67
CA LYS A 1173 24.68 -19.53 25.92
C LYS A 1173 24.86 -18.10 25.43
N TYR A 1174 25.44 -17.24 26.28
CA TYR A 1174 25.76 -15.88 25.85
C TYR A 1174 26.77 -15.89 24.71
N MET A 1175 27.80 -16.75 24.80
CA MET A 1175 28.76 -16.87 23.71
C MET A 1175 28.11 -17.32 22.42
N ARG A 1176 27.05 -18.13 22.51
CA ARG A 1176 26.35 -18.57 21.30
C ARG A 1176 25.23 -17.62 20.89
N SER A 1177 24.92 -16.61 21.68
CA SER A 1177 23.86 -15.66 21.37
C SER A 1177 24.37 -14.40 20.69
N LEU A 1178 25.61 -14.42 20.19
CA LEU A 1178 26.21 -13.24 19.60
C LEU A 1178 25.83 -13.13 18.12
N ILE A 1179 25.86 -11.90 17.63
CA ILE A 1179 25.51 -11.65 16.23
C ILE A 1179 26.70 -11.99 15.34
N ASN A 1180 26.42 -12.65 14.23
CA ASN A 1180 27.49 -13.15 13.37
C ASN A 1180 28.08 -12.01 12.55
N PRO A 1181 29.40 -12.02 12.32
CA PRO A 1181 29.99 -11.07 11.37
C PRO A 1181 29.40 -11.27 9.98
N GLY A 1182 29.17 -10.16 9.28
CA GLY A 1182 28.50 -10.18 8.00
C GLY A 1182 27.01 -9.95 8.06
N GLU A 1183 26.44 -9.80 9.25
CA GLU A 1183 25.01 -9.52 9.38
C GLU A 1183 24.68 -8.15 8.81
N ALA A 1184 23.66 -8.11 7.95
CA ALA A 1184 23.19 -6.84 7.40
C ALA A 1184 22.45 -6.06 8.48
N VAL A 1185 23.20 -5.54 9.44
CA VAL A 1185 22.59 -4.92 10.63
C VAL A 1185 21.86 -3.64 10.27
N GLY A 1186 22.42 -2.85 9.34
CA GLY A 1186 21.80 -1.59 8.98
C GLY A 1186 20.47 -1.77 8.27
N ILE A 1187 20.40 -2.72 7.34
CA ILE A 1187 19.13 -3.02 6.68
C ILE A 1187 18.10 -3.48 7.70
N ILE A 1188 18.51 -4.34 8.63
CA ILE A 1188 17.59 -4.85 9.64
C ILE A 1188 17.08 -3.71 10.52
N ALA A 1189 17.97 -2.79 10.89
CA ALA A 1189 17.55 -1.65 11.71
C ALA A 1189 16.58 -0.75 10.95
N SER A 1190 16.86 -0.49 9.67
CA SER A 1190 15.96 0.33 8.88
C SER A 1190 14.59 -0.33 8.75
N GLN A 1191 14.56 -1.64 8.54
CA GLN A 1191 13.28 -2.35 8.44
C GLN A 1191 12.54 -2.35 9.77
N SER A 1192 13.27 -2.50 10.88
CA SER A 1192 12.64 -2.54 12.19
C SER A 1192 12.20 -1.17 12.66
N VAL A 1193 12.70 -0.10 12.05
CA VAL A 1193 12.16 1.23 12.33
C VAL A 1193 11.03 1.58 11.36
N GLY A 1194 11.07 1.07 10.13
CA GLY A 1194 10.06 1.38 9.15
C GLY A 1194 8.81 0.53 9.23
N GLU A 1195 8.97 -0.79 9.28
CA GLU A 1195 7.80 -1.67 9.29
C GLU A 1195 6.89 -1.43 10.49
N PRO A 1196 7.38 -1.30 11.72
CA PRO A 1196 6.49 -0.92 12.82
C PRO A 1196 5.85 0.45 12.66
N SER A 1197 6.43 1.33 11.84
CA SER A 1197 5.81 2.62 11.59
C SER A 1197 4.60 2.51 10.67
N THR A 1198 4.32 1.32 10.13
CA THR A 1198 3.08 1.13 9.39
C THR A 1198 1.88 1.14 10.33
N GLN A 1199 2.02 0.52 11.51
CA GLN A 1199 0.94 0.43 12.47
C GLN A 1199 0.55 1.77 13.07
N MET A 1200 1.39 2.80 12.91
CA MET A 1200 1.08 4.11 13.44
C MET A 1200 0.00 4.81 12.61
N ASN A 1214 -0.27 17.81 22.72
CA ASN A 1214 0.27 19.15 22.56
C ASN A 1214 1.55 19.16 21.76
N VAL A 1215 2.33 18.09 21.94
CA VAL A 1215 3.62 17.93 21.28
C VAL A 1215 3.43 17.04 20.06
N THR A 1216 4.30 17.21 19.06
CA THR A 1216 4.22 16.39 17.85
C THR A 1216 4.37 14.92 18.21
N LEU A 1217 3.53 14.09 17.61
CA LEU A 1217 3.41 12.70 18.02
C LEU A 1217 3.10 11.84 16.80
N GLY A 1218 3.87 10.78 16.62
CA GLY A 1218 3.65 9.83 15.56
C GLY A 1218 4.68 9.95 14.44
N ILE A 1219 4.30 9.44 13.27
CA ILE A 1219 5.16 9.40 12.09
C ILE A 1219 5.70 10.78 11.73
N PRO A 1220 4.90 11.86 11.76
CA PRO A 1220 5.50 13.18 11.50
C PRO A 1220 6.67 13.50 12.42
N ARG A 1221 6.57 13.12 13.69
CA ARG A 1221 7.70 13.30 14.61
C ARG A 1221 8.93 12.57 14.08
N LEU A 1222 8.76 11.32 13.63
CA LEU A 1222 9.85 10.62 12.98
C LEU A 1222 10.36 11.41 11.77
N ARG A 1223 9.44 11.97 11.00
CA ARG A 1223 9.83 12.79 9.86
C ARG A 1223 10.71 13.94 10.30
N GLU A 1224 10.44 14.51 11.48
CA GLU A 1224 11.30 15.56 12.01
C GLU A 1224 12.68 15.02 12.37
N ILE A 1225 12.74 13.82 12.94
CA ILE A 1225 14.00 13.33 13.50
C ILE A 1225 14.90 12.76 12.42
N VAL A 1226 14.42 11.70 11.75
CA VAL A 1226 15.28 10.95 10.85
C VAL A 1226 15.41 11.66 9.51
N MET A 1227 14.28 12.02 8.90
CA MET A 1227 14.29 12.47 7.51
C MET A 1227 14.89 13.86 7.36
N THR A 1228 14.51 14.79 8.23
CA THR A 1228 14.88 16.19 8.05
C THR A 1228 15.97 16.68 9.00
N ALA A 1229 16.11 16.07 10.18
CA ALA A 1229 17.02 16.55 11.22
C ALA A 1229 16.79 18.03 11.49
N SER A 1230 15.53 18.37 11.75
CA SER A 1230 15.12 19.76 11.87
C SER A 1230 15.63 20.35 13.17
N ALA A 1231 16.51 21.34 13.06
CA ALA A 1231 16.80 22.20 14.21
C ALA A 1231 15.56 23.01 14.58
N ALA A 1232 14.79 23.42 13.57
CA ALA A 1232 13.51 24.10 13.78
C ALA A 1232 12.42 23.06 14.00
N ILE A 1233 12.47 22.45 15.18
CA ILE A 1233 11.44 21.49 15.55
C ILE A 1233 10.10 22.21 15.69
N LYS A 1234 9.03 21.56 15.24
CA LYS A 1234 7.73 22.23 15.14
C LYS A 1234 7.23 22.65 16.52
N THR A 1235 7.32 21.76 17.50
CA THR A 1235 6.86 22.02 18.88
C THR A 1235 7.97 21.63 19.85
N PRO A 1236 8.96 22.50 20.05
CA PRO A 1236 10.02 22.19 21.02
C PRO A 1236 9.49 22.17 22.44
N GLN A 1237 10.11 21.32 23.25
CA GLN A 1237 9.78 21.23 24.67
C GLN A 1237 11.05 21.07 25.46
N MET A 1238 10.95 21.33 26.77
CA MET A 1238 12.08 21.17 27.67
C MET A 1238 11.56 20.69 29.02
N THR A 1239 12.26 19.71 29.59
CA THR A 1239 11.89 19.09 30.85
C THR A 1239 12.85 19.55 31.93
N LEU A 1240 12.31 19.99 33.07
CA LEU A 1240 13.08 20.54 34.16
C LEU A 1240 12.77 19.76 35.43
N PRO A 1241 13.77 19.16 36.09
CA PRO A 1241 13.50 18.52 37.39
C PRO A 1241 13.28 19.57 38.47
N ILE A 1242 12.77 19.09 39.60
CA ILE A 1242 12.39 19.95 40.72
C ILE A 1242 13.06 19.45 41.99
N TRP A 1243 13.75 20.36 42.69
CA TRP A 1243 14.28 20.03 44.00
C TRP A 1243 13.15 19.71 44.96
N ASN A 1244 13.36 18.70 45.80
CA ASN A 1244 12.35 18.33 46.79
C ASN A 1244 12.08 19.45 47.79
N ASP A 1245 12.99 20.42 47.90
CA ASP A 1245 12.79 21.53 48.82
C ASP A 1245 11.59 22.39 48.41
N VAL A 1246 11.45 22.67 47.12
CA VAL A 1246 10.40 23.56 46.66
C VAL A 1246 9.04 22.89 46.79
N SER A 1247 8.00 23.69 46.97
CA SER A 1247 6.64 23.22 47.13
C SER A 1247 5.83 23.55 45.89
N ASP A 1248 4.69 22.86 45.75
CA ASP A 1248 3.85 23.06 44.57
C ASP A 1248 3.29 24.47 44.51
N GLU A 1249 3.11 25.12 45.66
CA GLU A 1249 2.68 26.51 45.66
C GLU A 1249 3.74 27.40 45.01
N GLN A 1250 5.02 27.16 45.32
CA GLN A 1250 6.10 27.87 44.64
C GLN A 1250 6.21 27.42 43.19
N ALA A 1251 5.98 26.13 42.93
CA ALA A 1251 6.12 25.61 41.57
C ALA A 1251 5.13 26.27 40.62
N ASP A 1252 3.87 26.43 41.04
CA ASP A 1252 2.86 27.03 40.18
C ASP A 1252 3.19 28.49 39.86
N THR A 1253 3.88 29.19 40.77
CA THR A 1253 4.23 30.58 40.53
C THR A 1253 5.55 30.73 39.79
N PHE A 1254 6.45 29.76 39.92
CA PHE A 1254 7.69 29.79 39.16
C PHE A 1254 7.43 29.64 37.67
N CYS A 1255 6.47 28.77 37.30
CA CYS A 1255 6.12 28.63 35.90
C CYS A 1255 5.50 29.90 35.33
N LYS A 1256 4.98 30.78 36.18
CA LYS A 1256 4.48 32.07 35.74
C LYS A 1256 5.55 33.16 35.74
N SER A 1257 6.70 32.91 36.34
CA SER A 1257 7.81 33.85 36.32
C SER A 1257 8.74 33.64 35.13
N ILE A 1258 8.50 32.60 34.34
CA ILE A 1258 9.27 32.33 33.13
C ILE A 1258 8.44 32.45 31.87
N SER A 1259 7.18 32.01 31.93
CA SER A 1259 6.31 32.06 30.77
C SER A 1259 6.17 33.49 30.24
N LYS A 1260 6.21 33.62 28.91
CA LYS A 1260 6.16 34.93 28.28
C LYS A 1260 4.80 35.58 28.51
N VAL A 1261 4.79 36.90 28.51
CA VAL A 1261 3.58 37.70 28.67
C VAL A 1261 3.61 38.81 27.62
N LEU A 1262 2.78 38.68 26.60
CA LEU A 1262 2.64 39.76 25.63
C LEU A 1262 1.85 40.91 26.24
N LEU A 1263 2.09 42.12 25.72
CA LEU A 1263 1.35 43.29 26.18
C LEU A 1263 -0.14 43.14 25.93
N SER A 1264 -0.52 42.41 24.88
CA SER A 1264 -1.92 42.24 24.54
C SER A 1264 -2.68 41.41 25.57
N GLU A 1265 -1.99 40.58 26.36
CA GLU A 1265 -2.67 39.69 27.29
C GLU A 1265 -3.28 40.42 28.47
N VAL A 1266 -2.95 41.69 28.67
CA VAL A 1266 -3.51 42.47 29.77
C VAL A 1266 -4.43 43.59 29.28
N ILE A 1267 -4.33 43.99 28.01
CA ILE A 1267 -5.17 45.06 27.50
C ILE A 1267 -6.60 44.57 27.36
N ASP A 1268 -7.52 45.25 28.05
CA ASP A 1268 -8.94 44.94 27.85
C ASP A 1268 -9.43 45.48 26.51
N LYS A 1269 -9.06 46.72 26.18
CA LYS A 1269 -9.47 47.30 24.90
C LYS A 1269 -8.57 48.47 24.57
N VAL A 1270 -8.63 48.88 23.30
CA VAL A 1270 -7.90 50.05 22.80
C VAL A 1270 -8.89 50.93 22.07
N ILE A 1271 -8.87 52.22 22.39
CA ILE A 1271 -9.75 53.22 21.78
C ILE A 1271 -8.87 54.24 21.07
N VAL A 1272 -9.09 54.40 19.77
CA VAL A 1272 -8.35 55.36 18.97
C VAL A 1272 -9.32 56.48 18.58
N THR A 1273 -9.06 57.68 19.08
CA THR A 1273 -9.87 58.86 18.79
C THR A 1273 -9.08 59.74 17.82
N GLU A 1274 -9.42 59.64 16.54
CA GLU A 1274 -8.72 60.37 15.48
C GLU A 1274 -9.52 61.62 15.12
N THR A 1275 -8.89 62.78 15.29
CA THR A 1275 -9.47 64.06 14.88
C THR A 1275 -8.47 64.74 13.95
N THR A 1276 -8.83 64.87 12.68
CA THR A 1276 -7.97 65.46 11.67
C THR A 1276 -8.41 66.90 11.45
N GLY A 1277 -7.50 67.84 11.67
CA GLY A 1277 -7.79 69.25 11.52
C GLY A 1277 -8.80 69.79 12.51
N ALA A 1287 -2.88 69.50 11.98
CA ALA A 1287 -2.20 68.21 12.13
C ALA A 1287 -3.15 67.15 12.67
N ARG A 1288 -2.96 65.91 12.19
CA ARG A 1288 -3.79 64.81 12.66
C ARG A 1288 -3.55 64.55 14.14
N SER A 1289 -4.62 64.27 14.86
CA SER A 1289 -4.53 63.96 16.28
C SER A 1289 -4.96 62.52 16.52
N TYR A 1290 -4.47 61.95 17.62
CA TYR A 1290 -4.83 60.61 18.03
C TYR A 1290 -4.79 60.53 19.54
N VAL A 1291 -5.85 59.97 20.13
CA VAL A 1291 -5.87 59.70 21.56
C VAL A 1291 -5.88 58.19 21.74
N ILE A 1292 -4.70 57.59 21.88
CA ILE A 1292 -4.59 56.12 21.90
C ILE A 1292 -4.80 55.70 23.35
N HIS A 1293 -6.07 55.60 23.73
CA HIS A 1293 -6.42 55.17 25.08
C HIS A 1293 -6.32 53.65 25.15
N MET A 1294 -5.68 53.14 26.20
CA MET A 1294 -5.55 51.71 26.44
C MET A 1294 -6.21 51.40 27.77
N ARG A 1295 -7.28 50.61 27.74
CA ARG A 1295 -8.00 50.20 28.93
C ARG A 1295 -7.54 48.81 29.30
N PHE A 1296 -6.97 48.68 30.50
CA PHE A 1296 -6.43 47.42 31.00
C PHE A 1296 -7.46 46.70 31.87
N PHE A 1297 -7.15 45.44 32.17
CA PHE A 1297 -7.87 44.76 33.23
C PHE A 1297 -7.50 45.35 34.59
N ASP A 1298 -8.31 45.06 35.59
CA ASP A 1298 -8.06 45.57 36.93
C ASP A 1298 -6.68 45.11 37.42
N ASN A 1299 -6.05 45.96 38.23
CA ASN A 1299 -4.69 45.67 38.67
C ASN A 1299 -4.62 44.38 39.47
N ASN A 1300 -5.64 44.14 40.31
CA ASN A 1300 -5.68 42.90 41.07
C ASN A 1300 -5.80 41.67 40.19
N GLU A 1301 -6.23 41.84 38.93
CA GLU A 1301 -6.45 40.71 38.05
C GLU A 1301 -5.16 40.29 37.35
N TYR A 1302 -4.53 41.20 36.62
CA TYR A 1302 -3.30 40.85 35.92
C TYR A 1302 -2.08 40.85 36.83
N SER A 1303 -2.13 41.56 37.96
CA SER A 1303 -1.07 41.45 38.95
C SER A 1303 -1.03 40.09 39.60
N GLU A 1304 -2.10 39.30 39.46
CA GLU A 1304 -2.18 37.95 40.00
C GLU A 1304 -2.06 36.88 38.93
N GLU A 1305 -2.75 37.04 37.80
CA GLU A 1305 -2.71 36.03 36.74
C GLU A 1305 -1.32 35.92 36.14
N TYR A 1306 -0.64 37.05 35.91
CA TYR A 1306 0.68 37.05 35.31
C TYR A 1306 1.77 37.61 36.22
N ASP A 1307 1.43 38.00 37.45
CA ASP A 1307 2.39 38.55 38.40
C ASP A 1307 3.03 39.83 37.89
N VAL A 1308 2.32 40.56 37.02
CA VAL A 1308 2.83 41.77 36.40
C VAL A 1308 2.26 42.97 37.14
N SER A 1309 3.14 43.82 37.66
CA SER A 1309 2.72 44.97 38.44
C SER A 1309 2.59 46.20 37.55
N LYS A 1310 2.13 47.31 38.13
CA LYS A 1310 1.91 48.53 37.36
C LYS A 1310 3.22 49.08 36.80
N GLU A 1311 4.29 49.04 37.60
CA GLU A 1311 5.55 49.65 37.18
C GLU A 1311 6.12 48.97 35.95
N GLU A 1312 6.13 47.63 35.95
CA GLU A 1312 6.69 46.90 34.82
C GLU A 1312 5.88 47.14 33.55
N LEU A 1313 4.55 47.09 33.65
CA LEU A 1313 3.69 47.34 32.51
C LEU A 1313 3.89 48.74 31.96
N GLN A 1314 3.92 49.74 32.85
CA GLN A 1314 4.09 51.12 32.41
C GLN A 1314 5.45 51.33 31.75
N ASN A 1315 6.50 50.71 32.30
CA ASN A 1315 7.82 50.83 31.69
C ASN A 1315 7.85 50.17 30.32
N VAL A 1316 7.20 49.02 30.17
CA VAL A 1316 7.15 48.36 28.88
C VAL A 1316 6.42 49.24 27.86
N ILE A 1317 5.32 49.87 28.27
CA ILE A 1317 4.61 50.76 27.38
C ILE A 1317 5.47 51.95 26.99
N SER A 1318 6.16 52.54 27.96
CA SER A 1318 6.95 53.73 27.70
C SER A 1318 8.13 53.44 26.78
N ASN A 1319 8.79 52.30 26.97
CA ASN A 1319 10.01 51.99 26.24
C ASN A 1319 9.78 51.15 25.00
N GLN A 1320 9.01 50.07 25.10
CA GLN A 1320 8.87 49.09 24.03
C GLN A 1320 7.67 49.36 23.12
N PHE A 1321 6.49 49.56 23.69
CA PHE A 1321 5.27 49.64 22.89
C PHE A 1321 5.28 50.85 21.97
N ILE A 1322 5.64 52.02 22.49
CA ILE A 1322 5.56 53.24 21.71
C ILE A 1322 6.60 53.24 20.59
N HIS A 1323 7.79 52.70 20.86
CA HIS A 1323 8.80 52.60 19.82
C HIS A 1323 8.32 51.76 18.65
N LEU A 1324 7.76 50.58 18.93
CA LEU A 1324 7.27 49.70 17.88
C LEU A 1324 6.10 50.35 17.13
N LEU A 1325 5.20 51.01 17.87
CA LEU A 1325 4.07 51.68 17.24
C LEU A 1325 4.54 52.76 16.26
N GLU A 1326 5.49 53.60 16.71
CA GLU A 1326 5.98 54.67 15.85
C GLU A 1326 6.74 54.10 14.65
N ALA A 1327 7.52 53.04 14.86
CA ALA A 1327 8.22 52.42 13.74
C ALA A 1327 7.24 51.89 12.70
N ALA A 1328 6.18 51.22 13.16
CA ALA A 1328 5.18 50.69 12.23
C ALA A 1328 4.46 51.80 11.49
N ILE A 1329 4.11 52.89 12.20
CA ILE A 1329 3.43 54.01 11.56
C ILE A 1329 4.31 54.64 10.49
N VAL A 1330 5.58 54.87 10.83
CA VAL A 1330 6.50 55.48 9.86
C VAL A 1330 6.70 54.56 8.66
N LYS A 1331 6.79 53.25 8.91
CA LYS A 1331 6.93 52.29 7.81
C LYS A 1331 5.70 52.32 6.90
N GLU A 1332 4.50 52.35 7.49
CA GLU A 1332 3.28 52.38 6.68
C GLU A 1332 3.20 53.67 5.86
N ILE A 1333 3.53 54.80 6.47
CA ILE A 1333 3.52 56.06 5.73
C ILE A 1333 4.54 56.03 4.61
N LYS A 1334 5.73 55.49 4.89
CA LYS A 1334 6.77 55.38 3.88
C LYS A 1334 6.32 54.54 2.70
N LYS A 1335 5.61 53.43 2.97
CA LYS A 1335 5.13 52.59 1.88
C LYS A 1335 3.82 53.06 1.27
N GLN A 1336 3.18 54.09 1.84
CA GLN A 1336 1.94 54.62 1.28
C GLN A 1336 2.15 55.95 0.57
N LYS A 1337 3.38 56.45 0.49
CA LYS A 1337 3.65 57.68 -0.24
C LYS A 1337 3.45 57.53 -1.75
N ARG A 1338 3.30 56.30 -2.24
CA ARG A 1338 3.07 56.05 -3.66
C ARG A 1338 1.62 56.33 -4.04
N VAL A 1433 -17.10 57.06 32.63
CA VAL A 1433 -16.02 57.45 33.53
C VAL A 1433 -14.94 58.21 32.74
N GLU A 1434 -14.48 59.32 33.29
CA GLU A 1434 -13.52 60.20 32.63
C GLU A 1434 -12.21 60.23 33.41
N ALA A 1435 -11.11 60.09 32.70
CA ALA A 1435 -9.79 60.19 33.31
C ALA A 1435 -9.50 61.63 33.74
N ASN A 1436 -8.80 61.76 34.86
CA ASN A 1436 -8.54 63.08 35.43
C ASN A 1436 -7.52 63.84 34.60
N ASN A 1437 -7.81 65.10 34.31
CA ASN A 1437 -6.90 65.94 33.52
C ASN A 1437 -5.71 66.40 34.35
N ASN A 1438 -5.93 66.75 35.62
CA ASN A 1438 -4.88 67.29 36.47
C ASN A 1438 -3.78 66.26 36.69
N MET A 1439 -2.55 66.76 36.76
CA MET A 1439 -1.37 65.91 36.96
C MET A 1439 -0.51 66.51 38.06
N ASN A 1440 0.38 65.68 38.61
CA ASN A 1440 1.30 66.11 39.64
C ASN A 1440 2.65 66.50 39.00
N LYS A 1441 3.63 66.77 39.85
CA LYS A 1441 4.91 67.31 39.36
C LYS A 1441 5.70 66.27 38.58
N VAL A 1442 5.82 65.06 39.12
CA VAL A 1442 6.68 64.04 38.51
C VAL A 1442 6.09 63.58 37.18
N GLN A 1443 4.76 63.47 37.11
CA GLN A 1443 4.11 63.00 35.89
C GLN A 1443 4.40 63.93 34.71
N ARG A 1444 4.45 65.23 34.96
CA ARG A 1444 4.78 66.17 33.90
C ARG A 1444 6.19 65.95 33.38
N ASP A 1445 7.15 65.69 34.27
CA ASP A 1445 8.51 65.45 33.83
C ASP A 1445 8.61 64.14 33.06
N ARG A 1446 7.89 63.11 33.51
CA ARG A 1446 7.87 61.85 32.77
C ARG A 1446 7.27 62.04 31.38
N GLN A 1447 6.19 62.83 31.28
CA GLN A 1447 5.60 63.14 29.99
C GLN A 1447 6.59 63.86 29.09
N SER A 1448 7.32 64.82 29.65
CA SER A 1448 8.31 65.56 28.88
C SER A 1448 9.41 64.63 28.37
N ALA A 1449 9.88 63.72 29.23
CA ALA A 1449 10.92 62.77 28.83
C ALA A 1449 10.42 61.84 27.72
N ILE A 1450 9.19 61.34 27.85
CA ILE A 1450 8.64 60.46 26.83
C ILE A 1450 8.47 61.20 25.51
N ILE A 1451 8.04 62.46 25.57
CA ILE A 1451 7.93 63.28 24.36
C ILE A 1451 9.30 63.46 23.71
N SER A 1452 10.32 63.74 24.53
CA SER A 1452 11.66 63.99 23.99
C SER A 1452 12.26 62.74 23.36
N HIS A 1453 12.10 61.59 24.00
CA HIS A 1453 12.74 60.37 23.51
C HIS A 1453 12.07 59.85 22.24
N HIS A 1454 10.76 60.05 22.11
CA HIS A 1454 10.03 59.59 20.93
C HIS A 1454 9.87 60.74 19.93
N ARG A 1455 9.26 60.42 18.79
CA ARG A 1455 9.24 61.36 17.66
C ARG A 1455 8.02 62.28 17.70
N PHE A 1456 6.81 61.72 17.62
CA PHE A 1456 5.62 62.52 17.43
C PHE A 1456 4.56 62.21 18.49
N ILE A 1457 4.98 62.23 19.76
CA ILE A 1457 4.07 62.14 20.89
C ILE A 1457 4.04 63.49 21.60
N THR A 1458 2.84 64.02 21.83
CA THR A 1458 2.69 65.30 22.52
C THR A 1458 2.02 65.19 23.88
N LYS A 1459 1.52 64.01 24.25
CA LYS A 1459 0.95 63.80 25.57
C LYS A 1459 1.21 62.36 25.99
N TYR A 1460 1.23 62.14 27.30
CA TYR A 1460 1.38 60.80 27.84
C TYR A 1460 0.91 60.81 29.29
N ASN A 1461 0.29 59.72 29.71
CA ASN A 1461 -0.10 59.56 31.10
C ASN A 1461 -0.38 58.09 31.36
N PHE A 1462 -0.09 57.66 32.58
CA PHE A 1462 -0.39 56.32 33.04
C PHE A 1462 -1.09 56.41 34.38
N ASP A 1463 -1.98 55.45 34.64
CA ASP A 1463 -2.73 55.42 35.90
C ASP A 1463 -1.78 54.96 36.99
N ASP A 1464 -0.97 55.90 37.47
CA ASP A 1464 0.04 55.60 38.48
C ASP A 1464 -0.56 55.18 39.81
N GLU A 1465 -1.84 55.41 40.04
CA GLU A 1465 -2.50 55.01 41.28
C GLU A 1465 -3.23 53.68 41.17
N SER A 1466 -3.88 53.39 40.04
CA SER A 1466 -4.65 52.17 39.88
C SER A 1466 -4.15 51.27 38.76
N GLY A 1467 -3.50 51.82 37.75
CA GLY A 1467 -2.97 51.01 36.66
C GLY A 1467 -4.04 50.32 35.83
N LYS A 1468 -5.08 51.06 35.47
CA LYS A 1468 -6.18 50.50 34.66
C LYS A 1468 -6.42 51.27 33.37
N TRP A 1469 -5.58 52.23 33.04
CA TRP A 1469 -5.71 52.95 31.77
C TRP A 1469 -4.40 53.63 31.44
N CYS A 1470 -4.25 53.99 30.16
CA CYS A 1470 -3.07 54.68 29.68
C CYS A 1470 -3.47 55.48 28.45
N GLU A 1471 -3.48 56.81 28.57
CA GLU A 1471 -3.92 57.69 27.50
C GLU A 1471 -2.74 58.54 27.05
N PHE A 1472 -2.50 58.57 25.74
CA PHE A 1472 -1.43 59.39 25.19
C PHE A 1472 -1.81 59.87 23.80
N LYS A 1473 -1.26 61.04 23.44
CA LYS A 1473 -1.54 61.66 22.16
C LYS A 1473 -0.56 61.18 21.10
N LEU A 1474 -0.90 61.46 19.84
CA LEU A 1474 -0.06 61.04 18.72
C LEU A 1474 -0.37 61.97 17.56
N GLU A 1475 0.57 62.86 17.22
CA GLU A 1475 0.37 63.87 16.20
C GLU A 1475 1.11 63.48 14.92
N LEU A 1476 0.42 63.58 13.80
CA LEU A 1476 1.00 63.34 12.49
C LEU A 1476 0.80 64.57 11.61
N ALA A 1477 1.55 64.61 10.51
CA ALA A 1477 1.45 65.74 9.59
C ALA A 1477 0.05 65.82 9.01
N ALA A 1478 -0.46 67.05 8.86
CA ALA A 1478 -1.81 67.25 8.36
C ALA A 1478 -1.99 66.79 6.93
N ASP A 1479 -0.89 66.60 6.20
CA ASP A 1479 -0.98 66.16 4.81
C ASP A 1479 -1.31 64.67 4.70
N THR A 1480 -0.94 63.89 5.70
CA THR A 1480 -1.08 62.44 5.63
C THR A 1480 -2.54 62.03 5.48
N GLU A 1481 -2.77 61.01 4.66
CA GLU A 1481 -4.10 60.49 4.43
C GLU A 1481 -4.50 59.58 5.58
N LYS A 1482 -5.61 58.87 5.43
CA LYS A 1482 -6.16 58.08 6.52
C LYS A 1482 -5.38 56.79 6.74
N LEU A 1483 -5.11 56.49 8.00
CA LEU A 1483 -4.51 55.23 8.41
C LEU A 1483 -5.53 54.46 9.24
N LEU A 1484 -5.40 53.14 9.22
CA LEU A 1484 -6.31 52.31 10.02
C LEU A 1484 -6.17 52.62 11.50
N MET A 1485 -4.92 52.67 11.98
CA MET A 1485 -4.56 53.07 13.35
C MET A 1485 -5.19 52.18 14.41
N VAL A 1486 -5.90 51.13 14.00
CA VAL A 1486 -6.36 50.09 14.91
C VAL A 1486 -5.71 48.75 14.62
N ASN A 1487 -5.59 48.40 13.34
CA ASN A 1487 -4.80 47.23 12.98
C ASN A 1487 -3.34 47.41 13.35
N ILE A 1488 -2.82 48.63 13.26
CA ILE A 1488 -1.44 48.89 13.68
C ILE A 1488 -1.28 48.59 15.16
N VAL A 1489 -2.19 49.12 15.98
CA VAL A 1489 -2.12 48.88 17.42
C VAL A 1489 -2.33 47.42 17.73
N GLU A 1490 -3.25 46.76 17.03
CA GLU A 1490 -3.47 45.33 17.24
C GLU A 1490 -2.21 44.53 16.95
N GLU A 1491 -1.54 44.83 15.82
CA GLU A 1491 -0.32 44.12 15.48
C GLU A 1491 0.79 44.37 16.49
N ILE A 1492 0.94 45.63 16.91
CA ILE A 1492 2.04 45.97 17.82
C ILE A 1492 1.82 45.36 19.19
N CYS A 1493 0.58 45.41 19.70
CA CYS A 1493 0.31 44.92 21.05
C CYS A 1493 0.59 43.44 21.18
N ARG A 1494 0.25 42.65 20.15
CA ARG A 1494 0.53 41.23 20.19
C ARG A 1494 2.03 40.94 20.11
N LYS A 1495 2.82 41.88 19.59
CA LYS A 1495 4.26 41.71 19.47
C LYS A 1495 5.04 42.47 20.53
N SER A 1496 4.39 43.36 21.27
CA SER A 1496 5.02 44.00 22.42
C SER A 1496 5.00 43.02 23.59
N ILE A 1497 6.11 42.98 24.33
CA ILE A 1497 6.35 41.94 25.31
C ILE A 1497 6.58 42.57 26.67
N ILE A 1498 5.83 42.11 27.68
CA ILE A 1498 6.09 42.53 29.05
C ILE A 1498 7.34 41.84 29.58
N ARG A 1499 7.32 40.51 29.63
CA ARG A 1499 8.45 39.71 30.10
C ARG A 1499 8.53 38.44 29.29
N GLN A 1500 9.74 38.07 28.87
CA GLN A 1500 9.95 36.82 28.15
C GLN A 1500 11.39 36.39 28.27
N ILE A 1501 11.59 35.08 28.46
CA ILE A 1501 12.90 34.46 28.30
C ILE A 1501 13.05 34.07 26.84
N PRO A 1502 14.17 34.40 26.20
CA PRO A 1502 14.28 34.18 24.75
C PRO A 1502 14.05 32.72 24.37
N HIS A 1503 13.32 32.54 23.27
CA HIS A 1503 12.94 31.25 22.69
C HIS A 1503 11.99 30.44 23.56
N ILE A 1504 11.42 31.04 24.61
CA ILE A 1504 10.51 30.35 25.52
C ILE A 1504 9.20 31.13 25.56
N ASP A 1505 8.08 30.42 25.38
CA ASP A 1505 6.77 31.05 25.34
C ASP A 1505 5.85 30.63 26.48
N ARG A 1506 6.11 29.52 27.16
CA ARG A 1506 5.20 29.07 28.21
C ARG A 1506 5.89 27.97 29.02
N CYS A 1507 5.55 27.92 30.31
CA CYS A 1507 6.00 26.86 31.20
C CYS A 1507 4.79 26.23 31.87
N VAL A 1508 4.84 24.91 32.05
CA VAL A 1508 3.72 24.16 32.62
C VAL A 1508 4.23 23.33 33.79
N HIS A 1509 3.29 22.88 34.62
CA HIS A 1509 3.58 21.97 35.73
C HIS A 1509 2.64 20.79 35.62
N PRO A 1510 2.92 19.85 34.73
CA PRO A 1510 2.02 18.71 34.54
C PRO A 1510 2.07 17.76 35.72
N GLU A 1511 1.15 16.80 35.70
CA GLU A 1511 1.12 15.79 36.74
C GLU A 1511 2.39 14.92 36.65
N PRO A 1512 3.01 14.57 37.76
CA PRO A 1512 4.21 13.74 37.71
C PRO A 1512 3.92 12.38 37.09
N GLU A 1513 4.80 11.96 36.19
CA GLU A 1513 4.69 10.68 35.52
C GLU A 1513 5.92 9.85 35.85
N ASN A 1514 5.70 8.60 36.24
CA ASN A 1514 6.76 7.71 36.72
C ASN A 1514 7.47 8.31 37.92
N GLY A 1515 6.72 8.99 38.77
CA GLY A 1515 7.22 9.50 40.04
C GLY A 1515 7.87 10.86 40.08
N LYS A 1516 8.71 11.16 39.09
CA LYS A 1516 9.52 12.37 39.13
C LYS A 1516 8.69 13.61 38.81
N ARG A 1517 8.89 14.66 39.58
CA ARG A 1517 8.24 15.94 39.34
C ARG A 1517 8.98 16.70 38.25
N VAL A 1518 8.24 17.19 37.26
CA VAL A 1518 8.82 17.77 36.06
C VAL A 1518 8.04 19.03 35.67
N LEU A 1519 8.77 20.08 35.32
CA LEU A 1519 8.21 21.24 34.64
C LEU A 1519 8.44 21.09 33.14
N VAL A 1520 7.39 21.30 32.35
CA VAL A 1520 7.46 21.19 30.90
C VAL A 1520 7.31 22.58 30.31
N THR A 1521 8.27 23.00 29.51
CA THR A 1521 8.25 24.31 28.88
C THR A 1521 8.17 24.16 27.37
N GLU A 1522 7.48 25.12 26.73
CA GLU A 1522 7.25 25.12 25.30
C GLU A 1522 8.32 25.89 24.53
N GLY A 1523 9.54 25.94 25.06
CA GLY A 1523 10.66 26.54 24.37
C GLY A 1523 11.94 25.93 24.88
N VAL A 1524 13.04 26.28 24.24
CA VAL A 1524 14.35 25.72 24.56
C VAL A 1524 15.32 26.87 24.77
N ASN A 1525 15.72 27.08 26.02
CA ASN A 1525 16.81 28.02 26.35
C ASN A 1525 17.49 27.47 27.61
N PHE A 1526 18.54 26.68 27.40
CA PHE A 1526 19.25 26.09 28.53
C PHE A 1526 19.92 27.15 29.39
N GLN A 1527 20.50 28.17 28.76
CA GLN A 1527 21.29 29.16 29.49
C GLN A 1527 20.45 29.89 30.52
N ALA A 1528 19.17 30.16 30.21
CA ALA A 1528 18.32 30.85 31.16
C ALA A 1528 17.87 29.94 32.29
N MET A 1529 17.67 28.65 32.01
CA MET A 1529 17.32 27.70 33.06
C MET A 1529 18.52 27.38 33.95
N TRP A 1530 19.74 27.62 33.48
CA TRP A 1530 20.92 27.41 34.31
C TRP A 1530 20.94 28.35 35.49
N ASP A 1531 20.33 29.53 35.37
CA ASP A 1531 20.30 30.47 36.48
C ASP A 1531 19.51 29.93 37.67
N GLN A 1532 18.37 29.31 37.41
CA GLN A 1532 17.44 28.93 38.48
C GLN A 1532 17.88 27.60 39.11
N GLU A 1533 19.03 27.66 39.79
CA GLU A 1533 19.45 26.53 40.62
C GLU A 1533 18.50 26.31 41.78
N ALA A 1534 17.87 27.38 42.28
CA ALA A 1534 17.03 27.27 43.46
C ALA A 1534 15.83 26.36 43.21
N PHE A 1535 15.22 26.44 42.04
CA PHE A 1535 14.01 25.69 41.74
C PHE A 1535 14.27 24.47 40.87
N ILE A 1536 15.09 24.60 39.84
CA ILE A 1536 15.29 23.56 38.84
C ILE A 1536 16.63 22.87 39.09
N ASP A 1537 16.62 21.54 39.07
CA ASP A 1537 17.85 20.76 39.06
C ASP A 1537 18.45 20.87 37.67
N VAL A 1538 19.39 21.81 37.50
CA VAL A 1538 19.92 22.13 36.18
C VAL A 1538 20.66 20.96 35.56
N ASP A 1539 21.15 20.02 36.38
CA ASP A 1539 21.89 18.89 35.84
C ASP A 1539 20.99 17.84 35.19
N GLY A 1540 19.68 17.96 35.33
CA GLY A 1540 18.78 16.98 34.76
C GLY A 1540 17.83 17.53 33.72
N ILE A 1541 18.23 18.61 33.05
CA ILE A 1541 17.37 19.27 32.06
C ILE A 1541 17.50 18.50 30.75
N THR A 1542 16.54 17.65 30.45
CA THR A 1542 16.45 16.96 29.16
C THR A 1542 15.42 17.66 28.30
N SER A 1543 15.70 17.75 27.01
CA SER A 1543 14.90 18.57 26.10
C SER A 1543 14.45 17.76 24.90
N ASN A 1544 13.25 18.08 24.41
CA ASN A 1544 12.74 17.49 23.18
C ASN A 1544 13.59 17.89 21.98
N ASP A 1545 14.08 19.13 21.95
CA ASP A 1545 14.85 19.62 20.83
C ASP A 1545 16.18 18.86 20.76
N VAL A 1546 16.40 18.15 19.65
CA VAL A 1546 17.58 17.32 19.49
C VAL A 1546 18.70 18.06 18.78
N ALA A 1547 18.59 19.37 18.62
CA ALA A 1547 19.63 20.20 18.05
C ALA A 1547 20.20 21.21 19.03
N ALA A 1548 19.35 21.80 19.88
CA ALA A 1548 19.86 22.68 20.92
C ALA A 1548 20.71 21.92 21.92
N VAL A 1549 20.33 20.67 22.23
CA VAL A 1549 21.15 19.86 23.12
C VAL A 1549 22.49 19.54 22.47
N LEU A 1550 22.50 19.36 21.15
CA LEU A 1550 23.77 19.22 20.44
C LEU A 1550 24.60 20.50 20.56
N LYS A 1551 23.93 21.64 20.49
CA LYS A 1551 24.64 22.92 20.52
C LYS A 1551 25.25 23.19 21.88
N THR A 1552 24.53 22.88 22.96
CA THR A 1552 24.96 23.23 24.30
C THR A 1552 25.56 22.07 25.09
N TYR A 1553 25.19 20.83 24.77
CA TYR A 1553 25.65 19.67 25.53
C TYR A 1553 26.46 18.68 24.68
N GLY A 1554 26.93 19.10 23.52
CA GLY A 1554 27.83 18.27 22.74
C GLY A 1554 27.13 17.17 21.95
N VAL A 1555 27.97 16.29 21.42
CA VAL A 1555 27.52 15.27 20.48
C VAL A 1555 26.76 14.17 21.18
N GLU A 1556 27.36 13.58 22.23
CA GLU A 1556 26.82 12.37 22.82
C GLU A 1556 25.49 12.62 23.51
N ALA A 1557 25.32 13.80 24.11
CA ALA A 1557 24.02 14.14 24.69
C ALA A 1557 22.96 14.23 23.60
N ALA A 1558 23.33 14.79 22.44
CA ALA A 1558 22.39 14.84 21.32
C ALA A 1558 22.05 13.44 20.83
N ARG A 1559 23.03 12.54 20.82
CA ARG A 1559 22.77 11.16 20.41
C ARG A 1559 21.83 10.45 21.37
N ASN A 1560 22.04 10.65 22.67
CA ASN A 1560 21.11 10.09 23.66
C ASN A 1560 19.72 10.67 23.47
N THR A 1561 19.63 11.97 23.21
CA THR A 1561 18.34 12.61 22.97
C THR A 1561 17.68 12.03 21.73
N ILE A 1562 18.46 11.76 20.68
CA ILE A 1562 17.91 11.15 19.47
C ILE A 1562 17.32 9.79 19.79
N VAL A 1563 18.06 8.97 20.54
CA VAL A 1563 17.56 7.64 20.89
C VAL A 1563 16.28 7.75 21.69
N ASN A 1564 16.26 8.64 22.69
CA ASN A 1564 15.10 8.74 23.57
C ASN A 1564 13.89 9.29 22.83
N GLU A 1565 14.10 10.24 21.90
CA GLU A 1565 12.97 10.81 21.17
C GLU A 1565 12.43 9.84 20.15
N ILE A 1566 13.30 9.14 19.42
CA ILE A 1566 12.85 8.10 18.51
C ILE A 1566 12.34 6.88 19.26
N ASN A 1567 12.49 6.85 20.58
CA ASN A 1567 11.96 5.75 21.38
C ASN A 1567 10.51 5.99 21.81
N ASN A 1568 10.21 7.18 22.34
CA ASN A 1568 8.87 7.41 22.89
C ASN A 1568 7.81 7.63 21.81
N VAL A 1569 8.21 7.79 20.56
CA VAL A 1569 7.22 7.78 19.48
C VAL A 1569 6.62 6.39 19.35
N PHE A 1570 7.43 5.35 19.58
CA PHE A 1570 6.91 4.00 19.64
C PHE A 1570 6.29 3.66 20.99
N SER A 1571 6.61 4.43 22.04
CA SER A 1571 6.03 4.15 23.34
C SER A 1571 4.55 4.56 23.40
N ARG A 1572 4.18 5.60 22.65
CA ARG A 1572 2.79 6.01 22.61
C ARG A 1572 1.91 4.93 21.99
N TYR A 1573 2.40 4.27 20.94
CA TYR A 1573 1.65 3.24 20.25
C TYR A 1573 1.89 1.84 20.82
N ALA A 1574 2.71 1.73 21.87
CA ALA A 1574 3.01 0.46 22.51
C ALA A 1574 3.61 -0.54 21.50
N ILE A 1575 4.64 -0.09 20.80
CA ILE A 1575 5.32 -0.90 19.79
C ILE A 1575 6.71 -1.25 20.31
N SER A 1576 7.03 -2.55 20.31
CA SER A 1576 8.30 -3.03 20.83
C SER A 1576 9.34 -3.00 19.72
N VAL A 1577 10.32 -2.12 19.86
CA VAL A 1577 11.50 -2.09 18.99
C VAL A 1577 12.72 -1.99 19.88
N SER A 1578 13.67 -2.89 19.68
CA SER A 1578 14.83 -2.96 20.56
C SER A 1578 15.68 -1.71 20.42
N PHE A 1579 16.35 -1.35 21.52
CA PHE A 1579 17.25 -0.20 21.51
C PHE A 1579 18.50 -0.44 20.68
N ARG A 1580 18.76 -1.68 20.26
CA ARG A 1580 19.91 -1.94 19.41
C ARG A 1580 19.77 -1.29 18.05
N HIS A 1581 18.56 -1.33 17.48
CA HIS A 1581 18.33 -0.66 16.21
C HIS A 1581 18.41 0.85 16.38
N LEU A 1582 17.75 1.38 17.40
CA LEU A 1582 17.74 2.82 17.64
C LEU A 1582 19.14 3.33 17.93
N ASP A 1583 19.94 2.56 18.68
CA ASP A 1583 21.31 2.96 18.98
C ASP A 1583 22.13 3.08 17.70
N LEU A 1584 22.01 2.11 16.80
CA LEU A 1584 22.75 2.16 15.54
C LEU A 1584 22.29 3.35 14.69
N ILE A 1585 20.98 3.57 14.62
CA ILE A 1585 20.47 4.69 13.82
C ILE A 1585 21.02 6.00 14.37
N ALA A 1586 20.97 6.18 15.69
CA ALA A 1586 21.50 7.40 16.28
C ALA A 1586 22.99 7.55 16.02
N ASP A 1587 23.75 6.46 16.14
CA ASP A 1587 25.19 6.53 15.90
C ASP A 1587 25.49 6.86 14.45
N MET A 1588 24.63 6.44 13.53
CA MET A 1588 24.82 6.79 12.13
C MET A 1588 24.45 8.24 11.85
N MET A 1589 23.44 8.76 12.55
CA MET A 1589 23.03 10.14 12.34
C MET A 1589 24.08 11.13 12.82
N THR A 1590 24.88 10.76 13.82
CA THR A 1590 25.82 11.66 14.45
C THR A 1590 27.26 11.18 14.28
N ARG A 1591 27.55 10.52 13.15
CA ARG A 1591 28.88 9.96 12.95
C ARG A 1591 29.93 11.04 12.68
N GLN A 1592 29.51 12.19 12.16
CA GLN A 1592 30.42 13.29 11.85
C GLN A 1592 30.52 14.31 12.99
N GLY A 1593 29.87 14.04 14.11
CA GLY A 1593 29.82 14.99 15.21
C GLY A 1593 28.76 16.05 15.06
N THR A 1594 27.93 15.97 14.04
CA THR A 1594 26.83 16.89 13.80
C THR A 1594 25.53 16.11 13.80
N TYR A 1595 24.44 16.79 13.45
CA TYR A 1595 23.12 16.19 13.40
C TYR A 1595 22.75 16.01 11.93
N LEU A 1596 23.09 14.85 11.37
CA LEU A 1596 22.81 14.55 9.98
C LEU A 1596 21.46 13.88 9.83
N ALA A 1597 20.82 14.09 8.69
CA ALA A 1597 19.55 13.48 8.36
C ALA A 1597 19.75 12.36 7.36
N PHE A 1598 18.65 11.64 7.09
CA PHE A 1598 18.64 10.62 6.06
C PHE A 1598 17.93 11.20 4.83
N ASN A 1599 18.68 11.96 4.04
CA ASN A 1599 18.19 12.57 2.82
C ASN A 1599 19.40 12.88 1.93
N ARG A 1600 19.17 13.65 0.87
CA ARG A 1600 20.25 13.94 -0.08
C ARG A 1600 21.31 14.82 0.55
N GLN A 1601 20.90 15.81 1.36
CA GLN A 1601 21.88 16.68 2.00
C GLN A 1601 22.66 15.94 3.07
N GLY A 1602 22.00 15.07 3.83
CA GLY A 1602 22.70 14.28 4.83
C GLY A 1602 23.71 13.32 4.24
N MET A 1603 23.41 12.77 3.06
CA MET A 1603 24.29 11.83 2.38
C MET A 1603 25.30 12.52 1.47
N GLU A 1604 25.34 13.86 1.49
CA GLU A 1604 26.15 14.61 0.53
C GLU A 1604 27.61 14.17 0.57
N THR A 1605 28.06 13.63 1.69
CA THR A 1605 29.44 13.20 1.86
C THR A 1605 29.47 11.68 2.00
N SER A 1606 30.02 11.00 1.00
CA SER A 1606 30.18 9.55 1.03
C SER A 1606 31.12 9.15 -0.10
N THR A 1607 31.84 8.05 0.10
CA THR A 1607 32.83 7.62 -0.88
C THR A 1607 32.18 7.02 -2.12
N SER A 1608 30.97 6.46 -1.98
CA SER A 1608 30.33 5.74 -3.08
C SER A 1608 29.42 6.70 -3.84
N SER A 1609 29.78 7.00 -5.09
CA SER A 1609 28.96 7.87 -5.91
C SER A 1609 27.69 7.17 -6.39
N PHE A 1610 27.77 5.86 -6.64
CA PHE A 1610 26.62 5.16 -7.19
C PHE A 1610 25.43 5.18 -6.24
N MET A 1611 25.68 5.08 -4.93
CA MET A 1611 24.59 5.14 -3.97
C MET A 1611 23.86 6.48 -4.06
N LYS A 1612 24.60 7.58 -4.01
CA LYS A 1612 23.98 8.91 -4.04
C LYS A 1612 23.29 9.15 -5.37
N MET A 1613 23.87 8.67 -6.47
CA MET A 1613 23.21 8.77 -7.77
C MET A 1613 21.90 8.01 -7.78
N SER A 1614 21.91 6.76 -7.32
CA SER A 1614 20.72 5.94 -7.33
C SER A 1614 19.65 6.44 -6.38
N TYR A 1615 20.00 7.21 -5.35
CA TYR A 1615 18.99 7.68 -4.42
C TYR A 1615 18.08 8.72 -5.04
N GLU A 1616 18.65 9.86 -5.44
CA GLU A 1616 17.89 10.92 -6.09
C GLU A 1616 18.88 11.97 -6.59
N THR A 1617 18.39 12.84 -7.47
CA THR A 1617 19.19 13.85 -8.13
C THR A 1617 20.46 13.25 -8.72
N THR A 1618 20.26 12.34 -9.68
CA THR A 1618 21.36 11.58 -10.24
C THR A 1618 22.37 12.48 -10.93
N CYS A 1619 21.89 13.51 -11.63
CA CYS A 1619 22.78 14.31 -12.49
C CYS A 1619 23.67 15.22 -11.66
N GLN A 1620 23.15 15.81 -10.58
CA GLN A 1620 23.99 16.65 -9.73
C GLN A 1620 25.12 15.83 -9.11
N PHE A 1621 24.79 14.65 -8.59
CA PHE A 1621 25.82 13.78 -8.02
C PHE A 1621 26.80 13.32 -9.08
N LEU A 1622 26.31 13.06 -10.29
CA LEU A 1622 27.19 12.65 -11.38
C LEU A 1622 28.17 13.77 -11.75
N THR A 1623 27.67 15.01 -11.81
CA THR A 1623 28.56 16.14 -12.09
C THR A 1623 29.58 16.32 -10.99
N LYS A 1624 29.16 16.18 -9.73
CA LYS A 1624 30.09 16.31 -8.62
C LYS A 1624 31.14 15.20 -8.65
N ALA A 1625 30.74 13.99 -9.05
CA ALA A 1625 31.68 12.87 -9.09
C ALA A 1625 32.62 12.97 -10.28
N VAL A 1626 32.19 13.57 -11.38
CA VAL A 1626 33.06 13.66 -12.55
C VAL A 1626 33.96 14.89 -12.52
N LEU A 1627 33.51 15.98 -11.87
CA LEU A 1627 34.39 17.14 -11.73
C LEU A 1627 35.46 16.91 -10.68
N ASP A 1628 35.12 16.19 -9.61
CA ASP A 1628 36.12 15.79 -8.62
C ASP A 1628 36.95 14.61 -9.08
N ASN A 1629 36.62 14.03 -10.24
CA ASN A 1629 37.32 12.86 -10.77
C ASN A 1629 37.34 11.73 -9.76
N GLU A 1630 36.23 11.57 -9.05
CA GLU A 1630 36.15 10.60 -7.95
C GLU A 1630 36.21 9.18 -8.49
N ARG A 1631 36.92 8.32 -7.76
CA ARG A 1631 37.03 6.91 -8.08
C ARG A 1631 36.49 6.10 -6.91
N GLU A 1632 35.47 5.29 -7.18
CA GLU A 1632 34.82 4.50 -6.15
C GLU A 1632 35.23 3.03 -6.30
N GLN A 1633 35.46 2.38 -5.16
CA GLN A 1633 35.98 1.02 -5.13
C GLN A 1633 34.89 -0.04 -5.19
N LEU A 1634 33.65 0.36 -5.49
CA LEU A 1634 32.51 -0.56 -5.56
C LEU A 1634 32.33 -1.31 -4.23
N ASP A 1635 32.18 -0.52 -3.17
CA ASP A 1635 32.04 -1.08 -1.83
C ASP A 1635 30.62 -0.99 -1.29
N SER A 1636 29.83 -0.03 -1.75
CA SER A 1636 28.44 0.05 -1.32
C SER A 1636 27.63 -1.10 -1.90
N PRO A 1637 26.59 -1.55 -1.21
CA PRO A 1637 25.70 -2.58 -1.80
C PRO A 1637 25.06 -2.12 -3.09
N SER A 1638 24.75 -0.83 -3.21
CA SER A 1638 24.17 -0.31 -4.45
C SER A 1638 25.22 -0.17 -5.55
N ALA A 1639 26.48 0.09 -5.20
CA ALA A 1639 27.52 0.25 -6.20
C ALA A 1639 27.80 -1.07 -6.92
N ARG A 1640 27.79 -2.19 -6.19
CA ARG A 1640 28.10 -3.47 -6.81
C ARG A 1640 26.97 -3.97 -7.70
N ILE A 1641 25.74 -3.51 -7.48
CA ILE A 1641 24.64 -3.89 -8.35
C ILE A 1641 24.78 -3.26 -9.72
N VAL A 1642 25.22 -2.00 -9.76
CA VAL A 1642 25.40 -1.31 -11.04
C VAL A 1642 26.42 -2.06 -11.91
N VAL A 1643 27.52 -2.50 -11.31
CA VAL A 1643 28.55 -3.20 -12.06
C VAL A 1643 28.30 -4.71 -12.11
N GLY A 1644 27.46 -5.24 -11.22
CA GLY A 1644 27.16 -6.65 -11.22
C GLY A 1644 28.22 -7.50 -10.54
N LYS A 1645 28.44 -7.25 -9.25
CA LYS A 1645 29.40 -7.99 -8.46
C LYS A 1645 28.74 -8.56 -7.22
N LEU A 1646 29.37 -9.59 -6.65
CA LEU A 1646 28.87 -10.18 -5.42
C LEU A 1646 28.96 -9.16 -4.28
N ASN A 1647 27.99 -9.22 -3.38
CA ASN A 1647 27.89 -8.22 -2.33
C ASN A 1647 29.01 -8.42 -1.29
N ASN A 1648 29.15 -7.43 -0.41
CA ASN A 1648 30.12 -7.47 0.67
C ASN A 1648 29.47 -7.75 2.02
N VAL A 1649 28.26 -8.31 2.02
CA VAL A 1649 27.49 -8.53 3.23
C VAL A 1649 27.06 -9.98 3.28
N GLY A 1650 27.20 -10.61 4.45
CA GLY A 1650 26.76 -11.98 4.63
C GLY A 1650 27.66 -12.99 3.95
N THR A 1651 27.11 -13.70 2.97
CA THR A 1651 27.88 -14.71 2.26
C THR A 1651 28.94 -14.10 1.35
N GLY A 1652 28.91 -12.79 1.13
CA GLY A 1652 29.91 -12.14 0.31
C GLY A 1652 30.95 -11.39 1.13
N SER A 1653 31.05 -11.71 2.41
CA SER A 1653 31.99 -11.06 3.31
C SER A 1653 33.28 -11.85 3.48
N PHE A 1654 33.54 -12.81 2.60
CA PHE A 1654 34.73 -13.65 2.68
C PHE A 1654 34.93 -14.31 1.33
N ASP A 1655 35.98 -15.11 1.22
CA ASP A 1655 36.28 -15.89 0.03
C ASP A 1655 36.35 -17.37 0.39
N VAL A 1656 36.44 -18.21 -0.64
CA VAL A 1656 36.53 -19.65 -0.49
C VAL A 1656 37.73 -20.13 -1.29
N LEU A 1657 38.60 -20.90 -0.65
CA LEU A 1657 39.84 -21.39 -1.25
C LEU A 1657 39.83 -22.90 -1.24
N ALA A 1658 40.29 -23.50 -2.34
CA ALA A 1658 40.42 -24.95 -2.42
C ALA A 1658 41.80 -25.37 -1.96
N LYS A 1659 41.87 -26.56 -1.35
CA LYS A 1659 43.13 -27.12 -0.90
C LYS A 1659 43.52 -28.24 -1.85
N VAL A 1660 44.22 -27.88 -2.92
CA VAL A 1660 44.64 -28.86 -3.93
C VAL A 1660 45.78 -29.69 -3.37
N PRO A 1661 45.65 -31.03 -3.34
CA PRO A 1661 46.64 -31.86 -2.64
C PRO A 1661 48.04 -31.80 -3.24
N ASN A 1662 48.17 -31.60 -4.55
CA ASN A 1662 49.46 -31.72 -5.23
C ASN A 1662 50.00 -30.35 -5.60
N ALA A 1663 51.25 -30.09 -5.22
CA ALA A 1663 51.93 -28.85 -5.55
C ALA A 1663 52.25 -28.80 -7.04
N GLN B 10 -47.54 -11.00 11.20
CA GLN B 10 -46.30 -10.72 10.47
C GLN B 10 -46.49 -9.59 9.46
N ALA B 11 -45.54 -8.67 9.42
CA ALA B 11 -45.64 -7.49 8.57
C ALA B 11 -44.46 -7.29 7.62
N ARG B 12 -43.32 -7.93 7.86
CA ARG B 12 -42.14 -7.77 7.00
C ARG B 12 -42.23 -8.75 5.84
N THR B 13 -43.16 -8.48 4.94
CA THR B 13 -43.51 -9.40 3.87
C THR B 13 -43.17 -8.77 2.51
N ALA B 14 -42.22 -9.38 1.81
CA ALA B 14 -42.01 -9.16 0.39
C ALA B 14 -42.70 -10.26 -0.38
N ASP B 15 -42.47 -10.33 -1.69
CA ASP B 15 -43.05 -11.40 -2.48
C ASP B 15 -42.30 -11.55 -3.80
N PHE B 16 -42.15 -12.79 -4.25
CA PHE B 16 -41.71 -13.06 -5.61
C PHE B 16 -42.90 -12.87 -6.54
N ARG B 17 -42.79 -11.93 -7.48
CA ARG B 17 -43.89 -11.69 -8.42
C ARG B 17 -43.72 -12.59 -9.65
N THR B 18 -43.71 -13.90 -9.38
CA THR B 18 -43.35 -14.87 -10.42
C THR B 18 -44.33 -14.84 -11.59
N LEU B 19 -45.63 -14.92 -11.30
CA LEU B 19 -46.62 -14.85 -12.37
C LEU B 19 -46.56 -13.51 -13.08
N GLU B 20 -46.39 -12.43 -12.32
CA GLU B 20 -46.23 -11.12 -12.94
C GLU B 20 -44.94 -11.02 -13.76
N ARG B 21 -43.84 -11.54 -13.21
CA ARG B 21 -42.54 -11.37 -13.87
C ARG B 21 -42.47 -12.16 -15.17
N GLU B 22 -42.85 -13.44 -15.14
CA GLU B 22 -42.71 -14.27 -16.34
C GLU B 22 -43.63 -13.80 -17.45
N SER B 23 -44.83 -13.32 -17.10
CA SER B 23 -45.72 -12.78 -18.12
C SER B 23 -45.09 -11.57 -18.80
N ARG B 24 -44.48 -10.68 -18.03
CA ARG B 24 -43.79 -9.53 -18.61
C ARG B 24 -42.58 -9.95 -19.43
N PHE B 25 -41.94 -11.06 -19.05
CA PHE B 25 -40.87 -11.61 -19.89
C PHE B 25 -41.42 -12.07 -21.23
N ILE B 26 -42.57 -12.75 -21.21
CA ILE B 26 -43.14 -13.28 -22.45
C ILE B 26 -43.56 -12.14 -23.38
N ASN B 27 -44.31 -11.18 -22.85
CA ASN B 27 -44.83 -10.07 -23.66
C ASN B 27 -44.44 -8.75 -23.02
N PRO B 28 -43.47 -8.03 -23.59
CA PRO B 28 -43.12 -6.73 -23.05
C PRO B 28 -44.26 -5.77 -23.19
N PRO B 29 -44.37 -4.78 -22.30
CA PRO B 29 -45.45 -3.80 -22.40
C PRO B 29 -45.39 -3.04 -23.70
N LYS B 30 -46.56 -2.68 -24.22
CA LYS B 30 -46.68 -1.95 -25.47
C LYS B 30 -47.06 -0.49 -25.28
N ASP B 31 -47.21 -0.03 -24.04
CA ASP B 31 -47.54 1.36 -23.75
C ASP B 31 -46.37 2.11 -23.11
N LYS B 32 -45.86 1.60 -22.01
CA LYS B 32 -44.73 2.23 -21.31
C LYS B 32 -43.98 1.16 -20.54
N SER B 33 -42.71 1.44 -20.27
CA SER B 33 -41.90 0.52 -19.49
C SER B 33 -42.37 0.48 -18.04
N ALA B 34 -42.43 -0.72 -17.49
CA ALA B 34 -42.61 -0.86 -16.04
C ALA B 34 -41.35 -0.35 -15.34
N PHE B 35 -41.41 -0.30 -14.02
CA PHE B 35 -40.33 0.26 -13.21
C PHE B 35 -40.05 1.69 -13.64
N PRO B 36 -40.97 2.64 -13.40
CA PRO B 36 -40.70 4.03 -13.78
C PRO B 36 -39.52 4.64 -13.06
N LEU B 37 -39.12 4.09 -11.91
CA LEU B 37 -37.99 4.63 -11.17
C LEU B 37 -36.67 4.39 -11.89
N LEU B 38 -36.60 3.40 -12.79
CA LEU B 38 -35.39 3.16 -13.54
C LEU B 38 -35.15 4.23 -14.60
N GLN B 39 -36.17 4.99 -14.96
CA GLN B 39 -36.02 6.11 -15.88
C GLN B 39 -35.68 7.41 -15.18
N GLU B 40 -36.06 7.54 -13.90
CA GLU B 40 -35.69 8.72 -13.12
C GLU B 40 -34.26 8.68 -12.64
N ALA B 41 -33.57 7.55 -12.77
CA ALA B 41 -32.15 7.48 -12.43
C ALA B 41 -31.30 8.16 -13.49
N VAL B 42 -31.68 8.03 -14.77
CA VAL B 42 -30.92 8.61 -15.87
C VAL B 42 -31.53 9.92 -16.34
N GLN B 43 -32.51 10.45 -15.62
CA GLN B 43 -33.04 11.78 -15.96
C GLN B 43 -31.99 12.89 -15.88
N PRO B 44 -31.09 12.93 -14.88
CA PRO B 44 -30.07 13.99 -14.88
C PRO B 44 -29.19 14.00 -16.12
N HIS B 45 -29.18 12.92 -16.91
CA HIS B 45 -28.48 12.89 -18.19
C HIS B 45 -29.41 13.12 -19.37
N ILE B 46 -30.51 12.36 -19.43
CA ILE B 46 -31.47 12.50 -20.53
C ILE B 46 -32.02 13.91 -20.59
N GLY B 47 -32.65 14.36 -19.50
CA GLY B 47 -33.21 15.69 -19.44
C GLY B 47 -32.19 16.81 -19.52
N SER B 48 -30.90 16.49 -19.34
CA SER B 48 -29.86 17.49 -19.53
C SER B 48 -29.51 17.64 -21.00
N PHE B 49 -29.35 16.51 -21.70
CA PHE B 49 -29.14 16.57 -23.15
C PHE B 49 -30.35 17.14 -23.86
N ASN B 50 -31.55 16.74 -23.44
CA ASN B 50 -32.77 17.23 -24.06
C ASN B 50 -32.97 18.72 -23.84
N ALA B 51 -32.24 19.34 -22.92
CA ALA B 51 -32.44 20.75 -22.62
C ALA B 51 -31.66 21.68 -23.55
N LEU B 52 -30.73 21.17 -24.34
CA LEU B 52 -29.97 22.00 -25.27
C LEU B 52 -30.58 22.05 -26.66
N THR B 53 -31.76 21.46 -26.85
CA THR B 53 -32.47 21.55 -28.12
C THR B 53 -33.92 21.95 -27.98
N GLU B 54 -34.54 21.78 -26.81
CA GLU B 54 -35.94 22.12 -26.63
C GLU B 54 -36.12 22.96 -25.37
N GLY B 55 -37.37 23.18 -24.97
CA GLY B 55 -37.67 24.02 -23.83
C GLY B 55 -37.88 25.45 -24.23
N PRO B 56 -38.02 26.33 -23.23
CA PRO B 56 -38.21 27.75 -23.53
C PRO B 56 -36.98 28.35 -24.20
N ASP B 57 -37.22 29.37 -25.02
CA ASP B 57 -36.17 30.12 -25.72
C ASP B 57 -35.46 29.30 -26.78
N GLY B 58 -36.04 28.18 -27.19
CA GLY B 58 -35.49 27.37 -28.26
C GLY B 58 -34.19 26.66 -27.95
N GLY B 59 -34.06 26.12 -26.75
CA GLY B 59 -32.90 25.31 -26.39
C GLY B 59 -31.72 26.14 -25.93
N LEU B 60 -30.67 25.43 -25.51
CA LEU B 60 -29.46 26.07 -25.03
C LEU B 60 -28.45 26.35 -26.13
N LEU B 61 -28.44 25.55 -27.20
CA LEU B 61 -27.52 25.80 -28.30
C LEU B 61 -27.80 27.14 -28.96
N ASN B 62 -29.08 27.46 -29.16
CA ASN B 62 -29.43 28.73 -29.78
C ASN B 62 -29.01 29.90 -28.90
N LEU B 63 -29.28 29.82 -27.60
CA LEU B 63 -28.88 30.89 -26.69
C LEU B 63 -27.36 31.04 -26.64
N GLY B 64 -26.64 29.93 -26.64
CA GLY B 64 -25.19 30.01 -26.62
C GLY B 64 -24.62 30.63 -27.89
N VAL B 65 -25.14 30.21 -29.04
CA VAL B 65 -24.65 30.78 -30.29
C VAL B 65 -25.06 32.24 -30.41
N LYS B 66 -26.16 32.63 -29.78
CA LYS B 66 -26.53 34.04 -29.72
C LYS B 66 -25.56 34.82 -28.85
N ASP B 67 -25.18 34.26 -27.70
CA ASP B 67 -24.22 34.93 -26.82
C ASP B 67 -22.83 34.99 -27.44
N ILE B 68 -22.51 34.08 -28.37
CA ILE B 68 -21.25 34.18 -29.10
C ILE B 68 -21.16 35.52 -29.82
N GLY B 69 -22.25 35.94 -30.46
CA GLY B 69 -22.31 37.25 -31.05
C GLY B 69 -21.86 37.31 -32.49
N GLU B 70 -21.19 38.39 -32.86
CA GLU B 70 -20.71 38.61 -34.22
C GLU B 70 -19.23 38.95 -34.19
N LYS B 71 -18.54 38.58 -35.27
CA LYS B 71 -17.13 38.88 -35.45
C LYS B 71 -16.91 39.49 -36.82
N VAL B 72 -16.16 40.59 -36.87
CA VAL B 72 -16.02 41.37 -38.08
C VAL B 72 -14.55 41.54 -38.43
N ILE B 73 -14.29 41.88 -39.69
CA ILE B 73 -12.95 42.10 -40.20
C ILE B 73 -13.07 42.94 -41.46
N PHE B 74 -12.15 43.89 -41.61
CA PHE B 74 -12.26 44.88 -42.67
C PHE B 74 -11.29 44.57 -43.82
N ASP B 75 -11.45 45.34 -44.90
CA ASP B 75 -10.66 45.19 -46.10
C ASP B 75 -9.32 45.90 -45.96
N GLY B 76 -8.57 45.93 -47.05
CA GLY B 76 -7.34 46.70 -47.13
C GLY B 76 -7.35 47.64 -48.32
N LYS B 77 -8.55 48.02 -48.77
CA LYS B 77 -8.72 48.90 -49.91
C LYS B 77 -9.82 49.91 -49.60
N PRO B 78 -9.59 51.21 -49.83
CA PRO B 78 -10.61 52.25 -49.62
C PRO B 78 -11.63 52.31 -50.75
N GLY B 89 -8.74 56.64 -41.67
CA GLY B 89 -10.12 56.76 -42.14
C GLY B 89 -10.88 55.46 -42.10
N TYR B 90 -11.71 55.23 -43.12
CA TYR B 90 -12.48 53.99 -43.20
C TYR B 90 -11.56 52.79 -43.40
N LEU B 91 -11.94 51.67 -42.79
CA LEU B 91 -11.13 50.46 -42.84
C LEU B 91 -11.54 49.49 -43.94
N GLY B 92 -12.67 49.72 -44.60
CA GLY B 92 -13.13 48.83 -45.64
C GLY B 92 -14.56 48.37 -45.45
N ASN B 93 -14.79 47.07 -45.53
CA ASN B 93 -16.11 46.48 -45.35
C ASN B 93 -16.14 45.63 -44.09
N LYS B 94 -17.24 45.71 -43.35
CA LYS B 94 -17.26 45.22 -41.97
C LYS B 94 -17.17 43.70 -41.91
N LEU B 95 -17.96 42.99 -42.72
CA LEU B 95 -18.03 41.53 -42.70
C LEU B 95 -18.41 41.01 -41.30
N SER B 96 -19.64 41.34 -40.91
CA SER B 96 -20.19 40.90 -39.63
C SER B 96 -20.73 39.47 -39.76
N VAL B 97 -19.81 38.51 -39.65
CA VAL B 97 -20.14 37.10 -39.75
C VAL B 97 -20.54 36.58 -38.38
N SER B 98 -21.44 35.59 -38.36
CA SER B 98 -21.95 35.02 -37.12
C SER B 98 -22.69 33.73 -37.46
N VAL B 99 -23.34 33.14 -36.46
CA VAL B 99 -24.23 32.00 -36.63
C VAL B 99 -25.51 32.30 -35.87
N GLU B 100 -26.66 32.12 -36.52
CA GLU B 100 -27.93 32.47 -35.90
C GLU B 100 -28.70 31.27 -35.37
N GLN B 101 -28.58 30.11 -36.00
CA GLN B 101 -29.27 28.91 -35.53
C GLN B 101 -28.39 27.69 -35.76
N VAL B 102 -28.56 26.72 -34.88
CA VAL B 102 -27.83 25.45 -34.91
C VAL B 102 -28.81 24.35 -34.56
N SER B 103 -28.81 23.28 -35.36
CA SER B 103 -29.73 22.17 -35.16
C SER B 103 -28.98 20.85 -35.26
N ILE B 104 -29.51 19.84 -34.57
CA ILE B 104 -28.98 18.48 -34.61
C ILE B 104 -30.07 17.60 -35.19
N ALA B 105 -29.78 16.93 -36.29
CA ALA B 105 -30.72 16.00 -36.89
C ALA B 105 -30.55 14.62 -36.27
N LYS B 106 -31.65 13.88 -36.19
CA LYS B 106 -31.55 12.51 -35.73
C LYS B 106 -30.72 11.70 -36.72
N PRO B 107 -29.91 10.75 -36.26
CA PRO B 107 -28.98 10.07 -37.17
C PRO B 107 -29.71 9.35 -38.29
N MET B 108 -29.14 9.45 -39.49
CA MET B 108 -29.71 8.87 -40.70
C MET B 108 -28.58 8.26 -41.52
N SER B 109 -28.95 7.68 -42.66
CA SER B 109 -27.97 7.02 -43.52
C SER B 109 -28.39 7.15 -44.97
N ASN B 110 -27.44 6.92 -45.86
CA ASN B 110 -27.66 6.99 -47.30
C ASN B 110 -27.48 5.57 -47.87
N ASP B 111 -28.57 4.81 -47.87
CA ASP B 111 -28.56 3.44 -48.38
C ASP B 111 -29.92 3.07 -48.97
N ALA B 116 -30.34 7.42 -52.16
CA ALA B 116 -31.77 7.67 -52.36
C ALA B 116 -32.36 8.37 -51.15
N VAL B 117 -33.38 7.77 -50.56
CA VAL B 117 -34.07 8.34 -49.40
C VAL B 117 -33.35 7.90 -48.14
N GLU B 118 -33.25 8.82 -47.17
CA GLU B 118 -32.59 8.52 -45.92
C GLU B 118 -33.41 7.54 -45.10
N ARG B 119 -32.72 6.64 -44.38
CA ARG B 119 -33.35 5.66 -43.52
C ARG B 119 -32.83 5.80 -42.11
N LYS B 120 -33.72 5.66 -41.13
CA LYS B 120 -33.33 5.79 -39.73
C LYS B 120 -32.32 4.71 -39.35
N VAL B 121 -31.25 5.11 -38.69
CA VAL B 121 -30.27 4.20 -38.13
C VAL B 121 -30.49 4.11 -36.64
N TYR B 122 -30.34 2.92 -36.09
CA TYR B 122 -30.57 2.65 -34.68
C TYR B 122 -29.27 2.22 -34.01
N PRO B 123 -29.16 2.40 -32.69
CA PRO B 123 -27.88 2.11 -32.02
C PRO B 123 -27.39 0.69 -32.18
N SER B 124 -28.26 -0.25 -32.54
CA SER B 124 -27.80 -1.61 -32.82
C SER B 124 -26.83 -1.63 -33.99
N GLU B 125 -27.10 -0.84 -35.03
CA GLU B 125 -26.17 -0.74 -36.14
C GLU B 125 -24.85 -0.12 -35.71
N SER B 126 -24.90 0.93 -34.89
CA SER B 126 -23.68 1.58 -34.43
C SER B 126 -22.84 0.64 -33.59
N ARG B 127 -23.49 -0.22 -32.79
CA ARG B 127 -22.74 -1.18 -31.98
C ARG B 127 -22.17 -2.31 -32.83
N GLN B 128 -22.97 -2.82 -33.77
CA GLN B 128 -22.49 -3.93 -34.59
C GLN B 128 -21.43 -3.48 -35.59
N ARG B 129 -21.54 -2.27 -36.12
CA ARG B 129 -20.54 -1.75 -37.04
C ARG B 129 -19.27 -1.29 -36.32
N LEU B 130 -19.31 -1.17 -35.00
CA LEU B 130 -18.22 -0.59 -34.22
C LEU B 130 -17.91 0.83 -34.69
N THR B 131 -18.96 1.62 -34.89
CA THR B 131 -18.82 3.01 -35.30
C THR B 131 -19.58 3.91 -34.34
N SER B 132 -19.68 5.19 -34.66
CA SER B 132 -20.37 6.13 -33.79
C SER B 132 -21.84 6.25 -34.16
N TYR B 133 -22.65 6.60 -33.17
CA TYR B 133 -24.08 6.83 -33.35
C TYR B 133 -24.27 8.34 -33.35
N ARG B 134 -24.11 8.95 -34.52
CA ARG B 134 -24.00 10.40 -34.65
C ARG B 134 -25.06 10.93 -35.61
N GLY B 135 -25.67 12.04 -35.21
CA GLY B 135 -26.54 12.79 -36.10
C GLY B 135 -25.77 13.84 -36.88
N LYS B 136 -26.51 14.71 -37.55
CA LYS B 136 -25.94 15.72 -38.43
C LYS B 136 -26.16 17.10 -37.81
N LEU B 137 -25.09 17.88 -37.72
CA LEU B 137 -25.14 19.21 -37.13
C LEU B 137 -25.18 20.25 -38.23
N LEU B 138 -26.26 21.04 -38.27
CA LEU B 138 -26.45 22.08 -39.28
C LEU B 138 -26.41 23.45 -38.60
N LEU B 139 -25.42 24.26 -38.95
CA LEU B 139 -25.32 25.64 -38.49
C LEU B 139 -25.64 26.57 -39.66
N LYS B 140 -26.56 27.50 -39.46
CA LYS B 140 -26.85 28.48 -40.49
C LYS B 140 -26.15 29.79 -40.15
N LEU B 141 -25.25 30.21 -41.04
CA LEU B 141 -24.47 31.42 -40.85
C LEU B 141 -25.27 32.66 -41.25
N LYS B 142 -24.78 33.82 -40.82
CA LYS B 142 -25.29 35.11 -41.26
C LYS B 142 -24.10 35.93 -41.73
N TRP B 143 -23.72 35.74 -42.98
CA TRP B 143 -22.59 36.46 -43.59
C TRP B 143 -23.08 37.86 -43.93
N SER B 144 -22.91 38.78 -42.98
CA SER B 144 -23.33 40.15 -43.19
C SER B 144 -22.16 41.01 -43.63
N VAL B 145 -22.45 42.01 -44.46
CA VAL B 145 -21.46 42.98 -44.91
C VAL B 145 -22.02 44.38 -44.70
N ASN B 146 -21.16 45.27 -44.21
CA ASN B 146 -21.44 46.69 -44.00
C ASN B 146 -22.60 46.89 -43.03
N ASN B 147 -22.40 46.40 -41.80
CA ASN B 147 -23.29 46.70 -40.67
C ASN B 147 -24.74 46.32 -40.99
N GLY B 148 -24.91 45.23 -41.74
CA GLY B 148 -26.21 44.80 -42.15
C GLY B 148 -26.66 45.29 -43.51
N GLU B 149 -25.76 45.88 -44.30
CA GLU B 149 -26.12 46.31 -45.64
C GLU B 149 -26.54 45.11 -46.50
N GLU B 150 -25.78 44.03 -46.46
CA GLU B 150 -26.14 42.87 -47.27
C GLU B 150 -25.88 41.59 -46.49
N ASN B 151 -26.90 40.72 -46.42
CA ASN B 151 -26.83 39.50 -45.62
C ASN B 151 -26.97 38.29 -46.54
N LEU B 152 -25.96 37.42 -46.52
CA LEU B 152 -26.04 36.11 -47.14
C LEU B 152 -26.24 35.06 -46.06
N PHE B 153 -26.87 33.95 -46.43
CA PHE B 153 -27.17 32.88 -45.50
C PHE B 153 -26.75 31.55 -46.10
N GLU B 154 -26.43 30.60 -45.23
CA GLU B 154 -26.05 29.28 -45.68
C GLU B 154 -26.19 28.29 -44.53
N VAL B 155 -26.71 27.11 -44.83
CA VAL B 155 -26.85 26.04 -43.84
C VAL B 155 -25.68 25.09 -44.05
N ARG B 156 -24.60 25.34 -43.34
CA ARG B 156 -23.40 24.51 -43.42
C ARG B 156 -23.53 23.30 -42.49
N ASP B 157 -23.24 22.12 -43.02
CA ASP B 157 -23.10 20.96 -42.15
C ASP B 157 -21.81 21.07 -41.36
N CYS B 158 -21.79 20.40 -40.20
CA CYS B 158 -20.65 20.47 -39.31
C CYS B 158 -20.27 19.06 -38.82
N GLY B 159 -20.22 18.11 -39.74
CA GLY B 159 -19.77 16.78 -39.40
C GLY B 159 -20.80 16.01 -38.59
N GLY B 160 -20.43 14.78 -38.25
CA GLY B 160 -21.28 13.93 -37.45
C GLY B 160 -21.14 14.21 -35.96
N LEU B 161 -22.21 14.70 -35.36
CA LEU B 161 -22.21 15.02 -33.94
C LEU B 161 -22.76 13.84 -33.15
N PRO B 162 -22.02 13.28 -32.19
CA PRO B 162 -22.55 12.15 -31.44
C PRO B 162 -23.80 12.52 -30.66
N VAL B 163 -24.74 11.58 -30.61
CA VAL B 163 -25.96 11.72 -29.84
C VAL B 163 -26.02 10.59 -28.82
N MET B 164 -26.70 10.83 -27.70
CA MET B 164 -26.86 9.82 -26.68
C MET B 164 -28.25 9.21 -26.74
N LEU B 165 -28.33 7.94 -26.35
CA LEU B 165 -29.54 7.16 -26.51
C LEU B 165 -30.67 7.68 -25.63
N GLN B 166 -31.90 7.42 -26.08
CA GLN B 166 -33.11 7.77 -25.33
C GLN B 166 -33.25 9.27 -25.10
N SER B 167 -32.67 10.07 -25.98
CA SER B 167 -32.81 11.52 -25.92
C SER B 167 -33.80 11.98 -26.99
N ASN B 168 -34.09 13.28 -27.00
CA ASN B 168 -35.04 13.81 -27.96
C ASN B 168 -34.48 13.84 -29.38
N ARG B 169 -33.19 13.56 -29.55
CA ARG B 169 -32.57 13.44 -30.87
C ARG B 169 -32.09 12.02 -31.14
N CYS B 170 -32.74 11.05 -30.52
CA CYS B 170 -32.44 9.63 -30.71
C CYS B 170 -33.69 8.93 -31.23
N HIS B 171 -33.47 7.84 -31.97
CA HIS B 171 -34.57 7.10 -32.58
C HIS B 171 -35.24 6.13 -31.63
N LEU B 172 -34.78 6.05 -30.38
CA LEU B 172 -35.41 5.24 -29.35
C LEU B 172 -36.10 6.09 -28.29
N ASN B 173 -36.44 7.34 -28.63
CA ASN B 173 -36.89 8.29 -27.61
C ASN B 173 -38.16 7.81 -26.91
N LYS B 174 -39.27 7.72 -27.66
CA LYS B 174 -40.55 7.37 -27.08
C LYS B 174 -40.97 5.94 -27.41
N MET B 175 -40.02 5.09 -27.80
CA MET B 175 -40.34 3.70 -28.09
C MET B 175 -40.80 2.96 -26.85
N SER B 176 -41.87 2.19 -26.99
CA SER B 176 -42.33 1.32 -25.93
C SER B 176 -41.33 0.18 -25.73
N PRO B 177 -41.37 -0.48 -24.57
CA PRO B 177 -40.49 -1.63 -24.37
C PRO B 177 -40.64 -2.70 -25.45
N TYR B 178 -41.86 -2.92 -25.94
CA TYR B 178 -42.06 -3.86 -27.03
C TYR B 178 -41.34 -3.40 -28.29
N GLU B 179 -41.45 -2.12 -28.63
CA GLU B 179 -40.74 -1.60 -29.81
C GLU B 179 -39.24 -1.59 -29.60
N LEU B 180 -38.79 -1.34 -28.36
CA LEU B 180 -37.37 -1.46 -28.06
C LEU B 180 -36.86 -2.87 -28.30
N VAL B 181 -37.64 -3.87 -27.90
CA VAL B 181 -37.26 -5.26 -28.15
C VAL B 181 -37.27 -5.55 -29.65
N GLN B 182 -38.23 -4.97 -30.36
CA GLN B 182 -38.31 -5.20 -31.81
C GLN B 182 -37.11 -4.63 -32.54
N HIS B 183 -36.52 -3.55 -32.02
CA HIS B 183 -35.32 -2.95 -32.61
C HIS B 183 -34.05 -3.37 -31.89
N LYS B 184 -34.05 -4.57 -31.30
CA LYS B 184 -32.90 -5.24 -30.72
C LYS B 184 -32.29 -4.53 -29.52
N GLU B 185 -32.96 -3.55 -28.93
CA GLU B 185 -32.27 -2.73 -27.94
C GLU B 185 -32.23 -3.38 -26.56
N GLU B 186 -33.40 -3.45 -25.91
CA GLU B 186 -33.56 -4.07 -24.59
C GLU B 186 -35.02 -3.92 -24.20
N SER B 187 -35.44 -4.72 -23.23
CA SER B 187 -36.80 -4.55 -22.70
C SER B 187 -36.95 -3.18 -22.03
N ASP B 188 -35.98 -2.80 -21.21
CA ASP B 188 -36.03 -1.56 -20.44
C ASP B 188 -34.75 -0.76 -20.63
N GLU B 189 -34.34 -0.60 -21.89
CA GLU B 189 -33.09 0.08 -22.20
C GLU B 189 -33.15 1.53 -21.74
N ILE B 190 -32.08 1.97 -21.07
CA ILE B 190 -31.96 3.34 -20.61
C ILE B 190 -30.86 4.03 -21.41
N GLY B 191 -31.00 5.34 -21.57
CA GLY B 191 -30.04 6.09 -22.34
C GLY B 191 -28.95 6.71 -21.48
N GLY B 192 -28.66 7.98 -21.72
CA GLY B 192 -27.66 8.68 -20.94
C GLY B 192 -26.22 8.45 -21.36
N TYR B 193 -25.99 7.73 -22.46
CA TYR B 193 -24.64 7.44 -22.89
C TYR B 193 -24.54 7.51 -24.42
N PHE B 194 -23.44 8.06 -24.90
CA PHE B 194 -23.12 8.15 -26.31
C PHE B 194 -22.37 6.90 -26.75
N ILE B 195 -22.40 6.64 -28.06
CA ILE B 195 -21.66 5.55 -28.68
C ILE B 195 -20.61 6.16 -29.58
N VAL B 196 -19.34 5.95 -29.26
CA VAL B 196 -18.22 6.50 -30.02
C VAL B 196 -17.30 5.36 -30.40
N ASN B 197 -17.12 5.13 -31.70
CA ASN B 197 -16.28 4.06 -32.21
C ASN B 197 -16.70 2.70 -31.66
N GLY B 198 -17.99 2.51 -31.43
CA GLY B 198 -18.49 1.26 -30.90
C GLY B 198 -18.35 1.11 -29.40
N ILE B 199 -17.74 2.08 -28.73
CA ILE B 199 -17.52 2.05 -27.30
C ILE B 199 -18.50 3.03 -26.66
N GLU B 200 -19.17 2.58 -25.60
CA GLU B 200 -20.18 3.39 -24.93
C GLU B 200 -19.52 4.27 -23.89
N LYS B 201 -19.73 5.58 -24.00
CA LYS B 201 -19.16 6.55 -23.09
C LYS B 201 -20.27 7.38 -22.46
N LEU B 202 -19.99 7.94 -21.29
CA LEU B 202 -20.88 8.91 -20.69
C LEU B 202 -20.03 10.04 -20.12
N ILE B 203 -20.66 11.18 -19.90
CA ILE B 203 -19.96 12.35 -19.37
C ILE B 203 -20.37 12.50 -17.91
N ARG B 204 -19.40 12.30 -17.02
CA ARG B 204 -19.69 12.27 -15.59
C ARG B 204 -20.18 13.62 -15.09
N MET B 205 -21.19 13.58 -14.21
CA MET B 205 -21.63 14.78 -13.54
C MET B 205 -20.56 15.24 -12.56
N LEU B 206 -20.33 16.55 -12.51
CA LEU B 206 -19.34 17.11 -11.60
C LEU B 206 -20.02 17.88 -10.48
N ILE B 207 -19.27 18.09 -9.41
CA ILE B 207 -19.68 19.00 -8.35
C ILE B 207 -18.91 20.30 -8.53
N VAL B 208 -19.63 21.42 -8.54
CA VAL B 208 -19.07 22.74 -8.78
C VAL B 208 -19.72 23.69 -7.80
N GLN B 209 -19.22 24.92 -7.74
CA GLN B 209 -19.78 25.90 -6.82
C GLN B 209 -21.21 26.25 -7.22
N ARG B 210 -22.03 26.57 -6.23
CA ARG B 210 -23.40 26.95 -6.49
C ARG B 210 -23.47 28.26 -7.27
N ARG B 211 -24.43 28.35 -8.17
CA ARG B 211 -24.50 29.47 -9.10
C ARG B 211 -25.16 30.68 -8.48
N ASN B 212 -24.67 31.87 -8.86
CA ASN B 212 -25.31 33.14 -8.55
C ASN B 212 -25.48 33.33 -7.04
N HIS B 213 -24.49 32.92 -6.27
CA HIS B 213 -24.54 33.16 -4.83
C HIS B 213 -23.14 33.52 -4.35
N PRO B 214 -22.95 34.73 -3.82
CA PRO B 214 -21.64 35.15 -3.32
C PRO B 214 -21.38 34.58 -1.94
N MET B 215 -20.46 33.62 -1.86
CA MET B 215 -20.13 32.96 -0.60
C MET B 215 -18.78 33.45 -0.10
N ALA B 216 -18.74 33.84 1.17
CA ALA B 216 -17.50 34.31 1.78
C ALA B 216 -16.49 33.18 1.85
N ILE B 217 -15.26 33.46 1.47
CA ILE B 217 -14.19 32.47 1.45
C ILE B 217 -12.98 33.03 2.17
N ILE B 218 -12.49 32.30 3.17
CA ILE B 218 -11.22 32.57 3.81
C ILE B 218 -10.25 31.51 3.30
N ARG B 219 -9.45 31.87 2.30
CA ARG B 219 -8.54 30.94 1.65
C ARG B 219 -7.11 31.44 1.77
N PRO B 220 -6.19 30.65 2.32
CA PRO B 220 -4.80 31.14 2.45
C PRO B 220 -4.15 31.49 1.13
N SER B 221 -4.50 30.79 0.04
CA SER B 221 -3.86 31.04 -1.24
C SER B 221 -4.10 32.45 -1.75
N PHE B 222 -5.16 33.12 -1.27
CA PHE B 222 -5.35 34.52 -1.63
C PHE B 222 -4.16 35.37 -1.20
N ALA B 223 -3.61 35.08 -0.03
CA ALA B 223 -2.40 35.77 0.43
C ALA B 223 -1.22 35.51 -0.50
N ASN B 224 -1.21 34.37 -1.20
CA ASN B 224 -0.17 34.09 -2.18
C ASN B 224 -0.40 34.80 -3.50
N ARG B 225 -1.54 35.48 -3.69
CA ARG B 225 -1.78 36.24 -4.90
C ARG B 225 -0.91 37.49 -4.99
N GLY B 226 -0.11 37.77 -3.98
CA GLY B 226 0.75 38.94 -3.99
C GLY B 226 0.89 39.48 -2.58
N ALA B 227 1.77 40.47 -2.46
CA ALA B 227 1.92 41.15 -1.19
C ALA B 227 0.69 42.03 -0.92
N SER B 228 0.48 42.33 0.35
CA SER B 228 -0.67 43.13 0.80
C SER B 228 -1.99 42.45 0.43
N TYR B 229 -2.01 41.13 0.40
CA TYR B 229 -3.20 40.34 0.11
C TYR B 229 -3.65 39.61 1.37
N SER B 230 -4.91 39.82 1.75
CA SER B 230 -5.49 39.06 2.84
C SER B 230 -5.96 37.69 2.33
N HIS B 231 -6.41 36.86 3.27
CA HIS B 231 -7.03 35.60 2.92
C HIS B 231 -8.54 35.70 2.80
N TYR B 232 -9.12 36.86 3.05
CA TYR B 232 -10.55 37.05 2.92
C TYR B 232 -10.93 37.17 1.44
N GLY B 233 -12.22 37.24 1.18
CA GLY B 233 -12.70 37.39 -0.18
C GLY B 233 -14.14 36.96 -0.32
N ILE B 234 -14.70 37.31 -1.47
CA ILE B 234 -16.07 36.96 -1.84
C ILE B 234 -16.02 36.42 -3.27
N GLN B 235 -16.24 35.11 -3.42
CA GLN B 235 -16.23 34.49 -4.73
C GLN B 235 -17.66 34.19 -5.16
N ILE B 236 -17.99 34.55 -6.40
CA ILE B 236 -19.30 34.26 -6.97
C ILE B 236 -19.10 33.62 -8.33
N ARG B 237 -19.95 32.66 -8.66
CA ARG B 237 -19.92 31.97 -9.94
C ARG B 237 -21.26 32.22 -10.62
N SER B 238 -21.27 33.13 -11.60
CA SER B 238 -22.51 33.47 -12.30
C SER B 238 -22.61 32.66 -13.59
N VAL B 239 -23.84 32.36 -13.98
CA VAL B 239 -24.12 31.61 -15.19
C VAL B 239 -25.08 32.39 -16.07
N ARG B 240 -24.79 32.45 -17.36
CA ARG B 240 -25.66 33.07 -18.34
C ARG B 240 -26.82 32.11 -18.64
N PRO B 241 -27.81 32.55 -19.43
CA PRO B 241 -28.90 31.64 -19.79
C PRO B 241 -28.45 30.37 -20.48
N ASP B 242 -27.35 30.41 -21.24
CA ASP B 242 -26.85 29.25 -21.96
C ASP B 242 -26.01 28.32 -21.09
N GLN B 243 -26.01 28.53 -19.77
CA GLN B 243 -25.34 27.64 -18.82
C GLN B 243 -23.83 27.61 -19.05
N THR B 244 -23.23 28.80 -19.11
CA THR B 244 -21.78 28.95 -19.06
C THR B 244 -21.45 29.93 -17.94
N SER B 245 -20.29 29.74 -17.32
CA SER B 245 -20.00 30.36 -16.04
C SER B 245 -18.85 31.36 -16.14
N GLN B 246 -18.99 32.46 -15.39
CA GLN B 246 -17.92 33.40 -15.14
C GLN B 246 -17.76 33.53 -13.64
N THR B 247 -16.53 33.42 -13.15
CA THR B 247 -16.23 33.51 -11.72
C THR B 247 -15.62 34.86 -11.42
N ASN B 248 -16.25 35.60 -10.51
CA ASN B 248 -15.76 36.91 -10.07
C ASN B 248 -15.35 36.81 -8.61
N VAL B 249 -14.12 37.23 -8.32
CA VAL B 249 -13.56 37.12 -6.98
C VAL B 249 -13.22 38.51 -6.47
N LEU B 250 -13.80 38.89 -5.34
CA LEU B 250 -13.47 40.15 -4.68
C LEU B 250 -12.46 39.85 -3.57
N HIS B 251 -11.23 40.31 -3.76
CA HIS B 251 -10.21 40.20 -2.73
C HIS B 251 -10.19 41.44 -1.88
N TYR B 252 -9.83 41.27 -0.62
CA TYR B 252 -9.64 42.36 0.32
C TYR B 252 -8.15 42.50 0.59
N LEU B 253 -7.61 43.69 0.34
CA LEU B 253 -6.19 43.94 0.53
C LEU B 253 -5.97 44.64 1.85
N ASN B 254 -4.93 44.22 2.57
CA ASN B 254 -4.62 44.80 3.87
C ASN B 254 -4.34 46.30 3.77
N ASP B 255 -3.90 46.77 2.61
CA ASP B 255 -3.79 48.20 2.38
C ASP B 255 -5.12 48.90 2.57
N GLY B 256 -6.22 48.26 2.15
CA GLY B 256 -7.54 48.80 2.37
C GLY B 256 -8.44 48.77 1.14
N GLN B 257 -7.85 48.46 -0.01
CA GLN B 257 -8.58 48.44 -1.28
C GLN B 257 -9.05 47.03 -1.60
N VAL B 258 -10.17 46.95 -2.29
CA VAL B 258 -10.77 45.68 -2.71
C VAL B 258 -10.58 45.53 -4.22
N THR B 259 -10.24 44.31 -4.64
CA THR B 259 -9.86 44.04 -6.02
C THR B 259 -10.82 43.04 -6.64
N PHE B 260 -11.41 43.41 -7.78
CA PHE B 260 -12.20 42.52 -8.59
C PHE B 260 -11.27 41.69 -9.46
N ARG B 261 -11.51 40.38 -9.52
CA ARG B 261 -10.65 39.47 -10.27
C ARG B 261 -11.51 38.58 -11.16
N PHE B 262 -11.08 38.43 -12.41
CA PHE B 262 -11.74 37.57 -13.37
C PHE B 262 -10.70 36.91 -14.25
N SER B 263 -11.15 36.17 -15.26
CA SER B 263 -10.26 35.49 -16.20
C SER B 263 -10.96 35.43 -17.55
N TRP B 264 -10.24 35.76 -18.61
CA TRP B 264 -10.86 35.86 -19.93
C TRP B 264 -10.59 34.64 -20.82
N ARG B 265 -9.34 34.33 -21.12
CA ARG B 265 -9.04 33.17 -21.94
C ARG B 265 -8.34 32.08 -21.16
N LYS B 266 -7.13 32.34 -20.66
CA LYS B 266 -6.49 31.42 -19.72
C LYS B 266 -5.64 32.15 -18.69
N ASN B 267 -5.82 33.45 -18.51
CA ASN B 267 -5.03 34.24 -17.60
C ASN B 267 -5.94 35.19 -16.83
N GLU B 268 -5.49 35.57 -15.64
CA GLU B 268 -6.31 36.33 -14.71
C GLU B 268 -6.09 37.82 -14.88
N TYR B 269 -7.13 38.60 -14.59
CA TYR B 269 -7.09 40.05 -14.64
C TYR B 269 -7.71 40.62 -13.38
N LEU B 270 -7.21 41.80 -13.00
CA LEU B 270 -7.57 42.46 -11.75
C LEU B 270 -7.92 43.91 -12.02
N VAL B 271 -8.92 44.42 -11.30
CA VAL B 271 -9.43 45.77 -11.49
C VAL B 271 -9.92 46.31 -10.15
N PRO B 272 -9.57 47.54 -9.76
CA PRO B 272 -10.20 48.12 -8.56
C PRO B 272 -11.71 48.19 -8.72
N VAL B 273 -12.45 47.70 -7.72
CA VAL B 273 -13.88 47.51 -7.91
C VAL B 273 -14.64 48.83 -7.96
N VAL B 274 -14.04 49.93 -7.52
CA VAL B 274 -14.70 51.23 -7.67
C VAL B 274 -14.83 51.59 -9.14
N MET B 275 -13.83 51.21 -9.94
CA MET B 275 -13.91 51.40 -11.39
C MET B 275 -15.16 50.72 -11.96
N ILE B 276 -15.38 49.45 -11.60
CA ILE B 276 -16.53 48.73 -12.12
C ILE B 276 -17.82 49.29 -11.54
N LEU B 277 -17.80 49.70 -10.27
CA LEU B 277 -18.99 50.28 -9.65
C LEU B 277 -19.44 51.52 -10.38
N LYS B 278 -18.51 52.40 -10.73
CA LYS B 278 -18.87 53.61 -11.45
C LYS B 278 -19.15 53.35 -12.93
N ALA B 279 -18.54 52.31 -13.49
CA ALA B 279 -18.79 51.99 -14.90
C ALA B 279 -20.14 51.33 -15.12
N LEU B 280 -20.66 50.60 -14.12
CA LEU B 280 -21.92 49.89 -14.30
C LEU B 280 -23.07 50.86 -14.55
N CYS B 281 -23.22 51.86 -13.68
CA CYS B 281 -24.30 52.83 -13.83
C CYS B 281 -23.87 54.17 -13.27
N HIS B 282 -24.64 55.20 -13.62
CA HIS B 282 -24.36 56.57 -13.20
C HIS B 282 -24.52 56.68 -11.69
N THR B 283 -23.40 56.80 -10.97
CA THR B 283 -23.40 56.85 -9.52
C THR B 283 -22.57 58.02 -9.02
N SER B 284 -22.98 58.56 -7.87
CA SER B 284 -22.18 59.51 -7.14
C SER B 284 -21.17 58.73 -6.28
N ASP B 285 -20.49 59.43 -5.38
CA ASP B 285 -19.65 58.75 -4.39
C ASP B 285 -20.41 58.50 -3.09
N ARG B 286 -21.40 59.33 -2.78
CA ARG B 286 -22.26 59.06 -1.64
C ARG B 286 -23.28 57.97 -1.92
N GLU B 287 -23.61 57.72 -3.19
CA GLU B 287 -24.51 56.63 -3.51
C GLU B 287 -23.88 55.29 -3.10
N ILE B 288 -22.59 55.11 -3.38
CA ILE B 288 -21.89 53.90 -2.98
C ILE B 288 -21.83 53.82 -1.45
N PHE B 289 -21.61 54.96 -0.80
CA PHE B 289 -21.55 54.99 0.66
C PHE B 289 -22.88 54.57 1.27
N ASP B 290 -24.00 55.02 0.69
CA ASP B 290 -25.31 54.64 1.20
C ASP B 290 -25.63 53.19 0.88
N GLY B 291 -25.21 52.71 -0.30
CA GLY B 291 -25.50 51.34 -0.67
C GLY B 291 -24.68 50.33 0.11
N ILE B 292 -23.51 50.73 0.59
CA ILE B 292 -22.67 49.83 1.38
C ILE B 292 -22.98 50.02 2.85
N ILE B 293 -22.77 51.24 3.35
CA ILE B 293 -23.12 51.57 4.73
C ILE B 293 -24.61 51.90 4.76
N GLY B 294 -25.38 51.11 5.50
CA GLY B 294 -26.81 51.32 5.53
C GLY B 294 -27.23 52.33 6.57
N ASN B 295 -28.14 51.96 7.46
CA ASN B 295 -28.53 52.84 8.54
C ASN B 295 -27.48 52.91 9.64
N ASP B 296 -26.44 52.08 9.57
CA ASP B 296 -25.37 52.05 10.58
C ASP B 296 -24.33 53.12 10.24
N VAL B 297 -24.75 54.38 10.38
CA VAL B 297 -23.85 55.50 10.18
C VAL B 297 -22.74 55.49 11.23
N LYS B 298 -23.08 55.09 12.46
CA LYS B 298 -22.18 55.17 13.59
C LYS B 298 -21.27 53.95 13.73
N ASP B 299 -21.02 53.23 12.64
CA ASP B 299 -20.09 52.12 12.65
C ASP B 299 -18.73 52.60 12.15
N SER B 300 -17.71 52.52 13.01
CA SER B 300 -16.42 53.07 12.67
C SER B 300 -15.67 52.20 11.65
N PHE B 301 -15.77 50.88 11.81
CA PHE B 301 -15.05 49.95 10.94
C PHE B 301 -15.43 50.18 9.47
N LEU B 302 -16.73 50.13 9.18
CA LEU B 302 -17.19 50.25 7.81
C LEU B 302 -16.87 51.62 7.23
N THR B 303 -17.07 52.67 8.03
CA THR B 303 -16.80 54.03 7.57
C THR B 303 -15.33 54.20 7.21
N ASP B 304 -14.43 53.71 8.07
CA ASP B 304 -13.01 53.84 7.79
C ASP B 304 -12.60 53.05 6.56
N ARG B 305 -13.09 51.80 6.43
CA ARG B 305 -12.70 51.00 5.27
C ARG B 305 -13.20 51.61 3.98
N LEU B 306 -14.45 52.08 3.96
CA LEU B 306 -14.99 52.67 2.74
C LEU B 306 -14.32 53.99 2.41
N GLU B 307 -13.96 54.78 3.42
CA GLU B 307 -13.19 55.99 3.17
C GLU B 307 -11.85 55.65 2.53
N LEU B 308 -11.18 54.63 3.06
CA LEU B 308 -9.91 54.20 2.46
C LEU B 308 -10.12 53.81 1.00
N LEU B 309 -11.17 53.06 0.72
CA LEU B 309 -11.40 52.59 -0.66
C LEU B 309 -11.66 53.75 -1.61
N LEU B 310 -12.57 54.65 -1.23
CA LEU B 310 -12.92 55.77 -2.10
C LEU B 310 -11.72 56.70 -2.31
N ARG B 311 -10.98 57.00 -1.24
CA ARG B 311 -9.83 57.88 -1.39
C ARG B 311 -8.71 57.21 -2.17
N GLY B 312 -8.57 55.89 -2.06
CA GLY B 312 -7.62 55.20 -2.91
C GLY B 312 -7.97 55.30 -4.38
N PHE B 313 -9.26 55.13 -4.70
CA PHE B 313 -9.67 55.29 -6.09
C PHE B 313 -9.44 56.71 -6.59
N LYS B 314 -9.74 57.70 -5.74
CA LYS B 314 -9.49 59.09 -6.13
C LYS B 314 -7.99 59.34 -6.37
N LYS B 315 -7.15 58.80 -5.48
CA LYS B 315 -5.71 58.99 -5.61
C LYS B 315 -5.16 58.34 -6.87
N ARG B 316 -5.58 57.10 -7.16
CA ARG B 316 -4.99 56.37 -8.27
C ARG B 316 -5.49 56.87 -9.61
N TYR B 317 -6.77 57.23 -9.72
CA TYR B 317 -7.37 57.69 -10.97
C TYR B 317 -8.06 59.02 -10.74
N PRO B 318 -7.29 60.11 -10.69
CA PRO B 318 -7.91 61.43 -10.43
C PRO B 318 -8.69 61.98 -11.61
N HIS B 319 -8.51 61.44 -12.81
CA HIS B 319 -9.20 61.99 -13.99
C HIS B 319 -10.60 61.40 -14.14
N LEU B 320 -10.78 60.14 -13.78
CA LEU B 320 -12.06 59.47 -13.95
C LEU B 320 -13.12 60.12 -13.06
N GLN B 321 -14.05 60.84 -13.67
CA GLN B 321 -15.07 61.58 -12.93
C GLN B 321 -16.51 61.18 -13.27
N ASN B 322 -16.77 60.75 -14.50
CA ASN B 322 -18.10 60.30 -14.90
C ASN B 322 -18.03 58.89 -15.46
N ARG B 323 -19.21 58.28 -15.60
CA ARG B 323 -19.30 56.87 -15.96
C ARG B 323 -18.67 56.60 -17.32
N THR B 324 -18.94 57.45 -18.30
CA THR B 324 -18.44 57.21 -19.65
C THR B 324 -16.93 57.25 -19.72
N GLN B 325 -16.30 58.16 -18.97
CA GLN B 325 -14.84 58.24 -18.97
C GLN B 325 -14.22 56.99 -18.36
N VAL B 326 -14.79 56.49 -17.26
CA VAL B 326 -14.32 55.25 -16.66
C VAL B 326 -14.47 54.10 -17.63
N LEU B 327 -15.61 54.04 -18.31
CA LEU B 327 -15.84 52.98 -19.28
C LEU B 327 -14.84 53.06 -20.43
N GLN B 328 -14.53 54.27 -20.89
CA GLN B 328 -13.53 54.43 -21.95
C GLN B 328 -12.16 53.97 -21.49
N TYR B 329 -11.77 54.31 -20.27
CA TYR B 329 -10.49 53.83 -19.75
C TYR B 329 -10.46 52.30 -19.69
N LEU B 330 -11.54 51.70 -19.20
CA LEU B 330 -11.62 50.25 -19.11
C LEU B 330 -11.53 49.60 -20.50
N GLY B 331 -12.22 50.19 -21.48
CA GLY B 331 -12.18 49.65 -22.82
C GLY B 331 -10.81 49.78 -23.47
N ASP B 332 -10.12 50.89 -23.21
CA ASP B 332 -8.75 51.03 -23.68
C ASP B 332 -7.84 49.99 -23.03
N LYS B 333 -8.08 49.69 -21.75
CA LYS B 333 -7.25 48.71 -21.07
C LYS B 333 -7.49 47.29 -21.56
N PHE B 334 -8.71 46.98 -22.01
CA PHE B 334 -9.06 45.60 -22.35
C PHE B 334 -9.51 45.44 -23.80
N ARG B 335 -8.75 46.01 -24.74
CA ARG B 335 -9.09 45.91 -26.15
C ARG B 335 -8.31 44.83 -26.87
N VAL B 336 -7.01 44.69 -26.61
CA VAL B 336 -6.20 43.69 -27.29
C VAL B 336 -6.60 42.29 -26.87
N VAL B 337 -6.79 42.07 -25.56
CA VAL B 337 -7.08 40.74 -25.06
C VAL B 337 -8.43 40.25 -25.56
N PHE B 338 -9.42 41.13 -25.61
CA PHE B 338 -10.77 40.74 -26.00
C PHE B 338 -10.96 40.62 -27.50
N GLN B 339 -9.90 40.79 -28.29
CA GLN B 339 -9.98 40.73 -29.75
C GLN B 339 -11.05 41.68 -30.28
N ALA B 340 -11.12 42.87 -29.67
CA ALA B 340 -12.11 43.85 -30.07
C ALA B 340 -11.85 44.33 -31.50
N SER B 341 -12.93 44.58 -32.22
CA SER B 341 -12.81 45.00 -33.61
C SER B 341 -12.32 46.45 -33.69
N PRO B 342 -11.61 46.80 -34.77
CA PRO B 342 -11.13 48.18 -34.91
C PRO B 342 -12.26 49.20 -34.97
N ASP B 343 -13.48 48.79 -35.32
CA ASP B 343 -14.60 49.72 -35.43
C ASP B 343 -15.26 50.00 -34.08
N GLN B 344 -14.84 49.33 -33.02
CA GLN B 344 -15.49 49.47 -31.71
C GLN B 344 -14.98 50.71 -31.00
N SER B 345 -15.89 51.61 -30.63
CA SER B 345 -15.55 52.73 -29.78
C SER B 345 -15.09 52.23 -28.42
N ASP B 346 -14.18 52.99 -27.79
CA ASP B 346 -13.65 52.58 -26.50
C ASP B 346 -14.76 52.52 -25.45
N LEU B 347 -15.72 53.43 -25.52
CA LEU B 347 -16.86 53.38 -24.61
C LEU B 347 -17.66 52.09 -24.82
N GLU B 348 -17.92 51.73 -26.07
CA GLU B 348 -18.72 50.54 -26.33
C GLU B 348 -17.94 49.26 -26.05
N VAL B 349 -16.62 49.25 -26.28
CA VAL B 349 -15.86 48.06 -25.93
C VAL B 349 -15.74 47.94 -24.41
N GLY B 350 -15.70 49.06 -23.69
CA GLY B 350 -15.75 48.99 -22.24
C GLY B 350 -17.07 48.43 -21.74
N GLN B 351 -18.18 48.88 -22.35
CA GLN B 351 -19.48 48.32 -22.01
C GLN B 351 -19.54 46.83 -22.32
N GLU B 352 -18.92 46.42 -23.44
CA GLU B 352 -18.89 45.01 -23.79
C GLU B 352 -18.08 44.20 -22.78
N VAL B 353 -16.94 44.73 -22.34
CA VAL B 353 -16.14 44.05 -21.34
C VAL B 353 -16.92 43.89 -20.05
N LEU B 354 -17.66 44.93 -19.65
CA LEU B 354 -18.54 44.81 -18.49
C LEU B 354 -19.57 43.70 -18.72
N ASP B 355 -20.28 43.75 -19.85
CA ASP B 355 -21.36 42.81 -20.10
C ASP B 355 -20.88 41.38 -20.26
N ARG B 356 -19.60 41.17 -20.54
CA ARG B 356 -19.05 39.84 -20.69
C ARG B 356 -18.37 39.31 -19.43
N ILE B 357 -18.18 40.14 -18.40
CA ILE B 357 -17.39 39.70 -17.26
C ILE B 357 -18.15 39.81 -15.95
N VAL B 358 -18.56 41.02 -15.58
CA VAL B 358 -19.01 41.28 -14.21
C VAL B 358 -20.47 40.83 -14.08
N LEU B 359 -20.69 39.79 -13.29
CA LEU B 359 -22.03 39.34 -12.89
C LEU B 359 -22.93 39.09 -14.09
N VAL B 360 -22.50 38.14 -14.93
CA VAL B 360 -23.19 37.86 -16.17
C VAL B 360 -24.62 37.37 -15.92
N HIS B 361 -24.86 36.75 -14.76
CA HIS B 361 -26.18 36.18 -14.50
C HIS B 361 -27.28 37.23 -14.46
N LEU B 362 -26.93 38.51 -14.32
CA LEU B 362 -27.93 39.56 -14.50
C LEU B 362 -28.15 39.92 -15.96
N GLY B 363 -27.20 39.56 -16.83
CA GLY B 363 -27.33 39.83 -18.24
C GLY B 363 -27.28 41.32 -18.56
N LYS B 364 -27.59 41.62 -19.83
CA LYS B 364 -27.65 43.00 -20.27
C LYS B 364 -28.88 43.68 -19.67
N ASP B 365 -28.85 45.02 -19.68
CA ASP B 365 -29.90 45.87 -19.14
C ASP B 365 -30.07 45.71 -17.63
N GLY B 366 -29.20 44.93 -16.99
CA GLY B 366 -29.27 44.74 -15.55
C GLY B 366 -28.18 45.48 -14.82
N SER B 367 -27.77 46.64 -15.36
CA SER B 367 -26.69 47.41 -14.75
C SER B 367 -27.05 47.86 -13.35
N GLN B 368 -28.30 48.27 -13.12
CA GLN B 368 -28.74 48.59 -11.77
C GLN B 368 -28.67 47.37 -10.87
N ASP B 369 -29.11 46.22 -11.36
CA ASP B 369 -29.06 45.00 -10.58
C ASP B 369 -27.62 44.57 -10.32
N LYS B 370 -26.74 44.72 -11.31
CA LYS B 370 -25.33 44.41 -11.10
C LYS B 370 -24.72 45.32 -10.06
N PHE B 371 -25.09 46.61 -10.09
CA PHE B 371 -24.58 47.56 -9.12
C PHE B 371 -25.03 47.21 -7.70
N ARG B 372 -26.33 46.90 -7.55
CA ARG B 372 -26.82 46.50 -6.23
C ARG B 372 -26.16 45.22 -5.73
N MET B 373 -25.96 44.25 -6.64
CA MET B 373 -25.32 43.00 -6.25
C MET B 373 -23.87 43.24 -5.83
N LEU B 374 -23.15 44.11 -6.55
CA LEU B 374 -21.78 44.43 -6.16
C LEU B 374 -21.74 45.13 -4.82
N LEU B 375 -22.67 46.05 -4.57
CA LEU B 375 -22.71 46.71 -3.26
C LEU B 375 -22.96 45.69 -2.15
N PHE B 376 -23.89 44.76 -2.38
CA PHE B 376 -24.14 43.71 -1.41
C PHE B 376 -22.91 42.85 -1.16
N MET B 377 -22.22 42.47 -2.25
CA MET B 377 -21.03 41.63 -2.10
C MET B 377 -19.91 42.36 -1.37
N ILE B 378 -19.75 43.66 -1.62
CA ILE B 378 -18.74 44.43 -0.91
C ILE B 378 -19.08 44.52 0.57
N ARG B 379 -20.35 44.76 0.89
CA ARG B 379 -20.75 44.79 2.30
C ARG B 379 -20.54 43.45 2.96
N LYS B 380 -20.80 42.36 2.23
CA LYS B 380 -20.56 41.03 2.78
C LYS B 380 -19.08 40.79 3.03
N LEU B 381 -18.22 41.24 2.11
CA LEU B 381 -16.78 41.10 2.32
C LEU B 381 -16.32 41.88 3.54
N TYR B 382 -16.82 43.11 3.70
CA TYR B 382 -16.45 43.90 4.87
C TYR B 382 -16.96 43.28 6.15
N SER B 383 -18.16 42.69 6.11
CA SER B 383 -18.67 41.99 7.28
C SER B 383 -17.83 40.77 7.62
N LEU B 384 -17.33 40.07 6.60
CA LEU B 384 -16.47 38.93 6.84
C LEU B 384 -15.14 39.36 7.47
N VAL B 385 -14.50 40.39 6.91
CA VAL B 385 -13.21 40.81 7.44
C VAL B 385 -13.34 41.41 8.84
N ALA B 386 -14.54 41.81 9.24
CA ALA B 386 -14.78 42.32 10.58
C ALA B 386 -15.12 41.23 11.58
N GLY B 387 -15.13 39.97 11.15
CA GLY B 387 -15.47 38.87 12.03
C GLY B 387 -16.91 38.86 12.49
N GLU B 388 -17.84 39.20 11.60
CA GLU B 388 -19.27 39.12 11.90
C GLU B 388 -19.98 38.05 11.09
N CYS B 389 -19.25 37.26 10.31
CA CYS B 389 -19.85 36.22 9.48
C CYS B 389 -18.91 35.03 9.42
N SER B 390 -19.48 33.84 9.44
CA SER B 390 -18.66 32.66 9.23
C SER B 390 -18.33 32.52 7.75
N PRO B 391 -17.13 32.05 7.41
CA PRO B 391 -16.80 31.84 6.00
C PRO B 391 -17.50 30.60 5.46
N ASP B 392 -18.22 30.78 4.36
CA ASP B 392 -18.92 29.66 3.75
C ASP B 392 -17.94 28.60 3.31
N ASN B 393 -18.29 27.34 3.56
CA ASN B 393 -17.41 26.21 3.27
C ASN B 393 -17.71 25.70 1.87
N PRO B 394 -16.79 25.82 0.92
CA PRO B 394 -17.05 25.26 -0.42
C PRO B 394 -17.15 23.74 -0.42
N ASP B 395 -16.55 23.07 0.56
CA ASP B 395 -16.59 21.61 0.57
C ASP B 395 -17.94 21.09 1.02
N ALA B 396 -18.68 21.87 1.81
CA ALA B 396 -20.02 21.45 2.23
C ALA B 396 -20.96 21.43 1.03
N THR B 397 -21.79 20.39 0.96
CA THR B 397 -22.73 20.26 -0.14
C THR B 397 -23.81 21.34 -0.10
N GLN B 398 -23.91 22.08 1.01
CA GLN B 398 -24.84 23.19 1.08
C GLN B 398 -24.54 24.25 0.02
N HIS B 399 -23.28 24.35 -0.41
CA HIS B 399 -22.86 25.38 -1.35
C HIS B 399 -22.34 24.76 -2.63
N GLN B 400 -23.06 23.81 -3.20
CA GLN B 400 -22.58 23.10 -4.38
C GLN B 400 -23.71 22.86 -5.36
N GLU B 401 -23.33 22.51 -6.58
CA GLU B 401 -24.25 22.25 -7.68
C GLU B 401 -23.63 21.17 -8.56
N VAL B 402 -24.38 20.72 -9.56
CA VAL B 402 -23.99 19.58 -10.37
C VAL B 402 -23.89 20.02 -11.83
N LEU B 403 -22.74 19.77 -12.43
CA LEU B 403 -22.59 19.87 -13.88
C LEU B 403 -23.08 18.57 -14.49
N LEU B 404 -24.23 18.63 -15.17
CA LEU B 404 -24.95 17.45 -15.62
C LEU B 404 -24.26 16.71 -16.75
N GLY B 405 -23.31 17.32 -17.42
CA GLY B 405 -22.68 16.68 -18.56
C GLY B 405 -23.32 17.04 -19.89
N GLY B 406 -24.66 16.99 -19.96
CA GLY B 406 -25.32 17.52 -21.12
C GLY B 406 -25.14 19.01 -21.28
N PHE B 407 -25.19 19.74 -20.17
CA PHE B 407 -24.90 21.17 -20.19
C PHE B 407 -23.43 21.42 -20.54
N LEU B 408 -22.53 20.59 -20.01
CA LEU B 408 -21.13 20.68 -20.39
C LEU B 408 -20.94 20.38 -21.87
N TYR B 409 -21.70 19.42 -22.41
CA TYR B 409 -21.69 19.14 -23.84
C TYR B 409 -22.12 20.37 -24.63
N GLY B 410 -23.19 21.03 -24.18
CA GLY B 410 -23.65 22.22 -24.86
C GLY B 410 -22.64 23.35 -24.83
N MET B 411 -21.98 23.55 -23.69
CA MET B 411 -21.05 24.66 -23.59
C MET B 411 -19.77 24.39 -24.37
N ILE B 412 -19.31 23.14 -24.41
CA ILE B 412 -18.14 22.83 -25.22
C ILE B 412 -18.48 22.95 -26.71
N LEU B 413 -19.71 22.57 -27.10
CA LEU B 413 -20.13 22.77 -28.48
C LEU B 413 -20.20 24.25 -28.83
N LYS B 414 -20.68 25.08 -27.90
CA LYS B 414 -20.71 26.51 -28.12
C LYS B 414 -19.30 27.07 -28.30
N GLU B 415 -18.37 26.63 -27.47
CA GLU B 415 -16.98 27.06 -27.63
C GLU B 415 -16.42 26.64 -28.97
N LYS B 416 -16.77 25.43 -29.43
CA LYS B 416 -16.28 24.99 -30.73
C LYS B 416 -16.89 25.81 -31.87
N ILE B 417 -18.15 26.22 -31.74
CA ILE B 417 -18.76 27.08 -32.75
C ILE B 417 -18.09 28.45 -32.78
N ASP B 418 -17.80 29.00 -31.58
CA ASP B 418 -17.06 30.25 -31.51
C ASP B 418 -15.69 30.12 -32.17
N GLU B 419 -15.02 29.00 -31.92
CA GLU B 419 -13.73 28.74 -32.57
C GLU B 419 -13.88 28.64 -34.08
N TYR B 420 -14.99 28.05 -34.54
CA TYR B 420 -15.24 27.94 -35.98
C TYR B 420 -15.37 29.31 -36.62
N LEU B 421 -16.14 30.20 -35.99
CA LEU B 421 -16.26 31.56 -36.50
C LEU B 421 -14.92 32.27 -36.52
N GLN B 422 -14.14 32.13 -35.44
CA GLN B 422 -12.81 32.72 -35.42
C GLN B 422 -11.92 32.14 -36.50
N ASN B 423 -12.07 30.85 -36.79
CA ASN B 423 -11.27 30.21 -37.84
C ASN B 423 -11.60 30.77 -39.21
N ILE B 424 -12.89 30.96 -39.51
CA ILE B 424 -13.22 31.50 -40.83
C ILE B 424 -12.76 32.95 -40.94
N ILE B 425 -12.84 33.71 -39.84
CA ILE B 425 -12.35 35.08 -39.88
C ILE B 425 -10.83 35.11 -40.07
N ALA B 426 -10.12 34.20 -39.41
CA ALA B 426 -8.67 34.12 -39.61
C ALA B 426 -8.33 33.70 -41.04
N GLN B 427 -9.16 32.84 -41.64
CA GLN B 427 -8.94 32.46 -43.03
C GLN B 427 -9.08 33.66 -43.95
N VAL B 428 -10.15 34.45 -43.77
CA VAL B 428 -10.29 35.63 -44.63
C VAL B 428 -9.25 36.68 -44.30
N ARG B 429 -8.68 36.66 -43.09
CA ARG B 429 -7.58 37.57 -42.76
C ARG B 429 -6.31 37.18 -43.51
N MET B 430 -5.96 35.90 -43.48
CA MET B 430 -4.85 35.41 -44.29
C MET B 430 -5.11 35.61 -45.77
N ASP B 431 -6.38 35.70 -46.17
CA ASP B 431 -6.70 36.06 -47.55
C ASP B 431 -6.41 37.53 -47.82
N ILE B 432 -6.71 38.40 -46.84
CA ILE B 432 -6.50 39.83 -47.03
C ILE B 432 -5.02 40.14 -47.24
N ASN B 433 -4.16 39.54 -46.43
CA ASN B 433 -2.73 39.86 -46.49
C ASN B 433 -1.99 39.14 -47.60
N ARG B 434 -2.61 38.12 -48.22
CA ARG B 434 -1.98 37.38 -49.30
C ARG B 434 -2.70 37.56 -50.64
N GLY B 435 -3.98 37.24 -50.69
CA GLY B 435 -4.70 37.22 -51.95
C GLY B 435 -5.27 38.57 -52.33
N MET B 436 -5.93 38.59 -53.50
CA MET B 436 -6.58 39.79 -54.01
C MET B 436 -8.03 39.58 -54.46
N ALA B 437 -8.41 38.37 -54.87
CA ALA B 437 -9.79 38.10 -55.30
C ALA B 437 -10.68 38.01 -54.07
N ILE B 438 -10.97 39.18 -53.50
CA ILE B 438 -11.72 39.30 -52.26
C ILE B 438 -12.91 40.22 -52.50
N ASN B 439 -14.12 39.71 -52.23
CA ASN B 439 -15.33 40.52 -52.34
C ASN B 439 -16.31 40.01 -51.29
N PHE B 440 -16.56 40.82 -50.26
CA PHE B 440 -17.43 40.40 -49.17
C PHE B 440 -18.88 40.25 -49.62
N LYS B 441 -19.30 41.02 -50.63
CA LYS B 441 -20.66 40.95 -51.12
C LYS B 441 -20.87 39.83 -52.13
N ASP B 442 -19.83 39.10 -52.49
CA ASP B 442 -19.91 38.06 -53.49
C ASP B 442 -20.21 36.72 -52.83
N LYS B 443 -21.26 36.04 -53.31
CA LYS B 443 -21.56 34.70 -52.84
C LYS B 443 -20.47 33.72 -53.21
N ARG B 444 -19.85 33.91 -54.38
CA ARG B 444 -18.77 33.03 -54.80
C ARG B 444 -17.61 33.06 -53.82
N TYR B 445 -17.23 34.26 -53.38
CA TYR B 445 -16.11 34.38 -52.44
C TYR B 445 -16.46 33.76 -51.09
N MET B 446 -17.70 33.97 -50.62
CA MET B 446 -18.12 33.37 -49.37
C MET B 446 -18.03 31.85 -49.43
N SER B 447 -18.62 31.25 -50.46
CA SER B 447 -18.57 29.80 -50.61
C SER B 447 -17.16 29.29 -50.88
N ARG B 448 -16.30 30.14 -51.45
CA ARG B 448 -14.92 29.73 -51.69
C ARG B 448 -14.12 29.69 -50.39
N VAL B 449 -14.28 30.71 -49.54
CA VAL B 449 -13.50 30.77 -48.32
C VAL B 449 -14.09 29.89 -47.22
N LEU B 450 -15.37 29.54 -47.30
CA LEU B 450 -15.94 28.60 -46.33
C LEU B 450 -15.37 27.21 -46.50
N MET B 451 -15.07 26.81 -47.74
CA MET B 451 -14.48 25.50 -48.00
C MET B 451 -13.03 25.40 -47.54
N ARG B 452 -12.42 26.51 -47.12
CA ARG B 452 -11.01 26.53 -46.74
C ARG B 452 -10.79 26.30 -45.25
N VAL B 453 -11.86 26.21 -44.46
CA VAL B 453 -11.74 26.01 -43.03
C VAL B 453 -12.13 24.57 -42.69
N ASN B 454 -11.89 24.18 -41.45
CA ASN B 454 -12.24 22.85 -40.95
C ASN B 454 -13.60 22.95 -40.28
N GLU B 455 -14.65 22.62 -41.03
CA GLU B 455 -16.01 22.71 -40.54
C GLU B 455 -16.46 21.46 -39.80
N ASN B 456 -15.58 20.46 -39.68
CA ASN B 456 -15.93 19.17 -39.08
C ASN B 456 -15.94 19.31 -37.56
N ILE B 457 -16.95 20.05 -37.08
CA ILE B 457 -17.10 20.25 -35.64
C ILE B 457 -17.43 18.94 -34.94
N GLY B 458 -18.21 18.08 -35.60
CA GLY B 458 -18.60 16.82 -34.99
C GLY B 458 -17.43 15.92 -34.63
N SER B 459 -16.36 15.97 -35.43
CA SER B 459 -15.19 15.16 -35.14
C SER B 459 -14.54 15.60 -33.83
N LYS B 460 -14.58 16.89 -33.53
CA LYS B 460 -13.96 17.37 -32.29
C LYS B 460 -14.80 16.98 -31.07
N MET B 461 -16.13 17.02 -31.20
CA MET B 461 -16.98 16.50 -30.14
C MET B 461 -16.75 15.01 -29.92
N GLN B 462 -16.60 14.26 -31.03
CA GLN B 462 -16.28 12.84 -30.91
C GLN B 462 -14.95 12.63 -30.20
N TYR B 463 -13.96 13.47 -30.51
CA TYR B 463 -12.67 13.39 -29.83
C TYR B 463 -12.82 13.65 -28.33
N PHE B 464 -13.61 14.67 -27.97
CA PHE B 464 -13.83 14.95 -26.55
C PHE B 464 -14.49 13.77 -25.85
N LEU B 465 -15.48 13.15 -26.49
CA LEU B 465 -16.11 11.98 -25.89
C LEU B 465 -15.16 10.80 -25.79
N SER B 466 -14.33 10.59 -26.82
CA SER B 466 -13.48 9.41 -26.89
C SER B 466 -12.19 9.54 -26.09
N THR B 467 -11.83 10.73 -25.64
CA THR B 467 -10.62 10.91 -24.84
C THR B 467 -10.89 11.55 -23.48
N GLY B 468 -11.89 12.41 -23.37
CA GLY B 468 -12.16 13.11 -22.13
C GLY B 468 -11.42 14.42 -21.97
N ASN B 469 -10.51 14.75 -22.89
CA ASN B 469 -9.78 16.00 -22.82
C ASN B 469 -10.67 17.15 -23.24
N LEU B 470 -10.58 18.26 -22.51
CA LEU B 470 -11.35 19.47 -22.80
C LEU B 470 -10.40 20.47 -23.45
N VAL B 471 -10.45 20.56 -24.77
CA VAL B 471 -9.53 21.38 -25.54
C VAL B 471 -10.28 22.67 -25.89
N SER B 472 -10.07 23.71 -25.09
CA SER B 472 -10.71 25.00 -25.31
C SER B 472 -9.64 26.09 -25.31
N GLN B 473 -9.67 26.96 -26.34
CA GLN B 473 -8.73 28.06 -26.39
C GLN B 473 -8.97 29.05 -25.27
N SER B 474 -10.20 29.14 -24.78
CA SER B 474 -10.59 29.98 -23.66
C SER B 474 -11.15 29.05 -22.60
N GLY B 475 -10.26 28.54 -21.74
CA GLY B 475 -10.62 27.54 -20.75
C GLY B 475 -11.87 27.90 -19.97
N LEU B 476 -12.77 26.93 -19.81
CA LEU B 476 -14.03 27.18 -19.15
C LEU B 476 -13.79 27.44 -17.66
N ASP B 477 -14.89 27.69 -16.94
CA ASP B 477 -14.79 27.96 -15.51
C ASP B 477 -14.29 26.76 -14.73
N LEU B 478 -14.29 25.58 -15.32
CA LEU B 478 -13.85 24.37 -14.65
C LEU B 478 -12.32 24.35 -14.52
N GLN B 479 -11.84 23.55 -13.57
CA GLN B 479 -10.42 23.52 -13.26
C GLN B 479 -9.70 22.44 -14.04
N GLN B 480 -10.13 21.18 -13.90
CA GLN B 480 -9.45 20.09 -14.59
C GLN B 480 -9.65 20.19 -16.09
N VAL B 481 -8.73 19.56 -16.82
CA VAL B 481 -8.72 19.63 -18.28
C VAL B 481 -8.75 18.25 -18.93
N SER B 482 -8.72 17.17 -18.15
CA SER B 482 -8.71 15.83 -18.68
C SER B 482 -9.61 14.95 -17.83
N GLY B 483 -9.90 13.75 -18.33
CA GLY B 483 -10.70 12.79 -17.60
C GLY B 483 -12.13 13.24 -17.36
N TYR B 484 -12.79 13.74 -18.40
CA TYR B 484 -14.14 14.25 -18.29
C TYR B 484 -15.22 13.23 -18.66
N THR B 485 -14.86 12.13 -19.31
CA THR B 485 -15.82 11.12 -19.71
C THR B 485 -15.35 9.75 -19.26
N VAL B 486 -16.31 8.92 -18.86
CA VAL B 486 -16.05 7.60 -18.32
C VAL B 486 -16.76 6.56 -19.18
N VAL B 487 -16.07 5.45 -19.42
CA VAL B 487 -16.66 4.34 -20.16
C VAL B 487 -17.75 3.69 -19.33
N ALA B 488 -18.93 3.53 -19.91
CA ALA B 488 -19.99 2.75 -19.29
C ALA B 488 -19.60 1.28 -19.40
N GLU B 489 -19.04 0.73 -18.31
CA GLU B 489 -18.46 -0.60 -18.37
C GLU B 489 -19.50 -1.67 -18.68
N LYS B 490 -20.68 -1.58 -18.06
CA LYS B 490 -21.75 -2.56 -18.23
C LYS B 490 -21.28 -3.96 -17.89
N ILE B 491 -20.50 -4.08 -16.81
CA ILE B 491 -20.17 -5.40 -16.28
C ILE B 491 -21.41 -6.05 -15.69
N ASN B 492 -22.18 -5.29 -14.91
CA ASN B 492 -23.46 -5.73 -14.38
C ASN B 492 -24.53 -4.72 -14.74
N PHE B 493 -25.72 -4.86 -14.17
CA PHE B 493 -26.64 -3.74 -14.20
C PHE B 493 -26.36 -2.77 -13.07
N TYR B 494 -25.90 -3.27 -11.92
CA TYR B 494 -25.48 -2.38 -10.84
C TYR B 494 -24.28 -1.54 -11.28
N ARG B 495 -23.30 -2.18 -11.92
CA ARG B 495 -22.16 -1.44 -12.45
C ARG B 495 -22.60 -0.44 -13.51
N PHE B 496 -23.56 -0.84 -14.36
CA PHE B 496 -24.03 0.07 -15.39
C PHE B 496 -24.87 1.20 -14.81
N ILE B 497 -25.79 0.88 -13.89
CA ILE B 497 -26.65 1.91 -13.32
C ILE B 497 -25.88 2.84 -12.39
N SER B 498 -24.74 2.41 -11.86
CA SER B 498 -23.95 3.28 -10.98
C SER B 498 -23.34 4.45 -11.72
N HIS B 499 -23.05 4.28 -13.01
CA HIS B 499 -22.39 5.34 -13.77
C HIS B 499 -23.26 6.59 -13.88
N PHE B 500 -24.58 6.43 -13.83
CA PHE B 500 -25.50 7.54 -14.03
C PHE B 500 -25.98 8.15 -12.72
N ARG B 501 -25.41 7.73 -11.59
CA ARG B 501 -25.74 8.32 -10.30
C ARG B 501 -24.50 8.73 -9.53
N MET B 502 -23.31 8.58 -10.11
CA MET B 502 -22.07 8.95 -9.44
C MET B 502 -21.66 10.37 -9.85
N VAL B 503 -21.23 11.14 -8.86
CA VAL B 503 -20.80 12.52 -9.05
C VAL B 503 -19.40 12.67 -8.50
N HIS B 504 -18.53 13.32 -9.26
CA HIS B 504 -17.14 13.52 -8.90
C HIS B 504 -16.93 14.95 -8.41
N ARG B 505 -16.09 15.10 -7.39
CA ARG B 505 -15.74 16.44 -6.93
C ARG B 505 -14.83 17.14 -7.94
N GLY B 506 -14.10 16.38 -8.74
CA GLY B 506 -13.15 16.91 -9.68
C GLY B 506 -11.81 16.21 -9.55
N SER B 507 -11.18 15.87 -10.68
CA SER B 507 -9.93 15.13 -10.63
C SER B 507 -8.78 15.96 -10.08
N PHE B 508 -8.96 17.27 -9.93
CA PHE B 508 -7.92 18.09 -9.32
C PHE B 508 -7.75 17.75 -7.84
N PHE B 509 -8.81 17.29 -7.19
CA PHE B 509 -8.74 16.90 -5.78
C PHE B 509 -8.15 15.51 -5.59
N ALA B 510 -8.07 14.71 -6.64
CA ALA B 510 -7.44 13.40 -6.51
C ALA B 510 -5.96 13.52 -6.20
N GLN B 511 -5.30 14.54 -6.76
CA GLN B 511 -3.89 14.82 -6.46
C GLN B 511 -3.81 15.87 -5.35
N LEU B 512 -4.08 15.41 -4.14
CA LEU B 512 -4.07 16.28 -2.97
C LEU B 512 -3.58 15.50 -1.76
N LYS B 513 -2.98 16.22 -0.82
CA LYS B 513 -2.46 15.63 0.41
C LYS B 513 -3.44 15.71 1.56
N THR B 514 -4.19 16.80 1.69
CA THR B 514 -5.16 16.91 2.77
C THR B 514 -6.33 15.96 2.53
N THR B 515 -7.10 15.72 3.59
CA THR B 515 -8.25 14.83 3.53
C THR B 515 -9.52 15.48 4.07
N THR B 516 -9.51 16.79 4.30
CA THR B 516 -10.71 17.46 4.82
C THR B 516 -11.83 17.51 3.80
N VAL B 517 -11.51 17.39 2.50
CA VAL B 517 -12.55 17.39 1.47
C VAL B 517 -13.25 16.04 1.36
N ARG B 518 -12.61 14.96 1.79
CA ARG B 518 -13.18 13.62 1.68
C ARG B 518 -14.16 13.30 2.81
N LYS B 519 -14.28 14.17 3.80
CA LYS B 519 -15.14 13.88 4.95
C LYS B 519 -16.60 13.76 4.55
N LEU B 520 -17.30 12.83 5.19
CA LEU B 520 -18.74 12.77 5.11
C LEU B 520 -19.33 13.86 6.01
N LEU B 521 -20.31 14.58 5.50
CA LEU B 521 -20.79 15.75 6.23
C LEU B 521 -22.29 15.65 6.49
N PRO B 522 -22.78 16.27 7.57
CA PRO B 522 -24.22 16.26 7.85
C PRO B 522 -25.04 17.02 6.83
N GLU B 523 -24.43 17.88 6.01
CA GLU B 523 -25.19 18.60 5.00
C GLU B 523 -25.63 17.70 3.85
N SER B 524 -24.94 16.60 3.62
CA SER B 524 -25.25 15.69 2.53
C SER B 524 -26.37 14.72 2.85
N TRP B 525 -27.09 14.92 3.95
CA TRP B 525 -28.18 14.04 4.35
C TRP B 525 -29.29 14.06 3.31
N GLY B 526 -29.48 12.95 2.62
CA GLY B 526 -30.53 12.83 1.63
C GLY B 526 -30.12 13.13 0.21
N PHE B 527 -28.91 13.64 0.00
CA PHE B 527 -28.42 13.98 -1.34
C PHE B 527 -27.28 13.08 -1.78
N LEU B 528 -26.23 12.96 -0.97
CA LEU B 528 -25.13 12.07 -1.24
C LEU B 528 -25.27 10.82 -0.35
N CYS B 529 -25.12 9.65 -0.95
CA CYS B 529 -25.24 8.42 -0.21
C CYS B 529 -24.07 8.27 0.76
N PRO B 530 -24.31 8.07 2.06
CA PRO B 530 -23.19 7.92 2.99
C PRO B 530 -22.37 6.67 2.77
N VAL B 531 -22.96 5.63 2.18
CA VAL B 531 -22.30 4.33 2.09
C VAL B 531 -21.58 4.18 0.75
N HIS B 532 -22.24 4.48 -0.35
CA HIS B 532 -21.72 4.19 -1.69
C HIS B 532 -20.55 5.12 -1.98
N THR B 533 -19.33 4.59 -1.84
CA THR B 533 -18.09 5.29 -2.10
C THR B 533 -16.96 4.27 -2.21
N PRO B 534 -16.12 4.35 -3.25
CA PRO B 534 -15.06 3.35 -3.39
C PRO B 534 -14.03 3.44 -2.26
N ASP B 535 -13.38 2.30 -2.01
CA ASP B 535 -12.37 2.20 -0.97
C ASP B 535 -11.00 2.38 -1.59
N GLY B 536 -10.25 3.36 -1.10
CA GLY B 536 -8.91 3.59 -1.61
C GLY B 536 -8.65 5.01 -2.04
N SER B 537 -8.04 5.18 -3.21
CA SER B 537 -7.74 6.52 -3.71
C SER B 537 -8.99 7.38 -3.90
N PRO B 538 -10.07 6.91 -4.52
CA PRO B 538 -11.24 7.78 -4.72
C PRO B 538 -12.18 7.89 -3.54
N CYS B 539 -11.79 7.43 -2.35
CA CYS B 539 -12.67 7.50 -1.19
C CYS B 539 -12.95 8.95 -0.84
N GLY B 540 -14.24 9.26 -0.67
CA GLY B 540 -14.69 10.60 -0.37
C GLY B 540 -14.84 11.51 -1.57
N LEU B 541 -14.00 11.33 -2.58
CA LEU B 541 -14.05 12.18 -3.77
C LEU B 541 -15.13 11.72 -4.74
N LEU B 542 -15.10 10.44 -5.13
CA LEU B 542 -16.10 9.87 -6.02
C LEU B 542 -17.20 9.28 -5.15
N ASN B 543 -18.37 9.91 -5.16
CA ASN B 543 -19.51 9.42 -4.40
C ASN B 543 -20.75 9.46 -5.28
N HIS B 544 -21.85 8.94 -4.74
CA HIS B 544 -23.07 8.74 -5.50
C HIS B 544 -24.24 9.44 -4.83
N PHE B 545 -25.30 9.64 -5.61
CA PHE B 545 -26.47 10.33 -5.13
C PHE B 545 -27.39 9.39 -4.37
N ALA B 546 -28.16 9.96 -3.44
CA ALA B 546 -29.28 9.22 -2.86
C ALA B 546 -30.28 8.90 -3.96
N HIS B 547 -30.97 7.77 -3.80
CA HIS B 547 -31.80 7.24 -4.88
C HIS B 547 -33.03 8.08 -5.16
N LYS B 548 -33.38 9.04 -4.31
CA LYS B 548 -34.51 9.92 -4.54
C LYS B 548 -34.09 11.36 -4.80
N CYS B 549 -32.81 11.61 -5.05
CA CYS B 549 -32.31 12.96 -5.28
C CYS B 549 -32.36 13.25 -6.77
N ARG B 550 -33.33 14.07 -7.19
CA ARG B 550 -33.46 14.49 -8.57
C ARG B 550 -32.77 15.83 -8.76
N ILE B 551 -31.88 15.89 -9.74
CA ILE B 551 -31.17 17.12 -10.06
C ILE B 551 -32.03 17.95 -11.02
N SER B 552 -32.22 19.22 -10.70
CA SER B 552 -32.98 20.10 -11.56
C SER B 552 -32.30 20.22 -12.93
N THR B 553 -33.12 20.32 -13.97
CA THR B 553 -32.60 20.40 -15.33
C THR B 553 -33.25 21.51 -16.16
N GLN B 554 -34.16 22.27 -15.59
CA GLN B 554 -34.82 23.34 -16.32
C GLN B 554 -35.18 24.46 -15.36
N GLN B 555 -35.09 25.69 -15.84
CA GLN B 555 -35.39 26.85 -15.01
C GLN B 555 -36.87 26.90 -14.67
N SER B 556 -37.19 27.04 -13.40
CA SER B 556 -38.57 27.22 -12.98
C SER B 556 -39.03 28.64 -13.29
N ASP B 557 -40.34 28.80 -13.44
CA ASP B 557 -40.93 30.10 -13.75
C ASP B 557 -40.93 30.95 -12.49
N VAL B 558 -39.92 31.81 -12.36
CA VAL B 558 -39.75 32.66 -11.20
C VAL B 558 -40.09 34.09 -11.60
N SER B 559 -40.95 34.23 -12.61
CA SER B 559 -41.32 35.56 -13.08
C SER B 559 -42.25 36.26 -12.09
N ARG B 560 -43.24 35.54 -11.55
CA ARG B 560 -44.25 36.17 -10.71
C ARG B 560 -43.84 36.31 -9.25
N ILE B 561 -42.73 35.67 -8.84
CA ILE B 561 -42.37 35.67 -7.42
C ILE B 561 -42.09 37.07 -6.89
N PRO B 562 -41.36 37.96 -7.59
CA PRO B 562 -41.17 39.30 -7.04
C PRO B 562 -42.45 40.04 -6.74
N SER B 563 -43.51 39.82 -7.52
CA SER B 563 -44.78 40.50 -7.26
C SER B 563 -45.39 40.06 -5.94
N ILE B 564 -45.48 38.74 -5.71
CA ILE B 564 -46.09 38.27 -4.47
C ILE B 564 -45.17 38.54 -3.28
N LEU B 565 -43.86 38.63 -3.51
CA LEU B 565 -42.96 39.01 -2.43
C LEU B 565 -43.23 40.42 -1.95
N TYR B 566 -43.49 41.34 -2.88
CA TYR B 566 -43.78 42.72 -2.51
C TYR B 566 -45.06 42.81 -1.69
N SER B 567 -46.05 41.98 -1.99
CA SER B 567 -47.29 41.99 -1.22
C SER B 567 -47.07 41.52 0.21
N LEU B 568 -46.15 40.58 0.42
CA LEU B 568 -45.93 40.03 1.75
C LEU B 568 -45.38 41.08 2.72
N GLY B 569 -44.62 42.04 2.24
CA GLY B 569 -44.03 43.03 3.11
C GLY B 569 -42.62 43.42 2.70
N VAL B 570 -42.11 42.78 1.63
CA VAL B 570 -40.79 43.13 1.12
C VAL B 570 -40.81 44.57 0.62
N ALA B 571 -39.75 45.31 0.96
CA ALA B 571 -39.60 46.68 0.46
C ALA B 571 -38.68 46.65 -0.75
N PRO B 572 -39.15 47.09 -1.92
CA PRO B 572 -38.34 46.95 -3.14
C PRO B 572 -36.99 47.64 -3.02
N ALA B 573 -35.97 46.98 -3.57
CA ALA B 573 -34.60 47.46 -3.44
C ALA B 573 -34.30 48.69 -4.28
N SER B 574 -35.19 49.06 -5.19
CA SER B 574 -34.92 50.20 -6.06
C SER B 574 -34.95 51.52 -5.30
N HIS B 575 -35.75 51.61 -4.24
CA HIS B 575 -35.91 52.85 -3.48
C HIS B 575 -35.92 52.55 -1.99
N THR B 576 -34.98 51.71 -1.54
CA THR B 576 -35.00 51.21 -0.17
C THR B 576 -34.10 51.99 0.79
N PHE B 577 -32.87 52.31 0.39
CA PHE B 577 -31.88 52.91 1.26
C PHE B 577 -31.61 52.02 2.49
N ALA B 578 -31.10 50.83 2.21
CA ALA B 578 -30.79 49.87 3.27
C ALA B 578 -29.66 48.97 2.82
N ALA B 579 -28.97 48.38 3.80
CA ALA B 579 -27.86 47.46 3.56
C ALA B 579 -27.40 46.89 4.90
N GLY B 580 -26.76 45.73 4.84
CA GLY B 580 -26.12 45.16 6.00
C GLY B 580 -26.83 43.95 6.56
N PRO B 581 -26.13 43.18 7.41
CA PRO B 581 -26.76 42.02 8.04
C PRO B 581 -27.83 42.38 9.05
N SER B 582 -27.95 43.65 9.45
CA SER B 582 -28.99 44.05 10.38
C SER B 582 -30.39 43.95 9.76
N LEU B 583 -30.48 43.95 8.44
CA LEU B 583 -31.73 43.74 7.73
C LEU B 583 -31.61 42.49 6.88
N CYS B 584 -32.76 41.91 6.54
CA CYS B 584 -32.82 40.69 5.77
C CYS B 584 -32.89 41.03 4.28
N CYS B 585 -31.86 40.65 3.53
CA CYS B 585 -31.83 40.86 2.10
C CYS B 585 -32.57 39.73 1.41
N VAL B 586 -33.62 40.06 0.65
CA VAL B 586 -34.42 39.08 -0.07
C VAL B 586 -33.97 39.10 -1.53
N GLN B 587 -33.41 37.97 -1.97
CA GLN B 587 -32.84 37.84 -3.30
C GLN B 587 -33.43 36.65 -4.01
N ILE B 588 -33.39 36.69 -5.33
CA ILE B 588 -33.88 35.61 -6.18
C ILE B 588 -32.82 35.29 -7.21
N ASP B 589 -32.29 34.06 -7.19
CA ASP B 589 -31.40 33.55 -8.22
C ASP B 589 -30.17 34.42 -8.42
N GLY B 590 -29.76 35.13 -7.36
CA GLY B 590 -28.62 36.02 -7.45
C GLY B 590 -28.95 37.45 -7.81
N LYS B 591 -30.16 37.91 -7.53
CA LYS B 591 -30.57 39.29 -7.82
C LYS B 591 -31.35 39.83 -6.63
N ILE B 592 -30.86 40.92 -6.05
CA ILE B 592 -31.52 41.49 -4.89
C ILE B 592 -32.91 41.98 -5.30
N ILE B 593 -33.92 41.54 -4.55
CA ILE B 593 -35.29 41.93 -4.80
C ILE B 593 -35.79 42.93 -3.76
N GLY B 594 -35.37 42.77 -2.51
CA GLY B 594 -35.85 43.70 -1.50
C GLY B 594 -35.08 43.58 -0.19
N TRP B 595 -35.54 44.37 0.78
CA TRP B 595 -34.94 44.38 2.12
C TRP B 595 -36.06 44.41 3.15
N VAL B 596 -36.24 43.29 3.86
CA VAL B 596 -37.21 43.20 4.94
C VAL B 596 -36.53 42.58 6.14
N SER B 597 -37.04 42.90 7.33
CA SER B 597 -36.37 42.52 8.57
C SER B 597 -36.26 40.99 8.70
N HIS B 598 -35.42 40.56 9.63
CA HIS B 598 -35.18 39.14 9.84
C HIS B 598 -36.46 38.43 10.30
N GLU B 599 -37.21 39.06 11.21
CA GLU B 599 -38.44 38.45 11.69
C GLU B 599 -39.45 38.29 10.56
N GLN B 600 -39.73 39.38 9.86
CA GLN B 600 -40.64 39.30 8.72
C GLN B 600 -40.04 38.46 7.60
N GLY B 601 -38.71 38.39 7.51
CA GLY B 601 -38.09 37.50 6.55
C GLY B 601 -38.41 36.05 6.82
N LYS B 602 -38.32 35.65 8.09
CA LYS B 602 -38.71 34.28 8.47
C LYS B 602 -40.19 34.05 8.23
N ILE B 603 -41.02 35.04 8.54
CA ILE B 603 -42.46 34.91 8.34
C ILE B 603 -42.76 34.67 6.87
N ILE B 604 -42.16 35.47 5.99
CA ILE B 604 -42.44 35.33 4.57
C ILE B 604 -41.79 34.08 3.99
N ALA B 605 -40.68 33.62 4.57
CA ALA B 605 -40.10 32.36 4.13
C ALA B 605 -41.03 31.19 4.42
N ASP B 606 -41.56 31.12 5.64
CA ASP B 606 -42.51 30.07 5.97
C ASP B 606 -43.79 30.21 5.15
N THR B 607 -44.24 31.45 4.91
CA THR B 607 -45.41 31.68 4.07
C THR B 607 -45.19 31.15 2.66
N LEU B 608 -44.02 31.44 2.09
CA LEU B 608 -43.70 30.95 0.75
C LEU B 608 -43.65 29.44 0.71
N ARG B 609 -43.07 28.81 1.74
CA ARG B 609 -43.06 27.36 1.79
C ARG B 609 -44.48 26.79 1.83
N TYR B 610 -45.33 27.38 2.68
CA TYR B 610 -46.70 26.90 2.81
C TYR B 610 -47.47 27.07 1.50
N TRP B 611 -47.31 28.21 0.84
CA TRP B 611 -48.01 28.46 -0.42
C TRP B 611 -47.45 27.59 -1.55
N LYS B 612 -46.16 27.28 -1.52
CA LYS B 612 -45.56 26.47 -2.57
C LYS B 612 -45.94 25.01 -2.43
N VAL B 613 -46.02 24.50 -1.20
CA VAL B 613 -46.46 23.13 -1.00
C VAL B 613 -47.94 22.98 -1.32
N GLU B 614 -48.75 23.92 -0.84
CA GLU B 614 -50.17 23.96 -1.17
C GLU B 614 -50.30 24.54 -2.58
N GLY B 615 -50.29 23.66 -3.58
CA GLY B 615 -50.14 24.10 -4.95
C GLY B 615 -51.34 24.83 -5.51
N LYS B 616 -51.66 25.98 -4.93
CA LYS B 616 -52.72 26.86 -5.41
C LYS B 616 -52.18 28.09 -6.12
N THR B 617 -51.25 28.79 -5.51
CA THR B 617 -50.69 30.00 -6.12
C THR B 617 -49.90 29.64 -7.36
N PRO B 618 -50.21 30.21 -8.52
CA PRO B 618 -49.53 29.80 -9.76
C PRO B 618 -48.10 30.31 -9.87
N GLY B 619 -47.75 31.38 -9.18
CA GLY B 619 -46.41 31.96 -9.32
C GLY B 619 -45.31 31.21 -8.61
N LEU B 620 -45.66 30.25 -7.75
CA LEU B 620 -44.67 29.53 -6.96
C LEU B 620 -44.50 28.11 -7.47
N PRO B 621 -43.43 27.79 -8.17
CA PRO B 621 -43.18 26.39 -8.53
C PRO B 621 -42.87 25.56 -7.30
N ILE B 622 -43.15 24.26 -7.41
CA ILE B 622 -42.89 23.35 -6.30
C ILE B 622 -41.39 23.15 -6.07
N ASP B 623 -40.57 23.44 -7.06
CA ASP B 623 -39.13 23.26 -6.97
C ASP B 623 -38.39 24.50 -6.48
N LEU B 624 -39.12 25.54 -6.10
CA LEU B 624 -38.49 26.77 -5.61
C LEU B 624 -37.79 26.50 -4.29
N GLU B 625 -36.46 26.54 -4.29
CA GLU B 625 -35.70 26.36 -3.06
C GLU B 625 -35.66 27.67 -2.28
N ILE B 626 -36.07 27.61 -1.02
CA ILE B 626 -36.14 28.80 -0.16
C ILE B 626 -35.09 28.70 0.93
N GLY B 627 -33.90 29.26 0.67
CA GLY B 627 -32.83 29.24 1.65
C GLY B 627 -32.87 30.46 2.54
N TYR B 628 -33.38 30.30 3.75
CA TYR B 628 -33.46 31.38 4.72
C TYR B 628 -32.35 31.20 5.74
N VAL B 629 -31.46 32.17 5.83
CA VAL B 629 -30.38 32.16 6.82
C VAL B 629 -30.74 33.16 7.91
N PRO B 630 -31.22 32.69 9.06
CA PRO B 630 -31.61 33.61 10.13
C PRO B 630 -30.39 34.27 10.75
N PRO B 631 -30.57 35.41 11.43
CA PRO B 631 -29.44 36.05 12.09
C PRO B 631 -28.84 35.15 13.16
N SER B 632 -27.52 35.19 13.28
CA SER B 632 -26.82 34.41 14.27
C SER B 632 -25.53 35.14 14.63
N THR B 633 -25.01 34.83 15.81
CA THR B 633 -23.81 35.49 16.33
C THR B 633 -22.59 34.94 15.60
N ARG B 634 -22.08 35.72 14.64
CA ARG B 634 -20.89 35.35 13.87
C ARG B 634 -21.09 34.05 13.10
N GLY B 635 -22.31 33.81 12.62
CA GLY B 635 -22.63 32.65 11.81
C GLY B 635 -22.58 32.94 10.32
N GLN B 636 -23.43 32.27 9.57
CA GLN B 636 -23.53 32.54 8.14
C GLN B 636 -24.23 33.87 7.92
N TYR B 637 -23.92 34.50 6.78
CA TYR B 637 -24.52 35.78 6.45
C TYR B 637 -26.03 35.63 6.32
N PRO B 638 -26.83 36.38 7.09
CA PRO B 638 -28.27 36.19 7.07
C PRO B 638 -28.89 36.72 5.78
N GLY B 639 -30.13 36.31 5.56
CA GLY B 639 -30.90 36.77 4.42
C GLY B 639 -31.76 35.68 3.82
N LEU B 640 -32.73 36.09 3.01
CA LEU B 640 -33.62 35.17 2.32
C LEU B 640 -33.18 35.04 0.87
N TYR B 641 -32.95 33.81 0.43
CA TYR B 641 -32.51 33.53 -0.92
C TYR B 641 -33.52 32.58 -1.57
N LEU B 642 -33.85 32.84 -2.83
CA LEU B 642 -34.74 31.97 -3.59
C LEU B 642 -34.01 31.48 -4.82
N PHE B 643 -33.99 30.16 -5.01
CA PHE B 643 -33.33 29.55 -6.16
C PHE B 643 -34.34 28.77 -6.98
N GLY B 644 -34.23 28.87 -8.29
CA GLY B 644 -35.09 28.13 -9.19
C GLY B 644 -34.37 27.67 -10.45
N GLY B 645 -33.06 27.84 -10.47
CA GLY B 645 -32.28 27.63 -11.68
C GLY B 645 -32.03 26.16 -11.98
N HIS B 646 -31.12 25.94 -12.92
CA HIS B 646 -30.76 24.60 -13.35
C HIS B 646 -29.83 23.94 -12.34
N SER B 647 -29.67 22.62 -12.49
CA SER B 647 -28.61 21.84 -11.88
C SER B 647 -28.66 21.81 -10.35
N ARG B 648 -29.75 22.30 -9.75
CA ARG B 648 -29.88 22.23 -8.30
C ARG B 648 -30.14 20.80 -7.86
N MET B 649 -29.68 20.47 -6.67
CA MET B 649 -29.93 19.16 -6.07
C MET B 649 -31.20 19.26 -5.24
N LEU B 650 -32.17 18.40 -5.53
CA LEU B 650 -33.47 18.43 -4.87
C LEU B 650 -33.85 17.04 -4.41
N ARG B 651 -34.45 16.96 -3.23
CA ARG B 651 -34.95 15.71 -2.71
C ARG B 651 -36.34 15.90 -2.12
N PRO B 652 -37.18 14.87 -2.18
CA PRO B 652 -38.54 15.00 -1.62
C PRO B 652 -38.60 14.69 -0.14
N VAL B 653 -39.06 15.66 0.63
CA VAL B 653 -39.39 15.48 2.04
C VAL B 653 -40.91 15.64 2.16
N ARG B 654 -41.43 15.36 3.35
CA ARG B 654 -42.86 15.46 3.59
C ARG B 654 -43.15 16.67 4.47
N TYR B 655 -43.74 17.70 3.88
CA TYR B 655 -44.17 18.86 4.65
C TYR B 655 -45.25 18.44 5.63
N LEU B 656 -44.96 18.59 6.92
CA LEU B 656 -45.86 18.11 7.98
C LEU B 656 -47.19 18.84 7.98
N PRO B 657 -47.24 20.18 7.95
CA PRO B 657 -48.53 20.83 7.65
C PRO B 657 -48.99 20.44 6.25
N LEU B 658 -50.30 20.22 6.13
CA LEU B 658 -50.95 19.77 4.90
C LEU B 658 -50.59 18.32 4.58
N ASP B 659 -49.63 17.76 5.32
CA ASP B 659 -49.18 16.38 5.14
C ASP B 659 -48.85 16.08 3.68
N LYS B 660 -48.16 17.02 3.02
CA LYS B 660 -47.95 16.90 1.58
C LYS B 660 -46.48 16.64 1.28
N GLU B 661 -46.14 16.63 0.00
CA GLU B 661 -44.76 16.46 -0.45
C GLU B 661 -44.15 17.81 -0.77
N ASP B 662 -42.97 18.07 -0.23
CA ASP B 662 -42.18 19.26 -0.51
C ASP B 662 -40.85 18.82 -1.11
N ILE B 663 -40.23 19.71 -1.87
CA ILE B 663 -38.91 19.48 -2.45
C ILE B 663 -37.93 20.45 -1.79
N VAL B 664 -36.82 19.91 -1.30
CA VAL B 664 -35.84 20.70 -0.56
C VAL B 664 -34.46 20.51 -1.18
N GLY B 665 -33.60 21.48 -0.93
CA GLY B 665 -32.24 21.46 -1.44
C GLY B 665 -31.23 21.53 -0.33
N PRO B 666 -29.94 21.34 -0.68
CA PRO B 666 -28.90 21.36 0.37
C PRO B 666 -28.80 22.69 1.10
N PHE B 667 -28.89 23.81 0.37
CA PHE B 667 -28.85 25.12 1.01
C PHE B 667 -30.04 25.32 1.92
N GLU B 668 -31.22 24.87 1.48
CA GLU B 668 -32.46 25.05 2.21
C GLU B 668 -32.55 24.15 3.44
N GLN B 669 -31.79 23.06 3.48
CA GLN B 669 -32.01 22.01 4.46
C GLN B 669 -31.29 22.25 5.78
N VAL B 670 -30.17 22.95 5.77
CA VAL B 670 -29.27 22.98 6.92
C VAL B 670 -29.83 23.84 8.05
N TYR B 671 -31.00 24.44 7.85
CA TYR B 671 -31.59 25.29 8.87
C TYR B 671 -32.94 24.81 9.39
N MET B 672 -33.65 23.96 8.68
CA MET B 672 -34.91 23.41 9.15
C MET B 672 -34.73 21.98 9.65
N ASN B 673 -35.68 21.54 10.46
CA ASN B 673 -35.61 20.24 11.12
C ASN B 673 -36.58 19.27 10.45
N ILE B 674 -36.05 18.16 9.94
CA ILE B 674 -36.85 17.12 9.32
C ILE B 674 -36.73 15.86 10.17
N ALA B 675 -37.84 15.41 10.73
CA ALA B 675 -37.83 14.19 11.53
C ALA B 675 -37.61 12.98 10.63
N VAL B 676 -36.76 12.06 11.09
CA VAL B 676 -36.43 10.91 10.26
C VAL B 676 -37.59 9.91 10.19
N THR B 677 -38.55 10.01 11.12
CA THR B 677 -39.70 9.13 11.13
C THR B 677 -40.80 9.82 11.91
N PRO B 678 -42.07 9.60 11.56
CA PRO B 678 -43.16 10.30 12.26
C PRO B 678 -43.24 10.00 13.75
N GLN B 679 -42.68 8.88 14.21
CA GLN B 679 -42.72 8.58 15.64
C GLN B 679 -41.77 9.47 16.44
N GLU B 680 -40.81 10.12 15.79
CA GLU B 680 -39.85 10.98 16.47
C GLU B 680 -40.17 12.46 16.32
N ILE B 681 -41.35 12.81 15.83
CA ILE B 681 -41.74 14.20 15.71
C ILE B 681 -41.86 14.83 17.08
N GLN B 682 -41.37 16.07 17.21
CA GLN B 682 -41.55 16.85 18.41
C GLN B 682 -42.37 18.09 18.09
N ASN B 683 -43.14 18.54 19.08
CA ASN B 683 -44.00 19.69 18.88
C ASN B 683 -43.17 20.97 18.73
N ASN B 684 -43.56 21.81 17.77
CA ASN B 684 -43.06 23.16 17.55
C ASN B 684 -41.61 23.23 17.09
N VAL B 685 -40.93 22.10 16.90
CA VAL B 685 -39.56 22.12 16.43
C VAL B 685 -39.37 21.40 15.10
N HIS B 686 -40.32 20.58 14.67
CA HIS B 686 -40.21 19.86 13.40
C HIS B 686 -41.30 20.34 12.46
N THR B 687 -40.93 20.61 11.21
CA THR B 687 -41.88 20.99 10.18
C THR B 687 -41.91 20.03 9.00
N HIS B 688 -41.03 19.04 8.96
CA HIS B 688 -41.03 18.06 7.88
C HIS B 688 -40.65 16.70 8.42
N VAL B 689 -41.04 15.66 7.69
CA VAL B 689 -40.61 14.30 7.94
C VAL B 689 -40.23 13.68 6.61
N GLU B 690 -39.46 12.60 6.67
CA GLU B 690 -39.06 11.90 5.47
C GLU B 690 -40.03 10.76 5.19
N PHE B 691 -40.36 10.58 3.91
CA PHE B 691 -41.30 9.52 3.53
C PHE B 691 -40.78 8.16 3.95
N THR B 692 -39.46 7.96 3.85
CA THR B 692 -38.82 6.78 4.40
C THR B 692 -37.35 7.12 4.61
N PRO B 693 -36.72 6.65 5.69
CA PRO B 693 -35.29 6.91 5.87
C PRO B 693 -34.40 6.14 4.92
N THR B 694 -34.96 5.33 4.03
CA THR B 694 -34.16 4.56 3.07
C THR B 694 -33.87 5.33 1.80
N ASN B 695 -34.42 6.54 1.63
CA ASN B 695 -34.13 7.33 0.44
C ASN B 695 -32.95 8.26 0.63
N ILE B 696 -32.23 8.13 1.75
CA ILE B 696 -30.93 8.77 1.92
C ILE B 696 -29.83 7.92 1.29
N LEU B 697 -30.11 6.67 1.00
CA LEU B 697 -29.16 5.72 0.44
C LEU B 697 -29.32 5.65 -1.07
N SER B 698 -28.28 5.17 -1.74
CA SER B 698 -28.31 4.97 -3.17
C SER B 698 -29.00 3.65 -3.50
N ILE B 699 -28.95 3.24 -4.76
CA ILE B 699 -29.55 1.97 -5.16
C ILE B 699 -28.78 0.81 -4.54
N LEU B 700 -27.46 0.81 -4.71
CA LEU B 700 -26.63 -0.27 -4.19
C LEU B 700 -26.68 -0.30 -2.67
N ALA B 701 -26.65 0.88 -2.02
CA ALA B 701 -26.73 0.92 -0.57
C ALA B 701 -28.09 0.48 -0.07
N ASN B 702 -29.13 0.61 -0.89
CA ASN B 702 -30.46 0.15 -0.51
C ASN B 702 -30.70 -1.31 -0.83
N LEU B 703 -29.88 -1.93 -1.69
CA LEU B 703 -30.08 -3.30 -2.10
C LEU B 703 -29.37 -4.31 -1.21
N THR B 704 -28.66 -3.86 -0.18
CA THR B 704 -28.00 -4.82 0.71
C THR B 704 -28.95 -5.17 1.85
N PRO B 705 -29.18 -6.46 2.12
CA PRO B 705 -30.17 -6.83 3.12
C PRO B 705 -29.68 -6.57 4.53
N PHE B 706 -30.57 -6.03 5.37
CA PHE B 706 -30.30 -5.74 6.76
C PHE B 706 -29.02 -4.91 6.90
N SER B 707 -29.00 -3.77 6.21
CA SER B 707 -27.81 -2.93 6.17
C SER B 707 -27.50 -2.32 7.52
N ASP B 708 -28.52 -2.02 8.33
CA ASP B 708 -28.33 -1.39 9.63
C ASP B 708 -27.81 -2.36 10.70
N PHE B 709 -27.42 -3.57 10.32
CA PHE B 709 -26.85 -4.52 11.25
C PHE B 709 -25.37 -4.78 11.01
N ASN B 710 -24.87 -4.50 9.82
CA ASN B 710 -23.47 -4.68 9.51
C ASN B 710 -22.66 -3.47 9.96
N GLN B 711 -21.34 -3.64 9.95
CA GLN B 711 -20.45 -2.52 10.16
C GLN B 711 -20.38 -1.69 8.89
N SER B 712 -20.28 -0.36 9.06
CA SER B 712 -20.30 0.54 7.92
C SER B 712 -19.22 0.23 6.88
N PRO B 713 -17.97 -0.07 7.24
CA PRO B 713 -17.00 -0.48 6.22
C PRO B 713 -17.47 -1.66 5.40
N ARG B 714 -18.18 -2.61 6.02
CA ARG B 714 -18.68 -3.75 5.26
C ARG B 714 -19.76 -3.33 4.27
N ASN B 715 -20.61 -2.37 4.64
CA ASN B 715 -21.58 -1.85 3.69
C ASN B 715 -20.89 -1.15 2.53
N MET B 716 -19.84 -0.38 2.80
CA MET B 716 -19.08 0.25 1.71
C MET B 716 -18.41 -0.79 0.82
N TYR B 717 -17.86 -1.84 1.42
CA TYR B 717 -17.24 -2.91 0.64
C TYR B 717 -18.28 -3.60 -0.24
N GLN B 718 -19.49 -3.80 0.28
CA GLN B 718 -20.54 -4.41 -0.52
C GLN B 718 -20.95 -3.53 -1.68
N CYS B 719 -21.13 -2.23 -1.43
CA CYS B 719 -21.39 -1.32 -2.54
C CYS B 719 -20.27 -1.36 -3.57
N GLN B 720 -19.03 -1.55 -3.12
CA GLN B 720 -17.91 -1.67 -4.05
C GLN B 720 -17.98 -2.96 -4.85
N MET B 721 -18.37 -4.07 -4.22
CA MET B 721 -18.32 -5.38 -4.86
C MET B 721 -19.64 -5.77 -5.51
N GLY B 722 -20.71 -5.00 -5.34
CA GLY B 722 -21.91 -5.24 -6.11
C GLY B 722 -21.78 -4.81 -7.55
N LYS B 723 -20.79 -3.99 -7.86
CA LYS B 723 -20.51 -3.54 -9.20
C LYS B 723 -19.45 -4.37 -9.91
N GLN B 724 -18.98 -5.45 -9.27
CA GLN B 724 -17.91 -6.26 -9.82
C GLN B 724 -18.28 -7.73 -9.94
N THR B 725 -19.57 -8.06 -9.83
CA THR B 725 -19.98 -9.45 -9.89
C THR B 725 -20.00 -9.92 -11.34
N MET B 726 -20.05 -11.24 -11.51
CA MET B 726 -20.31 -11.85 -12.81
C MET B 726 -21.81 -12.12 -12.88
N GLY B 727 -22.57 -11.09 -13.19
CA GLY B 727 -24.01 -11.18 -13.25
C GLY B 727 -24.54 -11.21 -14.66
N THR B 728 -25.68 -10.59 -14.88
CA THR B 728 -26.28 -10.51 -16.21
C THR B 728 -26.15 -9.10 -16.75
N PRO B 729 -25.37 -8.87 -17.81
CA PRO B 729 -25.30 -7.51 -18.36
C PRO B 729 -26.53 -7.12 -19.14
N GLY B 730 -27.12 -8.06 -19.87
CA GLY B 730 -28.30 -7.78 -20.66
C GLY B 730 -28.74 -9.03 -21.39
N VAL B 731 -29.86 -8.89 -22.10
CA VAL B 731 -30.44 -10.01 -22.85
C VAL B 731 -30.29 -9.84 -24.35
N ALA B 732 -29.89 -8.66 -24.83
CA ALA B 732 -29.66 -8.42 -26.24
C ALA B 732 -28.22 -8.68 -26.66
N LEU B 733 -27.53 -9.58 -25.94
CA LEU B 733 -26.11 -9.81 -26.17
C LEU B 733 -25.79 -10.28 -27.57
N CYS B 734 -26.77 -10.84 -28.29
CA CYS B 734 -26.51 -11.33 -29.63
C CYS B 734 -26.20 -10.19 -30.60
N HIS B 735 -26.73 -8.99 -30.33
CA HIS B 735 -26.53 -7.86 -31.22
C HIS B 735 -25.46 -6.89 -30.73
N ARG B 736 -24.95 -7.08 -29.51
CA ARG B 736 -23.84 -6.29 -29.03
C ARG B 736 -22.54 -6.74 -29.69
N SER B 737 -21.52 -5.89 -29.59
CA SER B 737 -20.18 -6.21 -30.08
C SER B 737 -19.13 -5.75 -29.08
N ASP B 738 -19.42 -5.90 -27.79
CA ASP B 738 -18.55 -5.36 -26.76
C ASP B 738 -17.23 -6.12 -26.71
N ASN B 739 -16.19 -5.43 -26.24
CA ASN B 739 -14.86 -6.02 -26.18
C ASN B 739 -14.80 -7.20 -25.22
N LYS B 740 -15.43 -7.06 -24.05
CA LYS B 740 -15.41 -8.12 -23.05
C LYS B 740 -16.71 -8.09 -22.26
N LEU B 741 -17.22 -9.28 -21.95
CA LEU B 741 -18.50 -9.41 -21.28
C LEU B 741 -18.46 -10.64 -20.37
N TYR B 742 -19.03 -10.52 -19.18
CA TYR B 742 -19.18 -11.64 -18.26
C TYR B 742 -20.66 -11.93 -18.09
N ARG B 743 -21.03 -13.21 -18.14
CA ARG B 743 -22.42 -13.59 -17.98
C ARG B 743 -22.55 -14.75 -16.99
N LEU B 744 -23.50 -14.61 -16.06
CA LEU B 744 -23.89 -15.70 -15.18
C LEU B 744 -24.98 -16.52 -15.87
N GLN B 745 -24.75 -17.82 -16.00
CA GLN B 745 -25.67 -18.66 -16.75
C GLN B 745 -27.04 -18.74 -16.06
N THR B 746 -27.05 -19.03 -14.76
CA THR B 746 -28.29 -19.23 -14.02
C THR B 746 -28.27 -18.36 -12.77
N GLY B 747 -28.89 -17.18 -12.85
CA GLY B 747 -29.10 -16.36 -11.66
C GLY B 747 -30.43 -16.67 -11.01
N GLN B 748 -30.59 -16.16 -9.78
CA GLN B 748 -31.81 -16.37 -9.03
C GLN B 748 -32.20 -15.06 -8.36
N THR B 749 -33.49 -14.91 -8.12
CA THR B 749 -33.88 -13.77 -7.31
C THR B 749 -33.60 -14.08 -5.84
N PRO B 750 -33.24 -13.08 -5.04
CA PRO B 750 -32.98 -13.34 -3.62
C PRO B 750 -34.27 -13.65 -2.87
N ILE B 751 -34.15 -14.51 -1.87
CA ILE B 751 -35.25 -14.71 -0.94
C ILE B 751 -35.37 -13.51 -0.02
N VAL B 752 -34.24 -12.94 0.38
CA VAL B 752 -34.19 -11.77 1.25
C VAL B 752 -33.78 -10.58 0.38
N LYS B 753 -34.69 -9.62 0.23
CA LYS B 753 -34.44 -8.47 -0.62
C LYS B 753 -35.28 -7.30 -0.12
N ALA B 754 -34.84 -6.09 -0.46
CA ALA B 754 -35.59 -4.90 -0.10
C ALA B 754 -36.78 -4.72 -1.04
N ASN B 755 -37.73 -3.88 -0.60
CA ASN B 755 -38.87 -3.57 -1.46
C ASN B 755 -38.43 -2.84 -2.72
N LEU B 756 -37.35 -2.05 -2.64
CA LEU B 756 -36.83 -1.33 -3.80
C LEU B 756 -36.21 -2.25 -4.84
N TYR B 757 -35.99 -3.52 -4.51
CA TYR B 757 -35.42 -4.45 -5.48
C TYR B 757 -36.34 -4.65 -6.67
N ASP B 758 -37.65 -4.74 -6.41
CA ASP B 758 -38.62 -4.92 -7.47
C ASP B 758 -38.94 -3.62 -8.21
N ASP B 759 -38.70 -2.46 -7.58
CA ASP B 759 -39.04 -1.19 -8.20
C ASP B 759 -38.10 -0.84 -9.34
N TYR B 760 -36.86 -1.33 -9.30
CA TYR B 760 -35.89 -1.06 -10.35
C TYR B 760 -35.77 -2.22 -11.34
N GLY B 761 -36.63 -3.23 -11.22
CA GLY B 761 -36.60 -4.33 -12.16
C GLY B 761 -35.30 -5.10 -12.15
N MET B 762 -34.69 -5.29 -10.97
CA MET B 762 -33.45 -6.04 -10.86
C MET B 762 -33.64 -7.51 -11.19
N ASP B 763 -34.88 -8.01 -11.20
CA ASP B 763 -35.14 -9.38 -11.63
C ASP B 763 -34.79 -9.58 -13.09
N ASN B 764 -34.91 -8.53 -13.91
CA ASN B 764 -34.51 -8.62 -15.30
C ASN B 764 -33.01 -8.84 -15.45
N PHE B 765 -32.23 -8.52 -14.42
CA PHE B 765 -30.77 -8.69 -14.44
C PHE B 765 -30.35 -9.40 -13.17
N PRO B 766 -30.46 -10.74 -13.15
CA PRO B 766 -30.03 -11.49 -11.96
C PRO B 766 -28.53 -11.33 -11.73
N ASN B 767 -28.13 -11.43 -10.47
CA ASN B 767 -26.76 -11.14 -10.07
C ASN B 767 -26.07 -12.30 -9.41
N GLY B 768 -26.76 -13.09 -8.61
CA GLY B 768 -26.16 -14.19 -7.90
C GLY B 768 -27.13 -15.34 -7.75
N PHE B 769 -26.87 -16.20 -6.76
CA PHE B 769 -27.64 -17.40 -6.56
C PHE B 769 -27.92 -17.57 -5.06
N ASN B 770 -29.08 -18.15 -4.75
CA ASN B 770 -29.37 -18.52 -3.38
C ASN B 770 -28.60 -19.78 -3.05
N ALA B 771 -27.87 -19.75 -1.93
CA ALA B 771 -26.97 -20.83 -1.57
C ALA B 771 -27.20 -21.23 -0.12
N VAL B 772 -27.23 -22.54 0.12
CA VAL B 772 -27.27 -23.08 1.48
C VAL B 772 -25.89 -22.91 2.08
N VAL B 773 -25.76 -22.01 3.05
CA VAL B 773 -24.47 -21.62 3.60
C VAL B 773 -24.41 -22.04 5.05
N ALA B 774 -23.42 -22.86 5.40
CA ALA B 774 -23.20 -23.30 6.76
C ALA B 774 -22.04 -22.51 7.34
N VAL B 775 -22.30 -21.76 8.40
CA VAL B 775 -21.25 -21.03 9.11
C VAL B 775 -20.59 -22.00 10.08
N ILE B 776 -19.57 -22.71 9.62
CA ILE B 776 -19.00 -23.82 10.38
C ILE B 776 -17.50 -23.85 10.17
N SER B 777 -16.77 -24.18 11.23
CA SER B 777 -15.32 -24.39 11.17
C SER B 777 -15.13 -25.90 11.18
N TYR B 778 -15.12 -26.48 10.00
CA TYR B 778 -15.08 -27.92 9.81
C TYR B 778 -13.96 -28.38 8.90
N THR B 779 -13.64 -27.61 7.85
CA THR B 779 -12.79 -28.07 6.78
C THR B 779 -11.31 -27.84 7.08
N GLY B 780 -10.96 -26.65 7.56
CA GLY B 780 -9.58 -26.27 7.74
C GLY B 780 -8.97 -25.55 6.56
N TYR B 781 -9.62 -25.59 5.40
CA TYR B 781 -9.14 -24.89 4.21
C TYR B 781 -9.75 -23.51 4.05
N ASP B 782 -10.52 -23.03 5.02
CA ASP B 782 -11.09 -21.68 4.96
C ASP B 782 -10.98 -21.06 6.35
N MET B 783 -9.90 -20.32 6.58
CA MET B 783 -9.70 -19.67 7.87
C MET B 783 -9.54 -18.16 7.76
N ASP B 784 -8.62 -17.67 6.92
CA ASP B 784 -8.37 -16.24 6.90
C ASP B 784 -9.55 -15.49 6.27
N ASP B 785 -9.79 -15.74 4.98
CA ASP B 785 -10.99 -15.25 4.33
C ASP B 785 -11.52 -16.21 3.27
N ALA B 786 -10.90 -17.38 3.13
CA ALA B 786 -11.28 -18.31 2.10
C ALA B 786 -12.66 -18.90 2.39
N MET B 787 -13.15 -19.71 1.44
CA MET B 787 -14.42 -20.36 1.57
C MET B 787 -14.38 -21.66 0.80
N ILE B 788 -15.28 -22.57 1.16
CA ILE B 788 -15.35 -23.90 0.54
C ILE B 788 -16.62 -23.98 -0.29
N ILE B 789 -16.51 -24.55 -1.49
CA ILE B 789 -17.64 -24.77 -2.37
C ILE B 789 -17.82 -26.27 -2.56
N ASN B 790 -19.06 -26.74 -2.44
CA ASN B 790 -19.36 -28.15 -2.65
C ASN B 790 -18.97 -28.56 -4.07
N LYS B 791 -18.26 -29.68 -4.17
CA LYS B 791 -17.82 -30.14 -5.48
C LYS B 791 -18.99 -30.63 -6.31
N SER B 792 -19.95 -31.30 -5.68
CA SER B 792 -21.11 -31.78 -6.42
C SER B 792 -21.99 -30.64 -6.87
N ALA B 793 -22.18 -29.63 -6.01
CA ALA B 793 -22.95 -28.46 -6.41
C ALA B 793 -22.29 -27.74 -7.58
N ASP B 794 -20.96 -27.65 -7.58
CA ASP B 794 -20.24 -27.06 -8.69
C ASP B 794 -20.50 -27.81 -9.99
N GLU B 795 -20.53 -29.14 -9.92
CA GLU B 795 -20.78 -29.96 -11.10
C GLU B 795 -22.23 -29.92 -11.56
N ARG B 796 -23.13 -29.32 -10.77
CA ARG B 796 -24.52 -29.19 -11.15
C ARG B 796 -24.86 -27.80 -11.66
N GLY B 797 -23.86 -26.94 -11.89
CA GLY B 797 -24.09 -25.62 -12.42
C GLY B 797 -24.12 -24.49 -11.42
N PHE B 798 -23.73 -24.74 -10.17
CA PHE B 798 -23.74 -23.70 -9.14
C PHE B 798 -22.64 -22.68 -9.42
N GLY B 799 -23.01 -21.52 -9.93
CA GLY B 799 -22.06 -20.46 -10.18
C GLY B 799 -21.37 -20.48 -11.52
N TYR B 800 -21.79 -21.34 -12.45
CA TYR B 800 -21.15 -21.41 -13.75
C TYR B 800 -21.33 -20.11 -14.53
N GLY B 801 -20.32 -19.75 -15.32
CA GLY B 801 -20.36 -18.50 -16.06
C GLY B 801 -19.68 -18.62 -17.41
N THR B 802 -19.91 -17.60 -18.24
CA THR B 802 -19.29 -17.50 -19.55
C THR B 802 -18.67 -16.13 -19.73
N MET B 803 -17.70 -16.04 -20.63
CA MET B 803 -17.05 -14.77 -20.96
C MET B 803 -17.03 -14.61 -22.47
N TYR B 804 -17.45 -13.44 -22.95
CA TYR B 804 -17.48 -13.15 -24.37
C TYR B 804 -16.41 -12.11 -24.70
N LYS B 805 -15.67 -12.35 -25.78
CA LYS B 805 -14.68 -11.40 -26.27
C LYS B 805 -14.86 -11.22 -27.77
N THR B 806 -15.09 -9.99 -28.19
CA THR B 806 -15.27 -9.67 -29.60
C THR B 806 -14.06 -8.91 -30.10
N GLU B 807 -13.36 -9.47 -31.09
CA GLU B 807 -12.24 -8.79 -31.71
C GLU B 807 -12.58 -8.50 -33.17
N LYS B 808 -12.12 -7.34 -33.64
CA LYS B 808 -12.34 -6.94 -35.02
C LYS B 808 -11.06 -7.18 -35.81
N VAL B 809 -11.16 -8.03 -36.84
CA VAL B 809 -10.06 -8.24 -37.77
C VAL B 809 -10.36 -7.40 -39.01
N ASP B 810 -9.47 -6.44 -39.27
CA ASP B 810 -9.62 -5.49 -40.37
C ASP B 810 -8.49 -5.73 -41.35
N LEU B 811 -8.84 -6.01 -42.59
CA LEU B 811 -7.86 -6.23 -43.65
C LEU B 811 -7.49 -4.95 -44.37
N ALA B 812 -8.10 -3.82 -44.00
CA ALA B 812 -7.84 -2.54 -44.64
C ALA B 812 -6.95 -1.64 -43.78
N LEU B 813 -6.16 -2.22 -42.88
CA LEU B 813 -5.23 -1.45 -42.07
C LEU B 813 -3.90 -1.20 -42.76
N ASN B 814 -3.69 -1.80 -43.93
CA ASN B 814 -2.46 -1.62 -44.70
C ASN B 814 -2.68 -0.73 -45.93
N ARG B 815 -3.70 0.12 -45.90
CA ARG B 815 -4.02 0.95 -47.06
C ARG B 815 -4.84 2.15 -46.61
N ASN B 816 -4.88 3.15 -47.48
CA ASN B 816 -5.67 4.35 -47.26
C ASN B 816 -5.88 5.04 -48.60
N ARG B 817 -6.59 6.18 -48.56
CA ARG B 817 -6.80 7.08 -49.69
C ARG B 817 -7.43 6.40 -50.91
N GLY B 818 -7.96 5.19 -50.74
CA GLY B 818 -8.63 4.51 -51.83
C GLY B 818 -7.72 3.85 -52.84
N ASP B 819 -6.54 3.42 -52.42
CA ASP B 819 -5.67 2.65 -53.30
C ASP B 819 -6.27 1.25 -53.51
N PRO B 820 -5.83 0.53 -54.55
CA PRO B 820 -6.41 -0.79 -54.82
C PRO B 820 -6.27 -1.72 -53.63
N ILE B 821 -7.31 -2.52 -53.41
CA ILE B 821 -7.42 -3.38 -52.23
C ILE B 821 -6.48 -4.56 -52.41
N THR B 822 -5.40 -4.59 -51.63
CA THR B 822 -4.36 -5.61 -51.82
C THR B 822 -4.82 -6.97 -51.32
N GLN B 823 -5.47 -7.03 -50.17
CA GLN B 823 -5.77 -8.28 -49.49
C GLN B 823 -7.25 -8.61 -49.57
N HIS B 824 -7.56 -9.87 -49.87
CA HIS B 824 -8.93 -10.34 -50.00
C HIS B 824 -9.17 -11.52 -49.07
N PHE B 825 -10.31 -11.51 -48.38
CA PHE B 825 -10.64 -12.61 -47.49
C PHE B 825 -10.79 -13.91 -48.29
N GLY B 826 -10.32 -15.01 -47.69
CA GLY B 826 -10.43 -16.30 -48.32
C GLY B 826 -9.09 -16.92 -48.66
N PHE B 827 -9.10 -17.93 -49.52
CA PHE B 827 -7.89 -18.59 -49.98
C PHE B 827 -7.61 -18.19 -51.42
N GLY B 828 -6.40 -18.52 -51.87
CA GLY B 828 -6.01 -18.25 -53.23
C GLY B 828 -5.83 -19.51 -54.06
N ASN B 829 -4.82 -19.51 -54.93
CA ASN B 829 -4.48 -20.68 -55.74
C ASN B 829 -3.04 -21.12 -55.50
N ASP B 830 -2.45 -20.71 -54.39
CA ASP B 830 -1.12 -21.19 -54.00
C ASP B 830 -1.26 -22.56 -53.35
N GLU B 831 -0.19 -23.05 -52.74
CA GLU B 831 -0.19 -24.35 -52.08
C GLU B 831 -0.03 -24.12 -50.58
N TRP B 832 -1.17 -24.01 -49.90
CA TRP B 832 -1.33 -23.88 -48.45
C TRP B 832 -1.77 -25.21 -47.85
N PRO B 833 -1.27 -25.56 -46.66
CA PRO B 833 -1.63 -26.85 -46.08
C PRO B 833 -3.13 -26.95 -45.80
N LYS B 834 -3.69 -28.11 -46.09
CA LYS B 834 -5.10 -28.35 -45.80
C LYS B 834 -5.35 -28.53 -44.31
N GLU B 835 -4.29 -28.64 -43.51
CA GLU B 835 -4.44 -28.92 -42.09
C GLU B 835 -5.21 -27.80 -41.37
N TRP B 836 -5.15 -26.58 -41.89
CA TRP B 836 -5.88 -25.47 -41.29
C TRP B 836 -7.19 -25.17 -41.99
N LEU B 837 -7.62 -26.02 -42.92
CA LEU B 837 -8.94 -25.91 -43.50
C LEU B 837 -10.02 -26.47 -42.60
N GLU B 838 -9.63 -27.10 -41.48
CA GLU B 838 -10.61 -27.68 -40.56
C GLU B 838 -11.48 -26.60 -39.93
N LYS B 839 -10.88 -25.47 -39.56
CA LYS B 839 -11.58 -24.42 -38.82
C LYS B 839 -11.91 -23.22 -39.70
N LEU B 840 -11.85 -23.36 -41.02
CA LEU B 840 -12.13 -22.24 -41.91
C LEU B 840 -12.99 -22.73 -43.07
N ASP B 841 -13.92 -21.88 -43.48
CA ASP B 841 -14.83 -22.21 -44.58
C ASP B 841 -14.14 -21.90 -45.91
N GLU B 842 -14.91 -21.95 -47.00
CA GLU B 842 -14.36 -21.67 -48.32
C GLU B 842 -14.05 -20.19 -48.52
N ASP B 843 -14.57 -19.32 -47.65
CA ASP B 843 -14.35 -17.89 -47.74
C ASP B 843 -13.34 -17.38 -46.73
N GLY B 844 -12.54 -18.27 -46.16
CA GLY B 844 -11.52 -17.87 -45.21
C GLY B 844 -12.04 -17.25 -43.93
N LEU B 845 -13.16 -17.74 -43.44
CA LEU B 845 -13.74 -17.30 -42.18
C LEU B 845 -14.09 -18.52 -41.34
N PRO B 846 -14.07 -18.40 -40.01
CA PRO B 846 -14.21 -19.58 -39.17
C PRO B 846 -15.66 -20.03 -39.08
N TYR B 847 -15.83 -21.35 -39.00
CA TYR B 847 -17.16 -21.91 -38.78
C TYR B 847 -17.67 -21.52 -37.41
N ILE B 848 -18.98 -21.28 -37.31
CA ILE B 848 -19.56 -20.92 -36.03
C ILE B 848 -19.64 -22.16 -35.15
N GLY B 849 -19.17 -22.02 -33.91
CA GLY B 849 -19.17 -23.12 -32.97
C GLY B 849 -17.91 -23.95 -32.92
N THR B 850 -16.94 -23.67 -33.78
CA THR B 850 -15.70 -24.45 -33.72
C THR B 850 -14.88 -24.06 -32.49
N TYR B 851 -13.98 -24.96 -32.11
CA TYR B 851 -13.21 -24.83 -30.88
C TYR B 851 -11.79 -24.42 -31.24
N VAL B 852 -11.42 -23.19 -30.89
CA VAL B 852 -10.17 -22.57 -31.32
C VAL B 852 -9.25 -22.42 -30.11
N GLU B 853 -8.03 -22.91 -30.24
CA GLU B 853 -6.99 -22.74 -29.24
C GLU B 853 -5.90 -21.82 -29.78
N GLU B 854 -4.83 -21.66 -29.01
CA GLU B 854 -3.74 -20.79 -29.42
C GLU B 854 -2.99 -21.40 -30.61
N GLY B 855 -2.63 -20.55 -31.56
CA GLY B 855 -1.92 -20.99 -32.74
C GLY B 855 -2.79 -21.52 -33.86
N ASP B 856 -4.11 -21.46 -33.71
CA ASP B 856 -5.04 -21.94 -34.72
C ASP B 856 -5.60 -20.76 -35.51
N PRO B 857 -5.82 -20.94 -36.82
CA PRO B 857 -6.27 -19.82 -37.65
C PRO B 857 -7.67 -19.38 -37.27
N ILE B 858 -7.93 -18.09 -37.49
CA ILE B 858 -9.26 -17.51 -37.34
C ILE B 858 -9.80 -17.00 -38.66
N CYS B 859 -8.95 -16.39 -39.48
CA CYS B 859 -9.35 -15.90 -40.79
C CYS B 859 -8.18 -16.03 -41.75
N ALA B 860 -8.47 -16.48 -42.96
CA ALA B 860 -7.46 -16.64 -44.01
C ALA B 860 -7.64 -15.55 -45.05
N TYR B 861 -6.57 -14.84 -45.37
CA TYR B 861 -6.61 -13.79 -46.36
C TYR B 861 -5.51 -13.99 -47.39
N PHE B 862 -5.87 -13.80 -48.66
CA PHE B 862 -4.91 -13.82 -49.76
C PHE B 862 -4.35 -12.42 -49.97
N ASP B 863 -3.04 -12.35 -50.22
CA ASP B 863 -2.32 -11.09 -50.34
C ASP B 863 -1.73 -11.00 -51.74
N ASP B 864 -2.20 -10.02 -52.51
CA ASP B 864 -1.72 -9.87 -53.89
C ASP B 864 -0.26 -9.46 -53.94
N THR B 865 0.20 -8.68 -52.95
CA THR B 865 1.58 -8.20 -52.97
C THR B 865 2.57 -9.35 -52.86
N LEU B 866 2.19 -10.42 -52.18
CA LEU B 866 3.05 -11.60 -52.04
C LEU B 866 2.53 -12.83 -52.77
N ASN B 867 1.29 -12.80 -53.28
CA ASN B 867 0.67 -13.96 -53.91
C ASN B 867 0.71 -15.17 -52.98
N LYS B 868 0.41 -14.94 -51.71
CA LYS B 868 0.50 -15.95 -50.67
C LYS B 868 -0.77 -15.94 -49.84
N THR B 869 -1.18 -17.13 -49.39
CA THR B 869 -2.35 -17.28 -48.53
C THR B 869 -1.87 -17.27 -47.09
N LYS B 870 -2.15 -16.17 -46.39
CA LYS B 870 -1.75 -16.01 -45.00
C LYS B 870 -2.97 -16.09 -44.09
N ILE B 871 -2.76 -16.63 -42.90
CA ILE B 871 -3.83 -16.80 -41.92
C ILE B 871 -3.48 -15.98 -40.68
N LYS B 872 -4.43 -15.19 -40.21
CA LYS B 872 -4.34 -14.63 -38.87
C LYS B 872 -4.72 -15.70 -37.87
N THR B 873 -4.05 -15.71 -36.73
CA THR B 873 -4.22 -16.76 -35.75
C THR B 873 -4.83 -16.23 -34.47
N TYR B 874 -5.22 -17.15 -33.60
CA TYR B 874 -5.83 -16.83 -32.31
C TYR B 874 -4.72 -16.63 -31.29
N HIS B 875 -4.70 -15.46 -30.66
CA HIS B 875 -3.64 -15.08 -29.72
C HIS B 875 -4.24 -15.02 -28.31
N SER B 876 -4.30 -16.18 -27.67
CA SER B 876 -4.69 -16.29 -26.27
C SER B 876 -4.46 -17.73 -25.83
N SER B 877 -4.09 -17.89 -24.57
CA SER B 877 -3.87 -19.22 -24.01
C SER B 877 -5.14 -19.85 -23.45
N GLU B 878 -6.26 -19.14 -23.53
CA GLU B 878 -7.53 -19.66 -23.04
C GLU B 878 -8.33 -20.19 -24.22
N PRO B 879 -8.58 -21.49 -24.30
CA PRO B 879 -9.37 -22.02 -25.42
C PRO B 879 -10.75 -21.39 -25.46
N ALA B 880 -11.23 -21.13 -26.68
CA ALA B 880 -12.48 -20.42 -26.87
C ALA B 880 -13.28 -21.07 -27.98
N TYR B 881 -14.59 -20.82 -27.96
CA TYR B 881 -15.50 -21.27 -29.00
C TYR B 881 -15.98 -20.07 -29.79
N ILE B 882 -16.01 -20.21 -31.12
CA ILE B 882 -16.45 -19.13 -31.99
C ILE B 882 -17.92 -18.89 -31.75
N GLU B 883 -18.26 -17.78 -31.09
CA GLU B 883 -19.67 -17.48 -30.85
C GLU B 883 -20.34 -16.96 -32.12
N GLU B 884 -19.77 -15.94 -32.74
CA GLU B 884 -20.39 -15.41 -33.96
C GLU B 884 -19.37 -14.69 -34.81
N VAL B 885 -19.73 -14.49 -36.07
CA VAL B 885 -18.93 -13.76 -37.05
C VAL B 885 -19.85 -12.81 -37.80
N ASN B 886 -19.45 -11.55 -37.88
CA ASN B 886 -20.21 -10.52 -38.59
C ASN B 886 -19.35 -9.90 -39.68
N LEU B 887 -19.92 -9.70 -40.85
CA LEU B 887 -19.26 -9.03 -41.95
C LEU B 887 -19.71 -7.57 -41.96
N ILE B 888 -18.76 -6.64 -41.94
CA ILE B 888 -19.11 -5.24 -41.82
C ILE B 888 -18.80 -4.50 -43.12
N GLY B 889 -19.79 -4.39 -44.00
CA GLY B 889 -19.63 -3.57 -45.18
C GLY B 889 -19.59 -2.09 -44.79
N ASP B 890 -18.82 -1.33 -45.56
CA ASP B 890 -18.56 0.06 -45.20
C ASP B 890 -19.58 0.99 -45.86
N GLU B 891 -19.75 2.16 -45.24
CA GLU B 891 -20.63 3.20 -45.78
C GLU B 891 -19.92 3.90 -46.93
N SER B 892 -19.81 3.19 -48.05
CA SER B 892 -19.17 3.71 -49.24
C SER B 892 -20.05 3.41 -50.46
N ASN B 893 -20.11 4.37 -51.38
CA ASN B 893 -20.93 4.18 -52.58
C ASN B 893 -20.42 3.03 -53.42
N LYS B 894 -19.11 2.89 -53.56
CA LYS B 894 -18.54 1.77 -54.28
C LYS B 894 -18.78 0.47 -53.53
N PHE B 895 -19.02 -0.61 -54.28
CA PHE B 895 -19.26 -1.93 -53.71
C PHE B 895 -17.92 -2.60 -53.41
N GLN B 896 -17.29 -2.12 -52.34
CA GLN B 896 -15.96 -2.60 -51.98
C GLN B 896 -16.03 -4.00 -51.38
N GLU B 897 -15.02 -4.81 -51.70
CA GLU B 897 -14.91 -6.14 -51.13
C GLU B 897 -14.70 -6.05 -49.62
N LEU B 898 -15.22 -7.04 -48.90
CA LEU B 898 -15.24 -7.00 -47.45
C LEU B 898 -13.83 -6.87 -46.88
N GLN B 899 -13.68 -5.95 -45.92
CA GLN B 899 -12.41 -5.73 -45.25
C GLN B 899 -12.49 -5.88 -43.74
N THR B 900 -13.67 -5.80 -43.14
CA THR B 900 -13.83 -5.83 -41.70
C THR B 900 -14.73 -6.99 -41.29
N VAL B 901 -14.23 -7.81 -40.36
CA VAL B 901 -14.98 -8.92 -39.80
C VAL B 901 -14.90 -8.82 -38.29
N SER B 902 -16.06 -8.80 -37.64
CA SER B 902 -16.13 -8.77 -36.18
C SER B 902 -16.40 -10.18 -35.70
N ILE B 903 -15.42 -10.80 -35.05
CA ILE B 903 -15.49 -12.19 -34.65
C ILE B 903 -15.51 -12.25 -33.13
N LYS B 904 -16.53 -12.91 -32.58
CA LYS B 904 -16.76 -12.98 -31.14
C LYS B 904 -16.62 -14.42 -30.69
N TYR B 905 -15.74 -14.63 -29.70
CA TYR B 905 -15.53 -15.91 -29.04
C TYR B 905 -16.19 -15.92 -27.67
N ARG B 906 -16.42 -17.14 -27.17
CA ARG B 906 -16.87 -17.35 -25.80
C ARG B 906 -15.97 -18.36 -25.11
N ILE B 907 -15.70 -18.12 -23.84
CA ILE B 907 -14.83 -18.94 -23.01
C ILE B 907 -15.62 -19.37 -21.78
N ARG B 908 -15.53 -20.65 -21.44
CA ARG B 908 -16.27 -21.21 -20.32
C ARG B 908 -15.57 -20.87 -19.02
N ARG B 909 -16.16 -19.99 -18.21
CA ARG B 909 -15.62 -19.65 -16.90
C ARG B 909 -16.43 -20.40 -15.85
N THR B 910 -16.04 -21.66 -15.63
CA THR B 910 -16.56 -22.46 -14.54
C THR B 910 -15.73 -22.20 -13.27
N PRO B 911 -16.36 -22.20 -12.11
CA PRO B 911 -15.66 -21.79 -10.89
C PRO B 911 -14.49 -22.70 -10.52
N GLN B 912 -13.29 -22.14 -10.58
CA GLN B 912 -12.08 -22.80 -10.11
C GLN B 912 -11.72 -22.26 -8.74
N ILE B 913 -10.82 -22.96 -8.05
CA ILE B 913 -10.38 -22.46 -6.75
C ILE B 913 -9.54 -21.21 -6.96
N GLY B 914 -9.62 -20.29 -5.99
CA GLY B 914 -9.01 -18.99 -6.12
C GLY B 914 -9.92 -17.93 -6.71
N ASP B 915 -11.14 -18.28 -7.11
CA ASP B 915 -12.06 -17.30 -7.64
C ASP B 915 -12.82 -16.63 -6.51
N LYS B 916 -12.91 -15.30 -6.55
CA LYS B 916 -13.53 -14.55 -5.47
C LYS B 916 -15.04 -14.67 -5.56
N PHE B 917 -15.64 -15.29 -4.56
CA PHE B 917 -17.08 -15.23 -4.33
C PHE B 917 -17.35 -14.28 -3.19
N SER B 918 -18.60 -13.86 -3.07
CA SER B 918 -18.95 -12.90 -2.04
C SER B 918 -20.44 -12.96 -1.77
N SER B 919 -20.82 -12.42 -0.62
CA SER B 919 -22.20 -12.21 -0.24
C SER B 919 -22.50 -10.72 -0.32
N ARG B 920 -23.74 -10.35 0.04
CA ARG B 920 -24.17 -8.97 0.01
C ARG B 920 -23.80 -8.20 1.27
N HIS B 921 -22.80 -8.69 2.03
CA HIS B 921 -22.36 -8.04 3.25
C HIS B 921 -20.84 -7.86 3.28
N GLY B 922 -20.19 -7.89 2.11
CA GLY B 922 -18.76 -7.68 2.05
C GLY B 922 -17.92 -8.85 2.52
N GLN B 923 -18.46 -10.07 2.51
CA GLN B 923 -17.71 -11.25 2.94
C GLN B 923 -17.08 -11.95 1.73
N LYS B 924 -16.16 -11.24 1.09
CA LYS B 924 -15.47 -11.78 -0.07
C LYS B 924 -14.47 -12.86 0.34
N GLY B 925 -14.19 -13.75 -0.60
CA GLY B 925 -13.19 -14.79 -0.37
C GLY B 925 -13.03 -15.72 -1.54
N VAL B 926 -11.84 -16.28 -1.70
CA VAL B 926 -11.59 -17.17 -2.84
C VAL B 926 -11.94 -18.59 -2.44
N CYS B 927 -12.31 -19.38 -3.45
CA CYS B 927 -12.50 -20.81 -3.23
C CYS B 927 -11.17 -21.48 -2.96
N SER B 928 -11.14 -22.38 -1.98
CA SER B 928 -9.92 -23.09 -1.62
C SER B 928 -9.89 -24.52 -2.13
N ARG B 929 -10.93 -25.29 -1.85
CA ARG B 929 -11.03 -26.64 -2.38
C ARG B 929 -12.49 -26.93 -2.67
N LYS B 930 -12.74 -27.62 -3.78
CA LYS B 930 -14.08 -28.10 -4.08
C LYS B 930 -14.27 -29.40 -3.32
N TRP B 931 -14.84 -29.27 -2.13
CA TRP B 931 -14.97 -30.37 -1.20
C TRP B 931 -15.91 -31.43 -1.77
N PRO B 932 -15.46 -32.68 -1.92
CA PRO B 932 -16.36 -33.73 -2.40
C PRO B 932 -17.55 -33.87 -1.47
N THR B 933 -18.71 -34.12 -2.05
CA THR B 933 -19.96 -34.02 -1.30
C THR B 933 -20.03 -35.03 -0.17
N ILE B 934 -19.37 -36.18 -0.32
CA ILE B 934 -19.39 -37.18 0.75
C ILE B 934 -18.56 -36.73 1.94
N ASP B 935 -17.61 -35.83 1.74
CA ASP B 935 -16.77 -35.33 2.83
C ASP B 935 -17.35 -34.08 3.47
N MET B 936 -18.42 -33.59 2.98
CA MET B 936 -19.04 -32.42 3.59
C MET B 936 -19.94 -32.84 4.74
N PRO B 937 -20.12 -31.98 5.75
CA PRO B 937 -21.11 -32.27 6.79
C PRO B 937 -22.51 -32.30 6.20
N PHE B 938 -23.33 -33.20 6.72
CA PHE B 938 -24.70 -33.36 6.23
C PHE B 938 -25.66 -33.26 7.41
N SER B 939 -26.83 -32.67 7.16
CA SER B 939 -27.76 -32.32 8.21
C SER B 939 -28.77 -33.45 8.45
N GLU B 940 -29.63 -33.26 9.44
CA GLU B 940 -30.67 -34.24 9.74
C GLU B 940 -31.72 -34.32 8.63
N THR B 941 -31.82 -33.29 7.79
CA THR B 941 -32.74 -33.33 6.67
C THR B 941 -32.14 -34.00 5.44
N GLY B 942 -30.85 -34.31 5.46
CA GLY B 942 -30.17 -34.95 4.35
C GLY B 942 -29.37 -34.02 3.48
N ILE B 943 -29.50 -32.71 3.67
CA ILE B 943 -28.84 -31.73 2.81
C ILE B 943 -27.43 -31.48 3.29
N GLN B 944 -26.58 -31.05 2.36
CA GLN B 944 -25.25 -30.56 2.66
C GLN B 944 -25.08 -29.18 2.06
N PRO B 945 -24.39 -28.27 2.76
CA PRO B 945 -24.23 -26.91 2.24
C PRO B 945 -23.39 -26.88 0.97
N ASP B 946 -23.70 -25.91 0.11
CA ASP B 946 -22.87 -25.66 -1.06
C ASP B 946 -21.83 -24.58 -0.81
N ILE B 947 -21.85 -23.94 0.36
CA ILE B 947 -20.86 -22.94 0.74
C ILE B 947 -20.51 -23.16 2.21
N ILE B 948 -19.22 -23.16 2.51
CA ILE B 948 -18.71 -23.18 3.88
C ILE B 948 -17.95 -21.88 4.10
N ILE B 949 -18.40 -21.08 5.06
CA ILE B 949 -17.75 -19.84 5.45
C ILE B 949 -17.37 -19.96 6.93
N ASN B 950 -16.13 -19.61 7.25
CA ASN B 950 -15.63 -19.81 8.59
C ASN B 950 -16.35 -18.90 9.58
N PRO B 951 -16.64 -19.38 10.79
CA PRO B 951 -17.21 -18.49 11.80
C PRO B 951 -16.24 -17.42 12.28
N HIS B 952 -14.95 -17.60 12.01
CA HIS B 952 -13.93 -16.64 12.42
C HIS B 952 -13.83 -15.45 11.48
N ALA B 953 -14.80 -15.25 10.59
CA ALA B 953 -14.84 -14.07 9.75
C ALA B 953 -15.78 -12.99 10.27
N PHE B 954 -16.77 -13.38 11.07
CA PHE B 954 -17.78 -12.49 11.62
C PHE B 954 -17.33 -11.68 12.83
N PRO B 955 -16.62 -12.26 13.81
CA PRO B 955 -16.38 -11.52 15.06
C PRO B 955 -15.63 -10.21 14.86
N SER B 956 -14.68 -10.17 13.93
CA SER B 956 -13.92 -8.95 13.68
C SER B 956 -14.55 -8.07 12.63
N ARG B 957 -15.36 -8.63 11.74
CA ARG B 957 -16.07 -7.86 10.73
C ARG B 957 -17.41 -7.33 11.22
N MET B 958 -18.07 -8.07 12.12
CA MET B 958 -19.37 -7.68 12.67
C MET B 958 -20.43 -7.56 11.59
N THR B 959 -20.54 -8.61 10.78
CA THR B 959 -21.56 -8.69 9.74
C THR B 959 -22.73 -9.54 10.23
N ILE B 960 -23.43 -8.99 11.22
CA ILE B 960 -24.61 -9.66 11.76
C ILE B 960 -25.74 -9.69 10.73
N GLY B 961 -25.73 -8.76 9.78
CA GLY B 961 -26.68 -8.82 8.69
C GLY B 961 -26.62 -10.13 7.94
N MET B 962 -25.42 -10.74 7.86
CA MET B 962 -25.31 -12.05 7.20
C MET B 962 -25.98 -13.14 8.03
N PHE B 963 -25.83 -13.09 9.35
CA PHE B 963 -26.52 -14.04 10.21
C PHE B 963 -28.03 -13.94 10.04
N VAL B 964 -28.56 -12.70 10.13
CA VAL B 964 -30.01 -12.55 10.06
C VAL B 964 -30.50 -12.82 8.64
N GLU B 965 -29.67 -12.62 7.63
CA GLU B 965 -30.06 -12.97 6.27
C GLU B 965 -30.10 -14.48 6.07
N SER B 966 -29.17 -15.21 6.68
CA SER B 966 -29.27 -16.66 6.67
C SER B 966 -30.54 -17.13 7.33
N LEU B 967 -30.87 -16.53 8.49
CA LEU B 967 -32.10 -16.88 9.19
C LEU B 967 -33.33 -16.63 8.31
N ALA B 968 -33.41 -15.43 7.74
CA ALA B 968 -34.56 -15.07 6.91
C ALA B 968 -34.63 -15.92 5.66
N GLY B 969 -33.47 -16.23 5.06
CA GLY B 969 -33.48 -17.04 3.86
C GLY B 969 -33.98 -18.45 4.10
N LYS B 970 -33.53 -19.07 5.20
CA LYS B 970 -34.04 -20.40 5.53
C LYS B 970 -35.53 -20.34 5.83
N ALA B 971 -35.97 -19.33 6.59
CA ALA B 971 -37.40 -19.22 6.91
C ALA B 971 -38.23 -19.03 5.65
N GLY B 972 -37.78 -18.18 4.74
CA GLY B 972 -38.53 -17.94 3.52
C GLY B 972 -38.54 -19.14 2.59
N ALA B 973 -37.42 -19.86 2.50
CA ALA B 973 -37.40 -21.06 1.67
C ALA B 973 -38.30 -22.14 2.24
N LEU B 974 -38.36 -22.25 3.56
CA LEU B 974 -39.24 -23.24 4.18
C LEU B 974 -40.72 -22.87 3.97
N HIS B 975 -41.07 -21.62 4.22
CA HIS B 975 -42.45 -21.18 4.06
C HIS B 975 -42.79 -20.80 2.63
N GLY B 976 -41.83 -20.83 1.71
CA GLY B 976 -42.10 -20.46 0.33
C GLY B 976 -42.49 -19.01 0.14
N ILE B 977 -41.94 -18.11 0.95
CA ILE B 977 -42.26 -16.69 0.84
C ILE B 977 -40.97 -15.90 0.66
N ALA B 978 -41.09 -14.58 0.55
CA ALA B 978 -39.95 -13.67 0.49
C ALA B 978 -40.09 -12.66 1.61
N GLN B 979 -38.98 -12.39 2.30
CA GLN B 979 -38.97 -11.44 3.41
C GLN B 979 -38.23 -10.18 2.98
N ASP B 980 -38.84 -9.02 3.24
CA ASP B 980 -38.20 -7.76 2.91
C ASP B 980 -37.17 -7.41 3.96
N SER B 981 -36.06 -6.82 3.51
CA SER B 981 -34.91 -6.57 4.37
C SER B 981 -34.45 -5.13 4.27
N THR B 982 -35.37 -4.22 3.96
CA THR B 982 -35.00 -2.81 3.95
C THR B 982 -34.63 -2.38 5.35
N PRO B 983 -33.58 -1.56 5.51
CA PRO B 983 -33.14 -1.20 6.85
C PRO B 983 -34.18 -0.37 7.60
N TRP B 984 -34.13 -0.48 8.93
CA TRP B 984 -34.96 0.29 9.84
C TRP B 984 -36.44 -0.07 9.75
N ILE B 985 -36.75 -1.32 9.44
CA ILE B 985 -38.12 -1.81 9.53
C ILE B 985 -38.30 -2.52 10.86
N PHE B 986 -37.20 -3.06 11.39
CA PHE B 986 -37.19 -3.65 12.71
C PHE B 986 -36.85 -2.61 13.77
N ASN B 987 -37.14 -2.94 15.01
CA ASN B 987 -36.85 -2.07 16.15
C ASN B 987 -35.99 -2.83 17.15
N GLU B 988 -35.64 -2.14 18.24
CA GLU B 988 -34.99 -2.82 19.35
C GLU B 988 -35.97 -3.66 20.15
N ASP B 989 -37.27 -3.42 19.98
CA ASP B 989 -38.30 -4.24 20.62
C ASP B 989 -38.51 -5.53 19.83
N ASP B 990 -38.90 -5.42 18.56
CA ASP B 990 -39.11 -6.59 17.70
C ASP B 990 -37.83 -6.85 16.91
N THR B 991 -36.91 -7.55 17.56
CA THR B 991 -35.66 -7.94 16.92
C THR B 991 -35.95 -8.88 15.74
N PRO B 992 -35.25 -8.74 14.62
CA PRO B 992 -35.45 -9.69 13.52
C PRO B 992 -35.15 -11.12 13.90
N ALA B 993 -34.25 -11.33 14.87
CA ALA B 993 -33.99 -12.69 15.33
C ALA B 993 -35.25 -13.33 15.88
N ASP B 994 -36.03 -12.59 16.67
CA ASP B 994 -37.28 -13.12 17.20
C ASP B 994 -38.26 -13.46 16.07
N TYR B 995 -38.39 -12.55 15.10
CA TYR B 995 -39.35 -12.73 14.01
C TYR B 995 -39.01 -13.96 13.17
N PHE B 996 -37.77 -14.04 12.70
CA PHE B 996 -37.40 -15.18 11.87
C PHE B 996 -37.27 -16.45 12.67
N GLY B 997 -36.96 -16.36 13.97
CA GLY B 997 -36.94 -17.55 14.80
C GLY B 997 -38.32 -18.13 15.00
N GLU B 998 -39.32 -17.28 15.21
CA GLU B 998 -40.69 -17.76 15.31
C GLU B 998 -41.15 -18.35 13.98
N GLN B 999 -40.75 -17.74 12.87
CA GLN B 999 -41.07 -18.33 11.56
C GLN B 999 -40.43 -19.70 11.40
N LEU B 1000 -39.18 -19.87 11.86
CA LEU B 1000 -38.51 -21.16 11.75
C LEU B 1000 -39.14 -22.18 12.68
N ALA B 1001 -39.57 -21.75 13.87
CA ALA B 1001 -40.15 -22.67 14.84
C ALA B 1001 -41.52 -23.14 14.40
N LYS B 1002 -42.30 -22.27 13.74
CA LYS B 1002 -43.59 -22.70 13.22
C LYS B 1002 -43.46 -23.70 12.08
N ALA B 1003 -42.26 -23.92 11.55
CA ALA B 1003 -42.02 -24.89 10.50
C ALA B 1003 -41.29 -26.13 10.99
N GLY B 1004 -40.93 -26.20 12.28
CA GLY B 1004 -40.27 -27.36 12.82
C GLY B 1004 -38.83 -27.13 13.23
N TYR B 1005 -38.09 -26.36 12.42
CA TYR B 1005 -36.69 -26.08 12.72
C TYR B 1005 -36.58 -25.22 13.98
N ASN B 1006 -35.36 -25.08 14.47
CA ASN B 1006 -35.17 -24.46 15.77
C ASN B 1006 -35.18 -22.94 15.66
N TYR B 1007 -35.32 -22.29 16.82
CA TYR B 1007 -35.50 -20.85 16.87
C TYR B 1007 -34.26 -20.09 16.43
N HIS B 1008 -33.08 -20.62 16.71
CA HIS B 1008 -31.84 -19.90 16.47
C HIS B 1008 -31.21 -20.23 15.13
N GLY B 1009 -31.84 -21.08 14.33
CA GLY B 1009 -31.36 -21.38 13.00
C GLY B 1009 -30.32 -22.48 12.94
N ASN B 1010 -29.96 -23.09 14.05
CA ASN B 1010 -28.98 -24.16 14.06
C ASN B 1010 -29.61 -25.47 13.58
N GLU B 1011 -28.76 -26.35 13.03
CA GLU B 1011 -29.22 -27.66 12.61
C GLU B 1011 -28.24 -28.73 13.07
N PRO B 1012 -28.74 -29.91 13.45
CA PRO B 1012 -27.84 -31.01 13.83
C PRO B 1012 -27.21 -31.62 12.58
N MET B 1013 -25.89 -31.50 12.47
CA MET B 1013 -25.16 -32.02 11.33
C MET B 1013 -24.18 -33.10 11.77
N TYR B 1014 -23.73 -33.89 10.80
CA TYR B 1014 -22.82 -35.00 11.03
C TYR B 1014 -21.62 -34.84 10.12
N SER B 1015 -20.43 -35.13 10.65
CA SER B 1015 -19.22 -34.98 9.84
C SER B 1015 -19.20 -36.05 8.76
N GLY B 1016 -18.94 -35.63 7.53
CA GLY B 1016 -18.95 -36.55 6.41
C GLY B 1016 -17.75 -37.46 6.35
N ALA B 1017 -16.73 -37.22 7.17
CA ALA B 1017 -15.53 -38.07 7.20
C ALA B 1017 -15.65 -39.16 8.25
N THR B 1018 -15.80 -38.76 9.53
CA THR B 1018 -15.93 -39.73 10.60
C THR B 1018 -17.32 -40.35 10.63
N GLY B 1019 -18.36 -39.56 10.32
CA GLY B 1019 -19.72 -40.04 10.35
C GLY B 1019 -20.46 -39.79 11.65
N GLU B 1020 -19.77 -39.32 12.68
CA GLU B 1020 -20.40 -39.05 13.97
C GLU B 1020 -21.01 -37.65 13.96
N GLU B 1021 -21.97 -37.44 14.86
CA GLU B 1021 -22.58 -36.14 14.99
C GLU B 1021 -21.60 -35.14 15.58
N LEU B 1022 -21.70 -33.90 15.12
CA LEU B 1022 -20.78 -32.86 15.57
C LEU B 1022 -21.11 -32.47 17.02
N ARG B 1023 -20.19 -31.71 17.62
CA ARG B 1023 -20.28 -31.41 19.04
C ARG B 1023 -21.52 -30.60 19.38
N ALA B 1024 -21.84 -29.60 18.56
CA ALA B 1024 -23.01 -28.78 18.77
C ALA B 1024 -23.78 -28.64 17.46
N ASP B 1025 -24.93 -28.00 17.53
CA ASP B 1025 -25.70 -27.73 16.33
C ASP B 1025 -25.00 -26.69 15.47
N ILE B 1026 -25.19 -26.82 14.17
CA ILE B 1026 -24.46 -26.03 13.17
C ILE B 1026 -25.39 -24.95 12.64
N TYR B 1027 -24.87 -23.73 12.52
CA TYR B 1027 -25.64 -22.62 12.00
C TYR B 1027 -25.59 -22.67 10.47
N VAL B 1028 -26.74 -22.95 9.85
CA VAL B 1028 -26.83 -23.10 8.41
C VAL B 1028 -28.15 -22.50 7.94
N GLY B 1029 -28.11 -21.78 6.83
CA GLY B 1029 -29.29 -21.18 6.26
C GLY B 1029 -29.10 -20.97 4.77
N VAL B 1030 -29.83 -19.99 4.24
CA VAL B 1030 -29.79 -19.65 2.83
C VAL B 1030 -29.42 -18.18 2.70
N VAL B 1031 -28.32 -17.91 1.99
CA VAL B 1031 -27.88 -16.54 1.75
C VAL B 1031 -27.64 -16.36 0.26
N TYR B 1032 -27.70 -15.11 -0.18
CA TYR B 1032 -27.51 -14.78 -1.58
C TYR B 1032 -26.02 -14.57 -1.83
N TYR B 1033 -25.45 -15.32 -2.76
CA TYR B 1033 -24.03 -15.31 -3.04
C TYR B 1033 -23.77 -14.85 -4.46
N GLN B 1034 -22.78 -13.99 -4.62
CA GLN B 1034 -22.38 -13.44 -5.90
C GLN B 1034 -21.02 -13.99 -6.30
N ARG B 1035 -20.85 -14.23 -7.59
CA ARG B 1035 -19.56 -14.63 -8.13
C ARG B 1035 -18.89 -13.41 -8.74
N LEU B 1036 -17.78 -12.99 -8.17
CA LEU B 1036 -17.07 -11.83 -8.68
C LEU B 1036 -16.28 -12.18 -9.93
N ARG B 1037 -15.91 -11.14 -10.68
CA ARG B 1037 -15.28 -11.29 -11.98
C ARG B 1037 -13.76 -11.45 -11.90
N HIS B 1038 -13.23 -11.78 -10.73
CA HIS B 1038 -11.78 -11.92 -10.55
C HIS B 1038 -11.43 -13.40 -10.51
N MET B 1039 -11.26 -13.96 -11.71
CA MET B 1039 -10.88 -15.36 -11.82
C MET B 1039 -9.37 -15.53 -11.67
N VAL B 1040 -8.92 -16.78 -11.66
CA VAL B 1040 -7.50 -17.07 -11.57
C VAL B 1040 -6.85 -17.15 -12.95
N ASN B 1041 -7.60 -17.59 -13.97
CA ASN B 1041 -7.05 -17.69 -15.31
C ASN B 1041 -6.60 -16.35 -15.85
N ASP B 1042 -7.10 -15.25 -15.29
CA ASP B 1042 -6.66 -13.91 -15.66
C ASP B 1042 -5.49 -13.41 -14.83
N LYS B 1043 -5.09 -14.14 -13.78
CA LYS B 1043 -4.14 -13.64 -12.80
C LYS B 1043 -2.88 -14.48 -12.64
N PHE B 1044 -2.87 -15.73 -13.06
CA PHE B 1044 -1.69 -16.57 -12.91
C PHE B 1044 -0.77 -16.36 -14.09
N GLN B 1045 0.54 -16.39 -13.82
CA GLN B 1045 1.54 -16.19 -14.87
C GLN B 1045 2.85 -16.82 -14.40
N VAL B 1046 3.52 -17.49 -15.33
CA VAL B 1046 4.81 -18.12 -15.07
C VAL B 1046 5.69 -17.88 -16.27
N ARG B 1047 6.92 -17.45 -16.03
CA ARG B 1047 7.89 -17.22 -17.10
C ARG B 1047 9.18 -17.96 -16.76
N SER B 1048 9.67 -18.73 -17.73
CA SER B 1048 11.01 -19.31 -17.65
C SER B 1048 11.99 -18.48 -18.48
N THR B 1049 11.71 -18.31 -19.76
CA THR B 1049 12.40 -17.37 -20.63
C THR B 1049 11.38 -16.75 -21.58
N GLY B 1050 11.84 -15.92 -22.49
CA GLY B 1050 10.96 -15.30 -23.45
C GLY B 1050 11.52 -14.04 -24.06
N PRO B 1051 10.64 -13.14 -24.49
CA PRO B 1051 11.09 -11.89 -25.08
C PRO B 1051 11.78 -11.00 -24.06
N VAL B 1052 12.64 -10.12 -24.57
CA VAL B 1052 13.42 -9.22 -23.73
C VAL B 1052 13.30 -7.80 -24.28
N ASN B 1053 13.47 -6.83 -23.41
CA ASN B 1053 13.52 -5.44 -23.83
C ASN B 1053 14.77 -5.21 -24.67
N SER B 1054 14.65 -4.35 -25.69
CA SER B 1054 15.71 -4.23 -26.68
C SER B 1054 16.97 -3.58 -26.11
N LEU B 1055 16.81 -2.46 -25.41
CA LEU B 1055 17.96 -1.67 -24.98
C LEU B 1055 18.44 -2.01 -23.57
N THR B 1056 17.77 -2.92 -22.87
CA THR B 1056 18.22 -3.37 -21.57
C THR B 1056 18.39 -4.88 -21.47
N MET B 1057 17.91 -5.65 -22.45
CA MET B 1057 18.01 -7.11 -22.47
C MET B 1057 17.37 -7.75 -21.24
N GLN B 1058 16.47 -7.05 -20.58
CA GLN B 1058 15.73 -7.57 -19.45
C GLN B 1058 14.35 -8.03 -19.89
N PRO B 1059 13.71 -8.89 -19.11
CA PRO B 1059 12.36 -9.35 -19.46
C PRO B 1059 11.39 -8.19 -19.61
N VAL B 1060 10.41 -8.39 -20.50
CA VAL B 1060 9.41 -7.38 -20.83
C VAL B 1060 8.41 -7.26 -19.70
N LYS B 1061 7.58 -6.22 -19.74
CA LYS B 1061 6.53 -6.01 -18.75
C LYS B 1061 5.19 -6.44 -19.33
N GLY B 1062 4.42 -7.19 -18.55
CA GLY B 1062 3.09 -7.58 -18.98
C GLY B 1062 2.81 -9.06 -18.94
N ARG B 1063 1.68 -9.44 -18.35
CA ARG B 1063 1.29 -10.85 -18.33
C ARG B 1063 0.97 -11.35 -19.73
N LYS B 1064 0.34 -10.52 -20.55
CA LYS B 1064 -0.07 -10.93 -21.88
C LYS B 1064 1.10 -11.00 -22.86
N ARG B 1065 2.29 -10.57 -22.45
CA ARG B 1065 3.46 -10.57 -23.31
C ARG B 1065 4.52 -11.55 -22.84
N HIS B 1066 4.17 -12.47 -21.94
CA HIS B 1066 5.11 -13.43 -21.36
C HIS B 1066 6.30 -12.73 -20.72
N GLY B 1067 6.04 -11.64 -20.01
CA GLY B 1067 7.07 -10.85 -19.38
C GLY B 1067 7.29 -11.25 -17.93
N GLY B 1068 8.51 -11.00 -17.46
CA GLY B 1068 8.86 -11.32 -16.09
C GLY B 1068 8.26 -10.36 -15.09
N ILE B 1069 8.30 -10.77 -13.83
CA ILE B 1069 7.83 -9.94 -12.74
C ILE B 1069 9.01 -9.18 -12.16
N ARG B 1070 8.71 -8.08 -11.47
CA ARG B 1070 9.73 -7.13 -11.06
C ARG B 1070 10.20 -7.41 -9.64
N VAL B 1071 11.51 -7.53 -9.48
CA VAL B 1071 12.14 -7.58 -8.15
C VAL B 1071 12.66 -6.18 -7.89
N GLY B 1072 11.85 -5.36 -7.23
CA GLY B 1072 12.16 -3.97 -7.02
C GLY B 1072 13.18 -3.75 -5.92
N GLU B 1073 13.29 -2.48 -5.52
CA GLU B 1073 14.25 -2.11 -4.48
C GLU B 1073 13.82 -2.62 -3.11
N MET B 1074 12.52 -2.64 -2.84
CA MET B 1074 12.03 -3.10 -1.54
C MET B 1074 12.19 -4.61 -1.37
N GLU B 1075 12.39 -5.35 -2.45
CA GLU B 1075 12.79 -6.75 -2.34
C GLU B 1075 14.30 -6.90 -2.35
N ARG B 1076 14.99 -5.98 -3.02
CA ARG B 1076 16.46 -5.99 -3.02
C ARG B 1076 17.00 -5.79 -1.61
N ASP B 1077 16.43 -4.84 -0.87
CA ASP B 1077 16.94 -4.61 0.48
C ASP B 1077 16.55 -5.74 1.42
N ALA B 1078 15.41 -6.40 1.18
CA ALA B 1078 15.06 -7.57 1.96
C ALA B 1078 16.02 -8.71 1.70
N LEU B 1079 16.43 -8.91 0.44
CA LEU B 1079 17.42 -9.93 0.14
C LEU B 1079 18.77 -9.59 0.76
N ILE B 1080 19.11 -8.30 0.81
CA ILE B 1080 20.34 -7.90 1.50
C ILE B 1080 20.24 -8.18 2.99
N GLY B 1081 19.06 -7.95 3.57
CA GLY B 1081 18.89 -8.15 5.00
C GLY B 1081 19.09 -9.58 5.44
N HIS B 1082 18.65 -10.54 4.61
CA HIS B 1082 18.88 -11.94 4.92
C HIS B 1082 20.35 -12.30 4.92
N GLY B 1083 21.20 -11.47 4.33
CA GLY B 1083 22.59 -11.83 4.09
C GLY B 1083 22.80 -12.71 2.89
N THR B 1084 21.73 -13.03 2.16
CA THR B 1084 21.81 -13.89 0.98
C THR B 1084 22.35 -13.07 -0.18
N SER B 1085 23.67 -13.13 -0.35
CA SER B 1085 24.31 -12.39 -1.44
C SER B 1085 24.08 -13.09 -2.78
N PHE B 1086 24.13 -14.42 -2.80
CA PHE B 1086 23.98 -15.14 -4.06
C PHE B 1086 22.53 -15.14 -4.53
N LEU B 1087 21.57 -15.07 -3.62
CA LEU B 1087 20.18 -14.87 -4.04
C LEU B 1087 20.01 -13.52 -4.73
N LEU B 1088 20.63 -12.48 -4.17
CA LEU B 1088 20.57 -11.17 -4.80
C LEU B 1088 21.24 -11.18 -6.16
N GLN B 1089 22.38 -11.88 -6.27
CA GLN B 1089 23.05 -11.96 -7.57
C GLN B 1089 22.26 -12.78 -8.57
N ASP B 1090 21.50 -13.78 -8.09
CA ASP B 1090 20.70 -14.60 -8.99
C ASP B 1090 19.46 -13.88 -9.48
N ARG B 1091 18.87 -13.05 -8.61
CA ARG B 1091 17.68 -12.31 -9.02
C ARG B 1091 18.05 -11.09 -9.85
N LEU B 1092 18.89 -10.21 -9.32
CA LEU B 1092 19.17 -8.94 -9.98
C LEU B 1092 20.12 -9.08 -11.17
N LEU B 1093 21.05 -10.02 -11.12
CA LEU B 1093 22.08 -10.10 -12.15
C LEU B 1093 22.05 -11.40 -12.95
N ASN B 1094 22.09 -12.55 -12.27
CA ASN B 1094 22.34 -13.80 -12.98
C ASN B 1094 21.20 -14.19 -13.93
N SER B 1095 19.97 -13.79 -13.62
CA SER B 1095 18.84 -14.21 -14.44
C SER B 1095 17.96 -13.04 -14.84
N SER B 1096 18.52 -11.84 -14.97
CA SER B 1096 17.78 -10.73 -15.56
C SER B 1096 18.42 -10.24 -16.85
N ASP B 1097 19.69 -9.82 -16.81
CA ASP B 1097 20.36 -9.32 -18.01
C ASP B 1097 21.85 -9.66 -18.01
N TYR B 1098 22.22 -10.79 -17.42
CA TYR B 1098 23.62 -11.21 -17.37
C TYR B 1098 24.19 -11.33 -18.78
N THR B 1099 25.39 -10.78 -18.98
CA THR B 1099 26.09 -10.95 -20.24
C THR B 1099 27.58 -10.92 -19.97
N GLN B 1100 28.34 -11.49 -20.90
CA GLN B 1100 29.80 -11.51 -20.83
C GLN B 1100 30.33 -10.59 -21.92
N ALA B 1101 30.68 -9.36 -21.53
CA ALA B 1101 31.12 -8.34 -22.48
C ALA B 1101 32.64 -8.23 -22.46
N SER B 1102 33.23 -7.96 -23.62
CA SER B 1102 34.66 -7.76 -23.71
C SER B 1102 35.02 -6.34 -23.27
N VAL B 1103 36.06 -6.23 -22.45
CA VAL B 1103 36.53 -4.97 -21.92
C VAL B 1103 37.99 -4.81 -22.31
N CYS B 1104 38.37 -3.62 -22.77
CA CYS B 1104 39.77 -3.36 -23.05
C CYS B 1104 40.53 -3.19 -21.74
N ARG B 1105 41.49 -4.08 -21.50
CA ARG B 1105 42.18 -4.10 -20.22
C ARG B 1105 42.97 -2.82 -19.97
N GLU B 1106 43.43 -2.16 -21.03
CA GLU B 1106 44.27 -0.98 -20.86
C GLU B 1106 43.48 0.32 -20.89
N CYS B 1107 42.48 0.45 -21.78
CA CYS B 1107 41.69 1.67 -21.81
C CYS B 1107 40.51 1.63 -20.85
N GLY B 1108 40.14 0.44 -20.38
CA GLY B 1108 39.09 0.32 -19.39
C GLY B 1108 37.72 0.77 -19.86
N SER B 1109 37.40 0.54 -21.13
CA SER B 1109 36.11 0.93 -21.67
C SER B 1109 35.35 -0.31 -22.14
N ILE B 1110 34.05 -0.30 -21.92
CA ILE B 1110 33.20 -1.45 -22.24
C ILE B 1110 32.83 -1.46 -23.71
N LEU B 1111 32.40 -0.32 -24.24
CA LEU B 1111 31.76 -0.25 -25.54
C LEU B 1111 32.70 0.18 -26.67
N THR B 1112 33.98 0.37 -26.40
CA THR B 1112 34.93 0.78 -27.41
C THR B 1112 35.65 -0.39 -28.07
N THR B 1113 35.26 -1.61 -27.74
CA THR B 1113 35.84 -2.79 -28.36
C THR B 1113 34.95 -3.28 -29.51
N GLN B 1114 35.52 -4.12 -30.36
CA GLN B 1114 34.79 -4.70 -31.48
C GLN B 1114 35.47 -5.98 -31.91
N GLN B 1115 34.81 -6.71 -32.80
CA GLN B 1115 35.37 -7.91 -33.40
C GLN B 1115 36.34 -7.51 -34.51
N SER B 1116 36.76 -8.47 -35.31
CA SER B 1116 37.60 -8.19 -36.47
C SER B 1116 37.09 -8.95 -37.68
N VAL B 1117 37.38 -8.42 -38.85
CA VAL B 1117 37.01 -9.09 -40.10
C VAL B 1117 38.27 -9.71 -40.67
N PRO B 1118 38.47 -11.01 -40.49
CA PRO B 1118 39.74 -11.64 -40.87
C PRO B 1118 39.82 -11.91 -42.37
N ARG B 1119 41.03 -12.24 -42.81
CA ARG B 1119 41.20 -12.80 -44.14
C ARG B 1119 40.69 -14.24 -44.16
N ILE B 1120 40.55 -14.78 -45.37
CA ILE B 1120 40.14 -16.18 -45.51
C ILE B 1120 41.26 -17.04 -44.94
N GLY B 1121 40.99 -17.71 -43.82
CA GLY B 1121 41.96 -18.55 -43.15
C GLY B 1121 42.38 -18.04 -41.78
N SER B 1122 42.19 -16.75 -41.50
CA SER B 1122 42.52 -16.20 -40.20
C SER B 1122 41.34 -16.39 -39.24
N ILE B 1123 41.53 -15.95 -38.00
CA ILE B 1123 40.53 -16.08 -36.94
C ILE B 1123 40.15 -14.68 -36.46
N SER B 1124 38.85 -14.42 -36.39
CA SER B 1124 38.38 -13.13 -35.90
C SER B 1124 38.61 -13.00 -34.41
N THR B 1125 39.33 -11.95 -34.02
CA THR B 1125 39.64 -11.67 -32.63
C THR B 1125 38.89 -10.42 -32.17
N VAL B 1126 39.17 -10.00 -30.94
CA VAL B 1126 38.50 -8.86 -30.31
C VAL B 1126 39.52 -7.75 -30.12
N CYS B 1127 39.20 -6.56 -30.63
CA CYS B 1127 40.12 -5.44 -30.64
C CYS B 1127 39.41 -4.17 -30.19
N CYS B 1128 40.20 -3.19 -29.78
CA CYS B 1128 39.70 -1.92 -29.26
C CYS B 1128 40.04 -0.79 -30.22
N ARG B 1129 39.02 0.00 -30.58
CA ARG B 1129 39.26 1.17 -31.43
C ARG B 1129 40.14 2.19 -30.71
N ARG B 1130 39.83 2.48 -29.45
CA ARG B 1130 40.49 3.57 -28.74
C ARG B 1130 41.98 3.31 -28.56
N CYS B 1131 42.35 2.06 -28.23
CA CYS B 1131 43.73 1.71 -27.93
C CYS B 1131 44.45 1.11 -29.13
N SER B 1132 44.08 1.52 -30.34
CA SER B 1132 44.74 1.03 -31.55
C SER B 1132 45.14 2.23 -32.41
N MET B 1133 46.15 2.01 -33.24
CA MET B 1133 46.67 3.04 -34.13
C MET B 1133 46.24 2.73 -35.55
N ARG B 1134 45.81 3.76 -36.28
CA ARG B 1134 45.57 3.59 -37.71
C ARG B 1134 46.87 3.25 -38.40
N PHE B 1135 46.85 2.17 -39.19
CA PHE B 1135 48.08 1.61 -39.73
C PHE B 1135 48.83 2.60 -40.62
N GLU B 1136 48.13 3.58 -41.19
CA GLU B 1136 48.80 4.60 -41.98
C GLU B 1136 49.78 5.40 -41.14
N ASP B 1137 49.40 5.74 -39.90
CA ASP B 1137 50.20 6.57 -39.02
C ASP B 1137 51.15 5.77 -38.13
N ALA B 1138 51.20 4.45 -38.30
CA ALA B 1138 52.10 3.63 -37.49
C ALA B 1138 53.43 3.43 -38.20
N ASP B 1155 53.37 -8.35 -38.45
CA ASP B 1155 52.10 -8.61 -39.13
C ASP B 1155 51.14 -9.32 -38.18
N SER B 1156 51.56 -9.48 -36.92
CA SER B 1156 50.74 -10.13 -35.91
C SER B 1156 49.87 -9.16 -35.12
N GLN B 1157 50.01 -7.86 -35.33
CA GLN B 1157 49.17 -6.86 -34.69
C GLN B 1157 48.21 -6.17 -35.66
N ILE B 1158 48.18 -6.59 -36.91
CA ILE B 1158 47.38 -5.92 -37.94
C ILE B 1158 46.01 -6.56 -38.00
N TRP B 1159 44.97 -5.75 -37.82
CA TRP B 1159 43.60 -6.21 -37.93
C TRP B 1159 42.79 -5.23 -38.75
N GLU B 1160 41.70 -5.72 -39.33
CA GLU B 1160 40.90 -4.95 -40.27
C GLU B 1160 39.42 -5.04 -39.89
N ASP B 1161 38.68 -3.99 -40.24
CA ASP B 1161 37.23 -3.95 -40.09
C ASP B 1161 36.60 -4.07 -41.48
N GLY B 1162 35.26 -4.11 -41.50
CA GLY B 1162 34.57 -4.23 -42.76
C GLY B 1162 34.82 -3.08 -43.70
N GLN B 1163 34.98 -1.87 -43.15
CA GLN B 1163 35.27 -0.71 -43.98
C GLN B 1163 36.64 -0.82 -44.65
N GLY B 1164 37.56 -1.58 -44.06
CA GLY B 1164 38.88 -1.79 -44.61
C GLY B 1164 39.98 -1.00 -43.94
N ASN B 1165 39.65 0.01 -43.15
CA ASN B 1165 40.67 0.79 -42.46
C ASN B 1165 41.48 -0.11 -41.54
N LYS B 1166 42.78 -0.21 -41.83
CA LYS B 1166 43.65 -1.17 -41.17
C LYS B 1166 44.22 -0.56 -39.89
N PHE B 1167 44.25 -1.36 -38.82
CA PHE B 1167 44.66 -0.90 -37.50
C PHE B 1167 45.71 -1.84 -36.93
N VAL B 1168 46.49 -1.31 -35.99
CA VAL B 1168 47.52 -2.06 -35.29
C VAL B 1168 47.36 -1.80 -33.80
N GLY B 1169 47.31 -2.87 -33.02
CA GLY B 1169 47.21 -2.76 -31.58
C GLY B 1169 45.80 -2.99 -31.06
N GLY B 1170 45.59 -2.53 -29.83
CA GLY B 1170 44.29 -2.70 -29.18
C GLY B 1170 43.90 -4.13 -28.93
N ASN B 1171 44.88 -5.01 -28.73
CA ASN B 1171 44.64 -6.43 -28.58
C ASN B 1171 44.61 -6.89 -27.13
N GLU B 1172 44.59 -5.94 -26.19
CA GLU B 1172 44.59 -6.27 -24.76
C GLU B 1172 43.16 -6.13 -24.24
N THR B 1173 42.37 -7.18 -24.40
CA THR B 1173 40.98 -7.18 -23.97
C THR B 1173 40.63 -8.53 -23.36
N THR B 1174 39.64 -8.52 -22.47
CA THR B 1174 39.27 -9.72 -21.72
C THR B 1174 37.79 -9.66 -21.38
N THR B 1175 37.19 -10.83 -21.20
CA THR B 1175 35.77 -10.92 -20.91
C THR B 1175 35.48 -10.61 -19.45
N VAL B 1176 34.37 -9.91 -19.21
CA VAL B 1176 33.90 -9.59 -17.87
C VAL B 1176 32.39 -9.76 -17.85
N ALA B 1177 31.86 -10.32 -16.76
CA ALA B 1177 30.44 -10.57 -16.62
C ALA B 1177 29.77 -9.33 -16.02
N ILE B 1178 28.94 -8.67 -16.81
CA ILE B 1178 28.25 -7.45 -16.39
C ILE B 1178 26.78 -7.55 -16.77
N PRO B 1179 25.94 -6.73 -16.16
CA PRO B 1179 24.60 -6.52 -16.72
C PRO B 1179 24.68 -5.73 -18.03
N PHE B 1180 23.68 -5.94 -18.88
CA PHE B 1180 23.64 -5.20 -20.14
C PHE B 1180 23.21 -3.75 -19.93
N VAL B 1181 22.41 -3.50 -18.88
CA VAL B 1181 22.05 -2.14 -18.55
C VAL B 1181 23.28 -1.32 -18.19
N LEU B 1182 24.36 -1.97 -17.75
CA LEU B 1182 25.61 -1.25 -17.54
C LEU B 1182 26.16 -0.72 -18.85
N LYS B 1183 26.11 -1.54 -19.90
CA LYS B 1183 26.56 -1.09 -21.22
C LYS B 1183 25.67 0.05 -21.73
N TYR B 1184 24.36 -0.07 -21.52
CA TYR B 1184 23.46 1.00 -21.94
C TYR B 1184 23.74 2.29 -21.17
N LEU B 1185 24.01 2.19 -19.87
CA LEU B 1185 24.34 3.36 -19.07
C LEU B 1185 25.65 3.99 -19.52
N ASP B 1186 26.63 3.16 -19.85
CA ASP B 1186 27.89 3.69 -20.36
C ASP B 1186 27.68 4.45 -21.67
N SER B 1187 26.82 3.91 -22.54
CA SER B 1187 26.52 4.60 -23.79
C SER B 1187 25.84 5.94 -23.53
N GLU B 1188 24.82 5.95 -22.68
CA GLU B 1188 24.12 7.20 -22.38
C GLU B 1188 25.02 8.19 -21.65
N LEU B 1189 26.00 7.70 -20.90
CA LEU B 1189 26.93 8.59 -20.22
C LEU B 1189 27.92 9.19 -21.21
N SER B 1190 28.38 8.39 -22.18
CA SER B 1190 29.25 8.92 -23.21
C SER B 1190 28.51 9.91 -24.10
N ALA B 1191 27.18 9.75 -24.22
CA ALA B 1191 26.38 10.76 -24.89
C ALA B 1191 26.41 12.08 -24.14
N MET B 1192 26.59 12.04 -22.81
CA MET B 1192 26.73 13.24 -22.00
C MET B 1192 28.14 13.81 -22.01
N GLY B 1193 29.10 13.08 -22.55
CA GLY B 1193 30.49 13.48 -22.45
C GLY B 1193 31.24 12.89 -21.28
N ILE B 1194 30.61 11.99 -20.52
CA ILE B 1194 31.23 11.37 -19.35
C ILE B 1194 31.83 10.04 -19.76
N ARG B 1195 33.08 9.80 -19.38
CA ARG B 1195 33.78 8.57 -19.68
C ARG B 1195 33.94 7.74 -18.41
N LEU B 1196 33.48 6.50 -18.45
CA LEU B 1196 33.63 5.56 -17.36
C LEU B 1196 34.76 4.59 -17.69
N ARG B 1197 35.78 4.55 -16.85
CA ARG B 1197 36.90 3.63 -17.01
C ARG B 1197 36.81 2.56 -15.94
N TYR B 1198 36.71 1.31 -16.36
CA TYR B 1198 36.62 0.17 -15.45
C TYR B 1198 37.98 -0.51 -15.38
N ASN B 1199 38.51 -0.67 -14.18
CA ASN B 1199 39.77 -1.34 -13.98
C ASN B 1199 39.51 -2.82 -13.74
N VAL B 1200 39.99 -3.67 -14.65
CA VAL B 1200 39.85 -5.11 -14.46
C VAL B 1200 40.98 -5.59 -13.57
N GLU B 1201 40.71 -6.64 -12.77
CA GLU B 1201 41.65 -7.01 -11.72
C GLU B 1201 42.92 -7.66 -12.27
N PRO B 1202 42.85 -8.79 -13.01
CA PRO B 1202 44.08 -9.41 -13.50
C PRO B 1202 44.63 -8.67 -14.71
N LYS B 1203 45.73 -7.95 -14.50
CA LYS B 1203 46.37 -7.21 -15.58
C LYS B 1203 47.71 -7.84 -15.96
N GLU C 30 -14.46 -59.68 23.83
CA GLU C 30 -14.06 -60.29 22.57
C GLU C 30 -15.11 -60.07 21.49
N TRP C 31 -14.99 -58.98 20.75
CA TRP C 31 -15.89 -58.73 19.64
C TRP C 31 -15.67 -59.76 18.55
N ASN C 32 -16.77 -60.17 17.91
CA ASN C 32 -16.72 -61.18 16.88
C ASN C 32 -17.86 -60.94 15.90
N VAL C 33 -17.71 -61.47 14.69
CA VAL C 33 -18.76 -61.32 13.69
C VAL C 33 -20.03 -62.01 14.13
N GLU C 34 -19.91 -63.07 14.93
CA GLU C 34 -21.09 -63.76 15.45
C GLU C 34 -21.88 -62.86 16.41
N LYS C 35 -21.18 -62.14 17.29
CA LYS C 35 -21.87 -61.24 18.22
C LYS C 35 -22.58 -60.12 17.48
N PHE C 36 -21.93 -59.54 16.47
CA PHE C 36 -22.58 -58.50 15.68
C PHE C 36 -23.78 -59.06 14.91
N LYS C 37 -23.62 -60.27 14.36
CA LYS C 37 -24.73 -60.90 13.66
C LYS C 37 -25.91 -61.14 14.60
N LYS C 38 -25.62 -61.44 15.87
CA LYS C 38 -26.69 -61.64 16.84
C LYS C 38 -27.31 -60.32 17.27
N ASP C 39 -26.54 -59.23 17.25
CA ASP C 39 -27.06 -57.95 17.73
C ASP C 39 -27.58 -57.05 16.62
N PHE C 40 -27.05 -57.19 15.40
CA PHE C 40 -27.52 -56.38 14.29
C PHE C 40 -28.95 -56.73 13.93
N GLU C 41 -29.71 -55.72 13.49
CA GLU C 41 -31.10 -55.92 13.10
C GLU C 41 -31.52 -54.76 12.20
N VAL C 42 -32.27 -55.08 11.16
CA VAL C 42 -32.78 -54.10 10.21
C VAL C 42 -34.27 -53.93 10.45
N ASN C 43 -34.74 -52.69 10.48
CA ASN C 43 -36.13 -52.35 10.75
C ASN C 43 -36.62 -51.43 9.63
N ILE C 44 -37.15 -52.04 8.56
CA ILE C 44 -37.64 -51.25 7.43
C ILE C 44 -38.94 -50.56 7.81
N SER C 45 -38.98 -49.25 7.60
CA SER C 45 -40.18 -48.47 7.89
C SER C 45 -41.04 -48.20 6.67
N SER C 46 -40.43 -48.12 5.49
CA SER C 46 -41.18 -47.94 4.25
C SER C 46 -40.31 -48.38 3.09
N LEU C 47 -40.95 -48.63 1.96
CA LEU C 47 -40.25 -49.07 0.76
C LEU C 47 -41.08 -48.66 -0.45
N ASP C 48 -40.43 -48.04 -1.42
CA ASP C 48 -41.11 -47.47 -2.58
C ASP C 48 -40.26 -47.77 -3.81
N ALA C 49 -40.62 -47.16 -4.94
CA ALA C 49 -39.84 -47.27 -6.16
C ALA C 49 -38.82 -46.15 -6.30
N ARG C 50 -38.90 -45.12 -5.46
CA ARG C 50 -37.95 -44.02 -5.47
C ARG C 50 -37.35 -43.71 -4.11
N GLU C 51 -37.90 -44.25 -3.01
CA GLU C 51 -37.41 -43.91 -1.69
C GLU C 51 -37.57 -45.11 -0.76
N ALA C 52 -36.51 -45.38 0.01
CA ALA C 52 -36.54 -46.40 1.06
C ALA C 52 -36.11 -45.76 2.36
N ASN C 53 -36.95 -45.88 3.39
CA ASN C 53 -36.65 -45.37 4.73
C ASN C 53 -36.59 -46.58 5.66
N PHE C 54 -35.38 -47.01 6.00
CA PHE C 54 -35.18 -48.19 6.84
C PHE C 54 -34.29 -47.83 8.02
N ASP C 55 -33.99 -48.83 8.85
CA ASP C 55 -33.24 -48.61 10.08
C ASP C 55 -32.14 -49.64 10.21
N LEU C 56 -31.00 -49.22 10.76
CA LEU C 56 -29.89 -50.11 11.08
C LEU C 56 -29.58 -49.94 12.56
N ILE C 57 -29.62 -51.04 13.31
CA ILE C 57 -29.46 -50.98 14.76
C ILE C 57 -28.21 -51.74 15.14
N ASN C 58 -27.55 -51.25 16.20
CA ASN C 58 -26.36 -51.89 16.77
C ASN C 58 -25.26 -52.08 15.72
N ILE C 59 -24.99 -51.02 14.97
CA ILE C 59 -23.91 -50.99 14.00
C ILE C 59 -23.11 -49.71 14.24
N ASP C 60 -21.80 -49.79 14.06
CA ASP C 60 -20.95 -48.63 14.33
C ASP C 60 -21.11 -47.58 13.24
N THR C 61 -20.96 -46.32 13.63
CA THR C 61 -21.12 -45.23 12.67
C THR C 61 -20.07 -45.29 11.57
N SER C 62 -18.97 -46.02 11.78
CA SER C 62 -18.00 -46.21 10.71
C SER C 62 -18.60 -46.95 9.54
N ILE C 63 -19.26 -48.09 9.80
CA ILE C 63 -19.83 -48.88 8.71
C ILE C 63 -21.02 -48.18 8.09
N ALA C 64 -21.87 -47.55 8.91
CA ALA C 64 -23.01 -46.81 8.39
C ALA C 64 -22.57 -45.65 7.51
N ASN C 65 -21.55 -44.91 7.94
CA ASN C 65 -21.04 -43.81 7.13
C ASN C 65 -20.35 -44.32 5.87
N ALA C 66 -19.69 -45.47 5.94
CA ALA C 66 -19.14 -46.08 4.74
C ALA C 66 -20.24 -46.41 3.74
N PHE C 67 -21.35 -46.99 4.23
CA PHE C 67 -22.47 -47.29 3.35
C PHE C 67 -23.05 -46.02 2.74
N ARG C 68 -23.21 -44.97 3.54
CA ARG C 68 -23.75 -43.71 3.04
C ARG C 68 -22.85 -43.12 1.96
N ARG C 69 -21.54 -43.08 2.21
CA ARG C 69 -20.60 -42.53 1.23
C ARG C 69 -20.56 -43.37 -0.03
N ILE C 70 -20.61 -44.69 0.09
CA ILE C 70 -20.58 -45.55 -1.09
C ILE C 70 -21.86 -45.39 -1.91
N MET C 71 -23.00 -45.25 -1.23
CA MET C 71 -24.24 -44.97 -1.96
C MET C 71 -24.15 -43.66 -2.72
N ILE C 72 -23.63 -42.61 -2.08
CA ILE C 72 -23.62 -41.32 -2.74
C ILE C 72 -22.63 -41.30 -3.90
N SER C 73 -21.45 -41.91 -3.72
CA SER C 73 -20.30 -41.62 -4.56
C SER C 73 -19.75 -42.79 -5.37
N GLU C 74 -20.08 -44.04 -5.05
CA GLU C 74 -19.35 -45.16 -5.64
C GLU C 74 -20.19 -46.15 -6.42
N VAL C 75 -21.50 -46.20 -6.23
CA VAL C 75 -22.34 -47.13 -6.97
C VAL C 75 -22.55 -46.56 -8.37
N PRO C 76 -22.22 -47.31 -9.42
CA PRO C 76 -22.25 -46.75 -10.78
C PRO C 76 -23.66 -46.51 -11.29
N SER C 77 -23.75 -45.62 -12.27
CA SER C 77 -24.99 -45.34 -12.98
C SER C 77 -24.64 -44.96 -14.41
N VAL C 78 -25.64 -44.53 -15.16
CA VAL C 78 -25.47 -44.18 -16.58
C VAL C 78 -25.91 -42.75 -16.78
N ALA C 79 -25.08 -41.97 -17.49
CA ALA C 79 -25.42 -40.61 -17.87
C ALA C 79 -24.68 -40.28 -19.17
N ALA C 80 -25.22 -39.30 -19.90
CA ALA C 80 -24.63 -38.89 -21.16
C ALA C 80 -23.27 -38.25 -20.89
N GLU C 81 -22.20 -38.96 -21.25
CA GLU C 81 -20.86 -38.46 -21.01
C GLU C 81 -20.38 -37.53 -22.12
N TYR C 82 -20.48 -37.97 -23.37
CA TYR C 82 -20.01 -37.17 -24.50
C TYR C 82 -21.19 -36.66 -25.32
N VAL C 83 -21.03 -35.48 -25.89
CA VAL C 83 -22.05 -34.90 -26.75
C VAL C 83 -21.39 -34.43 -28.04
N TYR C 84 -21.92 -34.89 -29.17
CA TYR C 84 -21.46 -34.48 -30.49
C TYR C 84 -22.54 -33.61 -31.11
N PHE C 85 -22.21 -32.35 -31.35
CA PHE C 85 -23.17 -31.39 -31.88
C PHE C 85 -23.03 -31.29 -33.38
N PHE C 86 -24.17 -31.25 -34.07
CA PHE C 86 -24.19 -30.96 -35.49
C PHE C 86 -24.77 -29.60 -35.81
N ASN C 87 -25.67 -29.09 -34.97
CA ASN C 87 -26.20 -27.74 -35.14
C ASN C 87 -26.93 -27.30 -33.89
N ASN C 88 -26.64 -26.09 -33.42
CA ASN C 88 -27.33 -25.50 -32.28
C ASN C 88 -27.50 -24.01 -32.58
N THR C 89 -28.63 -23.68 -33.20
CA THR C 89 -28.96 -22.30 -33.53
C THR C 89 -29.82 -21.64 -32.48
N SER C 90 -30.03 -22.30 -31.34
CA SER C 90 -30.89 -21.80 -30.29
C SER C 90 -30.14 -20.77 -29.44
N VAL C 91 -30.84 -20.23 -28.43
CA VAL C 91 -30.27 -19.19 -27.58
C VAL C 91 -29.43 -19.76 -26.45
N ILE C 92 -29.30 -21.08 -26.35
CA ILE C 92 -28.50 -21.74 -25.32
C ILE C 92 -27.19 -22.19 -25.93
N GLN C 93 -26.09 -21.89 -25.26
CA GLN C 93 -24.77 -22.28 -25.78
C GLN C 93 -24.61 -23.79 -25.71
N ASP C 94 -23.67 -24.29 -26.51
CA ASP C 94 -23.52 -25.73 -26.67
C ASP C 94 -23.01 -26.39 -25.39
N GLU C 95 -22.09 -25.73 -24.68
CA GLU C 95 -21.56 -26.33 -23.46
C GLU C 95 -22.64 -26.47 -22.39
N VAL C 96 -23.48 -25.45 -22.24
CA VAL C 96 -24.57 -25.53 -21.27
C VAL C 96 -25.56 -26.63 -21.66
N LEU C 97 -25.89 -26.72 -22.95
CA LEU C 97 -26.83 -27.73 -23.42
C LEU C 97 -26.27 -29.13 -23.18
N ALA C 98 -24.99 -29.33 -23.47
CA ALA C 98 -24.37 -30.63 -23.22
C ALA C 98 -24.33 -30.95 -21.74
N HIS C 99 -24.06 -29.94 -20.91
CA HIS C 99 -24.11 -30.13 -19.45
C HIS C 99 -25.48 -30.59 -19.01
N ARG C 100 -26.53 -29.94 -19.51
CA ARG C 100 -27.90 -30.32 -19.13
C ARG C 100 -28.22 -31.74 -19.62
N ILE C 101 -27.82 -32.08 -20.84
CA ILE C 101 -28.06 -33.42 -21.34
C ILE C 101 -27.30 -34.46 -20.53
N GLY C 102 -26.14 -34.08 -19.99
CA GLY C 102 -25.44 -34.96 -19.07
C GLY C 102 -26.10 -35.04 -17.70
N LEU C 103 -26.89 -34.04 -17.33
CA LEU C 103 -27.49 -34.00 -16.00
C LEU C 103 -28.86 -34.66 -15.92
N VAL C 104 -29.39 -35.20 -17.02
CA VAL C 104 -30.70 -35.85 -16.98
C VAL C 104 -30.52 -37.33 -16.72
N PRO C 105 -31.16 -37.89 -15.69
CA PRO C 105 -30.98 -39.32 -15.40
C PRO C 105 -31.65 -40.19 -16.44
N LEU C 106 -30.96 -41.26 -16.82
CA LEU C 106 -31.45 -42.21 -17.81
C LEU C 106 -31.89 -43.48 -17.10
N LYS C 107 -33.10 -43.96 -17.43
CA LYS C 107 -33.66 -45.16 -16.81
C LYS C 107 -33.15 -46.40 -17.56
N VAL C 108 -31.88 -46.69 -17.33
CA VAL C 108 -31.23 -47.89 -17.85
C VAL C 108 -30.50 -48.57 -16.70
N ASP C 109 -30.76 -49.86 -16.52
CA ASP C 109 -30.10 -50.62 -15.46
C ASP C 109 -28.60 -50.68 -15.74
N PRO C 110 -27.77 -50.23 -14.81
CA PRO C 110 -26.32 -50.15 -15.10
C PRO C 110 -25.67 -51.49 -15.39
N ASP C 111 -26.29 -52.61 -15.00
CA ASP C 111 -25.69 -53.92 -15.21
C ASP C 111 -25.61 -54.29 -16.69
N MET C 112 -26.42 -53.66 -17.54
CA MET C 112 -26.53 -54.08 -18.93
C MET C 112 -25.37 -53.63 -19.80
N LEU C 113 -24.47 -52.80 -19.29
CA LEU C 113 -23.33 -52.34 -20.08
C LEU C 113 -22.06 -52.40 -19.24
N THR C 114 -20.94 -52.53 -19.92
CA THR C 114 -19.64 -52.65 -19.29
C THR C 114 -19.00 -51.27 -19.15
N TRP C 115 -17.71 -51.23 -18.81
CA TRP C 115 -16.98 -49.99 -18.64
C TRP C 115 -16.14 -49.71 -19.87
N VAL C 116 -16.07 -48.44 -20.26
CA VAL C 116 -15.24 -48.01 -21.38
C VAL C 116 -13.79 -47.96 -20.93
N ASP C 117 -12.86 -47.87 -21.88
CA ASP C 117 -11.44 -47.71 -21.59
C ASP C 117 -11.00 -46.33 -22.05
N SER C 118 -10.41 -45.56 -21.13
CA SER C 118 -9.86 -44.25 -21.48
C SER C 118 -8.65 -44.41 -22.39
N ASN C 119 -7.82 -45.43 -22.14
CA ASN C 119 -6.63 -45.68 -22.95
C ASN C 119 -6.96 -46.19 -24.34
N LEU C 120 -8.21 -46.58 -24.60
CA LEU C 120 -8.61 -46.96 -25.94
C LEU C 120 -8.80 -45.71 -26.81
N PRO C 121 -8.49 -45.80 -28.10
CA PRO C 121 -8.67 -44.65 -28.98
C PRO C 121 -10.15 -44.31 -29.15
N ASP C 122 -10.41 -43.03 -29.45
CA ASP C 122 -11.79 -42.56 -29.58
C ASP C 122 -12.53 -43.23 -30.73
N ASP C 123 -11.84 -43.88 -31.65
CA ASP C 123 -12.53 -44.65 -32.68
C ASP C 123 -13.21 -45.88 -32.09
N GLU C 124 -12.43 -46.75 -31.45
CA GLU C 124 -12.94 -48.02 -30.96
C GLU C 124 -13.22 -48.03 -29.46
N LYS C 125 -13.17 -46.87 -28.80
CA LYS C 125 -13.48 -46.82 -27.37
C LYS C 125 -14.92 -47.24 -27.09
N PHE C 126 -15.85 -46.78 -27.92
CA PHE C 126 -17.27 -47.03 -27.71
C PHE C 126 -17.70 -48.25 -28.52
N THR C 127 -18.39 -49.17 -27.87
CA THR C 127 -18.92 -50.36 -28.50
C THR C 127 -20.43 -50.40 -28.28
N ASP C 128 -21.05 -51.50 -28.70
CA ASP C 128 -22.45 -51.73 -28.43
C ASP C 128 -22.69 -52.33 -27.05
N GLU C 129 -21.62 -52.63 -26.31
CA GLU C 129 -21.72 -53.25 -25.00
C GLU C 129 -21.43 -52.30 -23.85
N ASN C 130 -21.00 -51.07 -24.13
CA ASN C 130 -20.67 -50.14 -23.05
C ASN C 130 -21.19 -48.72 -23.25
N THR C 131 -21.75 -48.37 -24.39
CA THR C 131 -22.19 -47.02 -24.67
C THR C 131 -23.58 -47.03 -25.28
N ILE C 132 -24.45 -46.14 -24.79
CA ILE C 132 -25.81 -46.00 -25.28
C ILE C 132 -25.90 -44.67 -26.03
N VAL C 133 -26.41 -44.72 -27.26
CA VAL C 133 -26.48 -43.55 -28.13
C VAL C 133 -27.88 -42.98 -28.08
N LEU C 134 -27.99 -41.69 -27.76
CA LEU C 134 -29.23 -40.94 -27.86
C LEU C 134 -29.08 -39.88 -28.93
N SER C 135 -30.18 -39.50 -29.55
CA SER C 135 -30.15 -38.49 -30.60
C SER C 135 -31.29 -37.50 -30.38
N LEU C 136 -31.00 -36.22 -30.66
CA LEU C 136 -31.98 -35.15 -30.49
C LEU C 136 -31.95 -34.29 -31.76
N ASN C 137 -33.02 -34.35 -32.55
CA ASN C 137 -33.13 -33.58 -33.79
C ASN C 137 -34.48 -32.86 -33.77
N VAL C 138 -34.48 -31.60 -33.33
CA VAL C 138 -35.70 -30.82 -33.18
C VAL C 138 -35.51 -29.47 -33.85
N LYS C 139 -36.37 -29.15 -34.80
CA LYS C 139 -36.33 -27.87 -35.50
C LYS C 139 -37.64 -27.13 -35.27
N CYS C 140 -37.55 -25.93 -34.72
CA CYS C 140 -38.74 -25.13 -34.43
C CYS C 140 -39.21 -24.42 -35.69
N THR C 141 -40.52 -24.21 -35.77
CA THR C 141 -41.12 -23.53 -36.90
C THR C 141 -42.46 -22.94 -36.47
N ARG C 142 -42.75 -21.73 -36.97
CA ARG C 142 -43.95 -21.03 -36.54
C ARG C 142 -45.21 -21.75 -37.00
N ASN C 143 -46.23 -21.73 -36.15
CA ASN C 143 -47.51 -22.33 -36.48
C ASN C 143 -48.37 -21.28 -37.16
N PRO C 144 -48.73 -21.44 -38.44
CA PRO C 144 -49.54 -20.41 -39.12
C PRO C 144 -50.97 -20.34 -38.63
N ASP C 145 -51.49 -21.41 -38.03
CA ASP C 145 -52.87 -21.46 -37.56
C ASP C 145 -53.02 -20.97 -36.13
N ALA C 146 -52.09 -20.14 -35.65
CA ALA C 146 -52.14 -19.68 -34.27
C ALA C 146 -53.38 -18.82 -34.04
N PRO C 147 -54.04 -18.95 -32.89
CA PRO C 147 -55.20 -18.11 -32.61
C PRO C 147 -54.82 -16.64 -32.54
N LYS C 148 -55.75 -15.79 -32.94
CA LYS C 148 -55.50 -14.35 -32.94
C LYS C 148 -55.41 -13.82 -31.52
N GLY C 149 -54.49 -12.90 -31.29
CA GLY C 149 -54.30 -12.35 -29.96
C GLY C 149 -53.87 -13.36 -28.93
N SER C 150 -52.92 -14.23 -29.29
CA SER C 150 -52.46 -15.30 -28.42
C SER C 150 -51.03 -15.04 -27.97
N THR C 151 -50.74 -15.37 -26.71
CA THR C 151 -49.40 -15.22 -26.16
C THR C 151 -48.78 -16.52 -25.68
N ASP C 152 -49.53 -17.62 -25.66
CA ASP C 152 -48.97 -18.88 -25.22
C ASP C 152 -47.99 -19.41 -26.26
N PRO C 153 -46.77 -19.80 -25.87
CA PRO C 153 -45.79 -20.30 -26.85
C PRO C 153 -46.09 -21.70 -27.36
N LYS C 154 -47.22 -22.31 -26.96
CA LYS C 154 -47.64 -23.58 -27.54
C LYS C 154 -48.55 -23.38 -28.75
N GLU C 155 -49.44 -22.39 -28.68
CA GLU C 155 -50.28 -22.08 -29.82
C GLU C 155 -49.50 -21.35 -30.91
N LEU C 156 -48.40 -20.68 -30.53
CA LEU C 156 -47.69 -19.84 -31.47
C LEU C 156 -46.68 -20.62 -32.31
N TYR C 157 -45.86 -21.45 -31.65
CA TYR C 157 -44.76 -22.12 -32.33
C TYR C 157 -44.89 -23.62 -32.19
N ASN C 158 -44.27 -24.33 -33.13
CA ASN C 158 -44.19 -25.78 -33.10
C ASN C 158 -42.82 -26.19 -32.60
N ASN C 159 -42.79 -27.15 -31.66
CA ASN C 159 -41.56 -27.61 -31.03
C ASN C 159 -40.84 -26.46 -30.33
N ALA C 160 -41.62 -25.55 -29.75
CA ALA C 160 -41.04 -24.41 -29.04
C ALA C 160 -40.23 -24.87 -27.84
N HIS C 161 -40.73 -25.85 -27.09
CA HIS C 161 -40.06 -26.38 -25.91
C HIS C 161 -39.48 -27.74 -26.24
N VAL C 162 -38.24 -27.96 -25.80
CA VAL C 162 -37.53 -29.21 -26.02
C VAL C 162 -37.41 -29.93 -24.69
N TYR C 163 -37.91 -31.16 -24.62
CA TYR C 163 -37.96 -31.93 -23.39
C TYR C 163 -37.01 -33.11 -23.46
N ALA C 164 -36.73 -33.68 -22.29
CA ALA C 164 -35.85 -34.85 -22.23
C ALA C 164 -36.48 -36.05 -22.96
N ARG C 165 -37.82 -36.12 -23.00
CA ARG C 165 -38.47 -37.21 -23.70
C ARG C 165 -38.21 -37.17 -25.20
N ASP C 166 -37.76 -36.03 -25.73
CA ASP C 166 -37.40 -35.94 -27.14
C ASP C 166 -36.06 -36.62 -27.44
N LEU C 167 -35.32 -37.03 -26.42
CA LEU C 167 -34.06 -37.74 -26.63
C LEU C 167 -34.33 -39.15 -27.14
N LYS C 168 -34.36 -39.32 -28.46
CA LYS C 168 -34.61 -40.63 -29.04
C LYS C 168 -33.41 -41.54 -28.83
N PHE C 169 -33.68 -42.81 -28.51
CA PHE C 169 -32.63 -43.80 -28.31
C PHE C 169 -32.42 -44.60 -29.60
N GLU C 170 -31.16 -44.68 -30.02
CA GLU C 170 -30.80 -45.37 -31.26
C GLU C 170 -30.00 -46.61 -30.93
N PRO C 171 -30.62 -47.80 -30.89
CA PRO C 171 -29.87 -49.01 -30.59
C PRO C 171 -29.00 -49.42 -31.76
N GLN C 172 -27.70 -49.58 -31.50
CA GLN C 172 -26.73 -49.95 -32.51
C GLN C 172 -26.12 -51.30 -32.17
N GLY C 173 -26.11 -52.21 -33.14
CA GLY C 173 -25.59 -53.55 -32.91
C GLY C 173 -26.54 -54.41 -32.10
N ARG C 174 -25.95 -55.36 -31.37
CA ARG C 174 -26.74 -56.35 -30.64
C ARG C 174 -27.59 -55.73 -29.54
N GLN C 175 -27.30 -54.50 -29.14
CA GLN C 175 -28.16 -53.82 -28.17
C GLN C 175 -29.54 -53.54 -28.72
N SER C 176 -29.73 -53.68 -30.04
CA SER C 176 -31.07 -53.62 -30.60
C SER C 176 -31.94 -54.78 -30.14
N THR C 177 -31.34 -55.84 -29.58
CA THR C 177 -32.09 -56.98 -29.10
C THR C 177 -32.18 -57.04 -27.58
N THR C 178 -31.09 -56.78 -26.87
CA THR C 178 -31.11 -56.87 -25.41
C THR C 178 -31.79 -55.69 -24.75
N PHE C 179 -31.93 -54.56 -25.45
CA PHE C 179 -32.68 -53.42 -24.96
C PHE C 179 -34.10 -53.37 -25.51
N ALA C 180 -34.51 -54.38 -26.28
CA ALA C 180 -35.85 -54.37 -26.85
C ALA C 180 -36.93 -54.49 -25.78
N ASP C 181 -36.62 -55.16 -24.67
CA ASP C 181 -37.62 -55.32 -23.61
C ASP C 181 -37.75 -54.07 -22.76
N CYS C 182 -36.67 -53.29 -22.61
CA CYS C 182 -36.67 -52.09 -21.79
C CYS C 182 -35.86 -51.01 -22.50
N PRO C 183 -36.48 -50.26 -23.40
CA PRO C 183 -35.74 -49.22 -24.13
C PRO C 183 -35.31 -48.08 -23.22
N VAL C 184 -34.26 -47.39 -23.65
CA VAL C 184 -33.70 -46.30 -22.86
C VAL C 184 -34.60 -45.08 -22.97
N VAL C 185 -34.91 -44.47 -21.83
CA VAL C 185 -35.80 -43.32 -21.76
C VAL C 185 -35.47 -42.57 -20.48
N PRO C 186 -35.42 -41.25 -20.49
CA PRO C 186 -35.08 -40.50 -19.27
C PRO C 186 -36.06 -40.79 -18.15
N ALA C 187 -35.53 -40.86 -16.92
CA ALA C 187 -36.37 -41.17 -15.77
C ALA C 187 -37.45 -40.11 -15.56
N ASP C 188 -37.09 -38.84 -15.70
CA ASP C 188 -38.07 -37.76 -15.66
C ASP C 188 -38.18 -37.17 -17.06
N PRO C 189 -39.25 -37.49 -17.80
CA PRO C 189 -39.33 -37.05 -19.21
C PRO C 189 -39.76 -35.60 -19.38
N ASP C 190 -40.24 -34.95 -18.33
CA ASP C 190 -40.69 -33.57 -18.42
C ASP C 190 -39.58 -32.56 -18.18
N ILE C 191 -38.32 -33.01 -18.09
CA ILE C 191 -37.22 -32.07 -17.93
C ILE C 191 -37.15 -31.17 -19.13
N LEU C 192 -37.10 -29.87 -18.88
CA LEU C 192 -37.11 -28.86 -19.95
C LEU C 192 -35.67 -28.60 -20.36
N LEU C 193 -35.23 -29.24 -21.44
CA LEU C 193 -33.85 -29.10 -21.88
C LEU C 193 -33.59 -27.74 -22.50
N ALA C 194 -34.51 -27.25 -23.32
CA ALA C 194 -34.27 -26.02 -24.05
C ALA C 194 -35.60 -25.47 -24.56
N LYS C 195 -35.58 -24.20 -24.96
CA LYS C 195 -36.71 -23.54 -25.58
C LYS C 195 -36.25 -22.96 -26.92
N LEU C 196 -37.10 -23.08 -27.93
CA LEU C 196 -36.73 -22.71 -29.28
C LEU C 196 -37.68 -21.65 -29.85
N ARG C 197 -37.26 -21.08 -30.97
CA ARG C 197 -38.02 -20.11 -31.75
C ARG C 197 -37.88 -20.49 -33.21
N PRO C 198 -38.81 -20.05 -34.07
CA PRO C 198 -38.80 -20.51 -35.46
C PRO C 198 -37.47 -20.21 -36.15
N GLY C 199 -37.02 -21.16 -36.95
CA GLY C 199 -35.72 -21.12 -37.58
C GLY C 199 -34.64 -21.77 -36.77
N GLN C 200 -34.71 -21.63 -35.44
CA GLN C 200 -33.72 -22.24 -34.57
C GLN C 200 -33.94 -23.74 -34.48
N GLU C 201 -32.84 -24.49 -34.42
CA GLU C 201 -32.91 -25.94 -34.37
C GLU C 201 -31.74 -26.49 -33.57
N ILE C 202 -31.91 -27.70 -33.08
CA ILE C 202 -30.88 -28.42 -32.33
C ILE C 202 -30.81 -29.83 -32.87
N SER C 203 -29.63 -30.23 -33.36
CA SER C 203 -29.37 -31.61 -33.78
C SER C 203 -28.08 -32.06 -33.12
N LEU C 204 -28.15 -33.17 -32.39
CA LEU C 204 -27.01 -33.63 -31.62
C LEU C 204 -27.14 -35.12 -31.32
N LYS C 205 -26.02 -35.71 -30.93
CA LYS C 205 -25.97 -37.07 -30.41
C LYS C 205 -25.30 -37.05 -29.05
N ALA C 206 -25.72 -37.96 -28.18
CA ALA C 206 -25.16 -38.08 -26.84
C ALA C 206 -24.74 -39.54 -26.64
N HIS C 207 -23.47 -39.73 -26.28
CA HIS C 207 -22.95 -41.04 -25.91
C HIS C 207 -22.93 -41.13 -24.39
N CYS C 208 -23.66 -42.10 -23.85
CA CYS C 208 -23.82 -42.29 -22.42
C CYS C 208 -23.07 -43.55 -22.00
N ILE C 209 -22.23 -43.42 -20.99
CA ILE C 209 -21.36 -44.51 -20.55
C ILE C 209 -21.54 -44.72 -19.06
N LEU C 210 -20.91 -45.78 -18.56
CA LEU C 210 -20.97 -46.11 -17.14
C LEU C 210 -20.00 -45.24 -16.35
N GLY C 211 -20.46 -44.73 -15.21
CA GLY C 211 -19.65 -43.86 -14.39
C GLY C 211 -20.14 -43.82 -12.95
N ILE C 212 -19.29 -43.30 -12.07
CA ILE C 212 -19.57 -43.26 -10.65
C ILE C 212 -19.70 -41.81 -10.21
N GLY C 213 -20.37 -41.61 -9.06
CA GLY C 213 -20.65 -40.27 -8.57
C GLY C 213 -19.46 -39.53 -8.02
N GLY C 214 -18.40 -40.25 -7.67
CA GLY C 214 -17.19 -39.59 -7.20
C GLY C 214 -16.37 -38.98 -8.32
N ASP C 215 -16.68 -39.31 -9.57
CA ASP C 215 -16.05 -38.65 -10.71
C ASP C 215 -16.81 -37.37 -11.06
N HIS C 216 -18.09 -37.49 -11.35
CA HIS C 216 -18.95 -36.35 -11.62
C HIS C 216 -20.29 -36.58 -10.93
N ALA C 217 -20.91 -35.48 -10.47
CA ALA C 217 -22.15 -35.59 -9.72
C ALA C 217 -23.32 -36.12 -10.54
N LYS C 218 -23.20 -36.16 -11.87
CA LYS C 218 -24.29 -36.65 -12.69
C LYS C 218 -24.42 -38.16 -12.66
N PHE C 219 -23.39 -38.87 -12.21
CA PHE C 219 -23.42 -40.33 -12.15
C PHE C 219 -23.94 -40.85 -10.82
N SER C 220 -24.19 -39.99 -9.85
CA SER C 220 -24.69 -40.47 -8.57
C SER C 220 -26.13 -40.93 -8.73
N PRO C 221 -26.44 -42.20 -8.42
CA PRO C 221 -27.80 -42.70 -8.61
C PRO C 221 -28.77 -42.27 -7.52
N VAL C 222 -28.27 -41.81 -6.38
CA VAL C 222 -29.11 -41.46 -5.24
C VAL C 222 -29.40 -39.98 -5.29
N SER C 223 -30.69 -39.62 -5.32
CA SER C 223 -31.07 -38.22 -5.16
C SER C 223 -30.57 -37.68 -3.85
N THR C 224 -30.67 -38.47 -2.78
CA THR C 224 -29.98 -38.14 -1.53
C THR C 224 -29.94 -39.37 -0.65
N ALA C 225 -28.77 -39.67 -0.10
CA ALA C 225 -28.58 -40.76 0.84
C ALA C 225 -28.05 -40.18 2.14
N SER C 226 -28.73 -40.47 3.25
CA SER C 226 -28.29 -39.96 4.53
C SER C 226 -28.95 -40.75 5.64
N TYR C 227 -28.23 -40.89 6.74
CA TYR C 227 -28.78 -41.46 7.96
C TYR C 227 -28.88 -40.37 9.02
N ARG C 228 -29.72 -40.62 10.00
CA ARG C 228 -29.80 -39.76 11.18
C ARG C 228 -29.91 -40.62 12.42
N LEU C 229 -29.26 -40.19 13.50
CA LEU C 229 -29.35 -40.91 14.76
C LEU C 229 -30.76 -40.79 15.33
N LEU C 230 -31.18 -41.84 16.02
CA LEU C 230 -32.51 -41.85 16.61
C LEU C 230 -32.57 -40.87 17.78
N PRO C 231 -33.46 -39.87 17.74
CA PRO C 231 -33.57 -38.96 18.88
C PRO C 231 -34.05 -39.70 20.13
N GLN C 232 -33.62 -39.21 21.28
CA GLN C 232 -33.91 -39.84 22.56
C GLN C 232 -34.32 -38.75 23.53
N ILE C 233 -35.60 -38.77 23.94
CA ILE C 233 -36.17 -37.78 24.82
C ILE C 233 -36.32 -38.42 26.19
N ASN C 234 -35.45 -38.06 27.14
CA ASN C 234 -35.49 -38.61 28.48
C ASN C 234 -36.19 -37.62 29.39
N ILE C 235 -37.38 -37.99 29.87
CA ILE C 235 -38.10 -37.18 30.85
C ILE C 235 -37.49 -37.50 32.22
N LEU C 236 -36.72 -36.56 32.75
CA LEU C 236 -36.01 -36.80 34.01
C LEU C 236 -36.96 -36.82 35.20
N GLN C 237 -37.88 -35.87 35.25
CA GLN C 237 -38.86 -35.77 36.33
C GLN C 237 -40.25 -35.68 35.73
N PRO C 238 -41.25 -36.20 36.44
CA PRO C 238 -42.62 -36.21 35.88
C PRO C 238 -43.10 -34.81 35.57
N ILE C 239 -43.81 -34.68 34.45
CA ILE C 239 -44.28 -33.41 33.94
C ILE C 239 -45.80 -33.41 33.99
N LYS C 240 -46.35 -34.10 34.98
CA LYS C 240 -47.80 -34.26 35.09
C LYS C 240 -48.52 -32.93 35.15
N GLY C 241 -49.65 -32.86 34.47
CA GLY C 241 -50.53 -31.71 34.53
C GLY C 241 -50.55 -30.92 33.25
N GLU C 242 -51.04 -29.67 33.36
CA GLU C 242 -51.17 -28.79 32.21
C GLU C 242 -49.83 -28.58 31.50
N SER C 243 -48.73 -28.57 32.25
CA SER C 243 -47.42 -28.39 31.64
C SER C 243 -47.14 -29.47 30.59
N ALA C 244 -47.66 -30.67 30.78
CA ALA C 244 -47.49 -31.72 29.79
C ALA C 244 -48.03 -31.29 28.43
N ARG C 245 -49.19 -30.62 28.43
CA ARG C 245 -49.72 -30.08 27.18
C ARG C 245 -48.72 -29.10 26.56
N ARG C 246 -48.11 -28.25 27.38
CA ARG C 246 -47.03 -27.40 26.89
C ARG C 246 -45.84 -28.24 26.44
N PHE C 247 -45.51 -29.28 27.21
CA PHE C 247 -44.43 -30.18 26.82
C PHE C 247 -44.76 -30.91 25.53
N GLN C 248 -46.02 -31.35 25.38
CA GLN C 248 -46.47 -31.96 24.14
C GLN C 248 -46.39 -30.98 22.98
N LYS C 249 -46.54 -29.68 23.26
CA LYS C 249 -46.55 -28.66 22.22
C LYS C 249 -45.15 -28.38 21.66
N CYS C 250 -44.10 -28.72 22.40
CA CYS C 250 -42.73 -28.39 21.99
C CYS C 250 -42.13 -29.41 21.02
N PHE C 251 -42.87 -30.44 20.65
CA PHE C 251 -42.40 -31.50 19.76
C PHE C 251 -43.40 -31.66 18.62
N PRO C 252 -43.00 -32.30 17.53
CA PRO C 252 -43.98 -32.68 16.52
C PRO C 252 -45.04 -33.56 17.11
N PRO C 253 -46.26 -33.53 16.56
CA PRO C 253 -47.43 -34.03 17.31
C PRO C 253 -47.32 -35.48 17.76
N GLY C 254 -46.75 -36.36 16.94
CA GLY C 254 -46.74 -37.77 17.26
C GLY C 254 -45.52 -38.22 18.05
N VAL C 255 -45.05 -37.38 18.97
CA VAL C 255 -43.83 -37.64 19.74
C VAL C 255 -44.11 -37.72 21.23
N ILE C 256 -44.76 -36.71 21.78
CA ILE C 256 -45.11 -36.67 23.20
C ILE C 256 -46.61 -36.85 23.32
N GLY C 257 -47.02 -37.79 24.14
CA GLY C 257 -48.44 -38.07 24.38
C GLY C 257 -48.76 -37.97 25.85
N ILE C 258 -49.94 -37.43 26.14
CA ILE C 258 -50.42 -37.37 27.53
C ILE C 258 -51.02 -38.74 27.89
N ASP C 259 -50.56 -39.30 29.01
CA ASP C 259 -51.03 -40.61 29.44
C ASP C 259 -52.54 -40.60 29.63
N GLU C 260 -53.20 -41.65 29.13
CA GLU C 260 -54.65 -41.72 29.20
C GLU C 260 -55.14 -41.82 30.64
N GLY C 261 -54.46 -42.62 31.46
CA GLY C 261 -54.88 -42.80 32.84
C GLY C 261 -54.72 -41.54 33.67
N SER C 262 -53.48 -41.14 33.90
CA SER C 262 -53.18 -39.91 34.62
C SER C 262 -52.62 -38.88 33.65
N ASP C 263 -52.85 -37.61 33.96
CA ASP C 263 -52.32 -36.53 33.13
C ASP C 263 -50.80 -36.54 33.30
N GLU C 264 -50.10 -37.07 32.31
CA GLU C 264 -48.67 -37.29 32.39
C GLU C 264 -48.13 -37.54 31.00
N ALA C 265 -46.93 -37.03 30.72
CA ALA C 265 -46.34 -37.11 29.39
C ALA C 265 -45.46 -38.34 29.24
N TYR C 266 -45.42 -38.87 28.02
CA TYR C 266 -44.55 -39.99 27.69
C TYR C 266 -44.17 -39.88 26.22
N VAL C 267 -43.09 -40.58 25.86
CA VAL C 267 -42.55 -40.54 24.50
C VAL C 267 -43.32 -41.57 23.68
N LYS C 268 -44.27 -41.10 22.89
CA LYS C 268 -45.04 -42.01 22.04
C LYS C 268 -44.17 -42.57 20.92
N ASP C 269 -43.43 -41.70 20.22
CA ASP C 269 -42.57 -42.13 19.11
C ASP C 269 -41.50 -41.08 18.92
N ALA C 270 -40.24 -41.48 19.07
CA ALA C 270 -39.12 -40.54 18.98
C ALA C 270 -38.60 -40.39 17.55
N ARG C 271 -39.09 -41.19 16.60
CA ARG C 271 -38.67 -41.04 15.21
C ARG C 271 -39.33 -39.85 14.53
N LYS C 272 -40.40 -39.32 15.09
CA LYS C 272 -41.20 -38.31 14.43
C LYS C 272 -40.82 -36.89 14.82
N ASP C 273 -39.80 -36.70 15.64
CA ASP C 273 -39.34 -35.37 16.00
C ASP C 273 -37.96 -35.13 15.42
N THR C 274 -37.76 -33.96 14.83
CA THR C 274 -36.43 -33.46 14.58
C THR C 274 -35.85 -32.94 15.89
N VAL C 275 -34.53 -32.78 15.92
CA VAL C 275 -33.85 -32.31 17.13
C VAL C 275 -33.88 -30.79 17.05
N SER C 276 -35.02 -30.23 17.46
CA SER C 276 -35.22 -28.79 17.41
C SER C 276 -34.95 -28.10 18.74
N ARG C 277 -34.95 -28.83 19.84
CA ARG C 277 -34.60 -28.31 21.15
C ARG C 277 -35.43 -27.08 21.52
N GLU C 278 -36.68 -27.03 21.04
CA GLU C 278 -37.57 -25.94 21.43
C GLU C 278 -37.95 -26.05 22.90
N VAL C 279 -37.96 -27.26 23.44
CA VAL C 279 -38.22 -27.43 24.87
C VAL C 279 -37.11 -26.79 25.70
N LEU C 280 -35.90 -26.71 25.15
CA LEU C 280 -34.78 -26.09 25.86
C LEU C 280 -34.93 -24.59 26.00
N ARG C 281 -35.80 -23.97 25.21
CA ARG C 281 -35.98 -22.52 25.25
C ARG C 281 -36.93 -22.06 26.35
N TYR C 282 -37.47 -22.98 27.14
CA TYR C 282 -38.37 -22.65 28.23
C TYR C 282 -37.74 -23.09 29.54
N GLU C 283 -37.70 -22.18 30.51
CA GLU C 283 -37.17 -22.52 31.82
C GLU C 283 -38.08 -23.45 32.59
N GLU C 284 -39.34 -23.60 32.15
CA GLU C 284 -40.26 -24.51 32.81
C GLU C 284 -39.81 -25.96 32.67
N PHE C 285 -39.32 -26.34 31.48
CA PHE C 285 -38.86 -27.69 31.22
C PHE C 285 -37.35 -27.76 31.03
N ALA C 286 -36.63 -26.68 31.31
CA ALA C 286 -35.19 -26.67 31.09
C ALA C 286 -34.47 -27.67 31.98
N ASP C 287 -35.04 -28.01 33.14
CA ASP C 287 -34.41 -28.90 34.09
C ASP C 287 -35.15 -30.24 34.21
N LYS C 288 -36.10 -30.52 33.32
CA LYS C 288 -36.93 -31.71 33.43
C LYS C 288 -36.87 -32.60 32.20
N VAL C 289 -35.88 -32.41 31.33
CA VAL C 289 -35.79 -33.21 30.11
C VAL C 289 -34.34 -33.21 29.63
N LYS C 290 -33.96 -34.29 28.97
CA LYS C 290 -32.66 -34.41 28.33
C LYS C 290 -32.85 -34.93 26.91
N LEU C 291 -32.09 -34.37 25.96
CA LEU C 291 -32.13 -34.80 24.57
C LEU C 291 -30.80 -35.46 24.22
N GLY C 292 -30.87 -36.67 23.69
CA GLY C 292 -29.68 -37.37 23.26
C GLY C 292 -29.94 -38.21 22.02
N ARG C 293 -29.02 -39.09 21.68
CA ARG C 293 -29.18 -39.96 20.53
C ARG C 293 -28.88 -41.41 20.92
N VAL C 294 -29.54 -42.34 20.23
CA VAL C 294 -29.18 -43.76 20.32
C VAL C 294 -28.10 -43.96 19.25
N ARG C 295 -26.85 -43.83 19.67
CA ARG C 295 -25.74 -43.58 18.75
C ARG C 295 -25.29 -44.82 17.99
N ASN C 296 -26.05 -45.91 18.05
CA ASN C 296 -25.85 -47.05 17.16
C ASN C 296 -27.09 -47.36 16.34
N HIS C 297 -28.12 -46.52 16.43
CA HIS C 297 -29.40 -46.73 15.78
C HIS C 297 -29.56 -45.63 14.73
N PHE C 298 -29.37 -45.99 13.47
CA PHE C 298 -29.43 -45.08 12.34
C PHE C 298 -30.73 -45.26 11.58
N ILE C 299 -31.30 -44.15 11.14
CA ILE C 299 -32.44 -44.14 10.23
C ILE C 299 -31.92 -43.71 8.88
N PHE C 300 -31.90 -44.64 7.92
CA PHE C 300 -31.42 -44.37 6.57
C PHE C 300 -32.59 -43.99 5.68
N ASN C 301 -32.48 -42.83 5.03
CA ASN C 301 -33.49 -42.36 4.09
C ASN C 301 -32.81 -42.20 2.74
N VAL C 302 -33.08 -43.12 1.82
CA VAL C 302 -32.44 -43.15 0.51
C VAL C 302 -33.49 -42.77 -0.53
N GLU C 303 -33.25 -41.66 -1.24
CA GLU C 303 -34.09 -41.24 -2.34
C GLU C 303 -33.30 -41.38 -3.62
N SER C 304 -33.83 -42.17 -4.56
CA SER C 304 -33.15 -42.53 -5.79
C SER C 304 -33.48 -41.56 -6.91
N ALA C 305 -32.69 -41.64 -7.98
CA ALA C 305 -32.86 -40.78 -9.15
C ALA C 305 -33.81 -41.35 -10.18
N GLY C 306 -33.92 -42.68 -10.26
CA GLY C 306 -34.84 -43.30 -11.18
C GLY C 306 -34.29 -44.52 -11.89
N ALA C 307 -32.97 -44.56 -12.10
CA ALA C 307 -32.37 -45.69 -12.81
C ALA C 307 -32.34 -46.96 -11.98
N MET C 308 -32.40 -46.85 -10.66
CA MET C 308 -32.37 -48.01 -9.78
C MET C 308 -33.29 -47.76 -8.59
N THR C 309 -33.76 -48.84 -8.00
CA THR C 309 -34.55 -48.75 -6.78
C THR C 309 -33.63 -48.59 -5.58
N PRO C 310 -34.08 -47.87 -4.55
CA PRO C 310 -33.21 -47.65 -3.38
C PRO C 310 -32.75 -48.93 -2.70
N GLU C 311 -33.57 -49.98 -2.68
CA GLU C 311 -33.11 -51.24 -2.09
C GLU C 311 -31.94 -51.82 -2.87
N GLU C 312 -32.00 -51.78 -4.20
CA GLU C 312 -30.86 -52.23 -4.99
C GLU C 312 -29.66 -51.31 -4.83
N ILE C 313 -29.89 -50.02 -4.60
CA ILE C 313 -28.79 -49.10 -4.37
C ILE C 313 -28.05 -49.46 -3.09
N PHE C 314 -28.80 -49.69 -2.00
CA PHE C 314 -28.17 -50.08 -0.74
C PHE C 314 -27.48 -51.44 -0.86
N PHE C 315 -28.12 -52.37 -1.58
CA PHE C 315 -27.49 -53.67 -1.81
C PHE C 315 -26.18 -53.53 -2.56
N LYS C 316 -26.17 -52.69 -3.60
CA LYS C 316 -24.93 -52.46 -4.34
C LYS C 316 -23.89 -51.77 -3.48
N SER C 317 -24.30 -50.89 -2.56
CA SER C 317 -23.33 -50.24 -1.68
C SER C 317 -22.65 -51.24 -0.76
N VAL C 318 -23.44 -52.11 -0.11
CA VAL C 318 -22.83 -53.09 0.78
C VAL C 318 -21.98 -54.07 -0.02
N ARG C 319 -22.43 -54.44 -1.22
CA ARG C 319 -21.65 -55.32 -2.07
C ARG C 319 -20.35 -54.67 -2.51
N ILE C 320 -20.38 -53.36 -2.76
CA ILE C 320 -19.18 -52.63 -3.16
C ILE C 320 -18.18 -52.59 -2.02
N LEU C 321 -18.65 -52.35 -0.80
CA LEU C 321 -17.73 -52.38 0.34
C LEU C 321 -17.11 -53.76 0.50
N LYS C 322 -17.93 -54.81 0.38
CA LYS C 322 -17.41 -56.17 0.52
C LYS C 322 -16.38 -56.48 -0.58
N ASN C 323 -16.67 -56.09 -1.82
CA ASN C 323 -15.75 -56.36 -2.91
C ASN C 323 -14.49 -55.53 -2.81
N LYS C 324 -14.58 -54.31 -2.29
CA LYS C 324 -13.40 -53.48 -2.07
C LYS C 324 -12.49 -54.13 -1.03
N ALA C 325 -13.07 -54.61 0.06
CA ALA C 325 -12.27 -55.31 1.07
C ALA C 325 -11.66 -56.58 0.50
N GLU C 326 -12.42 -57.31 -0.33
CA GLU C 326 -11.91 -58.54 -0.93
C GLU C 326 -10.75 -58.26 -1.87
N TYR C 327 -10.88 -57.22 -2.71
CA TYR C 327 -9.82 -56.87 -3.64
C TYR C 327 -8.57 -56.43 -2.89
N LEU C 328 -8.74 -55.67 -1.80
CA LEU C 328 -7.59 -55.30 -1.00
C LEU C 328 -6.95 -56.51 -0.35
N LYS C 329 -7.76 -57.49 0.05
CA LYS C 329 -7.23 -58.68 0.70
C LYS C 329 -6.48 -59.58 -0.26
N ASN C 330 -6.92 -59.64 -1.52
CA ASN C 330 -6.32 -60.55 -2.49
C ASN C 330 -5.15 -59.95 -3.25
N CYS C 331 -4.76 -58.71 -2.93
CA CYS C 331 -3.63 -58.09 -3.62
C CYS C 331 -2.33 -58.36 -2.88
N PRO C 332 -1.27 -58.77 -3.56
CA PRO C 332 0.02 -58.95 -2.90
C PRO C 332 0.53 -57.63 -2.33
N ILE C 333 1.17 -57.72 -1.17
CA ILE C 333 1.66 -56.52 -0.49
C ILE C 333 3.05 -56.16 -0.99
N THR D 12 36.55 -23.38 -28.15
CA THR D 12 37.45 -22.51 -28.90
C THR D 12 37.50 -21.11 -28.28
N ALA D 13 38.70 -20.70 -27.88
CA ALA D 13 38.93 -19.38 -27.29
C ALA D 13 38.04 -19.16 -26.06
N THR D 14 38.12 -20.10 -25.13
CA THR D 14 37.35 -20.07 -23.89
C THR D 14 38.30 -20.02 -22.70
N THR D 15 37.78 -19.56 -21.56
CA THR D 15 38.58 -19.56 -20.35
C THR D 15 38.92 -20.95 -19.87
N LEU D 16 38.26 -21.99 -20.39
CA LEU D 16 38.64 -23.37 -20.11
C LEU D 16 39.73 -23.89 -21.03
N ASN D 17 40.11 -23.12 -22.06
CA ASN D 17 41.12 -23.54 -23.01
C ASN D 17 42.35 -22.65 -22.98
N THR D 18 42.18 -21.34 -23.07
CA THR D 18 43.30 -20.42 -23.17
C THR D 18 43.51 -19.69 -21.85
N PRO D 19 44.75 -19.34 -21.53
CA PRO D 19 45.01 -18.58 -20.31
C PRO D 19 44.33 -17.22 -20.36
N VAL D 20 43.85 -16.78 -19.19
CA VAL D 20 43.22 -15.47 -19.11
C VAL D 20 44.22 -14.37 -19.43
N VAL D 21 45.38 -14.40 -18.79
CA VAL D 21 46.47 -13.47 -19.03
C VAL D 21 47.77 -14.25 -19.06
N ILE D 22 48.64 -13.92 -20.00
CA ILE D 22 49.96 -14.53 -20.10
C ILE D 22 50.99 -13.42 -20.23
N HIS D 23 51.95 -13.36 -19.30
CA HIS D 23 53.01 -12.37 -19.31
C HIS D 23 54.36 -13.05 -19.29
N ALA D 24 55.34 -12.41 -19.92
CA ALA D 24 56.71 -12.89 -19.88
C ALA D 24 57.38 -12.45 -18.59
N THR D 25 58.04 -13.39 -17.92
CA THR D 25 58.71 -13.07 -16.66
C THR D 25 60.10 -12.50 -16.89
N GLN D 26 60.90 -13.16 -17.71
CA GLN D 26 62.26 -12.73 -18.00
C GLN D 26 62.45 -12.65 -19.50
N LEU D 27 63.57 -12.04 -19.90
CA LEU D 27 63.89 -11.92 -21.31
C LEU D 27 64.24 -13.29 -21.89
N PRO D 28 64.01 -13.50 -23.18
CA PRO D 28 64.26 -14.82 -23.78
C PRO D 28 65.70 -15.24 -23.63
N GLN D 29 65.90 -16.52 -23.35
CA GLN D 29 67.22 -17.08 -23.09
C GLN D 29 67.37 -18.48 -23.69
N GLU E 4 20.67 42.33 43.90
CA GLU E 4 20.86 41.87 42.53
C GLU E 4 22.33 41.62 42.24
N ASN E 5 23.20 42.44 42.84
CA ASN E 5 24.63 42.18 42.73
C ASN E 5 25.01 40.86 43.38
N GLU E 6 24.22 40.42 44.36
CA GLU E 6 24.41 39.09 44.92
C GLU E 6 24.25 38.01 43.87
N ARG E 7 23.32 38.21 42.92
CA ARG E 7 23.15 37.26 41.84
C ARG E 7 24.40 37.19 40.97
N ASN E 8 24.99 38.35 40.65
CA ASN E 8 26.24 38.35 39.90
C ASN E 8 27.36 37.66 40.66
N ILE E 9 27.44 37.90 41.97
CA ILE E 9 28.46 37.24 42.79
C ILE E 9 28.28 35.73 42.75
N SER E 10 27.03 35.27 42.90
CA SER E 10 26.77 33.83 42.89
C SER E 10 27.09 33.22 41.53
N ARG E 11 26.74 33.92 40.45
CA ARG E 11 27.05 33.42 39.11
C ARG E 11 28.55 33.33 38.90
N LEU E 12 29.30 34.34 39.35
CA LEU E 12 30.75 34.30 39.23
C LEU E 12 31.34 33.17 40.07
N TRP E 13 30.77 32.94 41.26
CA TRP E 13 31.23 31.83 42.09
C TRP E 13 31.00 30.49 41.41
N ARG E 14 29.82 30.30 40.80
CA ARG E 14 29.54 29.06 40.08
C ARG E 14 30.47 28.91 38.88
N ALA E 15 30.74 30.00 38.16
CA ALA E 15 31.65 29.94 37.02
C ALA E 15 33.05 29.58 37.46
N PHE E 16 33.52 30.16 38.58
CA PHE E 16 34.84 29.83 39.10
C PHE E 16 34.92 28.38 39.51
N ARG E 17 33.88 27.87 40.17
CA ARG E 17 33.84 26.46 40.55
C ARG E 17 33.91 25.57 39.32
N THR E 18 33.14 25.90 38.28
CA THR E 18 33.15 25.05 37.08
C THR E 18 34.47 25.15 36.32
N VAL E 19 35.12 26.32 36.35
CA VAL E 19 36.43 26.44 35.73
C VAL E 19 37.45 25.59 36.48
N LYS E 20 37.39 25.59 37.81
CA LYS E 20 38.30 24.72 38.57
C LYS E 20 38.01 23.25 38.28
N GLU E 21 36.74 22.88 38.17
CA GLU E 21 36.40 21.50 37.83
C GLU E 21 36.92 21.13 36.45
N MET E 22 36.80 22.04 35.49
CA MET E 22 37.32 21.79 34.14
C MET E 22 38.83 21.59 34.17
N VAL E 23 39.54 22.46 34.90
CA VAL E 23 40.99 22.33 35.00
C VAL E 23 41.38 21.00 35.65
N LYS E 24 40.68 20.63 36.72
CA LYS E 24 40.96 19.37 37.39
C LYS E 24 40.70 18.18 36.46
N ASP E 25 39.63 18.22 35.69
CA ASP E 25 39.34 17.15 34.74
C ASP E 25 40.38 17.08 33.63
N ARG E 26 40.93 18.23 33.23
CA ARG E 26 41.92 18.24 32.17
C ARG E 26 43.24 17.57 32.58
N GLY E 27 43.43 17.29 33.86
CA GLY E 27 44.59 16.55 34.32
C GLY E 27 45.55 17.33 35.19
N TYR E 28 45.30 18.61 35.44
CA TYR E 28 46.16 19.40 36.30
C TYR E 28 45.74 19.28 37.75
N PHE E 29 46.68 19.58 38.65
CA PHE E 29 46.49 19.34 40.07
C PHE E 29 45.61 20.44 40.68
N ILE E 30 44.39 20.08 41.05
CA ILE E 30 43.50 20.93 41.81
C ILE E 30 42.90 20.10 42.94
N THR E 31 43.09 20.55 44.18
CA THR E 31 42.57 19.81 45.32
C THR E 31 41.08 20.10 45.50
N GLN E 32 40.37 19.13 46.10
CA GLN E 32 38.94 19.28 46.29
C GLN E 32 38.60 20.43 47.24
N GLU E 33 39.57 20.90 48.04
CA GLU E 33 39.34 22.08 48.85
C GLU E 33 39.03 23.29 47.99
N GLU E 34 39.77 23.46 46.89
CA GLU E 34 39.50 24.57 45.98
C GLU E 34 38.14 24.42 45.30
N VAL E 35 37.80 23.20 44.89
CA VAL E 35 36.54 22.98 44.18
C VAL E 35 35.34 23.17 45.12
N GLU E 36 35.39 22.54 46.29
CA GLU E 36 34.30 22.63 47.26
C GLU E 36 34.49 23.89 48.12
N LEU E 37 34.31 25.04 47.46
CA LEU E 37 34.52 26.32 48.10
C LEU E 37 33.18 26.92 48.50
N PRO E 38 32.91 27.12 49.79
CA PRO E 38 31.64 27.73 50.20
C PRO E 38 31.52 29.16 49.69
N LEU E 39 30.27 29.58 49.49
CA LEU E 39 30.02 30.90 48.92
C LEU E 39 30.57 32.02 49.81
N GLU E 40 30.36 31.91 51.12
CA GLU E 40 30.89 32.93 52.03
C GLU E 40 32.41 32.94 52.03
N ASP E 41 33.03 31.77 51.97
CA ASP E 41 34.48 31.70 51.87
C ASP E 41 34.97 32.35 50.59
N PHE E 42 34.26 32.12 49.48
CA PHE E 42 34.59 32.77 48.23
C PHE E 42 34.48 34.28 48.33
N LYS E 43 33.40 34.77 48.97
CA LYS E 43 33.23 36.21 49.14
C LYS E 43 34.36 36.80 49.97
N ALA E 44 34.72 36.15 51.07
CA ALA E 44 35.83 36.64 51.88
C ALA E 44 37.13 36.65 51.09
N LYS E 45 37.36 35.60 50.31
CA LYS E 45 38.63 35.46 49.59
C LYS E 45 38.68 36.29 48.30
N TYR E 46 37.54 36.75 47.78
CA TYR E 46 37.54 37.40 46.47
C TYR E 46 36.63 38.61 46.36
N CYS E 47 36.01 39.07 47.45
CA CYS E 47 35.19 40.27 47.43
C CYS E 47 35.70 41.25 48.47
N ASP E 48 35.86 42.51 48.06
CA ASP E 48 36.43 43.53 48.92
C ASP E 48 35.37 44.06 49.89
N SER E 49 35.68 45.18 50.55
CA SER E 49 34.74 45.75 51.53
C SER E 49 33.39 46.05 50.90
N MET E 50 33.39 46.63 49.70
CA MET E 50 32.13 46.91 49.00
C MET E 50 31.40 45.64 48.59
N GLY E 51 32.06 44.48 48.61
CA GLY E 51 31.47 43.25 48.16
C GLY E 51 31.53 43.01 46.68
N ARG E 52 32.12 43.93 45.91
CA ARG E 52 32.22 43.77 44.47
C ARG E 52 33.44 42.91 44.13
N PRO E 53 33.26 41.75 43.51
CA PRO E 53 34.40 40.87 43.27
C PRO E 53 35.36 41.46 42.25
N GLN E 54 36.64 41.16 42.44
CA GLN E 54 37.69 41.55 41.51
C GLN E 54 38.20 40.30 40.80
N ARG E 55 38.27 40.38 39.47
CA ARG E 55 38.61 39.21 38.67
C ARG E 55 40.10 39.10 38.36
N LYS E 56 40.92 40.04 38.84
CA LYS E 56 42.36 39.91 38.68
C LYS E 56 42.95 38.89 39.65
N MET E 57 42.40 38.82 40.87
CA MET E 57 42.87 37.83 41.83
C MET E 57 42.33 36.44 41.55
N MET E 58 41.27 36.32 40.73
CA MET E 58 40.72 35.01 40.43
C MET E 58 41.59 34.24 39.45
N SER E 59 42.36 34.95 38.62
CA SER E 59 43.30 34.29 37.72
C SER E 59 44.31 33.49 38.53
N PHE E 60 44.63 32.28 38.05
CA PHE E 60 45.50 31.39 38.79
C PHE E 60 46.30 30.54 37.83
N GLN E 61 47.12 29.65 38.39
CA GLN E 61 47.99 28.78 37.62
C GLN E 61 47.84 27.34 38.12
N ALA E 62 47.97 26.40 37.19
CA ALA E 62 47.86 24.98 37.49
C ALA E 62 49.01 24.23 36.83
N ASN E 63 49.37 23.10 37.43
CA ASN E 63 50.45 22.27 36.95
C ASN E 63 49.98 20.83 36.82
N PRO E 64 50.53 20.09 35.86
CA PRO E 64 50.12 18.70 35.67
C PRO E 64 50.43 17.84 36.89
N THR E 65 49.57 16.86 37.14
CA THR E 65 49.79 15.91 38.21
C THR E 65 50.90 14.94 37.84
N GLU E 66 51.30 14.11 38.82
CA GLU E 66 52.27 13.07 38.56
C GLU E 66 51.75 12.08 37.52
N GLU E 67 50.50 11.65 37.67
CA GLU E 67 49.91 10.72 36.72
C GLU E 67 49.80 11.33 35.34
N SER E 68 49.42 12.60 35.25
CA SER E 68 49.32 13.27 33.95
C SER E 68 50.66 13.34 33.26
N ILE E 69 51.72 13.68 34.00
CA ILE E 69 53.06 13.73 33.42
C ILE E 69 53.49 12.33 32.98
N SER E 70 53.14 11.31 33.77
CA SER E 70 53.46 9.95 33.37
C SER E 70 52.76 9.56 32.08
N LYS E 71 51.50 9.97 31.92
CA LYS E 71 50.71 9.60 30.76
C LYS E 71 50.89 10.57 29.59
N PHE E 72 50.84 11.88 29.87
CA PHE E 72 51.05 12.90 28.85
C PHE E 72 52.33 13.65 29.19
N PRO E 73 53.49 13.24 28.69
CA PRO E 73 54.73 13.94 29.04
C PRO E 73 54.84 15.35 28.50
N ASP E 74 54.03 15.70 27.50
CA ASP E 74 54.18 16.96 26.78
C ASP E 74 53.45 18.12 27.45
N MET E 75 52.72 17.88 28.52
CA MET E 75 51.93 18.93 29.15
C MET E 75 52.82 19.95 29.85
N GLY E 76 52.33 21.19 29.90
CA GLY E 76 53.01 22.26 30.60
C GLY E 76 52.09 23.00 31.54
N SER E 77 52.55 24.12 32.09
CA SER E 77 51.75 24.89 33.02
C SER E 77 50.54 25.51 32.32
N LEU E 78 49.47 25.70 33.08
CA LEU E 78 48.24 26.30 32.59
C LEU E 78 47.96 27.58 33.36
N TRP E 79 47.54 28.62 32.64
CA TRP E 79 47.22 29.91 33.24
C TRP E 79 45.76 30.25 32.94
N VAL E 80 44.98 30.45 33.99
CA VAL E 80 43.55 30.75 33.88
C VAL E 80 43.37 32.23 34.19
N GLU E 81 42.81 32.96 33.23
CA GLU E 81 42.64 34.40 33.32
C GLU E 81 41.17 34.77 33.31
N PHE E 82 40.80 35.71 34.18
CA PHE E 82 39.49 36.35 34.15
C PHE E 82 39.66 37.80 33.73
N CYS E 83 38.70 38.30 32.96
CA CYS E 83 38.73 39.67 32.47
C CYS E 83 37.76 40.49 33.30
N ASP E 84 38.31 41.42 34.10
CA ASP E 84 37.46 42.33 34.85
C ASP E 84 36.78 43.33 33.94
N GLU E 85 37.41 43.65 32.81
CA GLU E 85 36.82 44.60 31.87
C GLU E 85 35.54 44.02 31.28
N PRO E 86 34.50 44.85 31.09
CA PRO E 86 33.25 44.36 30.50
C PRO E 86 33.37 43.96 29.03
N SER E 87 34.55 44.06 28.44
CA SER E 87 34.76 43.67 27.06
C SER E 87 36.25 43.37 26.86
N VAL E 88 36.55 42.69 25.76
CA VAL E 88 37.92 42.33 25.41
C VAL E 88 38.29 43.05 24.13
N GLY E 89 39.34 43.88 24.19
CA GLY E 89 39.85 44.57 23.04
C GLY E 89 41.19 44.02 22.58
N VAL E 90 41.78 44.73 21.62
CA VAL E 90 43.09 44.34 21.12
C VAL E 90 44.13 44.45 22.22
N LYS E 91 44.00 45.47 23.08
CA LYS E 91 44.98 45.69 24.14
C LYS E 91 45.01 44.54 25.14
N THR E 92 43.83 44.04 25.53
CA THR E 92 43.79 42.99 26.53
C THR E 92 44.26 41.65 25.97
N MET E 93 43.83 41.30 24.77
CA MET E 93 44.19 40.01 24.20
C MET E 93 45.69 39.91 23.95
N LYS E 94 46.27 40.92 23.33
CA LYS E 94 47.70 40.89 23.04
C LYS E 94 48.52 40.90 24.33
N THR E 95 48.07 41.66 25.33
CA THR E 95 48.73 41.63 26.63
C THR E 95 48.62 40.25 27.26
N PHE E 96 47.47 39.60 27.12
CA PHE E 96 47.30 38.25 27.63
C PHE E 96 48.22 37.27 26.93
N VAL E 97 48.37 37.41 25.60
CA VAL E 97 49.28 36.54 24.85
C VAL E 97 50.71 36.75 25.31
N ILE E 98 51.11 38.00 25.49
CA ILE E 98 52.48 38.30 25.92
C ILE E 98 52.71 37.81 27.34
N HIS E 99 51.69 37.90 28.19
CA HIS E 99 51.81 37.36 29.54
C HIS E 99 51.98 35.85 29.53
N ILE E 100 51.28 35.17 28.60
CA ILE E 100 51.50 33.74 28.44
C ILE E 100 52.91 33.44 27.98
N GLN E 101 53.40 34.23 27.01
CA GLN E 101 54.71 33.96 26.42
C GLN E 101 55.84 34.21 27.42
N GLU E 102 55.80 35.34 28.12
CA GLU E 102 56.92 35.75 28.97
C GLU E 102 57.12 34.80 30.15
N LYS E 103 56.05 34.17 30.62
CA LYS E 103 56.16 33.13 31.63
C LYS E 103 56.25 31.72 31.04
N ASN E 104 56.18 31.61 29.71
CA ASN E 104 56.33 30.34 29.00
C ASN E 104 55.30 29.32 29.47
N PHE E 105 54.03 29.67 29.36
CA PHE E 105 52.95 28.74 29.65
C PHE E 105 52.58 27.95 28.41
N GLN E 106 52.41 26.64 28.57
CA GLN E 106 52.04 25.79 27.44
C GLN E 106 50.60 25.98 27.03
N THR E 107 49.76 26.53 27.91
CA THR E 107 48.34 26.70 27.60
C THR E 107 47.78 27.75 28.55
N GLY E 108 46.97 28.66 27.99
CA GLY E 108 46.29 29.65 28.79
C GLY E 108 44.87 29.86 28.32
N ILE E 109 43.90 29.68 29.21
CA ILE E 109 42.48 29.75 28.86
C ILE E 109 41.94 31.09 29.32
N PHE E 110 41.17 31.74 28.44
CA PHE E 110 40.68 33.10 28.65
C PHE E 110 39.21 33.07 29.01
N VAL E 111 38.85 33.75 30.09
CA VAL E 111 37.46 33.88 30.52
C VAL E 111 37.10 35.36 30.46
N TYR E 112 36.14 35.71 29.60
CA TYR E 112 35.67 37.07 29.43
C TYR E 112 34.28 37.21 30.04
N GLN E 113 33.66 38.39 29.85
CA GLN E 113 32.38 38.68 30.45
C GLN E 113 31.26 38.81 29.42
N ASN E 114 31.41 39.68 28.42
CA ASN E 114 30.34 39.93 27.45
C ASN E 114 30.69 39.42 26.06
N ASN E 115 31.80 39.87 25.48
CA ASN E 115 32.21 39.41 24.17
C ASN E 115 33.67 39.79 23.95
N ILE E 116 34.28 39.14 22.95
CA ILE E 116 35.64 39.43 22.54
C ILE E 116 35.58 40.10 21.18
N THR E 117 36.23 41.27 21.07
CA THR E 117 36.22 42.03 19.83
C THR E 117 36.81 41.19 18.70
N PRO E 118 36.23 41.23 17.50
CA PRO E 118 36.82 40.49 16.38
C PRO E 118 38.27 40.86 16.10
N SER E 119 38.64 42.12 16.33
CA SER E 119 40.05 42.50 16.22
C SER E 119 40.88 41.82 17.31
N ALA E 120 40.28 41.55 18.47
CA ALA E 120 40.96 40.77 19.50
C ALA E 120 40.95 39.29 19.19
N MET E 121 39.88 38.80 18.54
CA MET E 121 39.79 37.38 18.21
C MET E 121 40.86 36.95 17.22
N LYS E 122 41.51 37.90 16.53
CA LYS E 122 42.54 37.55 15.56
C LYS E 122 43.81 37.03 16.20
N LEU E 123 44.02 37.31 17.49
CA LEU E 123 45.27 36.97 18.16
C LEU E 123 45.20 35.66 18.92
N VAL E 124 44.05 34.97 18.89
CA VAL E 124 43.96 33.67 19.57
C VAL E 124 44.86 32.63 18.95
N PRO E 125 44.86 32.40 17.62
CA PRO E 125 45.75 31.38 17.05
C PRO E 125 47.12 31.93 16.69
N SER E 126 47.47 33.09 17.25
CA SER E 126 48.68 33.80 16.83
C SER E 126 49.94 32.99 17.13
N ILE E 127 50.03 32.37 18.30
CA ILE E 127 51.30 31.84 18.79
C ILE E 127 51.26 30.33 18.97
N PRO E 128 51.69 29.55 17.98
CA PRO E 128 51.93 28.13 18.21
C PRO E 128 53.21 27.93 19.00
N PRO E 129 53.33 26.83 19.77
CA PRO E 129 52.35 25.75 19.97
C PRO E 129 51.39 26.04 21.13
N ALA E 130 51.66 27.06 21.93
CA ALA E 130 50.87 27.34 23.12
C ALA E 130 49.49 27.85 22.71
N THR E 131 48.50 26.96 22.75
CA THR E 131 47.16 27.32 22.35
C THR E 131 46.48 28.19 23.41
N ILE E 132 45.49 28.95 22.95
CA ILE E 132 44.70 29.82 23.81
C ILE E 132 43.23 29.49 23.58
N GLU E 133 42.47 29.34 24.66
CA GLU E 133 41.07 28.95 24.59
C GLU E 133 40.21 30.04 25.21
N THR E 134 39.03 30.23 24.63
CA THR E 134 38.12 31.31 25.01
C THR E 134 36.84 30.72 25.57
N PHE E 135 36.44 31.19 26.76
CA PHE E 135 35.24 30.70 27.42
C PHE E 135 34.45 31.89 27.96
N ASN E 136 33.16 31.94 27.63
CA ASN E 136 32.28 32.93 28.22
C ASN E 136 31.97 32.56 29.67
N GLU E 137 31.83 33.58 30.52
CA GLU E 137 31.47 33.33 31.91
C GLU E 137 30.07 32.74 32.02
N ALA E 138 29.14 33.21 31.18
CA ALA E 138 27.77 32.72 31.25
C ALA E 138 27.63 31.30 30.72
N ALA E 139 28.59 30.82 29.94
CA ALA E 139 28.57 29.45 29.45
C ALA E 139 29.15 28.45 30.44
N LEU E 140 29.71 28.92 31.55
CA LEU E 140 30.32 28.06 32.55
C LEU E 140 29.56 28.08 33.88
N VAL E 141 28.36 28.66 33.91
CA VAL E 141 27.62 28.71 35.17
C VAL E 141 27.21 27.30 35.60
N VAL E 142 27.01 26.39 34.65
CA VAL E 142 26.69 25.00 34.94
C VAL E 142 27.67 24.13 34.17
N ASN E 143 28.28 23.17 34.87
CA ASN E 143 29.22 22.26 34.22
C ASN E 143 28.42 21.27 33.36
N ILE E 144 28.72 21.26 32.06
CA ILE E 144 27.97 20.41 31.15
C ILE E 144 28.19 18.93 31.49
N THR E 145 29.42 18.56 31.83
CA THR E 145 29.73 17.16 32.09
C THR E 145 29.01 16.59 33.31
N HIS E 146 28.43 17.44 34.15
CA HIS E 146 27.63 16.97 35.27
C HIS E 146 26.20 16.62 34.87
N HIS E 147 25.83 16.87 33.62
CA HIS E 147 24.48 16.60 33.16
C HIS E 147 24.22 15.10 33.11
N GLU E 148 22.94 14.74 33.20
CA GLU E 148 22.57 13.33 33.20
C GLU E 148 22.89 12.66 31.88
N LEU E 149 22.62 13.34 30.76
CA LEU E 149 22.75 12.71 29.44
C LEU E 149 24.19 12.61 28.97
N VAL E 150 25.06 13.53 29.37
CA VAL E 150 26.43 13.51 28.86
C VAL E 150 27.19 12.35 29.51
N PRO E 151 27.95 11.58 28.74
CA PRO E 151 28.74 10.49 29.32
C PRO E 151 30.08 10.98 29.84
N LYS E 152 30.92 10.05 30.29
CA LYS E 152 32.27 10.38 30.75
C LYS E 152 33.21 10.36 29.56
N HIS E 153 33.86 11.48 29.30
CA HIS E 153 34.84 11.63 28.24
C HIS E 153 36.23 11.67 28.84
N ILE E 154 37.12 10.83 28.33
CA ILE E 154 38.49 10.71 28.81
C ILE E 154 39.41 10.75 27.60
N ARG E 155 40.23 11.79 27.51
CA ARG E 155 41.12 11.90 26.36
C ARG E 155 42.23 10.86 26.45
N LEU E 156 42.43 10.13 25.35
CA LEU E 156 43.41 9.06 25.33
C LEU E 156 44.81 9.59 25.07
N SER E 157 45.79 8.92 25.66
CA SER E 157 47.19 9.22 25.39
C SER E 157 47.60 8.62 24.04
N SER E 158 48.79 9.01 23.58
CA SER E 158 49.25 8.59 22.26
C SER E 158 49.42 7.07 22.19
N ASP E 159 49.95 6.46 23.26
CA ASP E 159 50.15 5.01 23.26
C ASP E 159 48.81 4.28 23.17
N GLU E 160 47.82 4.72 23.95
CA GLU E 160 46.51 4.10 23.88
C GLU E 160 45.83 4.35 22.55
N LYS E 161 46.12 5.49 21.91
CA LYS E 161 45.62 5.73 20.57
C LYS E 161 46.25 4.76 19.57
N ARG E 162 47.55 4.50 19.71
CA ARG E 162 48.19 3.49 18.88
C ARG E 162 47.53 2.13 19.08
N GLU E 163 47.27 1.77 20.34
CA GLU E 163 46.67 0.47 20.62
C GLU E 163 45.26 0.38 20.03
N LEU E 164 44.49 1.45 20.13
CA LEU E 164 43.15 1.46 19.55
C LEU E 164 43.19 1.32 18.03
N LEU E 165 44.01 2.15 17.37
CA LEU E 165 44.11 2.09 15.92
C LEU E 165 44.80 0.83 15.42
N LYS E 166 45.44 0.06 16.30
CA LYS E 166 46.00 -1.23 15.93
C LYS E 166 45.01 -2.36 16.13
N ARG E 167 44.18 -2.27 17.17
CA ARG E 167 43.23 -3.35 17.45
C ARG E 167 42.17 -3.45 16.36
N TYR E 168 41.63 -2.32 15.92
CA TYR E 168 40.58 -2.30 14.92
C TYR E 168 41.09 -2.03 13.51
N ARG E 169 42.39 -1.85 13.34
CA ARG E 169 43.02 -1.66 12.03
C ARG E 169 42.35 -0.50 11.28
N LEU E 170 42.49 0.69 11.86
CA LEU E 170 41.79 1.87 11.39
C LEU E 170 42.78 2.93 10.93
N LYS E 171 42.32 3.74 9.97
CA LYS E 171 42.90 5.06 9.79
C LYS E 171 42.35 6.00 10.87
N GLU E 172 43.02 7.13 11.06
CA GLU E 172 42.53 8.11 12.02
C GLU E 172 41.13 8.60 11.65
N SER E 173 40.80 8.61 10.37
CA SER E 173 39.57 9.20 9.89
C SER E 173 38.37 8.27 9.97
N GLN E 174 38.59 6.95 9.91
CA GLN E 174 37.47 6.01 9.91
C GLN E 174 36.75 5.96 11.25
N LEU E 175 37.30 6.57 12.30
CA LEU E 175 36.62 6.63 13.58
C LEU E 175 35.44 7.58 13.53
N PRO E 176 34.47 7.42 14.44
CA PRO E 176 33.46 8.45 14.60
C PRO E 176 34.11 9.76 15.00
N ARG E 177 33.52 10.86 14.57
CA ARG E 177 34.10 12.19 14.73
C ARG E 177 33.33 12.98 15.77
N ILE E 178 34.07 13.77 16.57
CA ILE E 178 33.50 14.74 17.48
C ILE E 178 33.99 16.12 17.06
N GLN E 179 33.05 17.05 16.92
CA GLN E 179 33.40 18.38 16.43
C GLN E 179 34.33 19.10 17.39
N ARG E 180 35.31 19.81 16.84
CA ARG E 180 36.26 20.53 17.67
C ARG E 180 35.62 21.69 18.42
N ALA E 181 34.47 22.18 17.95
CA ALA E 181 33.79 23.29 18.58
C ALA E 181 32.58 22.88 19.41
N ASP E 182 32.35 21.57 19.59
CA ASP E 182 31.23 21.21 20.46
C ASP E 182 31.65 21.35 21.92
N PRO E 183 30.68 21.60 22.82
CA PRO E 183 31.05 22.05 24.18
C PRO E 183 32.00 21.13 24.92
N VAL E 184 31.86 19.81 24.77
CA VAL E 184 32.70 18.89 25.54
C VAL E 184 34.15 18.95 25.07
N ALA E 185 34.37 19.10 23.76
CA ALA E 185 35.74 19.19 23.25
C ALA E 185 36.41 20.47 23.72
N LEU E 186 35.66 21.57 23.81
CA LEU E 186 36.20 22.78 24.40
C LEU E 186 36.48 22.59 25.88
N TYR E 187 35.60 21.87 26.58
CA TYR E 187 35.80 21.57 27.98
C TYR E 187 37.13 20.84 28.20
N LEU E 188 37.27 19.66 27.59
CA LEU E 188 38.50 18.89 27.76
C LEU E 188 39.71 19.56 27.14
N GLY E 189 39.51 20.48 26.21
CA GLY E 189 40.62 21.10 25.50
C GLY E 189 41.23 20.14 24.49
N LEU E 190 40.43 19.74 23.51
CA LEU E 190 40.87 18.79 22.50
C LEU E 190 41.49 19.52 21.32
N LYS E 191 42.69 19.11 20.94
CA LYS E 191 43.33 19.59 19.73
C LYS E 191 43.21 18.51 18.66
N ARG E 192 43.01 18.93 17.41
CA ARG E 192 42.68 18.00 16.33
C ARG E 192 43.71 16.87 16.26
N GLY E 193 43.19 15.64 16.23
CA GLY E 193 44.01 14.45 16.07
C GLY E 193 43.88 13.43 17.17
N GLU E 194 43.57 13.84 18.39
CA GLU E 194 43.56 12.92 19.53
C GLU E 194 42.15 12.44 19.83
N VAL E 195 42.07 11.23 20.38
CA VAL E 195 40.82 10.50 20.55
C VAL E 195 40.31 10.71 21.96
N VAL E 196 38.99 10.80 22.11
CA VAL E 196 38.32 10.79 23.40
C VAL E 196 37.60 9.45 23.52
N LYS E 197 37.92 8.71 24.57
CA LYS E 197 37.16 7.53 24.96
C LYS E 197 35.91 7.97 25.72
N ILE E 198 34.79 7.32 25.42
CA ILE E 198 33.50 7.69 25.97
C ILE E 198 32.94 6.47 26.68
N ILE E 199 32.75 6.58 27.99
CA ILE E 199 32.14 5.50 28.76
C ILE E 199 30.64 5.74 28.73
N ARG E 200 29.94 4.98 27.91
CA ARG E 200 28.53 5.19 27.63
C ARG E 200 27.71 4.15 28.38
N LYS E 201 26.77 4.63 29.19
CA LYS E 201 25.84 3.76 29.89
C LYS E 201 24.70 3.41 28.95
N SER E 202 24.50 2.12 28.71
CA SER E 202 23.53 1.66 27.73
C SER E 202 22.29 1.10 28.41
N GLU E 203 21.19 1.11 27.67
CA GLU E 203 19.96 0.48 28.12
C GLU E 203 20.00 -1.03 27.96
N THR E 204 20.86 -1.54 27.09
CA THR E 204 20.92 -2.97 26.80
C THR E 204 22.19 -3.65 27.24
N SER E 205 23.27 -2.90 27.53
CA SER E 205 24.55 -3.51 27.83
C SER E 205 25.28 -2.87 29.00
N GLY E 206 24.69 -1.90 29.68
CA GLY E 206 25.42 -1.22 30.75
C GLY E 206 26.57 -0.43 30.18
N ARG E 207 27.67 -0.39 30.94
CA ARG E 207 28.83 0.39 30.53
C ARG E 207 29.50 -0.23 29.31
N TYR E 208 29.77 0.59 28.30
CA TYR E 208 30.64 0.15 27.21
C TYR E 208 31.37 1.38 26.65
N ALA E 209 32.52 1.11 26.03
CA ALA E 209 33.43 2.17 25.64
C ALA E 209 33.35 2.43 24.14
N SER E 210 33.11 3.68 23.78
CA SER E 210 33.20 4.17 22.42
C SER E 210 34.43 5.07 22.29
N TYR E 211 34.76 5.44 21.06
CA TYR E 211 35.89 6.33 20.83
C TYR E 211 35.56 7.30 19.71
N ARG E 212 35.79 8.58 19.94
CA ARG E 212 35.57 9.61 18.94
C ARG E 212 36.84 10.44 18.77
N ILE E 213 37.30 10.57 17.54
CA ILE E 213 38.44 11.42 17.24
C ILE E 213 37.94 12.81 16.93
N CYS E 214 38.71 13.83 17.32
CA CYS E 214 38.35 15.21 17.07
C CYS E 214 39.03 15.69 15.80
N MET E 215 38.24 16.26 14.89
CA MET E 215 38.75 16.73 13.61
C MET E 215 38.08 18.03 13.20
N PRO F 55 58.89 -7.28 -19.91
CA PRO F 55 59.16 -8.46 -19.08
C PRO F 55 59.60 -8.08 -17.67
N GLU F 56 60.32 -6.96 -17.57
CA GLU F 56 60.82 -6.49 -16.29
C GLU F 56 59.80 -5.67 -15.53
N ASP F 57 58.96 -4.91 -16.25
CA ASP F 57 57.88 -4.19 -15.58
C ASP F 57 56.88 -5.16 -14.97
N PHE F 58 56.55 -6.24 -15.68
CA PHE F 58 55.62 -7.22 -15.15
C PHE F 58 56.19 -7.90 -13.91
N GLN F 59 57.49 -8.18 -13.91
CA GLN F 59 58.09 -8.81 -12.73
C GLN F 59 58.04 -7.87 -11.52
N GLN F 60 58.29 -6.57 -11.74
CA GLN F 60 58.18 -5.62 -10.65
C GLN F 60 56.74 -5.56 -10.14
N HIS F 61 55.76 -5.53 -11.05
CA HIS F 61 54.37 -5.52 -10.64
C HIS F 61 54.01 -6.76 -9.85
N GLU F 62 54.48 -7.93 -10.31
CA GLU F 62 54.19 -9.19 -9.63
C GLU F 62 54.79 -9.21 -8.23
N GLN F 63 56.05 -8.77 -8.10
CA GLN F 63 56.67 -8.75 -6.79
C GLN F 63 55.96 -7.77 -5.85
N ILE F 64 55.57 -6.61 -6.37
CA ILE F 64 54.86 -5.63 -5.55
C ILE F 64 53.53 -6.20 -5.07
N ARG F 65 52.78 -6.82 -5.97
CA ARG F 65 51.48 -7.36 -5.61
C ARG F 65 51.61 -8.52 -4.62
N ARG F 66 52.58 -9.41 -4.83
CA ARG F 66 52.76 -10.53 -3.91
C ARG F 66 53.23 -10.05 -2.55
N LYS F 67 54.10 -9.04 -2.49
CA LYS F 67 54.53 -8.50 -1.22
C LYS F 67 53.38 -7.81 -0.48
N THR F 68 52.54 -7.07 -1.22
CA THR F 68 51.41 -6.42 -0.58
C THR F 68 50.41 -7.44 -0.07
N LEU F 69 50.23 -8.54 -0.78
CA LEU F 69 49.35 -9.61 -0.29
C LEU F 69 49.96 -10.28 0.94
N LYS F 70 51.28 -10.48 0.95
CA LYS F 70 51.93 -11.13 2.08
C LYS F 70 51.79 -10.31 3.36
N GLU F 71 51.81 -8.98 3.23
CA GLU F 71 51.56 -8.14 4.39
C GLU F 71 50.14 -8.31 4.91
N LYS F 72 49.17 -8.43 4.01
CA LYS F 72 47.78 -8.54 4.41
C LYS F 72 47.52 -9.81 5.23
N ALA F 73 48.14 -10.91 4.85
CA ALA F 73 47.84 -12.20 5.46
C ALA F 73 48.21 -12.20 6.94
N ILE F 74 47.20 -12.36 7.79
CA ILE F 74 47.44 -12.51 9.23
C ILE F 74 47.99 -13.90 9.50
N PRO F 75 49.10 -14.02 10.23
CA PRO F 75 49.67 -15.36 10.48
C PRO F 75 48.73 -16.22 11.31
N LYS F 76 48.89 -17.54 11.16
CA LYS F 76 47.96 -18.50 11.73
C LYS F 76 47.86 -18.40 13.25
N ASP F 77 48.88 -17.88 13.92
CA ASP F 77 48.89 -17.79 15.37
C ASP F 77 48.44 -16.43 15.90
N GLN F 78 47.95 -15.55 15.03
CA GLN F 78 47.50 -14.23 15.45
C GLN F 78 46.04 -13.95 15.14
N ARG F 79 45.32 -14.90 14.54
CA ARG F 79 43.93 -14.65 14.17
C ARG F 79 43.06 -14.56 15.42
N ALA F 80 42.30 -13.46 15.52
CA ALA F 80 41.51 -13.17 16.71
C ALA F 80 40.01 -13.23 16.47
N THR F 81 39.59 -13.74 15.31
CA THR F 81 38.17 -13.84 15.01
C THR F 81 37.55 -15.02 15.73
N THR F 82 36.24 -15.16 15.59
CA THR F 82 35.51 -16.20 16.30
C THR F 82 35.97 -17.58 15.83
N PRO F 83 36.07 -18.56 16.74
CA PRO F 83 36.44 -19.91 16.32
C PRO F 83 35.29 -20.68 15.69
N TYR F 84 34.05 -20.27 15.89
CA TYR F 84 32.92 -20.94 15.28
C TYR F 84 32.75 -20.52 13.82
N MET F 85 31.93 -21.27 13.10
CA MET F 85 31.61 -20.96 11.72
C MET F 85 30.27 -20.26 11.66
N THR F 86 30.24 -19.10 11.02
CA THR F 86 29.02 -18.32 10.94
C THR F 86 28.02 -19.00 9.99
N LYS F 87 26.76 -18.58 10.10
CA LYS F 87 25.73 -19.12 9.23
C LYS F 87 26.03 -18.87 7.77
N TYR F 88 26.50 -17.66 7.44
CA TYR F 88 26.84 -17.33 6.06
C TYR F 88 28.00 -18.17 5.56
N GLU F 89 29.00 -18.37 6.42
CA GLU F 89 30.16 -19.18 6.02
C GLU F 89 29.74 -20.62 5.74
N ARG F 90 28.90 -21.19 6.59
CA ARG F 90 28.43 -22.56 6.36
C ARG F 90 27.59 -22.63 5.09
N ALA F 91 26.71 -21.65 4.88
CA ALA F 91 25.86 -21.66 3.69
C ALA F 91 26.69 -21.60 2.42
N ARG F 92 27.69 -20.71 2.38
CA ARG F 92 28.49 -20.60 1.17
C ARG F 92 29.43 -21.78 1.00
N ILE F 93 29.91 -22.36 2.10
CA ILE F 93 30.69 -23.59 1.99
C ILE F 93 29.86 -24.69 1.34
N LEU F 94 28.62 -24.87 1.82
CA LEU F 94 27.76 -25.89 1.25
C LEU F 94 27.46 -25.61 -0.22
N GLY F 95 27.17 -24.35 -0.55
CA GLY F 95 26.86 -24.00 -1.93
C GLY F 95 28.02 -24.24 -2.87
N THR F 96 29.22 -23.80 -2.47
CA THR F 96 30.38 -23.97 -3.32
C THR F 96 30.77 -25.44 -3.46
N ARG F 97 30.70 -26.19 -2.36
CA ARG F 97 31.00 -27.61 -2.43
C ARG F 97 30.00 -28.33 -3.33
N ALA F 98 28.72 -27.97 -3.24
CA ALA F 98 27.71 -28.59 -4.10
C ALA F 98 27.95 -28.24 -5.57
N LEU F 99 28.32 -26.98 -5.85
CA LEU F 99 28.64 -26.60 -7.22
C LEU F 99 29.83 -27.41 -7.75
N GLN F 100 30.84 -27.61 -6.91
CA GLN F 100 31.99 -28.40 -7.33
C GLN F 100 31.59 -29.85 -7.60
N ILE F 101 30.83 -30.45 -6.67
CA ILE F 101 30.42 -31.84 -6.85
C ILE F 101 29.60 -32.00 -8.11
N SER F 102 28.74 -31.02 -8.42
CA SER F 102 27.93 -31.08 -9.63
C SER F 102 28.78 -31.11 -10.90
N MET F 103 30.04 -30.66 -10.83
CA MET F 103 30.94 -30.65 -11.98
C MET F 103 31.97 -31.77 -11.90
N ASN F 104 31.56 -32.95 -11.40
CA ASN F 104 32.40 -34.14 -11.36
C ASN F 104 33.65 -33.96 -10.50
N ALA F 105 33.55 -33.15 -9.45
CA ALA F 105 34.64 -33.07 -8.49
C ALA F 105 34.74 -34.38 -7.71
N PRO F 106 35.95 -34.77 -7.30
CA PRO F 106 36.10 -35.97 -6.48
C PRO F 106 35.34 -35.84 -5.18
N VAL F 107 34.69 -36.94 -4.77
CA VAL F 107 33.84 -36.97 -3.59
C VAL F 107 34.53 -37.81 -2.53
N PHE F 108 34.62 -37.27 -1.31
CA PHE F 108 35.32 -37.92 -0.22
C PHE F 108 34.39 -38.62 0.76
N VAL F 109 33.13 -38.81 0.38
CA VAL F 109 32.14 -39.44 1.25
C VAL F 109 31.37 -40.47 0.45
N ASP F 110 30.68 -41.37 1.16
CA ASP F 110 29.85 -42.38 0.54
C ASP F 110 28.44 -41.86 0.33
N LEU F 111 27.96 -41.93 -0.92
CA LEU F 111 26.63 -41.46 -1.27
C LEU F 111 25.66 -42.60 -1.00
N GLU F 112 24.90 -42.49 0.09
CA GLU F 112 23.91 -43.51 0.44
C GLU F 112 22.67 -43.34 -0.44
N GLY F 113 22.87 -43.59 -1.74
CA GLY F 113 21.79 -43.44 -2.70
C GLY F 113 21.29 -42.02 -2.83
N GLU F 114 22.18 -41.04 -2.78
CA GLU F 114 21.81 -39.63 -2.86
C GLU F 114 22.08 -39.09 -4.26
N THR F 115 21.16 -38.25 -4.75
CA THR F 115 21.30 -37.60 -6.04
C THR F 115 21.35 -36.09 -5.96
N ASP F 116 21.15 -35.50 -4.78
CA ASP F 116 21.20 -34.06 -4.61
C ASP F 116 22.64 -33.66 -4.25
N PRO F 117 23.30 -32.83 -5.07
CA PRO F 117 24.66 -32.39 -4.72
C PRO F 117 24.72 -31.66 -3.39
N LEU F 118 23.68 -30.89 -3.07
CA LEU F 118 23.64 -30.17 -1.80
C LEU F 118 23.63 -31.14 -0.62
N ARG F 119 22.93 -32.27 -0.76
CA ARG F 119 22.95 -33.28 0.29
C ARG F 119 24.31 -33.92 0.43
N ILE F 120 25.01 -34.13 -0.69
CA ILE F 120 26.38 -34.65 -0.63
C ILE F 120 27.28 -33.66 0.11
N ALA F 121 27.11 -32.36 -0.18
CA ALA F 121 27.90 -31.36 0.52
C ALA F 121 27.61 -31.34 2.01
N MET F 122 26.33 -31.46 2.39
CA MET F 122 25.98 -31.51 3.80
C MET F 122 26.57 -32.75 4.47
N LYS F 123 26.56 -33.88 3.76
CA LYS F 123 27.13 -35.10 4.30
C LYS F 123 28.63 -34.96 4.53
N GLU F 124 29.33 -34.33 3.59
CA GLU F 124 30.76 -34.08 3.77
C GLU F 124 31.03 -33.10 4.89
N LEU F 125 30.16 -32.09 5.03
CA LEU F 125 30.35 -31.11 6.11
C LEU F 125 30.13 -31.74 7.47
N ALA F 126 29.20 -32.70 7.57
CA ALA F 126 28.99 -33.40 8.83
C ALA F 126 30.25 -34.14 9.25
N GLU F 127 30.96 -34.74 8.29
CA GLU F 127 32.16 -35.52 8.57
C GLU F 127 33.44 -34.71 8.37
N LYS F 128 33.32 -33.41 8.10
CA LYS F 128 34.48 -32.50 8.02
C LYS F 128 35.50 -32.97 7.00
N LYS F 129 35.02 -33.36 5.82
CA LYS F 129 35.88 -33.79 4.73
C LYS F 129 35.85 -32.82 3.55
N ILE F 130 35.38 -31.59 3.77
CA ILE F 130 35.33 -30.59 2.70
C ILE F 130 36.69 -29.94 2.55
N PRO F 131 37.30 -29.99 1.37
CA PRO F 131 38.63 -29.40 1.16
C PRO F 131 38.57 -27.93 0.74
N LEU F 132 38.02 -27.10 1.62
CA LEU F 132 37.87 -25.68 1.33
C LEU F 132 38.48 -24.86 2.47
N VAL F 133 38.70 -23.58 2.20
CA VAL F 133 39.27 -22.65 3.16
C VAL F 133 38.50 -21.34 3.09
N ILE F 134 38.10 -20.82 4.25
CA ILE F 134 37.45 -19.53 4.37
C ILE F 134 38.52 -18.47 4.56
N ARG F 135 38.48 -17.43 3.74
CA ARG F 135 39.38 -16.29 3.86
C ARG F 135 38.56 -15.14 4.43
N ARG F 136 38.55 -15.03 5.75
CA ARG F 136 37.83 -13.96 6.42
C ARG F 136 38.56 -12.65 6.23
N TYR F 137 37.83 -11.61 5.81
CA TYR F 137 38.41 -10.33 5.46
C TYR F 137 38.07 -9.29 6.53
N LEU F 138 39.10 -8.61 7.03
CA LEU F 138 38.92 -7.46 7.89
C LEU F 138 38.72 -6.21 7.05
N PRO F 139 38.13 -5.16 7.62
CA PRO F 139 37.87 -3.94 6.83
C PRO F 139 39.12 -3.30 6.27
N ASP F 140 40.28 -3.45 6.93
CA ASP F 140 41.52 -2.92 6.40
C ASP F 140 41.94 -3.60 5.10
N GLY F 141 41.49 -4.83 4.89
CA GLY F 141 41.94 -5.65 3.78
C GLY F 141 42.80 -6.82 4.19
N SER F 142 43.32 -6.80 5.41
CA SER F 142 44.01 -7.96 5.96
C SER F 142 43.02 -9.09 6.20
N PHE F 143 43.51 -10.31 6.09
CA PHE F 143 42.63 -11.47 6.08
C PHE F 143 43.23 -12.62 6.89
N GLU F 144 42.36 -13.56 7.24
CA GLU F 144 42.73 -14.76 7.97
C GLU F 144 42.23 -15.99 7.21
N ASP F 145 42.97 -17.07 7.30
CA ASP F 145 42.64 -18.30 6.59
C ASP F 145 42.25 -19.37 7.62
N TRP F 146 41.04 -19.91 7.47
CA TRP F 146 40.54 -20.98 8.33
C TRP F 146 40.08 -22.13 7.44
N SER F 147 40.67 -23.31 7.62
CA SER F 147 40.11 -24.46 6.95
C SER F 147 38.82 -24.89 7.63
N VAL F 148 37.95 -25.58 6.89
CA VAL F 148 36.66 -25.97 7.42
C VAL F 148 36.81 -26.88 8.63
N GLU F 149 37.89 -27.65 8.68
CA GLU F 149 38.11 -28.55 9.81
C GLU F 149 38.34 -27.77 11.10
N GLU F 150 39.08 -26.66 11.01
CA GLU F 150 39.40 -25.89 12.22
C GLU F 150 38.14 -25.27 12.83
N LEU F 151 37.23 -24.78 11.99
CA LEU F 151 36.01 -24.18 12.50
C LEU F 151 35.07 -25.25 13.05
N ILE F 152 34.25 -24.85 14.01
CA ILE F 152 33.29 -25.73 14.65
C ILE F 152 31.89 -25.22 14.37
N VAL F 153 31.05 -26.09 13.80
CA VAL F 153 29.70 -25.70 13.41
C VAL F 153 28.84 -25.49 14.64
N ASP F 154 28.13 -24.37 14.69
CA ASP F 154 27.18 -24.08 15.77
C ASP F 154 27.79 -24.22 17.15
N ILE G 38 65.38 -21.79 -31.08
CA ILE G 38 65.11 -22.48 -29.83
C ILE G 38 65.48 -21.58 -28.66
N VAL G 39 64.49 -21.29 -27.82
CA VAL G 39 64.65 -20.37 -26.69
C VAL G 39 63.73 -20.82 -25.56
N ARG G 40 64.24 -20.75 -24.33
CA ARG G 40 63.43 -20.98 -23.14
C ARG G 40 62.99 -19.64 -22.58
N VAL G 41 61.68 -19.46 -22.43
CA VAL G 41 61.10 -18.22 -21.94
C VAL G 41 60.30 -18.52 -20.69
N PRO G 42 60.65 -17.99 -19.52
CA PRO G 42 59.81 -18.17 -18.33
C PRO G 42 58.64 -17.20 -18.36
N ILE G 43 57.43 -17.73 -18.20
CA ILE G 43 56.20 -16.95 -18.22
C ILE G 43 55.38 -17.28 -17.00
N ALA G 44 54.48 -16.37 -16.66
CA ALA G 44 53.46 -16.58 -15.63
C ALA G 44 52.10 -16.33 -16.27
N LEU G 45 51.22 -17.33 -16.21
CA LEU G 45 49.92 -17.25 -16.84
C LEU G 45 48.82 -17.39 -15.79
N TYR G 46 47.76 -16.62 -15.96
CA TYR G 46 46.58 -16.71 -15.09
C TYR G 46 45.60 -17.68 -15.75
N VAL G 47 45.39 -18.83 -15.11
CA VAL G 47 44.64 -19.92 -15.72
C VAL G 47 43.57 -20.43 -14.77
N SER G 48 42.57 -21.07 -15.35
CA SER G 48 41.46 -21.66 -14.63
C SER G 48 41.69 -23.14 -14.38
N LEU G 49 40.90 -23.68 -13.45
CA LEU G 49 41.03 -25.06 -13.01
C LEU G 49 39.64 -25.60 -12.72
N ALA G 50 39.27 -26.68 -13.40
CA ALA G 50 37.97 -27.31 -13.23
C ALA G 50 37.94 -28.14 -11.95
N PRO G 51 36.74 -28.47 -11.46
CA PRO G 51 36.64 -29.35 -10.29
C PRO G 51 37.14 -30.76 -10.55
N MET G 52 37.09 -31.24 -11.79
CA MET G 52 37.50 -32.61 -12.07
C MET G 52 39.00 -32.82 -11.92
N TYR G 53 39.79 -31.75 -11.89
CA TYR G 53 41.24 -31.83 -11.80
C TYR G 53 41.75 -31.30 -10.46
N LEU G 54 40.92 -31.33 -9.42
CA LEU G 54 41.30 -30.78 -8.14
C LEU G 54 42.42 -31.59 -7.48
N GLU G 55 42.35 -32.92 -7.57
CA GLU G 55 43.37 -33.74 -6.94
C GLU G 55 44.69 -33.72 -7.70
N ASN G 56 44.67 -33.35 -8.98
CA ASN G 56 45.87 -33.27 -9.81
C ASN G 56 45.90 -31.92 -10.50
N PRO G 57 46.04 -30.82 -9.74
CA PRO G 57 45.98 -29.49 -10.36
C PRO G 57 47.05 -29.26 -11.42
N LEU G 58 48.26 -29.80 -11.22
CA LEU G 58 49.32 -29.61 -12.21
C LEU G 58 48.96 -30.27 -13.53
N GLN G 59 48.53 -31.54 -13.47
CA GLN G 59 48.10 -32.23 -14.68
C GLN G 59 46.85 -31.59 -15.26
N GLY G 60 46.01 -30.98 -14.41
CA GLY G 60 44.86 -30.25 -14.92
C GLY G 60 45.26 -29.03 -15.72
N VAL G 61 46.24 -28.26 -15.22
CA VAL G 61 46.75 -27.12 -15.97
C VAL G 61 47.40 -27.59 -17.26
N MET G 62 48.12 -28.70 -17.21
CA MET G 62 48.74 -29.25 -18.42
C MET G 62 47.69 -29.61 -19.47
N LYS G 63 46.68 -30.38 -19.07
CA LYS G 63 45.67 -30.86 -20.01
C LYS G 63 44.70 -29.77 -20.43
N GLN G 64 44.58 -28.69 -19.67
CA GLN G 64 43.64 -27.63 -20.01
C GLN G 64 44.29 -26.54 -20.87
N HIS G 65 45.35 -25.92 -20.37
CA HIS G 65 45.88 -24.71 -20.98
C HIS G 65 47.23 -24.87 -21.66
N LEU G 66 48.06 -25.81 -21.21
CA LEU G 66 49.42 -25.91 -21.74
C LEU G 66 49.52 -26.86 -22.93
N ASN G 67 48.90 -28.03 -22.85
CA ASN G 67 48.95 -28.94 -24.00
C ASN G 67 48.37 -28.34 -25.28
N PRO G 68 47.24 -27.62 -25.27
CA PRO G 68 46.80 -26.94 -26.49
C PRO G 68 47.74 -25.83 -26.94
N LEU G 69 48.67 -25.39 -26.10
CA LEU G 69 49.56 -24.29 -26.44
C LEU G 69 50.79 -24.74 -27.21
N VAL G 70 51.05 -26.04 -27.31
CA VAL G 70 52.25 -26.54 -27.97
C VAL G 70 51.98 -26.66 -29.46
N MET G 71 53.06 -26.58 -30.25
CA MET G 71 53.02 -26.71 -31.70
C MET G 71 52.17 -25.65 -32.38
N LYS G 72 51.83 -24.58 -31.66
CA LYS G 72 51.10 -23.45 -32.23
C LYS G 72 51.84 -22.16 -31.92
N TYR G 73 52.02 -21.33 -32.95
CA TYR G 73 52.63 -20.02 -32.74
C TYR G 73 51.78 -19.20 -31.77
N ASN G 74 52.44 -18.57 -30.81
CA ASN G 74 51.76 -17.73 -29.82
C ASN G 74 52.28 -16.30 -29.95
N ASN G 75 51.35 -15.35 -30.08
CA ASN G 75 51.74 -13.96 -30.25
C ASN G 75 52.27 -13.35 -28.96
N LYS G 76 51.76 -13.78 -27.80
CA LYS G 76 52.22 -13.25 -26.53
C LYS G 76 53.53 -13.85 -26.07
N VAL G 77 54.03 -14.88 -26.76
CA VAL G 77 55.35 -15.42 -26.48
C VAL G 77 56.31 -14.93 -27.56
N GLY G 78 56.02 -15.26 -28.81
CA GLY G 78 56.81 -14.76 -29.92
C GLY G 78 57.28 -15.81 -30.91
N GLY G 79 56.77 -17.03 -30.79
CA GLY G 79 57.18 -18.06 -31.71
C GLY G 79 56.37 -19.33 -31.54
N VAL G 80 56.88 -20.40 -32.13
CA VAL G 80 56.22 -21.71 -32.11
C VAL G 80 56.58 -22.39 -30.80
N VAL G 81 55.62 -22.46 -29.88
CA VAL G 81 55.86 -23.11 -28.60
C VAL G 81 55.98 -24.61 -28.83
N LEU G 82 57.12 -25.17 -28.41
CA LEU G 82 57.40 -26.60 -28.61
C LEU G 82 57.22 -27.42 -27.34
N GLY G 83 57.37 -26.81 -26.17
CA GLY G 83 57.18 -27.56 -24.94
C GLY G 83 57.14 -26.64 -23.74
N TYR G 84 56.85 -27.25 -22.58
CA TYR G 84 56.85 -26.52 -21.33
C TYR G 84 57.54 -27.36 -20.25
N GLU G 85 58.08 -26.68 -19.25
CA GLU G 85 58.79 -27.35 -18.17
C GLU G 85 58.67 -26.52 -16.89
N GLY G 86 58.80 -27.20 -15.77
CA GLY G 86 58.82 -26.52 -14.48
C GLY G 86 57.54 -25.79 -14.14
N LEU G 87 56.39 -26.44 -14.37
CA LEU G 87 55.11 -25.84 -14.02
C LEU G 87 54.95 -25.79 -12.50
N LYS G 88 54.65 -24.60 -11.98
CA LYS G 88 54.43 -24.40 -10.56
C LYS G 88 53.24 -23.48 -10.36
N ILE G 89 52.44 -23.76 -9.34
CA ILE G 89 51.24 -22.99 -9.02
C ILE G 89 51.58 -22.01 -7.91
N LEU G 90 51.29 -20.73 -8.14
CA LEU G 90 51.48 -19.72 -7.11
C LEU G 90 50.37 -19.84 -6.06
N ASP G 91 50.75 -20.02 -4.80
CA ASP G 91 49.79 -20.25 -3.75
C ASP G 91 48.99 -19.00 -3.45
N ALA G 92 47.73 -19.19 -3.05
CA ALA G 92 46.88 -18.06 -2.69
C ALA G 92 47.22 -17.53 -1.30
N ASP G 93 47.66 -18.42 -0.39
CA ASP G 93 48.11 -17.87 0.90
C ASP G 93 49.61 -17.59 0.84
N PRO G 94 50.04 -16.38 1.19
CA PRO G 94 51.47 -16.05 1.04
C PRO G 94 52.36 -16.65 2.10
N LEU G 95 51.79 -17.10 3.23
CA LEU G 95 52.61 -17.54 4.35
C LEU G 95 53.09 -18.99 4.21
N SER G 96 52.55 -19.74 3.24
CA SER G 96 53.03 -21.09 3.01
C SER G 96 54.43 -21.06 2.37
N LYS G 97 55.14 -22.16 2.51
CA LYS G 97 56.45 -22.28 1.89
C LYS G 97 56.29 -22.53 0.38
N GLU G 98 57.42 -22.60 -0.30
CA GLU G 98 57.42 -22.98 -1.71
C GLU G 98 57.58 -24.49 -1.90
N ASP G 99 57.81 -25.23 -0.81
CA ASP G 99 57.93 -26.68 -0.87
C ASP G 99 56.67 -27.40 -0.40
N THR G 100 55.64 -26.65 -0.03
CA THR G 100 54.41 -27.27 0.47
C THR G 100 53.71 -28.01 -0.66
N SER G 101 53.29 -29.25 -0.37
CA SER G 101 52.60 -30.04 -1.38
C SER G 101 51.19 -29.56 -1.62
N GLU G 102 50.56 -28.97 -0.59
CA GLU G 102 49.20 -28.47 -0.69
C GLU G 102 49.21 -26.96 -0.82
N LYS G 103 48.37 -26.44 -1.70
CA LYS G 103 48.27 -25.01 -1.98
C LYS G 103 46.81 -24.60 -2.03
N LEU G 104 46.58 -23.29 -2.03
CA LEU G 104 45.24 -22.73 -2.05
C LEU G 104 44.94 -22.13 -3.41
N ILE G 105 43.76 -22.43 -3.94
CA ILE G 105 43.29 -21.90 -5.21
C ILE G 105 41.99 -21.15 -4.96
N LYS G 106 41.88 -19.95 -5.52
CA LYS G 106 40.71 -19.12 -5.28
C LYS G 106 39.57 -19.55 -6.21
N ILE G 107 38.44 -19.90 -5.62
CA ILE G 107 37.28 -20.35 -6.38
C ILE G 107 36.49 -19.14 -6.82
N THR G 108 36.03 -19.16 -8.07
CA THR G 108 35.23 -18.06 -8.60
C THR G 108 33.96 -17.91 -7.78
N PRO G 109 33.55 -16.68 -7.46
CA PRO G 109 32.33 -16.51 -6.66
C PRO G 109 31.09 -17.12 -7.28
N ASP G 110 30.96 -17.06 -8.61
CA ASP G 110 29.75 -17.54 -9.26
C ASP G 110 29.83 -19.01 -9.63
N THR G 111 30.99 -19.48 -10.08
CA THR G 111 31.17 -20.83 -10.58
C THR G 111 32.02 -21.64 -9.62
N PRO G 112 32.15 -22.95 -9.84
CA PRO G 112 33.07 -23.76 -9.04
C PRO G 112 34.50 -23.75 -9.54
N PHE G 113 34.79 -23.04 -10.62
CA PHE G 113 36.14 -23.02 -11.17
C PHE G 113 37.08 -22.22 -10.29
N GLY G 114 38.32 -22.69 -10.20
CA GLY G 114 39.37 -21.94 -9.52
C GLY G 114 40.23 -21.20 -10.52
N PHE G 115 40.89 -20.14 -10.05
CA PHE G 115 41.81 -19.38 -10.88
C PHE G 115 43.12 -19.14 -10.13
N THR G 116 44.23 -19.25 -10.85
CA THR G 116 45.52 -19.13 -10.19
C THR G 116 46.59 -18.73 -11.20
N TRP G 117 47.67 -18.15 -10.68
CA TRP G 117 48.87 -17.86 -11.46
C TRP G 117 49.78 -19.07 -11.46
N CYS G 118 50.34 -19.39 -12.63
CA CYS G 118 51.24 -20.53 -12.76
C CYS G 118 52.45 -20.12 -13.58
N HIS G 119 53.63 -20.43 -13.08
CA HIS G 119 54.88 -20.13 -13.76
C HIS G 119 55.35 -21.37 -14.51
N VAL G 120 55.89 -21.17 -15.71
CA VAL G 120 56.36 -22.28 -16.53
C VAL G 120 57.35 -21.75 -17.54
N ASN G 121 58.35 -22.57 -17.88
CA ASN G 121 59.35 -22.22 -18.88
C ASN G 121 58.97 -22.88 -20.19
N LEU G 122 58.72 -22.07 -21.22
CA LEU G 122 58.30 -22.56 -22.52
C LEU G 122 59.51 -22.67 -23.43
N TYR G 123 59.70 -23.84 -24.03
CA TYR G 123 60.67 -24.05 -25.08
C TYR G 123 59.99 -23.75 -26.41
N VAL G 124 60.47 -22.73 -27.11
CA VAL G 124 59.80 -22.18 -28.28
C VAL G 124 60.82 -21.92 -29.37
N TRP G 125 60.49 -22.30 -30.61
CA TRP G 125 61.26 -21.91 -31.79
C TRP G 125 60.62 -20.67 -32.39
N GLN G 126 61.29 -19.53 -32.28
CA GLN G 126 60.80 -18.29 -32.86
C GLN G 126 61.60 -17.96 -34.11
N PRO G 127 60.99 -17.99 -35.30
CA PRO G 127 61.68 -17.67 -36.55
C PRO G 127 61.88 -16.18 -36.76
N ASN H 3 1.86 -51.13 45.65
CA ASN H 3 1.35 -51.18 47.01
C ASN H 3 0.69 -49.85 47.38
N THR H 4 -0.19 -49.89 48.36
CA THR H 4 -0.94 -48.70 48.76
C THR H 4 -0.01 -47.68 49.43
N LEU H 5 -0.26 -46.41 49.15
CA LEU H 5 0.47 -45.31 49.77
C LEU H 5 -0.40 -44.44 50.68
N PHE H 6 -1.71 -44.47 50.51
CA PHE H 6 -2.60 -43.62 51.30
C PHE H 6 -4.01 -44.19 51.25
N ASP H 7 -4.67 -44.23 52.40
CA ASP H 7 -6.06 -44.67 52.50
C ASP H 7 -6.81 -43.71 53.40
N ASP H 8 -8.08 -43.44 53.06
CA ASP H 8 -8.94 -42.69 53.97
C ASP H 8 -10.37 -42.74 53.45
N ILE H 9 -11.27 -42.15 54.23
CA ILE H 9 -12.68 -42.00 53.88
C ILE H 9 -13.05 -40.54 54.05
N PHE H 10 -13.70 -39.97 53.03
CA PHE H 10 -13.98 -38.55 52.97
C PHE H 10 -15.47 -38.30 52.84
N GLN H 11 -15.95 -37.30 53.56
CA GLN H 11 -17.31 -36.79 53.39
C GLN H 11 -17.29 -35.63 52.40
N VAL H 12 -18.11 -35.74 51.35
CA VAL H 12 -18.16 -34.73 50.30
C VAL H 12 -19.11 -33.62 50.73
N SER H 13 -18.60 -32.39 50.74
CA SER H 13 -19.40 -31.25 51.17
C SER H 13 -20.09 -30.55 50.00
N GLU H 14 -19.38 -30.29 48.91
CA GLU H 14 -19.94 -29.58 47.78
C GLU H 14 -19.51 -30.23 46.48
N VAL H 15 -20.35 -30.07 45.45
CA VAL H 15 -20.05 -30.48 44.09
C VAL H 15 -20.40 -29.30 43.18
N ASP H 16 -19.39 -28.66 42.62
CA ASP H 16 -19.60 -27.50 41.77
C ASP H 16 -19.30 -27.85 40.32
N PRO H 17 -20.28 -27.84 39.42
CA PRO H 17 -20.02 -28.22 38.03
C PRO H 17 -18.99 -27.32 37.33
N GLY H 18 -19.08 -26.01 37.55
CA GLY H 18 -18.10 -25.10 36.98
C GLY H 18 -18.08 -25.05 35.45
N ARG H 19 -19.25 -24.97 34.83
CA ARG H 19 -19.38 -24.83 33.38
C ARG H 19 -18.78 -26.01 32.62
N TYR H 20 -18.71 -27.16 33.28
CA TYR H 20 -18.30 -28.41 32.63
C TYR H 20 -19.48 -29.36 32.60
N ASN H 21 -19.69 -30.01 31.46
CA ASN H 21 -20.80 -30.93 31.31
C ASN H 21 -20.46 -32.36 31.72
N LYS H 22 -19.20 -32.64 31.99
CA LYS H 22 -18.81 -34.00 32.35
C LYS H 22 -18.02 -34.09 33.65
N VAL H 23 -17.18 -33.10 33.95
CA VAL H 23 -16.33 -33.16 35.12
C VAL H 23 -16.90 -32.26 36.21
N CYS H 24 -16.47 -32.52 37.44
CA CYS H 24 -16.86 -31.72 38.60
C CYS H 24 -15.70 -31.69 39.59
N ARG H 25 -15.70 -30.64 40.41
CA ARG H 25 -14.70 -30.46 41.45
C ARG H 25 -15.33 -30.80 42.78
N ILE H 26 -14.68 -31.69 43.52
CA ILE H 26 -15.22 -32.28 44.73
C ILE H 26 -14.38 -31.80 45.91
N GLU H 27 -15.04 -31.17 46.88
CA GLU H 27 -14.41 -30.81 48.14
C GLU H 27 -14.87 -31.80 49.19
N ALA H 28 -13.91 -32.42 49.88
CA ALA H 28 -14.22 -33.46 50.83
C ALA H 28 -13.32 -33.33 52.05
N ALA H 29 -13.88 -33.65 53.22
CA ALA H 29 -13.15 -33.60 54.48
C ALA H 29 -13.08 -35.00 55.07
N SER H 30 -11.89 -35.38 55.53
CA SER H 30 -11.73 -36.70 56.13
C SER H 30 -12.49 -36.80 57.45
N THR H 31 -13.08 -37.96 57.68
CA THR H 31 -13.83 -38.19 58.90
C THR H 31 -12.97 -38.67 60.06
N THR H 32 -11.78 -39.20 59.77
CA THR H 32 -10.89 -39.72 60.81
C THR H 32 -9.98 -38.62 61.34
N GLN H 33 -9.18 -38.02 60.47
CA GLN H 33 -8.32 -36.90 60.82
C GLN H 33 -8.96 -35.60 60.36
N ASP H 34 -9.07 -34.63 61.28
CA ASP H 34 -9.63 -33.33 60.93
C ASP H 34 -8.71 -32.53 60.01
N GLN H 35 -7.42 -32.88 59.96
CA GLN H 35 -6.46 -32.13 59.17
C GLN H 35 -6.46 -32.50 57.69
N CYS H 36 -7.09 -33.61 57.32
CA CYS H 36 -7.01 -34.13 55.96
C CYS H 36 -8.21 -33.66 55.16
N LYS H 37 -7.97 -32.81 54.16
CA LYS H 37 -8.98 -32.34 53.23
C LYS H 37 -8.50 -32.62 51.82
N LEU H 38 -9.45 -32.68 50.88
CA LEU H 38 -9.12 -33.07 49.52
C LEU H 38 -10.07 -32.41 48.53
N THR H 39 -9.50 -31.76 47.53
CA THR H 39 -10.25 -31.29 46.37
C THR H 39 -9.82 -32.09 45.16
N LEU H 40 -10.78 -32.50 44.33
CA LEU H 40 -10.47 -33.47 43.29
C LEU H 40 -11.38 -33.26 42.08
N ASP H 41 -10.79 -33.26 40.90
CA ASP H 41 -11.57 -33.17 39.66
C ASP H 41 -11.84 -34.57 39.13
N ILE H 42 -13.12 -34.93 39.05
CA ILE H 42 -13.53 -36.24 38.54
C ILE H 42 -14.65 -36.05 37.54
N ASN H 43 -14.65 -36.83 36.48
CA ASN H 43 -15.72 -36.75 35.50
C ASN H 43 -16.95 -37.48 36.05
N VAL H 44 -17.99 -36.73 36.38
CA VAL H 44 -19.19 -37.31 36.97
C VAL H 44 -20.08 -37.98 35.94
N GLU H 45 -19.67 -38.00 34.67
CA GLU H 45 -20.40 -38.77 33.68
C GLU H 45 -20.25 -40.27 33.91
N LEU H 46 -19.09 -40.69 34.41
CA LEU H 46 -18.83 -42.09 34.71
C LEU H 46 -19.06 -42.43 36.16
N PHE H 47 -18.50 -41.64 37.09
CA PHE H 47 -18.61 -41.86 38.53
C PHE H 47 -19.38 -40.69 39.12
N PRO H 48 -20.70 -40.72 39.10
CA PRO H 48 -21.48 -39.59 39.63
C PRO H 48 -21.43 -39.56 41.15
N VAL H 49 -21.30 -38.36 41.70
CA VAL H 49 -21.29 -38.13 43.14
C VAL H 49 -22.30 -37.05 43.47
N ALA H 50 -22.57 -36.89 44.76
CA ALA H 50 -23.48 -35.87 45.24
C ALA H 50 -22.95 -35.36 46.58
N ALA H 51 -23.53 -34.25 47.04
CA ALA H 51 -23.16 -33.72 48.34
C ALA H 51 -23.55 -34.70 49.45
N GLN H 52 -22.79 -34.67 50.54
CA GLN H 52 -22.99 -35.58 51.68
C GLN H 52 -22.87 -37.04 51.24
N ASP H 53 -21.75 -37.36 50.61
CA ASP H 53 -21.47 -38.70 50.12
C ASP H 53 -20.12 -39.14 50.66
N SER H 54 -20.06 -40.37 51.16
CA SER H 54 -18.83 -40.90 51.74
C SER H 54 -18.07 -41.69 50.68
N LEU H 55 -16.84 -41.28 50.42
CA LEU H 55 -16.00 -41.87 49.38
C LEU H 55 -14.75 -42.46 50.02
N THR H 56 -14.44 -43.71 49.68
CA THR H 56 -13.21 -44.35 50.13
C THR H 56 -12.12 -44.06 49.10
N VAL H 57 -11.09 -43.33 49.51
CA VAL H 57 -10.06 -42.81 48.61
C VAL H 57 -8.74 -43.49 48.94
N THR H 58 -8.07 -44.01 47.92
CA THR H 58 -6.82 -44.74 48.08
C THR H 58 -5.84 -44.31 47.01
N ILE H 59 -4.66 -43.87 47.43
CA ILE H 59 -3.56 -43.56 46.52
C ILE H 59 -2.55 -44.68 46.59
N ALA H 60 -2.19 -45.25 45.43
CA ALA H 60 -1.34 -46.42 45.36
C ALA H 60 -0.23 -46.19 44.34
N SER H 61 0.85 -46.96 44.50
CA SER H 61 1.98 -46.89 43.59
C SER H 61 1.82 -47.79 42.37
N SER H 62 1.01 -48.84 42.47
CA SER H 62 0.76 -49.74 41.35
C SER H 62 -0.52 -50.50 41.63
N LEU H 63 -0.84 -51.44 40.74
CA LEU H 63 -2.06 -52.25 40.85
C LEU H 63 -1.63 -53.71 40.78
N ASN H 64 -1.26 -54.28 41.91
CA ASN H 64 -0.83 -55.67 41.99
C ASN H 64 -1.48 -56.40 43.17
N SER H 78 4.35 -51.25 30.82
CA SER H 78 3.46 -50.37 30.08
C SER H 78 2.01 -50.76 30.28
N TRP H 79 1.12 -50.09 29.58
CA TRP H 79 -0.32 -50.34 29.71
C TRP H 79 -0.82 -51.18 28.54
N ARG H 80 -1.95 -51.86 28.78
CA ARG H 80 -2.55 -52.73 27.80
C ARG H 80 -4.00 -52.94 28.21
N PRO H 81 -4.95 -52.92 27.28
CA PRO H 81 -6.35 -53.14 27.65
C PRO H 81 -6.53 -54.48 28.32
N PRO H 82 -7.38 -54.55 29.35
CA PRO H 82 -7.49 -55.80 30.13
C PRO H 82 -8.00 -56.95 29.28
N GLN H 83 -7.46 -58.13 29.56
CA GLN H 83 -7.98 -59.39 29.04
C GLN H 83 -8.65 -60.17 30.17
N ALA H 84 -9.33 -61.24 29.79
CA ALA H 84 -10.02 -62.06 30.79
C ALA H 84 -9.04 -62.63 31.79
N GLY H 85 -9.44 -62.64 33.05
CA GLY H 85 -8.56 -63.09 34.12
C GLY H 85 -7.38 -62.19 34.38
N ASP H 86 -7.59 -60.87 34.41
CA ASP H 86 -6.55 -59.92 34.74
C ASP H 86 -6.73 -59.48 36.18
N ARG H 87 -5.67 -59.61 36.97
CA ARG H 87 -5.72 -59.29 38.40
C ARG H 87 -5.11 -57.92 38.65
N SER H 88 -5.86 -57.07 39.35
CA SER H 88 -5.41 -55.72 39.64
C SER H 88 -5.98 -55.28 40.98
N LEU H 89 -5.39 -54.22 41.53
CA LEU H 89 -5.95 -53.57 42.71
C LEU H 89 -7.17 -52.73 42.38
N ALA H 90 -7.47 -52.53 41.09
CA ALA H 90 -8.63 -51.75 40.67
C ALA H 90 -9.94 -52.50 40.85
N ASP H 91 -9.90 -53.82 41.07
CA ASP H 91 -11.13 -54.58 41.22
C ASP H 91 -11.89 -54.20 42.48
N ASP H 92 -11.17 -53.81 43.52
CA ASP H 92 -11.78 -53.49 44.81
C ASP H 92 -12.33 -52.07 44.87
N TYR H 93 -12.20 -51.29 43.79
CA TYR H 93 -12.64 -49.91 43.76
C TYR H 93 -13.45 -49.67 42.50
N ASP H 94 -14.16 -48.54 42.49
CA ASP H 94 -15.07 -48.22 41.39
C ASP H 94 -14.40 -47.36 40.33
N TYR H 95 -13.74 -46.28 40.74
CA TYR H 95 -13.25 -45.26 39.81
C TYR H 95 -11.75 -45.11 39.99
N VAL H 96 -10.98 -45.48 38.96
CA VAL H 96 -9.53 -45.48 39.04
C VAL H 96 -8.99 -44.48 38.03
N MET H 97 -8.18 -43.54 38.51
CA MET H 97 -7.46 -42.58 37.67
C MET H 97 -5.97 -42.77 37.86
N TYR H 98 -5.20 -42.29 36.89
CA TYR H 98 -3.75 -42.39 36.91
C TYR H 98 -3.18 -41.00 36.69
N GLY H 99 -2.23 -40.60 37.52
CA GLY H 99 -1.75 -39.24 37.43
C GLY H 99 -0.35 -39.07 37.97
N THR H 100 0.09 -37.82 38.02
CA THR H 100 1.43 -37.46 38.41
C THR H 100 1.39 -36.39 39.49
N ALA H 101 2.23 -36.56 40.51
CA ALA H 101 2.41 -35.51 41.51
C ALA H 101 3.44 -34.51 40.99
N TYR H 102 3.12 -33.23 41.09
CA TYR H 102 3.99 -32.19 40.56
C TYR H 102 4.32 -31.08 41.54
N LYS H 103 3.70 -31.03 42.71
CA LYS H 103 3.93 -29.92 43.62
C LYS H 103 3.69 -30.35 45.06
N PHE H 104 4.55 -29.85 45.95
CA PHE H 104 4.40 -30.03 47.39
C PHE H 104 4.49 -28.67 48.05
N GLU H 105 3.73 -28.48 49.11
CA GLU H 105 3.82 -27.24 49.86
C GLU H 105 3.50 -27.51 51.33
N GLU H 106 3.86 -26.55 52.18
CA GLU H 106 3.59 -26.62 53.61
C GLU H 106 2.59 -25.52 53.95
N VAL H 107 1.38 -25.93 54.31
CA VAL H 107 0.39 -24.96 54.80
C VAL H 107 0.89 -24.30 56.08
N SER H 108 1.45 -25.09 56.98
CA SER H 108 2.09 -24.62 58.20
C SER H 108 2.97 -25.76 58.71
N LYS H 109 3.45 -25.62 59.95
CA LYS H 109 4.12 -26.74 60.59
C LYS H 109 3.16 -27.91 60.73
N ASP H 110 3.66 -29.11 60.45
CA ASP H 110 2.86 -30.33 60.51
C ASP H 110 1.63 -30.24 59.60
N LEU H 111 1.87 -29.81 58.36
CA LEU H 111 0.81 -29.75 57.35
C LEU H 111 1.46 -29.75 55.98
N ILE H 112 1.17 -30.77 55.18
CA ILE H 112 1.72 -30.94 53.84
C ILE H 112 0.56 -31.03 52.86
N ALA H 113 0.64 -30.26 51.78
CA ALA H 113 -0.33 -30.32 50.69
C ALA H 113 0.38 -30.82 49.43
N VAL H 114 -0.15 -31.89 48.85
CA VAL H 114 0.41 -32.50 47.66
C VAL H 114 -0.57 -32.29 46.50
N TYR H 115 -0.02 -31.97 45.33
CA TYR H 115 -0.82 -31.71 44.14
C TYR H 115 -0.58 -32.80 43.11
N TYR H 116 -1.66 -33.45 42.68
CA TYR H 116 -1.63 -34.46 41.64
C TYR H 116 -2.39 -33.96 40.41
N SER H 117 -1.90 -34.36 39.24
CA SER H 117 -2.55 -34.03 37.98
C SER H 117 -2.82 -35.33 37.23
N PHE H 118 -4.09 -35.64 37.03
CA PHE H 118 -4.53 -36.84 36.33
C PHE H 118 -4.95 -36.39 34.93
N GLY H 119 -3.98 -36.35 34.01
CA GLY H 119 -4.25 -35.96 32.65
C GLY H 119 -4.85 -34.59 32.48
N GLY H 120 -4.70 -33.71 33.47
CA GLY H 120 -5.32 -32.41 33.48
C GLY H 120 -6.34 -32.20 34.57
N LEU H 121 -6.78 -33.26 35.24
CA LEU H 121 -7.73 -33.16 36.34
C LEU H 121 -6.94 -32.99 37.64
N LEU H 122 -7.17 -31.90 38.35
CA LEU H 122 -6.33 -31.53 39.48
C LEU H 122 -6.89 -32.09 40.78
N MET H 123 -5.98 -32.56 41.63
CA MET H 123 -6.30 -32.98 42.99
C MET H 123 -5.32 -32.34 43.96
N ARG H 124 -5.85 -31.71 45.00
CA ARG H 124 -5.06 -31.16 46.09
C ARG H 124 -5.41 -31.90 47.36
N LEU H 125 -4.42 -32.50 48.00
CA LEU H 125 -4.61 -33.31 49.20
C LEU H 125 -3.78 -32.71 50.31
N GLU H 126 -4.45 -32.20 51.35
CA GLU H 126 -3.79 -31.55 52.47
C GLU H 126 -3.96 -32.40 53.72
N GLY H 127 -2.86 -32.70 54.40
CA GLY H 127 -2.94 -33.48 55.61
C GLY H 127 -1.63 -33.43 56.36
N ASN H 128 -1.63 -34.03 57.55
CA ASN H 128 -0.43 -34.05 58.37
C ASN H 128 0.70 -34.77 57.65
N TYR H 129 1.93 -34.26 57.82
CA TYR H 129 3.06 -34.78 57.07
C TYR H 129 3.38 -36.22 57.42
N ARG H 130 2.96 -36.69 58.60
CA ARG H 130 3.18 -38.08 58.97
C ARG H 130 2.19 -39.02 58.29
N ASN H 131 0.96 -38.55 58.07
CA ASN H 131 -0.02 -39.33 57.31
C ASN H 131 0.30 -39.34 55.82
N LEU H 132 0.90 -38.26 55.30
CA LEU H 132 1.21 -38.13 53.88
C LEU H 132 2.67 -38.41 53.58
N ASN H 133 3.42 -38.98 54.52
CA ASN H 133 4.84 -39.21 54.29
C ASN H 133 5.10 -40.25 53.21
N ASN H 134 4.14 -41.11 52.92
CA ASN H 134 4.32 -42.12 51.88
C ASN H 134 4.18 -41.56 50.48
N LEU H 135 3.75 -40.31 50.33
CA LEU H 135 3.56 -39.70 49.02
C LEU H 135 4.87 -39.09 48.53
N LYS H 136 5.26 -39.44 47.30
CA LYS H 136 6.44 -38.91 46.66
C LYS H 136 6.04 -38.16 45.41
N GLN H 137 7.04 -37.62 44.70
CA GLN H 137 6.82 -36.96 43.42
C GLN H 137 6.98 -38.00 42.31
N GLU H 138 5.91 -38.75 42.07
CA GLU H 138 5.96 -39.86 41.14
C GLU H 138 4.56 -40.11 40.59
N ASN H 139 4.47 -41.03 39.65
CA ASN H 139 3.17 -41.45 39.14
C ASN H 139 2.42 -42.26 40.20
N ALA H 140 1.10 -42.09 40.23
CA ALA H 140 0.29 -42.72 41.26
C ALA H 140 -1.12 -42.96 40.75
N TYR H 141 -1.74 -44.02 41.27
CA TYR H 141 -3.12 -44.37 40.95
C TYR H 141 -4.04 -43.90 42.07
N LEU H 142 -5.10 -43.21 41.71
CA LEU H 142 -6.12 -42.74 42.65
C LEU H 142 -7.38 -43.56 42.47
N LEU H 143 -7.79 -44.27 43.51
CA LEU H 143 -8.91 -45.19 43.46
C LEU H 143 -10.01 -44.70 44.39
N ILE H 144 -11.24 -44.69 43.88
CA ILE H 144 -12.40 -44.19 44.58
C ILE H 144 -13.41 -45.33 44.68
N ARG H 145 -13.99 -45.50 45.85
CA ARG H 145 -14.99 -46.52 46.10
C ARG H 145 -16.18 -45.90 46.80
N ARG H 146 -17.37 -46.45 46.50
CA ARG H 146 -18.65 -45.97 47.03
C ARG H 146 -18.99 -44.57 46.54
N SER I 2 -24.09 66.80 5.37
CA SER I 2 -23.11 66.39 4.38
C SER I 2 -21.90 65.75 5.05
N VAL I 3 -21.80 65.90 6.36
CA VAL I 3 -20.68 65.40 7.13
C VAL I 3 -21.12 64.14 7.85
N VAL I 4 -20.49 63.01 7.50
CA VAL I 4 -20.71 61.73 8.16
C VAL I 4 -19.36 61.11 8.45
N GLY I 5 -19.19 60.58 9.64
CA GLY I 5 -17.93 59.94 10.00
C GLY I 5 -16.77 60.91 9.89
N SER I 6 -15.78 60.55 9.07
CA SER I 6 -14.60 61.37 8.84
C SER I 6 -14.53 61.92 7.42
N LEU I 7 -15.58 61.76 6.62
CA LEU I 7 -15.57 62.21 5.24
C LEU I 7 -16.77 63.13 4.99
N ILE I 8 -16.60 64.06 4.05
CA ILE I 8 -17.59 65.07 3.74
C ILE I 8 -18.00 64.90 2.28
N PHE I 9 -19.31 64.86 2.04
CA PHE I 9 -19.86 64.64 0.71
C PHE I 9 -20.50 65.92 0.19
N CYS I 10 -20.30 66.18 -1.10
CA CYS I 10 -20.91 67.36 -1.72
C CYS I 10 -22.42 67.27 -1.66
N LEU I 11 -23.06 68.40 -1.35
CA LEU I 11 -24.51 68.47 -1.27
C LEU I 11 -25.18 68.64 -2.64
N ASP I 12 -24.39 68.87 -3.69
CA ASP I 12 -24.97 69.02 -5.03
C ASP I 12 -24.99 67.71 -5.78
N CYS I 13 -23.81 67.10 -5.98
CA CYS I 13 -23.69 65.88 -6.76
C CYS I 13 -23.39 64.64 -5.93
N GLY I 14 -22.67 64.78 -4.82
CA GLY I 14 -22.35 63.66 -3.96
C GLY I 14 -20.99 63.06 -4.13
N ASP I 15 -20.12 63.66 -4.94
CA ASP I 15 -18.75 63.18 -5.06
C ASP I 15 -17.99 63.47 -3.77
N LEU I 16 -17.08 62.56 -3.42
CA LEU I 16 -16.31 62.70 -2.18
C LEU I 16 -15.39 63.91 -2.28
N LEU I 17 -15.49 64.79 -1.29
CA LEU I 17 -14.71 66.02 -1.29
C LEU I 17 -13.27 65.74 -0.87
N GLU I 18 -12.40 66.72 -1.10
CA GLU I 18 -11.01 66.61 -0.72
C GLU I 18 -10.85 66.67 0.79
N ASN I 19 -9.74 66.15 1.28
CA ASN I 19 -9.41 66.27 2.69
C ASN I 19 -9.17 67.75 3.00
N PRO I 20 -9.89 68.34 3.95
CA PRO I 20 -9.79 69.80 4.16
C PRO I 20 -8.38 70.28 4.44
N ASN I 21 -7.59 69.52 5.21
CA ASN I 21 -6.26 69.94 5.58
C ASN I 21 -5.24 69.77 4.45
N ALA I 22 -5.68 69.39 3.26
CA ALA I 22 -4.81 69.28 2.09
C ALA I 22 -5.13 70.33 1.04
N VAL I 23 -5.89 71.37 1.40
CA VAL I 23 -6.31 72.41 0.48
C VAL I 23 -5.94 73.77 1.09
N LEU I 24 -5.88 74.78 0.22
CA LEU I 24 -5.65 76.14 0.68
C LEU I 24 -6.79 76.59 1.58
N GLY I 25 -6.45 77.42 2.57
CA GLY I 25 -7.39 77.72 3.63
C GLY I 25 -8.60 78.50 3.16
N SER I 26 -9.70 78.32 3.90
CA SER I 26 -10.95 79.07 3.79
C SER I 26 -11.75 78.79 2.52
N ASN I 27 -11.43 77.72 1.79
CA ASN I 27 -12.22 77.40 0.61
C ASN I 27 -11.97 75.95 0.21
N VAL I 28 -13.06 75.18 0.07
CA VAL I 28 -13.02 73.83 -0.47
C VAL I 28 -13.83 73.82 -1.75
N GLU I 29 -13.25 73.27 -2.81
CA GLU I 29 -13.90 73.21 -4.12
C GLU I 29 -14.17 71.77 -4.49
N CYS I 30 -15.39 71.49 -4.93
CA CYS I 30 -15.78 70.13 -5.29
C CYS I 30 -14.97 69.62 -6.48
N SER I 31 -14.80 68.31 -6.54
CA SER I 31 -13.95 67.71 -7.56
C SER I 31 -14.63 67.67 -8.93
N GLN I 32 -15.94 67.51 -8.98
CA GLN I 32 -16.65 67.36 -10.25
C GLN I 32 -17.53 68.56 -10.56
N CYS I 33 -18.48 68.89 -9.69
CA CYS I 33 -19.34 70.04 -9.94
C CYS I 33 -18.68 71.36 -9.58
N LYS I 34 -17.66 71.33 -8.71
CA LYS I 34 -16.87 72.50 -8.37
C LYS I 34 -17.72 73.60 -7.75
N ALA I 35 -18.33 73.29 -6.62
CA ALA I 35 -19.08 74.26 -5.84
C ALA I 35 -18.19 74.89 -4.78
N ILE I 36 -18.73 75.90 -4.10
CA ILE I 36 -17.98 76.67 -3.11
C ILE I 36 -18.31 76.12 -1.73
N TYR I 37 -17.29 75.63 -1.04
CA TYR I 37 -17.43 75.11 0.32
C TYR I 37 -16.45 75.81 1.25
N PRO I 38 -16.92 76.60 2.21
CA PRO I 38 -15.99 77.21 3.17
C PRO I 38 -15.51 76.18 4.19
N LYS I 39 -14.24 76.31 4.57
CA LYS I 39 -13.67 75.40 5.57
C LYS I 39 -14.28 75.58 6.95
N SER I 40 -15.00 76.67 7.19
CA SER I 40 -15.70 76.85 8.45
C SER I 40 -16.81 75.80 8.58
N GLN I 41 -17.33 75.69 9.80
CA GLN I 41 -18.43 74.80 10.19
C GLN I 41 -18.09 73.32 9.99
N PHE I 42 -16.86 73.00 9.59
CA PHE I 42 -16.38 71.64 9.46
C PHE I 42 -15.21 71.43 10.42
N SER I 43 -15.37 71.91 11.66
CA SER I 43 -14.23 72.06 12.56
C SER I 43 -13.66 70.71 12.99
N ASN I 44 -14.51 69.73 13.30
CA ASN I 44 -14.08 68.51 13.96
C ASN I 44 -14.50 67.30 13.14
N LEU I 45 -13.53 66.60 12.58
CA LEU I 45 -13.75 65.28 11.98
C LEU I 45 -13.38 64.18 12.98
N LYS I 46 -14.11 64.15 14.09
CA LYS I 46 -13.81 63.27 15.21
C LYS I 46 -14.44 61.91 14.99
N VAL I 47 -13.62 60.87 14.90
CA VAL I 47 -14.08 59.49 14.78
C VAL I 47 -13.35 58.66 15.82
N VAL I 48 -14.11 57.90 16.61
CA VAL I 48 -13.55 57.02 17.62
C VAL I 48 -13.59 55.59 17.10
N THR I 49 -12.62 54.79 17.51
CA THR I 49 -12.50 53.43 17.01
C THR I 49 -12.00 52.54 18.13
N THR I 50 -12.90 51.79 18.75
CA THR I 50 -12.52 50.77 19.71
C THR I 50 -12.03 49.52 18.97
N THR I 51 -11.15 48.77 19.62
CA THR I 51 -10.64 47.55 19.02
C THR I 51 -11.77 46.51 18.95
N ALA I 52 -11.46 45.35 18.37
CA ALA I 52 -12.47 44.37 18.02
C ALA I 52 -13.11 43.68 19.23
N ASP I 53 -12.57 43.87 20.43
CA ASP I 53 -12.91 43.08 21.61
C ASP I 53 -12.66 41.59 21.41
N ASP I 54 -11.88 41.24 20.37
CA ASP I 54 -11.45 39.88 20.11
C ASP I 54 -9.98 39.80 19.73
N ALA I 55 -9.33 40.93 19.44
CA ALA I 55 -7.96 40.94 18.95
C ALA I 55 -6.93 40.51 19.99
N PHE I 56 -7.32 40.37 21.26
CA PHE I 56 -6.40 40.09 22.35
C PHE I 56 -6.84 38.82 23.08
N PRO I 57 -6.56 37.64 22.51
CA PRO I 57 -6.87 36.39 23.21
C PRO I 57 -5.81 36.09 24.26
N SER I 58 -6.26 35.72 25.45
CA SER I 58 -5.36 35.50 26.59
C SER I 58 -6.08 34.65 27.62
N SER I 59 -5.48 34.53 28.81
CA SER I 59 -6.08 33.76 29.89
C SER I 59 -7.03 34.61 30.71
N LEU I 60 -6.59 35.81 31.11
CA LEU I 60 -7.44 36.71 31.89
C LEU I 60 -8.65 37.19 31.10
N ARG I 61 -8.60 37.13 29.77
CA ARG I 61 -9.75 37.56 28.97
C ARG I 61 -10.96 36.67 29.20
N ALA I 62 -10.74 35.35 29.26
CA ALA I 62 -11.85 34.41 29.40
C ALA I 62 -12.53 34.49 30.75
N LYS I 63 -11.89 35.10 31.76
CA LYS I 63 -12.43 35.12 33.11
C LYS I 63 -13.47 36.22 33.32
N LYS I 64 -13.69 37.10 32.34
CA LYS I 64 -14.75 38.09 32.41
C LYS I 64 -15.97 37.68 31.60
N SER I 65 -16.01 36.44 31.12
CA SER I 65 -17.15 35.93 30.35
C SER I 65 -17.81 34.74 31.03
N VAL I 66 -17.46 34.44 32.28
CA VAL I 66 -18.02 33.30 32.98
C VAL I 66 -18.97 33.74 34.08
N ASN I 95 -49.18 15.13 17.07
CA ASN I 95 -48.24 16.22 17.26
C ASN I 95 -48.74 17.49 16.57
N TYR I 96 -48.42 18.64 17.13
CA TYR I 96 -48.91 19.92 16.62
C TYR I 96 -47.77 20.89 16.43
N HIS I 97 -47.92 21.77 15.44
CA HIS I 97 -46.94 22.81 15.16
C HIS I 97 -47.65 24.15 15.03
N THR I 98 -47.14 25.16 15.73
CA THR I 98 -47.66 26.52 15.65
C THR I 98 -46.82 27.31 14.66
N LEU I 99 -47.46 27.83 13.62
CA LEU I 99 -46.79 28.54 12.54
C LEU I 99 -47.39 29.94 12.39
N GLN I 100 -46.53 30.90 12.06
CA GLN I 100 -46.94 32.28 11.79
C GLN I 100 -46.91 32.47 10.28
N LEU I 101 -48.09 32.54 9.66
CA LEU I 101 -48.18 32.49 8.21
C LEU I 101 -47.93 33.85 7.56
N ARG I 102 -48.82 34.82 7.82
CA ARG I 102 -48.86 36.02 6.97
C ARG I 102 -48.00 37.15 7.53
N SER I 103 -48.29 37.61 8.73
CA SER I 103 -47.64 38.80 9.26
C SER I 103 -47.78 38.81 10.77
N ALA I 104 -47.04 39.70 11.43
CA ALA I 104 -47.00 39.76 12.88
C ALA I 104 -48.36 40.13 13.48
N ASP I 105 -49.24 40.77 12.72
CA ASP I 105 -50.52 41.18 13.28
C ASP I 105 -51.44 39.98 13.50
N GLU I 106 -51.53 39.08 12.52
CA GLU I 106 -52.44 37.96 12.61
C GLU I 106 -51.93 36.93 13.61
N GLY I 107 -52.87 36.24 14.26
CA GLY I 107 -52.52 35.27 15.27
C GLY I 107 -51.90 34.02 14.69
N ALA I 108 -51.18 33.29 15.54
CA ALA I 108 -50.53 32.06 15.12
C ALA I 108 -51.55 30.99 14.80
N THR I 109 -51.28 30.23 13.74
CA THR I 109 -52.16 29.14 13.31
C THR I 109 -51.49 27.82 13.65
N VAL I 110 -52.23 26.94 14.32
CA VAL I 110 -51.70 25.67 14.79
C VAL I 110 -52.21 24.56 13.88
N PHE I 111 -51.32 23.68 13.46
CA PHE I 111 -51.66 22.51 12.65
C PHE I 111 -51.42 21.27 13.49
N TYR I 112 -52.49 20.56 13.83
CA TYR I 112 -52.43 19.33 14.60
C TYR I 112 -52.56 18.14 13.67
N THR I 113 -51.83 17.07 13.98
CA THR I 113 -52.00 15.76 13.34
C THR I 113 -51.83 14.74 14.46
N CYS I 114 -52.94 14.35 15.08
CA CYS I 114 -52.89 13.45 16.22
C CYS I 114 -52.51 12.04 15.77
N THR I 115 -51.71 11.36 16.60
CA THR I 115 -51.29 10.00 16.28
C THR I 115 -52.35 8.96 16.64
N SER I 116 -53.38 9.33 17.40
CA SER I 116 -54.44 8.38 17.72
C SER I 116 -55.18 7.94 16.46
N CYS I 117 -55.49 8.88 15.57
CA CYS I 117 -56.29 8.59 14.39
C CYS I 117 -55.71 9.13 13.09
N GLY I 118 -54.74 10.03 13.14
CA GLY I 118 -54.20 10.64 11.95
C GLY I 118 -54.98 11.83 11.43
N TYR I 119 -56.11 12.17 12.05
CA TYR I 119 -56.91 13.31 11.63
C TYR I 119 -56.13 14.60 11.86
N LYS I 120 -55.95 15.38 10.80
CA LYS I 120 -55.20 16.62 10.86
C LYS I 120 -56.13 17.81 10.66
N PHE I 121 -55.87 18.88 11.39
CA PHE I 121 -56.72 20.06 11.29
C PHE I 121 -55.98 21.28 11.82
N ARG I 122 -56.45 22.46 11.39
CA ARG I 122 -55.85 23.72 11.78
C ARG I 122 -56.77 24.50 12.70
N THR I 123 -56.17 25.32 13.56
CA THR I 123 -56.87 26.07 14.57
C THR I 123 -56.27 27.47 14.67
N ASN I 124 -57.15 28.47 14.80
CA ASN I 124 -56.73 29.86 14.93
C ASN I 124 -57.08 30.40 16.31
N MET J 1 -30.47 -18.93 -16.56
CA MET J 1 -31.29 -18.61 -17.73
C MET J 1 -32.52 -19.52 -17.75
N ILE J 2 -32.29 -20.79 -18.04
CA ILE J 2 -33.35 -21.78 -18.05
C ILE J 2 -33.25 -22.58 -16.76
N VAL J 3 -34.36 -23.23 -16.40
CA VAL J 3 -34.46 -23.92 -15.10
C VAL J 3 -33.36 -24.98 -15.00
N PRO J 4 -32.69 -25.12 -13.85
CA PRO J 4 -31.68 -26.16 -13.72
C PRO J 4 -32.28 -27.55 -13.74
N VAL J 5 -31.52 -28.50 -14.27
CA VAL J 5 -31.98 -29.88 -14.32
C VAL J 5 -32.10 -30.46 -12.93
N ARG J 6 -31.14 -30.18 -12.06
CA ARG J 6 -31.06 -30.77 -10.73
C ARG J 6 -30.84 -29.70 -9.68
N CYS J 7 -31.33 -29.97 -8.47
CA CYS J 7 -30.99 -29.14 -7.32
C CYS J 7 -29.50 -29.24 -7.04
N PHE J 8 -28.87 -28.09 -6.79
CA PHE J 8 -27.42 -28.07 -6.57
C PHE J 8 -27.04 -28.82 -5.31
N SER J 9 -27.76 -28.57 -4.21
CA SER J 9 -27.32 -29.04 -2.90
C SER J 9 -27.36 -30.56 -2.80
N CYS J 10 -28.46 -31.17 -3.28
CA CYS J 10 -28.65 -32.61 -3.10
C CYS J 10 -28.65 -33.39 -4.40
N GLY J 11 -29.12 -32.80 -5.50
CA GLY J 11 -29.15 -33.48 -6.78
C GLY J 11 -30.51 -33.96 -7.23
N LYS J 12 -31.58 -33.61 -6.51
CA LYS J 12 -32.92 -34.02 -6.92
C LYS J 12 -33.32 -33.31 -8.19
N VAL J 13 -33.87 -34.05 -9.14
CA VAL J 13 -34.26 -33.48 -10.43
C VAL J 13 -35.45 -32.55 -10.23
N VAL J 14 -35.25 -31.28 -10.55
CA VAL J 14 -36.30 -30.27 -10.43
C VAL J 14 -36.60 -29.57 -11.75
N GLY J 15 -35.97 -29.99 -12.85
CA GLY J 15 -36.21 -29.37 -14.13
C GLY J 15 -37.55 -29.74 -14.75
N ASP J 16 -38.20 -30.78 -14.25
CA ASP J 16 -39.51 -31.20 -14.72
C ASP J 16 -40.64 -30.55 -13.94
N LYS J 17 -40.32 -29.65 -13.03
CA LYS J 17 -41.31 -29.07 -12.12
C LYS J 17 -41.44 -27.56 -12.25
N TRP J 18 -41.01 -27.00 -13.39
CA TRP J 18 -41.11 -25.55 -13.58
C TRP J 18 -42.41 -25.16 -14.26
N GLU J 19 -42.73 -25.80 -15.39
CA GLU J 19 -44.02 -25.57 -16.03
C GLU J 19 -45.16 -26.00 -15.11
N SER J 20 -44.98 -27.10 -14.38
CA SER J 20 -45.97 -27.52 -13.41
C SER J 20 -46.13 -26.48 -12.30
N TYR J 21 -45.02 -25.92 -11.83
CA TYR J 21 -45.09 -24.90 -10.80
C TYR J 21 -45.84 -23.67 -11.29
N LEU J 22 -45.53 -23.22 -12.51
CA LEU J 22 -46.22 -22.05 -13.06
C LEU J 22 -47.70 -22.32 -13.23
N ASN J 23 -48.06 -23.51 -13.72
CA ASN J 23 -49.47 -23.85 -13.89
C ASN J 23 -50.18 -23.94 -12.55
N LEU J 24 -49.52 -24.50 -11.53
CA LEU J 24 -50.11 -24.58 -10.20
C LEU J 24 -50.35 -23.19 -9.63
N LEU J 25 -49.41 -22.27 -9.84
CA LEU J 25 -49.60 -20.90 -9.37
C LEU J 25 -50.67 -20.18 -10.19
N GLN J 26 -50.82 -20.53 -11.46
CA GLN J 26 -51.65 -19.75 -12.37
C GLN J 26 -53.13 -20.12 -12.26
N GLU J 27 -53.47 -21.37 -12.62
CA GLU J 27 -54.86 -21.77 -12.61
C GLU J 27 -55.40 -21.86 -11.18
N ASP J 28 -54.81 -22.71 -10.36
CA ASP J 28 -55.19 -22.80 -8.96
C ASP J 28 -54.62 -21.59 -8.21
N GLU J 29 -55.48 -20.88 -7.50
CA GLU J 29 -55.02 -19.72 -6.73
C GLU J 29 -54.31 -20.27 -5.48
N LEU J 30 -53.04 -20.61 -5.67
CA LEU J 30 -52.21 -21.17 -4.62
C LEU J 30 -51.09 -20.20 -4.25
N ASP J 31 -50.64 -20.30 -3.00
CA ASP J 31 -49.42 -19.62 -2.61
C ASP J 31 -48.22 -20.49 -3.00
N GLU J 32 -47.03 -19.87 -2.95
CA GLU J 32 -45.84 -20.56 -3.43
C GLU J 32 -45.52 -21.77 -2.56
N GLY J 33 -45.69 -21.66 -1.25
CA GLY J 33 -45.33 -22.76 -0.37
C GLY J 33 -46.17 -24.01 -0.62
N THR J 34 -47.48 -23.84 -0.74
CA THR J 34 -48.34 -25.00 -0.98
C THR J 34 -48.07 -25.61 -2.35
N ALA J 35 -47.83 -24.78 -3.35
CA ALA J 35 -47.53 -25.30 -4.69
C ALA J 35 -46.23 -26.08 -4.68
N LEU J 36 -45.21 -25.59 -3.97
CA LEU J 36 -43.96 -26.32 -3.85
C LEU J 36 -44.16 -27.63 -3.11
N SER J 37 -44.97 -27.62 -2.04
CA SER J 37 -45.23 -28.85 -1.30
C SER J 37 -45.94 -29.87 -2.17
N ARG J 38 -46.90 -29.42 -3.00
CA ARG J 38 -47.61 -30.36 -3.87
C ARG J 38 -46.69 -30.97 -4.92
N LEU J 39 -45.66 -30.26 -5.34
CA LEU J 39 -44.70 -30.78 -6.30
C LEU J 39 -43.74 -31.80 -5.71
N GLY J 40 -43.73 -31.97 -4.40
CA GLY J 40 -42.84 -32.92 -3.75
C GLY J 40 -41.51 -32.35 -3.31
N LEU J 41 -41.37 -31.02 -3.26
CA LEU J 41 -40.13 -30.39 -2.82
C LEU J 41 -40.25 -30.16 -1.32
N LYS J 42 -39.59 -31.00 -0.53
CA LYS J 42 -39.66 -30.93 0.92
C LYS J 42 -38.54 -30.07 1.50
N ARG J 43 -37.29 -30.46 1.22
CA ARG J 43 -36.14 -29.74 1.75
C ARG J 43 -36.04 -28.36 1.10
N TYR J 44 -35.66 -27.36 1.90
CA TYR J 44 -35.59 -26.01 1.38
C TYR J 44 -34.53 -25.85 0.31
N CYS J 45 -33.54 -26.75 0.27
CA CYS J 45 -32.56 -26.72 -0.80
C CYS J 45 -33.23 -26.93 -2.15
N CYS J 46 -34.20 -27.85 -2.22
CA CYS J 46 -34.97 -28.03 -3.43
C CYS J 46 -36.03 -26.96 -3.61
N ARG J 47 -36.55 -26.42 -2.51
CA ARG J 47 -37.63 -25.44 -2.60
C ARG J 47 -37.14 -24.14 -3.22
N ARG J 48 -35.95 -23.67 -2.82
CA ARG J 48 -35.44 -22.43 -3.40
C ARG J 48 -35.00 -22.60 -4.86
N MET J 49 -34.92 -23.83 -5.36
CA MET J 49 -34.61 -24.04 -6.77
C MET J 49 -35.72 -23.49 -7.67
N ILE J 50 -36.98 -23.73 -7.30
CA ILE J 50 -38.12 -23.38 -8.14
C ILE J 50 -38.78 -22.12 -7.60
N LEU J 51 -38.62 -21.87 -6.30
CA LEU J 51 -39.20 -20.68 -5.69
C LEU J 51 -38.54 -19.41 -6.21
N THR J 52 -37.24 -19.45 -6.49
CA THR J 52 -36.47 -18.26 -6.82
C THR J 52 -36.00 -18.22 -8.27
N HIS J 53 -36.38 -19.20 -9.09
CA HIS J 53 -35.99 -19.17 -10.49
C HIS J 53 -36.58 -17.96 -11.18
N VAL J 54 -35.80 -17.37 -12.09
CA VAL J 54 -36.20 -16.12 -12.74
C VAL J 54 -36.67 -16.41 -14.15
N ASP J 55 -36.12 -17.46 -14.77
CA ASP J 55 -36.50 -17.88 -16.12
C ASP J 55 -36.24 -16.77 -17.14
N LEU J 56 -34.96 -16.39 -17.23
CA LEU J 56 -34.55 -15.29 -18.09
C LEU J 56 -34.59 -15.67 -19.57
N ILE J 57 -34.62 -16.96 -19.89
CA ILE J 57 -34.44 -17.40 -21.27
C ILE J 57 -35.52 -16.82 -22.17
N GLU J 58 -36.73 -16.64 -21.65
CA GLU J 58 -37.80 -16.03 -22.45
C GLU J 58 -37.37 -14.66 -22.97
N LYS J 59 -36.81 -13.83 -22.08
CA LYS J 59 -36.32 -12.53 -22.51
C LYS J 59 -35.22 -12.65 -23.56
N PHE J 60 -34.40 -13.71 -23.47
CA PHE J 60 -33.42 -13.98 -24.51
C PHE J 60 -34.09 -14.34 -25.83
N LEU J 61 -35.18 -15.11 -25.77
CA LEU J 61 -35.75 -15.71 -26.98
C LEU J 61 -36.37 -14.70 -27.92
N ARG J 62 -36.73 -13.51 -27.44
CA ARG J 62 -37.38 -12.53 -28.31
C ARG J 62 -36.40 -11.93 -29.32
N TYR J 63 -35.11 -12.04 -29.09
CA TYR J 63 -34.09 -11.56 -30.03
C TYR J 63 -33.68 -12.75 -30.90
N ASN J 64 -34.33 -12.87 -32.05
CA ASN J 64 -34.12 -14.03 -32.92
C ASN J 64 -33.50 -13.61 -34.25
N PRO J 65 -32.19 -13.82 -34.44
CA PRO J 65 -31.57 -13.46 -35.72
C PRO J 65 -32.10 -14.24 -36.91
N LEU J 66 -32.66 -15.43 -36.70
CA LEU J 66 -33.01 -16.34 -37.78
C LEU J 66 -34.43 -16.15 -38.30
N GLU J 67 -35.18 -15.19 -37.78
CA GLU J 67 -36.53 -14.95 -38.26
C GLU J 67 -36.76 -13.46 -38.40
N LYS J 68 -37.45 -13.07 -39.46
CA LYS J 68 -37.83 -11.68 -39.65
C LYS J 68 -38.89 -11.26 -38.64
N ARG J 69 -38.96 -9.96 -38.38
CA ARG J 69 -39.90 -9.42 -37.42
C ARG J 69 -40.75 -8.32 -38.04
N GLU K 45 0.26 -53.05 -7.25
CA GLU K 45 0.59 -51.80 -6.57
C GLU K 45 -0.65 -51.10 -6.04
N LYS K 46 -1.69 -51.88 -5.72
CA LYS K 46 -2.86 -51.31 -5.09
C LYS K 46 -2.60 -50.96 -3.63
N ILE K 47 -1.91 -51.83 -2.91
CA ILE K 47 -1.52 -51.59 -1.53
C ILE K 47 -0.04 -51.92 -1.38
N LYS K 48 0.69 -51.04 -0.71
CA LYS K 48 2.14 -51.09 -0.65
C LYS K 48 2.59 -50.94 0.80
N LEU K 49 3.69 -51.61 1.13
CA LEU K 49 4.27 -51.54 2.47
C LEU K 49 5.39 -50.51 2.48
N LEU K 50 5.34 -49.60 3.46
CA LEU K 50 6.31 -48.51 3.55
C LEU K 50 7.50 -48.98 4.37
N THR K 51 8.63 -49.19 3.69
CA THR K 51 9.81 -49.74 4.36
C THR K 51 10.48 -48.75 5.31
N GLN K 52 10.11 -47.47 5.25
CA GLN K 52 10.62 -46.50 6.20
C GLN K 52 9.88 -46.54 7.52
N ALA K 53 8.86 -47.39 7.65
CA ALA K 53 8.12 -47.53 8.89
C ALA K 53 8.04 -48.97 9.40
N THR K 54 8.17 -49.97 8.53
CA THR K 54 8.10 -51.35 8.96
C THR K 54 9.27 -51.70 9.87
N SER K 55 9.03 -52.63 10.79
CA SER K 55 10.04 -53.10 11.72
C SER K 55 10.57 -54.46 11.26
N GLU K 56 11.83 -54.72 11.58
CA GLU K 56 12.42 -56.01 11.23
C GLU K 56 11.71 -57.17 11.93
N ASP K 57 11.18 -56.92 13.12
CA ASP K 57 10.36 -57.92 13.78
C ASP K 57 9.09 -58.22 12.99
N GLY K 58 8.47 -57.18 12.43
CA GLY K 58 7.24 -57.32 11.67
C GLY K 58 5.98 -56.91 12.40
N THR K 59 6.08 -56.54 13.68
CA THR K 59 4.89 -56.19 14.44
C THR K 59 4.35 -54.80 14.04
N SER K 60 5.23 -53.87 13.69
CA SER K 60 4.84 -52.51 13.34
C SER K 60 5.00 -52.32 11.84
N ALA K 61 3.99 -51.73 11.20
CA ALA K 61 4.05 -51.53 9.76
C ALA K 61 3.12 -50.41 9.36
N SER K 62 3.39 -49.85 8.18
CA SER K 62 2.55 -48.84 7.55
C SER K 62 2.24 -49.27 6.13
N PHE K 63 0.97 -49.18 5.75
CA PHE K 63 0.49 -49.55 4.44
C PHE K 63 -0.11 -48.33 3.74
N GLN K 64 0.24 -48.16 2.47
CA GLN K 64 -0.30 -47.09 1.64
C GLN K 64 -1.16 -47.70 0.55
N ILE K 65 -2.41 -47.25 0.47
CA ILE K 65 -3.40 -47.75 -0.47
C ILE K 65 -3.78 -46.63 -1.41
N VAL K 66 -3.83 -46.94 -2.69
CA VAL K 66 -4.22 -45.96 -3.71
C VAL K 66 -5.73 -46.01 -3.87
N GLU K 67 -6.31 -44.84 -4.17
CA GLU K 67 -7.74 -44.70 -4.45
C GLU K 67 -8.60 -45.11 -3.27
N GLU K 68 -8.30 -44.54 -2.10
CA GLU K 68 -9.10 -44.77 -0.91
C GLU K 68 -9.29 -43.45 -0.17
N ASP K 69 -10.23 -43.45 0.77
CA ASP K 69 -10.63 -42.23 1.47
C ASP K 69 -11.08 -42.64 2.87
N HIS K 70 -11.81 -41.76 3.55
CA HIS K 70 -12.38 -42.13 4.84
C HIS K 70 -13.65 -42.93 4.63
N THR K 71 -13.60 -43.95 3.77
CA THR K 71 -14.69 -44.89 3.55
C THR K 71 -14.26 -46.31 3.83
N LEU K 72 -13.23 -46.80 3.15
CA LEU K 72 -12.61 -48.05 3.53
C LEU K 72 -11.75 -47.88 4.77
N GLY K 73 -11.08 -46.72 4.88
CA GLY K 73 -10.10 -46.55 5.96
C GLY K 73 -10.72 -46.59 7.33
N ASN K 74 -11.82 -45.88 7.52
CA ASN K 74 -12.46 -45.82 8.84
C ASN K 74 -13.01 -47.19 9.23
N ALA K 75 -13.67 -47.87 8.30
CA ALA K 75 -14.24 -49.18 8.59
C ALA K 75 -13.15 -50.20 8.90
N LEU K 76 -12.09 -50.21 8.10
CA LEU K 76 -10.99 -51.13 8.32
C LEU K 76 -10.31 -50.84 9.66
N ARG K 77 -10.12 -49.56 9.98
CA ARG K 77 -9.48 -49.19 11.23
C ARG K 77 -10.30 -49.68 12.42
N TYR K 78 -11.61 -49.45 12.40
CA TYR K 78 -12.45 -49.90 13.49
C TYR K 78 -12.44 -51.43 13.61
N VAL K 79 -12.57 -52.11 12.48
CA VAL K 79 -12.68 -53.57 12.49
C VAL K 79 -11.38 -54.20 13.00
N ILE K 80 -10.23 -53.63 12.62
CA ILE K 80 -8.97 -54.19 13.11
C ILE K 80 -8.66 -53.70 14.52
N MET K 81 -9.21 -52.56 14.96
CA MET K 81 -9.10 -52.21 16.36
C MET K 81 -9.91 -53.15 17.24
N LYS K 82 -10.90 -53.85 16.66
CA LYS K 82 -11.55 -54.93 17.39
C LYS K 82 -10.60 -56.07 17.74
N ASN K 83 -9.47 -56.20 17.04
CA ASN K 83 -8.53 -57.29 17.28
C ASN K 83 -7.85 -57.13 18.62
N PRO K 84 -7.93 -58.10 19.53
CA PRO K 84 -7.26 -57.96 20.83
C PRO K 84 -5.74 -57.97 20.74
N ASP K 85 -5.16 -58.50 19.68
CA ASP K 85 -3.71 -58.51 19.54
C ASP K 85 -3.16 -57.18 19.03
N VAL K 86 -3.97 -56.39 18.34
CA VAL K 86 -3.50 -55.12 17.80
C VAL K 86 -3.35 -54.12 18.93
N GLU K 87 -2.20 -53.46 18.98
CA GLU K 87 -1.94 -52.42 19.98
C GLU K 87 -2.36 -51.05 19.47
N PHE K 88 -1.85 -50.65 18.32
CA PHE K 88 -2.08 -49.33 17.75
C PHE K 88 -2.57 -49.49 16.33
N CYS K 89 -3.67 -48.81 15.99
CA CYS K 89 -4.12 -48.75 14.61
C CYS K 89 -4.63 -47.35 14.31
N GLY K 90 -4.24 -46.85 13.15
CA GLY K 90 -4.73 -45.55 12.72
C GLY K 90 -4.73 -45.45 11.21
N TYR K 91 -5.49 -44.49 10.70
CA TYR K 91 -5.48 -44.19 9.28
C TYR K 91 -5.30 -42.68 9.10
N SER K 92 -4.64 -42.31 8.01
CA SER K 92 -4.33 -40.92 7.74
C SER K 92 -4.31 -40.67 6.24
N ILE K 93 -4.83 -39.52 5.83
CA ILE K 93 -4.76 -39.08 4.44
C ILE K 93 -3.65 -38.03 4.35
N PRO K 94 -2.54 -38.31 3.66
CA PRO K 94 -1.46 -37.32 3.54
C PRO K 94 -1.95 -36.00 2.98
N HIS K 95 -2.58 -36.03 1.81
CA HIS K 95 -3.20 -34.85 1.23
C HIS K 95 -4.56 -35.23 0.68
N PRO K 96 -5.58 -34.40 0.92
CA PRO K 96 -6.92 -34.71 0.39
C PRO K 96 -6.97 -34.79 -1.12
N SER K 97 -6.13 -34.03 -1.83
CA SER K 97 -6.17 -33.99 -3.28
C SER K 97 -5.53 -35.21 -3.92
N GLU K 98 -4.89 -36.08 -3.15
CA GLU K 98 -4.28 -37.29 -3.66
C GLU K 98 -5.00 -38.50 -3.09
N ASN K 99 -5.29 -39.46 -3.96
CA ASN K 99 -6.11 -40.63 -3.59
C ASN K 99 -5.26 -41.67 -2.87
N LEU K 100 -4.60 -41.24 -1.80
CA LEU K 100 -3.69 -42.07 -1.04
C LEU K 100 -4.14 -42.14 0.41
N LEU K 101 -4.09 -43.35 0.97
CA LEU K 101 -4.48 -43.61 2.34
C LEU K 101 -3.35 -44.36 3.04
N ASN K 102 -3.17 -44.10 4.33
CA ASN K 102 -2.16 -44.81 5.10
C ASN K 102 -2.80 -45.44 6.33
N ILE K 103 -2.44 -46.69 6.58
CA ILE K 103 -2.86 -47.41 7.77
C ILE K 103 -1.61 -47.80 8.55
N ARG K 104 -1.55 -47.39 9.80
CA ARG K 104 -0.48 -47.77 10.71
C ARG K 104 -1.01 -48.86 11.64
N ILE K 105 -0.31 -49.99 11.69
CA ILE K 105 -0.71 -51.12 12.52
C ILE K 105 0.51 -51.59 13.30
N GLN K 106 0.40 -51.59 14.63
CA GLN K 106 1.43 -52.10 15.52
C GLN K 106 0.77 -53.07 16.49
N THR K 107 1.36 -54.24 16.65
CA THR K 107 0.79 -55.31 17.45
C THR K 107 1.55 -55.44 18.77
N TYR K 108 1.14 -56.42 19.57
CA TYR K 108 1.78 -56.77 20.82
C TYR K 108 2.74 -57.94 20.68
N GLY K 109 3.13 -58.29 19.46
CA GLY K 109 3.84 -59.52 19.22
C GLY K 109 2.89 -60.65 18.94
N GLU K 110 3.48 -61.80 18.58
CA GLU K 110 2.81 -63.05 18.24
C GLU K 110 1.99 -62.96 16.95
N THR K 111 1.88 -61.78 16.36
CA THR K 111 1.12 -61.60 15.13
C THR K 111 1.70 -60.41 14.38
N THR K 112 1.99 -60.61 13.10
CA THR K 112 2.52 -59.52 12.29
C THR K 112 1.41 -58.52 11.99
N ALA K 113 1.80 -57.37 11.45
CA ALA K 113 0.83 -56.36 11.04
C ALA K 113 0.09 -56.79 9.78
N VAL K 114 0.75 -57.54 8.91
CA VAL K 114 0.09 -58.04 7.70
C VAL K 114 -1.03 -59.01 8.06
N ASP K 115 -0.78 -59.89 9.03
CA ASP K 115 -1.82 -60.80 9.47
C ASP K 115 -2.98 -60.05 10.09
N ALA K 116 -2.68 -58.98 10.84
CA ALA K 116 -3.74 -58.15 11.39
C ALA K 116 -4.57 -57.50 10.28
N LEU K 117 -3.89 -57.01 9.24
CA LEU K 117 -4.62 -56.42 8.11
C LEU K 117 -5.51 -57.45 7.43
N GLN K 118 -5.01 -58.67 7.27
CA GLN K 118 -5.81 -59.73 6.67
C GLN K 118 -7.04 -60.03 7.51
N LYS K 119 -6.86 -60.13 8.83
CA LYS K 119 -7.99 -60.40 9.70
C LYS K 119 -9.00 -59.28 9.65
N GLY K 120 -8.53 -58.03 9.63
CA GLY K 120 -9.44 -56.90 9.53
C GLY K 120 -10.23 -56.91 8.23
N LEU K 121 -9.57 -57.20 7.12
CA LEU K 121 -10.27 -57.26 5.84
C LEU K 121 -11.32 -58.37 5.83
N LYS K 122 -10.97 -59.55 6.35
CA LYS K 122 -11.93 -60.64 6.40
C LYS K 122 -13.11 -60.30 7.30
N ASP K 123 -12.85 -59.66 8.44
CA ASP K 123 -13.94 -59.31 9.35
C ASP K 123 -14.84 -58.25 8.75
N LEU K 124 -14.26 -57.28 8.02
CA LEU K 124 -15.08 -56.29 7.33
C LEU K 124 -15.95 -56.95 6.26
N MET K 125 -15.39 -57.91 5.53
CA MET K 125 -16.18 -58.66 4.54
C MET K 125 -17.33 -59.39 5.21
N ASP K 126 -17.07 -60.06 6.33
CA ASP K 126 -18.13 -60.78 7.03
C ASP K 126 -19.18 -59.83 7.57
N LEU K 127 -18.77 -58.66 8.04
CA LEU K 127 -19.73 -57.66 8.53
C LEU K 127 -20.65 -57.21 7.41
N CYS K 128 -20.08 -56.88 6.24
CA CYS K 128 -20.91 -56.51 5.11
C CYS K 128 -21.81 -57.67 4.69
N ASP K 129 -21.30 -58.90 4.78
CA ASP K 129 -22.10 -60.06 4.39
C ASP K 129 -23.31 -60.24 5.31
N VAL K 130 -23.12 -60.05 6.62
CA VAL K 130 -24.24 -60.21 7.53
C VAL K 130 -25.25 -59.09 7.36
N VAL K 131 -24.79 -57.85 7.11
CA VAL K 131 -25.78 -56.79 6.89
C VAL K 131 -26.53 -57.03 5.59
N GLU K 132 -25.86 -57.57 4.56
CA GLU K 132 -26.55 -57.92 3.33
C GLU K 132 -27.58 -59.01 3.56
N SER K 133 -27.23 -60.03 4.34
CA SER K 133 -28.17 -61.12 4.62
C SER K 133 -29.38 -60.62 5.40
N LYS K 134 -29.16 -59.76 6.40
CA LYS K 134 -30.28 -59.20 7.15
C LYS K 134 -31.17 -58.36 6.27
N PHE K 135 -30.58 -57.53 5.40
CA PHE K 135 -31.38 -56.72 4.50
C PHE K 135 -32.20 -57.57 3.55
N THR K 136 -31.58 -58.63 2.99
CA THR K 136 -32.32 -59.51 2.09
C THR K 136 -33.46 -60.23 2.80
N GLU K 137 -33.22 -60.68 4.04
CA GLU K 137 -34.29 -61.33 4.80
C GLU K 137 -35.42 -60.36 5.09
N LYS K 138 -35.09 -59.10 5.42
CA LYS K 138 -36.14 -58.14 5.76
C LYS K 138 -36.90 -57.69 4.52
N ILE K 139 -36.26 -57.73 3.34
CA ILE K 139 -36.96 -57.34 2.11
C ILE K 139 -38.09 -58.30 1.81
N LYS K 140 -37.87 -59.60 2.06
CA LYS K 140 -38.90 -60.60 1.76
C LYS K 140 -40.17 -60.34 2.56
N SER K 141 -40.04 -60.03 3.84
CA SER K 141 -41.21 -59.77 4.67
C SER K 141 -41.96 -58.54 4.19
N MET K 142 -41.32 -57.37 4.27
CA MET K 142 -41.97 -56.11 3.89
C MET K 142 -41.03 -55.23 3.07
N LEU L 27 -26.14 -20.38 -49.49
CA LEU L 27 -26.59 -19.36 -48.54
C LEU L 27 -25.79 -19.45 -47.25
N LYS L 28 -24.64 -18.81 -47.23
CA LYS L 28 -23.74 -18.86 -46.09
C LYS L 28 -23.94 -17.71 -45.10
N TYR L 29 -24.80 -16.74 -45.41
CA TYR L 29 -24.91 -15.54 -44.61
C TYR L 29 -26.37 -15.20 -44.35
N ILE L 30 -26.58 -14.30 -43.39
CA ILE L 30 -27.90 -13.86 -42.96
C ILE L 30 -27.86 -12.35 -42.83
N CYS L 31 -28.89 -11.68 -43.33
CA CYS L 31 -28.99 -10.24 -43.11
C CYS L 31 -29.30 -9.94 -41.65
N ALA L 32 -28.71 -8.87 -41.14
CA ALA L 32 -28.89 -8.52 -39.75
C ALA L 32 -30.15 -7.70 -39.49
N GLU L 33 -30.90 -7.37 -40.53
CA GLU L 33 -32.11 -6.56 -40.38
C GLU L 33 -33.37 -7.32 -40.75
N CYS L 34 -33.44 -7.89 -41.95
CA CYS L 34 -34.60 -8.64 -42.39
C CYS L 34 -34.42 -10.15 -42.24
N SER L 35 -33.27 -10.60 -41.73
CA SER L 35 -32.98 -12.00 -41.44
C SER L 35 -33.00 -12.90 -42.67
N SER L 36 -32.98 -12.32 -43.87
CA SER L 36 -33.04 -13.11 -45.09
C SER L 36 -31.69 -13.72 -45.40
N LYS L 37 -31.69 -15.01 -45.74
CA LYS L 37 -30.45 -15.68 -46.13
C LYS L 37 -29.98 -15.20 -47.48
N LEU L 38 -28.67 -15.20 -47.67
CA LEU L 38 -28.07 -14.76 -48.92
C LEU L 38 -26.69 -15.37 -49.08
N SER L 39 -26.36 -15.76 -50.30
CA SER L 39 -25.05 -16.32 -50.64
C SER L 39 -24.22 -15.26 -51.32
N LEU L 40 -23.02 -15.02 -50.80
CA LEU L 40 -22.15 -13.95 -51.28
C LEU L 40 -20.94 -14.56 -51.98
N SER L 41 -20.70 -14.13 -53.22
CA SER L 41 -19.56 -14.60 -53.99
C SER L 41 -18.37 -13.67 -53.77
N ARG L 42 -17.24 -14.03 -54.39
CA ARG L 42 -16.05 -13.19 -54.32
C ARG L 42 -16.26 -11.88 -55.06
N THR L 43 -15.72 -10.81 -54.49
CA THR L 43 -15.81 -9.46 -55.08
C THR L 43 -17.26 -9.03 -55.28
N ASP L 44 -18.14 -9.49 -54.40
CA ASP L 44 -19.54 -9.12 -54.42
C ASP L 44 -19.80 -8.06 -53.35
N ALA L 45 -20.84 -7.26 -53.59
CA ALA L 45 -21.17 -6.16 -52.68
C ALA L 45 -21.59 -6.71 -51.32
N VAL L 46 -20.94 -6.23 -50.27
CA VAL L 46 -21.25 -6.68 -48.92
C VAL L 46 -22.46 -5.89 -48.42
N ARG L 47 -23.64 -6.41 -48.72
CA ARG L 47 -24.91 -5.76 -48.38
C ARG L 47 -26.03 -6.72 -48.74
N CYS L 48 -27.13 -6.61 -48.00
CA CYS L 48 -28.29 -7.44 -48.28
C CYS L 48 -28.91 -7.06 -49.62
N LYS L 49 -29.55 -8.05 -50.25
CA LYS L 49 -30.19 -7.79 -51.54
C LYS L 49 -31.62 -7.30 -51.36
N ASP L 50 -32.33 -7.80 -50.35
CA ASP L 50 -33.70 -7.39 -50.11
C ASP L 50 -33.81 -6.07 -49.36
N CYS L 51 -32.70 -5.55 -48.85
CA CYS L 51 -32.69 -4.24 -48.20
C CYS L 51 -31.27 -3.72 -48.20
N GLY L 52 -31.14 -2.41 -47.97
CA GLY L 52 -29.83 -1.79 -48.01
C GLY L 52 -29.08 -1.82 -46.70
N HIS L 53 -28.90 -3.02 -46.14
CA HIS L 53 -28.17 -3.19 -44.88
C HIS L 53 -26.82 -3.83 -45.18
N ARG L 54 -25.77 -3.30 -44.53
CA ARG L 54 -24.40 -3.67 -44.82
C ARG L 54 -23.81 -4.65 -43.80
N ILE L 55 -24.60 -5.12 -42.85
CA ILE L 55 -24.12 -6.02 -41.81
C ILE L 55 -24.68 -7.42 -42.09
N LEU L 56 -23.78 -8.39 -42.23
CA LEU L 56 -24.17 -9.77 -42.49
C LEU L 56 -23.55 -10.67 -41.43
N LEU L 57 -24.34 -11.63 -40.95
CA LEU L 57 -23.87 -12.61 -39.98
C LEU L 57 -23.58 -13.92 -40.69
N LYS L 58 -22.51 -14.60 -40.28
CA LYS L 58 -22.20 -15.89 -40.86
C LYS L 58 -23.13 -16.94 -40.27
N ALA L 59 -23.80 -17.68 -41.15
CA ALA L 59 -24.74 -18.70 -40.70
C ALA L 59 -24.02 -19.86 -40.04
N ARG L 60 -24.67 -20.45 -39.03
CA ARG L 60 -24.11 -21.62 -38.34
C ARG L 60 -24.47 -22.86 -39.15
N THR L 61 -23.50 -23.37 -39.89
CA THR L 61 -23.72 -24.54 -40.73
C THR L 61 -23.62 -25.82 -39.90
N LYS L 62 -24.06 -26.91 -40.50
CA LYS L 62 -24.08 -28.21 -39.82
C LYS L 62 -22.69 -28.83 -39.86
N ARG L 63 -22.05 -28.92 -38.69
CA ARG L 63 -20.71 -29.48 -38.58
C ARG L 63 -20.57 -30.18 -37.23
N LEU L 64 -19.65 -31.14 -37.19
CA LEU L 64 -19.43 -31.97 -36.00
C LEU L 64 -18.61 -31.19 -34.98
N VAL L 65 -19.21 -30.87 -33.84
CA VAL L 65 -18.54 -30.17 -32.75
C VAL L 65 -18.68 -31.05 -31.51
N GLN L 66 -17.62 -31.74 -31.13
CA GLN L 66 -17.66 -32.62 -29.98
C GLN L 66 -17.64 -31.82 -28.68
N PHE L 67 -18.25 -32.40 -27.65
CA PHE L 67 -18.30 -31.78 -26.33
C PHE L 67 -18.18 -32.86 -25.27
N GLU L 68 -18.07 -32.41 -24.02
CA GLU L 68 -18.07 -33.30 -22.87
C GLU L 68 -19.09 -32.78 -21.87
N ALA L 69 -20.01 -33.65 -21.47
CA ALA L 69 -21.13 -33.24 -20.61
C ALA L 69 -20.69 -33.14 -19.15
N ARG L 70 -19.73 -32.25 -18.90
CA ARG L 70 -19.23 -32.03 -17.55
C ARG L 70 -19.17 -30.54 -17.23
#